data_8EXD
#
_entry.id   8EXD
#
_cell.length_a   107.731
_cell.length_b   112.792
_cell.length_c   139.102
_cell.angle_alpha   90.000
_cell.angle_beta   102.300
_cell.angle_gamma   90.000
#
_symmetry.space_group_name_H-M   'P 1 21 1'
#
_entity_poly.entity_id   1
_entity_poly.type   'polypeptide(L)'
_entity_poly.pdbx_seq_one_letter_code
;MGSSHHHHHHSSGLVPRGSHMGVLRLRVDGQTFRDPDNREITLRGINVAGEAKYPKKPDIPSYVSDGFFDADNVSFVGRP
FSLDDAHTHFSRLRKWGYNTIRYVFTWEAIEHEGPGKYDDEWISFTIEVLRIAKQYGFYVFLDPHQDVWSRLSGGSGAPA
WTLYAAGFDPRGFKKTEAALVQNTFDDPAEFPKMIWSTNYTRLVSQTMFTLFYGGRDFAPKAIIDGINIQDYLQGHFIAA
CRYFAQKIHEAGDIENEVVIGWESMNEPNRGLIGVQDISVIPPEQQLQLGTSPTAFQGMLTGSGRACEESTWAFGGFGPY
QTGRELVDPEGETAWLPADYDDTRYGWVRDPGWKLGECLWAQHGVWDPSSDKLLRKDYFAKNPQTGEPLNYDKFTNTYFM
EHYRAYRDALRSVWPEAIIFCQPPVMEVPPDLKGTVDDDPNMVHAVHYYDGITLLTKHWNRLYNVDVIGVLRGKYLTPAF
AVKIGETAIRNCLRDQLKFLRDESLRYMGTHPLIFTEIGIPFDMDDRHAYKTGDYSGQVSAMDANHFAIEGSTANGFTLW
LYTTSNNHEWGDNWNGEDLSIYSVDDLELPSGKLLAFENESQRDPQSPAYSESQRNTESYRVGPRDLKQALQAPSISSEI
SQSSQDKLGFRAAEAWVRPSPIITNGQILQYGFDLKSCVFSMRLLGEKKGLGQEAATEIFLPDFHFPDTHTVVAVSAGEW
TIDYPEIHSVKFQRLRWWHPEGDHNIKIQGVKRKPGDPTVSGEELSYLEQCQGGGCSVM
;
_entity_poly.pdbx_strand_id   A,B,C,D
#
# COMPACT_ATOMS: atom_id res chain seq x y z
N LEU A 24 -33.65 -4.02 -15.24
CA LEU A 24 -33.13 -5.34 -14.91
C LEU A 24 -32.65 -6.07 -16.16
N ARG A 25 -31.69 -6.98 -15.98
CA ARG A 25 -31.02 -7.60 -17.13
C ARG A 25 -31.84 -8.73 -17.73
N LEU A 26 -32.43 -9.59 -16.91
CA LEU A 26 -33.00 -10.83 -17.40
C LEU A 26 -34.15 -11.28 -16.50
N ARG A 27 -35.16 -11.89 -17.12
CA ARG A 27 -36.34 -12.39 -16.42
C ARG A 27 -36.67 -13.78 -16.91
N VAL A 28 -37.18 -14.61 -15.99
CA VAL A 28 -37.63 -15.96 -16.33
C VAL A 28 -39.09 -15.89 -16.74
N ASP A 29 -39.40 -16.47 -17.91
CA ASP A 29 -40.74 -16.46 -18.46
C ASP A 29 -41.07 -17.84 -19.03
N GLY A 30 -41.09 -18.84 -18.14
CA GLY A 30 -41.31 -20.21 -18.56
C GLY A 30 -39.99 -20.89 -18.91
N GLN A 31 -39.95 -21.54 -20.07
CA GLN A 31 -38.74 -22.21 -20.54
C GLN A 31 -37.70 -21.24 -21.09
N THR A 32 -37.93 -19.93 -21.01
CA THR A 32 -37.08 -18.97 -21.70
C THR A 32 -36.66 -17.84 -20.76
N PHE A 33 -35.52 -17.25 -21.07
CA PHE A 33 -35.07 -16.00 -20.47
C PHE A 33 -35.37 -14.86 -21.43
N ARG A 34 -35.99 -13.80 -20.93
CA ARG A 34 -36.42 -12.69 -21.76
C ARG A 34 -35.80 -11.39 -21.27
N ASP A 35 -35.46 -10.52 -22.22
CA ASP A 35 -34.94 -9.18 -21.95
C ASP A 35 -36.13 -8.22 -21.77
N PRO A 36 -35.91 -6.95 -21.41
CA PRO A 36 -37.06 -6.05 -21.22
C PRO A 36 -37.96 -5.92 -22.43
N ASP A 37 -37.41 -5.98 -23.65
CA ASP A 37 -38.23 -5.84 -24.86
C ASP A 37 -38.70 -7.19 -25.41
N ASN A 38 -38.92 -8.19 -24.54
CA ASN A 38 -39.56 -9.46 -24.84
C ASN A 38 -38.72 -10.37 -25.73
N ARG A 39 -37.47 -10.03 -26.00
CA ARG A 39 -36.63 -10.91 -26.80
C ARG A 39 -36.01 -12.00 -25.92
N GLU A 40 -35.86 -13.19 -26.49
CA GLU A 40 -35.32 -14.33 -25.76
C GLU A 40 -33.79 -14.28 -25.75
N ILE A 41 -33.22 -14.53 -24.57
CA ILE A 41 -31.78 -14.47 -24.36
C ILE A 41 -31.22 -15.88 -24.29
N THR A 42 -30.10 -16.10 -24.97
CA THR A 42 -29.39 -17.38 -24.92
C THR A 42 -28.10 -17.20 -24.13
N LEU A 43 -27.92 -18.04 -23.12
CA LEU A 43 -26.83 -17.88 -22.15
C LEU A 43 -25.66 -18.79 -22.54
N ARG A 44 -24.76 -18.26 -23.37
CA ARG A 44 -23.49 -18.94 -23.63
C ARG A 44 -22.48 -18.41 -22.62
N GLY A 45 -22.20 -19.22 -21.59
CA GLY A 45 -21.36 -18.76 -20.51
C GLY A 45 -20.15 -19.64 -20.22
N ILE A 46 -19.51 -19.40 -19.08
CA ILE A 46 -18.31 -20.14 -18.70
C ILE A 46 -18.14 -20.02 -17.19
N ASN A 47 -17.50 -21.02 -16.59
CA ASN A 47 -17.24 -21.02 -15.16
C ASN A 47 -15.99 -20.20 -14.85
N VAL A 48 -16.12 -19.28 -13.89
CA VAL A 48 -15.03 -18.42 -13.45
C VAL A 48 -15.09 -18.34 -11.93
N ALA A 49 -14.07 -18.86 -11.25
CA ALA A 49 -12.95 -19.54 -11.87
C ALA A 49 -12.53 -20.73 -11.01
N GLY A 50 -11.79 -21.68 -11.60
CA GLY A 50 -11.28 -22.80 -10.83
C GLY A 50 -10.28 -22.40 -9.77
N GLU A 51 -9.85 -21.14 -9.75
CA GLU A 51 -8.88 -20.67 -8.78
C GLU A 51 -9.51 -20.31 -7.43
N ALA A 52 -10.83 -20.13 -7.38
CA ALA A 52 -11.51 -19.87 -6.13
C ALA A 52 -11.61 -21.09 -5.24
N LYS A 53 -11.03 -22.22 -5.65
CA LYS A 53 -11.12 -23.45 -4.87
C LYS A 53 -10.12 -23.49 -3.72
N TYR A 54 -9.05 -22.71 -3.78
CA TYR A 54 -8.00 -22.76 -2.79
C TYR A 54 -7.52 -21.36 -2.46
N PRO A 55 -6.96 -21.15 -1.27
CA PRO A 55 -6.71 -19.78 -0.80
C PRO A 55 -5.65 -19.05 -1.61
N LYS A 56 -5.54 -17.76 -1.32
CA LYS A 56 -4.62 -16.85 -2.00
C LYS A 56 -3.39 -16.53 -1.15
N LYS A 57 -3.57 -16.27 0.14
CA LYS A 57 -2.47 -15.96 1.05
C LYS A 57 -2.58 -16.81 2.30
N PRO A 58 -1.80 -17.89 2.41
CA PRO A 58 -0.83 -18.33 1.39
C PRO A 58 -1.48 -19.05 0.22
N ASP A 59 -0.93 -18.88 -0.97
CA ASP A 59 -1.43 -19.56 -2.16
C ASP A 59 -1.18 -21.05 -2.01
N ILE A 60 -2.21 -21.79 -1.63
CA ILE A 60 -2.08 -23.22 -1.39
C ILE A 60 -2.90 -23.99 -2.41
N PRO A 61 -2.36 -24.29 -3.60
CA PRO A 61 -3.06 -25.18 -4.52
C PRO A 61 -3.05 -26.62 -4.02
N SER A 62 -3.38 -27.56 -4.91
CA SER A 62 -3.54 -28.94 -4.49
C SER A 62 -2.22 -29.66 -4.24
N TYR A 63 -1.08 -29.07 -4.61
CA TYR A 63 0.19 -29.79 -4.57
C TYR A 63 1.17 -29.31 -3.52
N VAL A 64 0.98 -28.15 -2.91
CA VAL A 64 1.87 -27.67 -1.87
C VAL A 64 1.37 -28.18 -0.51
N SER A 65 2.31 -28.59 0.34
CA SER A 65 1.97 -29.32 1.56
C SER A 65 2.17 -28.53 2.85
N ASP A 66 2.97 -27.47 2.84
CA ASP A 66 3.28 -26.75 4.07
C ASP A 66 2.15 -25.80 4.43
N GLY A 67 1.81 -25.75 5.72
CA GLY A 67 0.79 -24.85 6.22
C GLY A 67 -0.63 -25.24 5.87
N PHE A 68 -0.86 -26.48 5.44
CA PHE A 68 -2.19 -26.89 4.98
C PHE A 68 -3.17 -26.97 6.15
N PHE A 69 -2.73 -27.50 7.29
CA PHE A 69 -3.66 -27.97 8.31
C PHE A 69 -4.12 -26.87 9.24
N ASP A 70 -3.31 -25.83 9.43
CA ASP A 70 -3.71 -24.67 10.24
C ASP A 70 -4.55 -23.74 9.36
N ALA A 71 -5.76 -24.20 9.05
CA ALA A 71 -6.66 -23.39 8.21
C ALA A 71 -7.01 -22.08 8.89
N ASP A 72 -7.51 -22.16 10.13
CA ASP A 72 -7.74 -21.02 11.03
C ASP A 72 -8.06 -19.73 10.31
N ASN A 73 -7.03 -19.06 9.82
CA ASN A 73 -7.15 -17.82 9.07
C ASN A 73 -6.73 -18.06 7.63
N VAL A 74 -7.62 -17.75 6.69
CA VAL A 74 -7.28 -17.80 5.28
C VAL A 74 -7.52 -16.43 4.68
N SER A 75 -7.28 -16.29 3.37
CA SER A 75 -7.51 -15.02 2.69
C SER A 75 -7.78 -15.31 1.22
N PHE A 76 -9.03 -15.65 0.91
CA PHE A 76 -9.45 -15.76 -0.48
C PHE A 76 -9.59 -14.40 -1.15
N VAL A 77 -9.30 -13.31 -0.44
CA VAL A 77 -9.21 -11.98 -1.02
C VAL A 77 -8.13 -12.02 -2.09
N GLY A 78 -8.53 -12.07 -3.35
CA GLY A 78 -7.59 -12.18 -4.44
C GLY A 78 -7.95 -13.25 -5.45
N ARG A 79 -8.35 -14.43 -4.98
CA ARG A 79 -8.76 -15.47 -5.92
C ARG A 79 -10.11 -15.08 -6.53
N PRO A 80 -10.29 -15.20 -7.85
CA PRO A 80 -9.35 -15.63 -8.90
C PRO A 80 -8.08 -14.79 -9.06
N PHE A 81 -8.21 -13.48 -9.24
CA PHE A 81 -7.08 -12.63 -9.62
C PHE A 81 -7.18 -11.28 -8.91
N SER A 82 -6.07 -10.54 -8.93
CA SER A 82 -6.06 -9.19 -8.39
C SER A 82 -6.96 -8.29 -9.24
N LEU A 83 -7.44 -7.21 -8.61
CA LEU A 83 -8.50 -6.42 -9.22
C LEU A 83 -8.03 -5.64 -10.45
N ASP A 84 -6.73 -5.31 -10.52
CA ASP A 84 -6.24 -4.61 -11.69
C ASP A 84 -6.39 -5.46 -12.94
N ASP A 85 -6.13 -6.76 -12.83
CA ASP A 85 -6.26 -7.67 -13.96
C ASP A 85 -7.72 -8.02 -14.28
N ALA A 86 -8.67 -7.58 -13.46
CA ALA A 86 -10.06 -7.95 -13.65
C ALA A 86 -10.59 -7.47 -14.98
N HIS A 87 -10.47 -6.16 -15.25
CA HIS A 87 -10.97 -5.61 -16.51
C HIS A 87 -10.20 -6.17 -17.70
N THR A 88 -8.93 -6.56 -17.51
CA THR A 88 -8.19 -7.20 -18.58
C THR A 88 -8.65 -8.64 -18.78
N HIS A 89 -8.89 -9.37 -17.69
CA HIS A 89 -9.28 -10.77 -17.79
C HIS A 89 -10.72 -10.91 -18.29
N PHE A 90 -11.62 -10.02 -17.84
CA PHE A 90 -13.00 -10.07 -18.30
C PHE A 90 -13.10 -9.82 -19.80
N SER A 91 -12.16 -9.05 -20.36
CA SER A 91 -12.21 -8.72 -21.77
C SER A 91 -12.10 -9.96 -22.64
N ARG A 92 -11.35 -10.96 -22.19
CA ARG A 92 -11.22 -12.21 -22.95
C ARG A 92 -12.58 -12.86 -23.17
N LEU A 93 -13.40 -12.91 -22.12
CA LEU A 93 -14.65 -13.67 -22.19
C LEU A 93 -15.66 -13.02 -23.11
N ARG A 94 -15.59 -11.69 -23.29
CA ARG A 94 -16.41 -11.05 -24.30
C ARG A 94 -15.92 -11.36 -25.71
N LYS A 95 -14.59 -11.37 -25.90
CA LYS A 95 -14.04 -11.64 -27.23
C LYS A 95 -14.38 -13.06 -27.69
N TRP A 96 -14.48 -14.00 -26.77
CA TRP A 96 -14.84 -15.37 -27.09
C TRP A 96 -16.35 -15.59 -27.20
N GLY A 97 -17.15 -14.52 -27.09
CA GLY A 97 -18.58 -14.63 -27.29
C GLY A 97 -19.37 -15.08 -26.09
N TYR A 98 -18.78 -15.12 -24.91
CA TYR A 98 -19.51 -15.51 -23.70
C TYR A 98 -20.27 -14.33 -23.14
N ASN A 99 -21.53 -14.57 -22.75
CA ASN A 99 -22.37 -13.54 -22.15
C ASN A 99 -22.76 -13.85 -20.72
N THR A 100 -22.36 -15.00 -20.18
CA THR A 100 -22.74 -15.42 -18.84
C THR A 100 -21.51 -15.94 -18.12
N ILE A 101 -21.54 -15.88 -16.78
CA ILE A 101 -20.44 -16.36 -15.95
C ILE A 101 -21.03 -17.06 -14.73
N ARG A 102 -20.57 -18.28 -14.46
CA ARG A 102 -20.90 -18.99 -13.24
C ARG A 102 -19.82 -18.69 -12.21
N TYR A 103 -20.08 -17.72 -11.34
CA TYR A 103 -19.07 -17.24 -10.42
C TYR A 103 -18.82 -18.29 -9.33
N VAL A 104 -17.58 -18.78 -9.26
CA VAL A 104 -17.20 -19.83 -8.31
C VAL A 104 -16.78 -19.19 -7.00
N PHE A 105 -17.38 -19.65 -5.90
CA PHE A 105 -16.97 -19.26 -4.57
C PHE A 105 -17.28 -20.41 -3.62
N THR A 106 -16.50 -20.50 -2.54
CA THR A 106 -16.62 -21.59 -1.60
C THR A 106 -17.22 -21.11 -0.29
N TRP A 107 -17.89 -22.03 0.41
CA TRP A 107 -18.33 -21.74 1.78
C TRP A 107 -17.15 -21.43 2.69
N GLU A 108 -15.97 -22.00 2.38
CA GLU A 108 -14.77 -21.69 3.13
C GLU A 108 -14.38 -20.22 2.99
N ALA A 109 -14.75 -19.58 1.88
CA ALA A 109 -14.41 -18.18 1.67
C ALA A 109 -15.22 -17.23 2.54
N ILE A 110 -16.34 -17.69 3.08
CA ILE A 110 -17.20 -16.86 3.91
C ILE A 110 -16.97 -17.09 5.40
N GLU A 111 -16.94 -18.36 5.82
CA GLU A 111 -16.95 -18.70 7.24
C GLU A 111 -15.73 -19.55 7.59
N HIS A 112 -14.53 -19.01 7.39
CA HIS A 112 -13.31 -19.78 7.60
C HIS A 112 -12.81 -19.71 9.04
N GLU A 113 -12.82 -18.50 9.62
CA GLU A 113 -12.37 -18.36 11.00
C GLU A 113 -13.17 -19.25 11.94
N GLY A 114 -14.48 -19.31 11.73
CA GLY A 114 -15.35 -20.13 12.55
C GLY A 114 -16.80 -19.76 12.32
N PRO A 115 -17.71 -20.49 12.96
CA PRO A 115 -19.15 -20.21 12.78
C PRO A 115 -19.50 -18.80 13.20
N GLY A 116 -20.04 -18.03 12.26
CA GLY A 116 -20.44 -16.67 12.50
C GLY A 116 -19.37 -15.61 12.26
N LYS A 117 -18.16 -16.02 11.90
CA LYS A 117 -17.07 -15.07 11.64
C LYS A 117 -16.93 -14.92 10.13
N TYR A 118 -17.60 -13.92 9.58
CA TYR A 118 -17.65 -13.72 8.14
C TYR A 118 -16.51 -12.81 7.69
N ASP A 119 -15.93 -13.15 6.54
CA ASP A 119 -14.83 -12.38 5.96
C ASP A 119 -15.41 -11.23 5.17
N ASP A 120 -15.65 -10.11 5.85
CA ASP A 120 -16.15 -8.93 5.17
C ASP A 120 -15.12 -8.33 4.21
N GLU A 121 -13.83 -8.58 4.45
CA GLU A 121 -12.82 -8.17 3.49
C GLU A 121 -12.93 -8.95 2.19
N TRP A 122 -13.19 -10.26 2.29
CA TRP A 122 -13.47 -11.05 1.09
C TRP A 122 -14.78 -10.63 0.46
N ILE A 123 -15.80 -10.33 1.27
CA ILE A 123 -17.06 -9.84 0.74
C ILE A 123 -16.85 -8.53 0.00
N SER A 124 -16.22 -7.56 0.67
CA SER A 124 -16.00 -6.25 0.06
C SER A 124 -15.19 -6.35 -1.22
N PHE A 125 -14.14 -7.18 -1.23
CA PHE A 125 -13.34 -7.35 -2.43
C PHE A 125 -14.14 -8.03 -3.54
N THR A 126 -15.04 -8.95 -3.19
CA THR A 126 -15.81 -9.64 -4.21
C THR A 126 -16.89 -8.74 -4.80
N ILE A 127 -17.51 -7.88 -3.97
CA ILE A 127 -18.44 -6.90 -4.50
C ILE A 127 -17.73 -5.96 -5.48
N GLU A 128 -16.44 -5.70 -5.25
CA GLU A 128 -15.67 -4.88 -6.17
C GLU A 128 -15.45 -5.59 -7.49
N VAL A 129 -15.38 -6.92 -7.48
CA VAL A 129 -15.15 -7.66 -8.71
C VAL A 129 -16.36 -7.56 -9.64
N LEU A 130 -17.57 -7.55 -9.07
CA LEU A 130 -18.77 -7.72 -9.88
C LEU A 130 -19.02 -6.52 -10.78
N ARG A 131 -18.77 -5.31 -10.29
CA ARG A 131 -19.04 -4.13 -11.12
C ARG A 131 -18.05 -4.00 -12.27
N ILE A 132 -16.80 -4.40 -12.06
CA ILE A 132 -15.86 -4.48 -13.17
C ILE A 132 -16.39 -5.41 -14.24
N ALA A 133 -16.95 -6.55 -13.82
CA ALA A 133 -17.60 -7.46 -14.76
C ALA A 133 -18.90 -6.85 -15.30
N LYS A 134 -19.62 -6.11 -14.45
CA LYS A 134 -20.88 -5.50 -14.89
C LYS A 134 -20.64 -4.45 -15.97
N GLN A 135 -19.47 -3.82 -15.97
CA GLN A 135 -19.14 -2.87 -17.03
C GLN A 135 -19.11 -3.55 -18.40
N TYR A 136 -18.82 -4.84 -18.44
CA TYR A 136 -18.78 -5.61 -19.67
C TYR A 136 -20.13 -6.21 -20.04
N GLY A 137 -21.17 -5.94 -19.25
CA GLY A 137 -22.50 -6.43 -19.56
C GLY A 137 -22.68 -7.92 -19.40
N PHE A 138 -22.09 -8.50 -18.36
CA PHE A 138 -22.19 -9.94 -18.13
C PHE A 138 -23.51 -10.31 -17.47
N TYR A 139 -23.86 -11.59 -17.61
CA TYR A 139 -24.86 -12.22 -16.77
C TYR A 139 -24.14 -13.11 -15.77
N VAL A 140 -24.39 -12.90 -14.48
CA VAL A 140 -23.66 -13.62 -13.43
C VAL A 140 -24.67 -14.22 -12.47
N PHE A 141 -24.58 -15.54 -12.28
CA PHE A 141 -25.28 -16.24 -11.21
C PHE A 141 -24.23 -16.92 -10.33
N LEU A 142 -24.41 -16.83 -9.03
CA LEU A 142 -23.37 -17.20 -8.08
C LEU A 142 -23.42 -18.70 -7.78
N ASP A 143 -22.25 -19.31 -7.68
CA ASP A 143 -22.13 -20.76 -7.51
C ASP A 143 -21.44 -21.09 -6.20
N PRO A 144 -22.16 -21.62 -5.21
CA PRO A 144 -21.52 -22.13 -3.97
C PRO A 144 -20.86 -23.47 -4.23
N HIS A 145 -19.64 -23.41 -4.77
CA HIS A 145 -18.99 -24.61 -5.29
C HIS A 145 -18.47 -25.49 -4.15
N GLN A 146 -18.35 -26.78 -4.45
CA GLN A 146 -17.77 -27.74 -3.52
C GLN A 146 -17.33 -28.97 -4.31
N ASP A 147 -16.31 -29.64 -3.77
CA ASP A 147 -15.85 -30.92 -4.30
C ASP A 147 -15.45 -31.79 -3.12
N VAL A 148 -16.03 -33.00 -3.06
CA VAL A 148 -15.94 -33.90 -1.92
C VAL A 148 -15.87 -33.14 -0.61
N TRP A 149 -16.84 -32.23 -0.41
CA TRP A 149 -17.05 -31.45 0.80
C TRP A 149 -16.01 -30.36 0.99
N SER A 150 -14.81 -30.70 1.46
CA SER A 150 -13.83 -29.70 1.87
C SER A 150 -12.51 -29.93 1.16
N ARG A 151 -11.67 -28.88 1.16
CA ARG A 151 -10.33 -28.99 0.61
C ARG A 151 -9.41 -29.84 1.49
N LEU A 152 -9.69 -29.92 2.79
CA LEU A 152 -9.01 -30.89 3.65
C LEU A 152 -9.42 -32.32 3.35
N SER A 153 -10.47 -32.51 2.54
CA SER A 153 -10.97 -33.84 2.22
C SER A 153 -10.72 -34.23 0.76
N GLY A 154 -9.69 -33.65 0.12
CA GLY A 154 -9.39 -33.95 -1.25
C GLY A 154 -10.16 -33.20 -2.31
N GLY A 155 -10.68 -32.01 -1.99
CA GLY A 155 -11.42 -31.23 -2.95
C GLY A 155 -11.45 -29.75 -2.62
N SER A 156 -12.64 -29.22 -2.37
CA SER A 156 -12.81 -27.81 -2.00
C SER A 156 -14.26 -27.62 -1.57
N GLY A 157 -14.54 -26.44 -1.01
CA GLY A 157 -15.90 -26.11 -0.62
C GLY A 157 -16.06 -25.72 0.83
N ALA A 158 -16.45 -26.68 1.67
CA ALA A 158 -16.74 -26.37 3.06
C ALA A 158 -15.48 -25.97 3.81
N PRO A 159 -15.60 -25.09 4.80
CA PRO A 159 -14.43 -24.69 5.60
C PRO A 159 -13.96 -25.82 6.50
N ALA A 160 -12.83 -25.58 7.16
CA ALA A 160 -12.18 -26.63 7.95
C ALA A 160 -12.92 -26.88 9.25
N TRP A 161 -13.46 -25.84 9.88
CA TRP A 161 -14.12 -26.01 11.17
C TRP A 161 -15.35 -26.91 11.07
N THR A 162 -15.91 -27.08 9.87
CA THR A 162 -16.99 -28.04 9.70
C THR A 162 -16.52 -29.46 9.97
N LEU A 163 -15.26 -29.75 9.64
CA LEU A 163 -14.71 -31.08 9.92
C LEU A 163 -14.44 -31.28 11.41
N TYR A 164 -14.02 -30.22 12.10
CA TYR A 164 -13.87 -30.30 13.55
C TYR A 164 -15.21 -30.31 14.27
N ALA A 165 -16.26 -29.77 13.64
CA ALA A 165 -17.60 -29.90 14.21
C ALA A 165 -18.03 -31.36 14.25
N ALA A 166 -17.75 -32.11 13.18
CA ALA A 166 -17.84 -33.57 13.24
C ALA A 166 -16.62 -34.19 13.88
N GLY A 167 -15.51 -33.45 13.93
CA GLY A 167 -14.35 -33.81 14.74
C GLY A 167 -13.59 -35.04 14.30
N PHE A 168 -12.52 -34.85 13.52
CA PHE A 168 -11.70 -35.99 13.12
C PHE A 168 -10.35 -35.64 12.52
N ASP A 169 -9.71 -34.55 12.98
CA ASP A 169 -8.43 -33.96 12.57
C ASP A 169 -7.75 -34.57 11.34
N PRO A 170 -7.44 -33.76 10.32
CA PRO A 170 -6.96 -34.31 9.04
C PRO A 170 -5.51 -34.78 9.05
N ARG A 171 -4.78 -34.67 10.16
CA ARG A 171 -3.39 -35.11 10.19
C ARG A 171 -3.26 -36.58 9.77
N GLY A 172 -4.03 -37.45 10.42
CA GLY A 172 -3.92 -38.87 10.15
C GLY A 172 -4.61 -39.36 8.91
N PHE A 173 -5.21 -38.48 8.11
CA PHE A 173 -5.98 -38.92 6.96
C PHE A 173 -5.14 -39.66 5.93
N LYS A 174 -3.83 -39.41 5.92
CA LYS A 174 -2.90 -39.99 4.96
C LYS A 174 -3.14 -41.47 4.73
N LYS A 175 -2.78 -42.31 5.70
CA LYS A 175 -2.88 -43.75 5.55
C LYS A 175 -4.08 -44.36 6.26
N THR A 176 -4.86 -43.57 7.00
CA THR A 176 -6.21 -44.02 7.32
C THR A 176 -7.08 -44.06 6.07
N GLU A 177 -6.71 -43.30 5.04
CA GLU A 177 -7.37 -43.31 3.74
C GLU A 177 -8.86 -42.96 3.86
N ALA A 178 -9.13 -41.92 4.64
CA ALA A 178 -10.38 -41.18 4.58
C ALA A 178 -10.05 -39.84 3.94
N ALA A 179 -10.50 -39.65 2.70
CA ALA A 179 -10.10 -38.55 1.83
C ALA A 179 -8.63 -38.65 1.46
N LEU A 180 -8.34 -39.09 0.25
CA LEU A 180 -6.98 -39.16 -0.25
C LEU A 180 -6.56 -37.75 -0.66
N VAL A 181 -5.85 -37.07 0.23
CA VAL A 181 -5.46 -35.68 0.02
C VAL A 181 -4.24 -35.62 -0.88
N GLN A 182 -4.17 -34.58 -1.70
CA GLN A 182 -3.04 -34.39 -2.60
C GLN A 182 -1.96 -33.49 -2.00
N ASN A 183 -2.35 -32.53 -1.16
CA ASN A 183 -1.37 -31.68 -0.47
C ASN A 183 -0.63 -32.47 0.61
N THR A 184 -0.58 -33.79 0.47
CA THR A 184 0.04 -34.65 1.48
C THR A 184 0.84 -35.82 0.91
N PHE A 185 0.57 -36.28 -0.31
CA PHE A 185 1.27 -37.45 -0.84
C PHE A 185 2.75 -37.13 -0.98
N ASP A 186 3.58 -38.17 -0.78
CA ASP A 186 5.04 -38.08 -0.86
C ASP A 186 5.52 -37.18 -1.98
N ASP A 187 5.06 -37.44 -3.20
CA ASP A 187 5.42 -36.63 -4.37
C ASP A 187 4.16 -36.07 -4.99
N PRO A 188 3.92 -34.76 -4.90
CA PRO A 188 2.69 -34.19 -5.45
C PRO A 188 2.55 -34.39 -6.95
N ALA A 189 3.66 -34.53 -7.68
CA ALA A 189 3.60 -34.77 -9.11
C ALA A 189 3.07 -36.17 -9.44
N GLU A 190 3.08 -37.08 -8.46
CA GLU A 190 2.61 -38.44 -8.67
C GLU A 190 1.23 -38.67 -8.05
N PHE A 191 0.40 -37.63 -7.98
CA PHE A 191 -0.95 -37.80 -7.48
C PHE A 191 -1.79 -38.51 -8.54
N PRO A 192 -2.55 -39.53 -8.18
CA PRO A 192 -3.32 -40.28 -9.17
C PRO A 192 -4.33 -39.41 -9.89
N LYS A 193 -4.42 -39.58 -11.21
CA LYS A 193 -5.37 -38.81 -11.99
C LYS A 193 -6.80 -39.22 -11.67
N MET A 194 -7.67 -38.23 -11.47
CA MET A 194 -9.10 -38.46 -11.25
C MET A 194 -9.36 -39.35 -10.04
N ILE A 195 -8.53 -39.24 -9.01
CA ILE A 195 -8.75 -39.98 -7.77
C ILE A 195 -9.43 -39.11 -6.71
N TRP A 196 -9.44 -37.79 -6.88
CA TRP A 196 -10.15 -36.93 -5.94
C TRP A 196 -11.65 -37.21 -5.93
N SER A 197 -12.21 -37.55 -7.10
CA SER A 197 -13.64 -37.86 -7.17
C SER A 197 -13.98 -39.15 -6.45
N THR A 198 -12.99 -39.99 -6.17
CA THR A 198 -13.25 -41.23 -5.42
C THR A 198 -13.61 -40.96 -3.97
N ASN A 199 -13.27 -39.77 -3.44
CA ASN A 199 -13.52 -39.49 -2.03
C ASN A 199 -15.00 -39.43 -1.70
N TYR A 200 -15.87 -39.18 -2.68
CA TYR A 200 -17.31 -39.21 -2.43
C TYR A 200 -17.76 -40.55 -1.87
N THR A 201 -17.04 -41.62 -2.21
CA THR A 201 -17.35 -42.96 -1.74
C THR A 201 -16.44 -43.40 -0.59
N ARG A 202 -15.86 -42.46 0.14
CA ARG A 202 -14.98 -42.76 1.26
C ARG A 202 -15.57 -42.20 2.54
N LEU A 203 -14.89 -42.50 3.65
CA LEU A 203 -15.49 -42.34 4.97
C LEU A 203 -15.91 -40.90 5.24
N VAL A 204 -15.01 -39.94 5.00
CA VAL A 204 -15.28 -38.55 5.39
C VAL A 204 -16.43 -37.97 4.58
N SER A 205 -16.38 -38.10 3.25
CA SER A 205 -17.41 -37.50 2.42
C SER A 205 -18.74 -38.23 2.54
N GLN A 206 -18.71 -39.55 2.73
CA GLN A 206 -19.95 -40.28 2.98
C GLN A 206 -20.55 -39.90 4.33
N THR A 207 -19.73 -39.46 5.28
CA THR A 207 -20.23 -39.09 6.59
C THR A 207 -20.73 -37.65 6.61
N MET A 208 -19.98 -36.72 6.00
CA MET A 208 -20.35 -35.31 6.06
C MET A 208 -21.68 -35.06 5.36
N PHE A 209 -21.83 -35.57 4.13
CA PHE A 209 -23.07 -35.36 3.40
C PHE A 209 -24.24 -36.05 4.08
N THR A 210 -24.00 -37.21 4.69
CA THR A 210 -25.07 -37.89 5.42
C THR A 210 -25.50 -37.07 6.63
N LEU A 211 -24.54 -36.51 7.36
CA LEU A 211 -24.88 -35.65 8.49
C LEU A 211 -25.47 -34.32 8.03
N PHE A 212 -25.04 -33.83 6.87
CA PHE A 212 -25.48 -32.52 6.39
C PHE A 212 -26.96 -32.55 5.99
N TYR A 213 -27.37 -33.58 5.27
CA TYR A 213 -28.73 -33.64 4.75
C TYR A 213 -29.71 -34.38 5.66
N GLY A 214 -29.23 -35.03 6.72
CA GLY A 214 -30.12 -35.75 7.61
C GLY A 214 -29.44 -36.41 8.78
N GLY A 215 -29.04 -35.62 9.77
CA GLY A 215 -28.42 -36.18 10.96
C GLY A 215 -29.39 -36.72 11.98
N ARG A 216 -30.64 -36.23 11.97
CA ARG A 216 -31.68 -36.69 12.88
C ARG A 216 -32.05 -38.14 12.60
N ASP A 217 -31.43 -38.70 11.57
CA ASP A 217 -31.92 -39.93 10.96
C ASP A 217 -30.96 -41.10 11.12
N PHE A 218 -29.68 -40.91 10.81
CA PHE A 218 -28.70 -41.98 10.89
C PHE A 218 -27.72 -41.81 12.05
N ALA A 219 -27.45 -40.59 12.48
CA ALA A 219 -26.66 -40.32 13.68
C ALA A 219 -27.46 -39.40 14.60
N PRO A 220 -28.52 -39.92 15.22
CA PRO A 220 -29.44 -39.04 15.97
C PRO A 220 -28.94 -38.61 17.34
N LYS A 221 -27.64 -38.72 17.61
CA LYS A 221 -27.07 -38.24 18.85
C LYS A 221 -26.19 -37.00 18.66
N ALA A 222 -26.06 -36.51 17.43
CA ALA A 222 -25.24 -35.34 17.14
C ALA A 222 -26.06 -34.10 17.45
N ILE A 223 -25.77 -33.47 18.59
CA ILE A 223 -26.53 -32.31 19.06
C ILE A 223 -25.55 -31.19 19.37
N ILE A 224 -25.59 -30.13 18.55
CA ILE A 224 -24.82 -28.92 18.78
C ILE A 224 -25.80 -27.76 18.92
N ASP A 225 -25.61 -26.94 19.95
CA ASP A 225 -26.51 -25.81 20.25
C ASP A 225 -27.93 -26.28 20.48
N GLY A 226 -28.10 -27.47 21.06
CA GLY A 226 -29.40 -28.05 21.25
C GLY A 226 -30.07 -28.55 19.99
N ILE A 227 -29.44 -28.39 18.83
CA ILE A 227 -30.01 -28.82 17.56
C ILE A 227 -29.06 -29.81 16.91
N ASN A 228 -29.58 -30.53 15.92
CA ASN A 228 -28.84 -31.61 15.30
C ASN A 228 -27.72 -31.06 14.41
N ILE A 229 -26.75 -31.95 14.10
CA ILE A 229 -25.67 -31.58 13.18
C ILE A 229 -26.22 -31.23 11.81
N GLN A 230 -27.38 -31.80 11.45
CA GLN A 230 -28.02 -31.43 10.19
C GLN A 230 -28.43 -29.96 10.21
N ASP A 231 -28.98 -29.48 11.32
CA ASP A 231 -29.38 -28.09 11.43
C ASP A 231 -28.21 -27.14 11.63
N TYR A 232 -27.08 -27.64 12.13
CA TYR A 232 -25.93 -26.77 12.36
C TYR A 232 -25.15 -26.54 11.06
N LEU A 233 -24.84 -27.62 10.33
CA LEU A 233 -24.10 -27.48 9.09
C LEU A 233 -24.93 -26.77 8.03
N GLN A 234 -26.21 -27.12 7.91
CA GLN A 234 -27.08 -26.43 6.95
C GLN A 234 -27.34 -24.99 7.38
N GLY A 235 -27.62 -24.78 8.67
CA GLY A 235 -27.99 -23.45 9.14
C GLY A 235 -26.90 -22.42 8.87
N HIS A 236 -25.64 -22.81 8.98
CA HIS A 236 -24.56 -21.87 8.73
C HIS A 236 -24.32 -21.66 7.25
N PHE A 237 -24.37 -22.73 6.45
CA PHE A 237 -24.28 -22.57 5.00
C PHE A 237 -25.44 -21.75 4.47
N ILE A 238 -26.64 -21.96 5.02
CA ILE A 238 -27.80 -21.16 4.63
C ILE A 238 -27.60 -19.70 5.06
N ALA A 239 -26.97 -19.50 6.22
CA ALA A 239 -26.76 -18.14 6.73
C ALA A 239 -25.56 -17.46 6.06
N ALA A 240 -24.47 -18.21 5.87
CA ALA A 240 -23.28 -17.61 5.26
C ALA A 240 -23.57 -17.10 3.86
N CYS A 241 -24.43 -17.81 3.12
CA CYS A 241 -24.85 -17.32 1.81
C CYS A 241 -25.85 -16.17 1.94
N ARG A 242 -26.71 -16.23 2.97
CA ARG A 242 -27.71 -15.17 3.16
C ARG A 242 -27.05 -13.86 3.55
N TYR A 243 -26.03 -13.90 4.42
CA TYR A 243 -25.32 -12.69 4.79
C TYR A 243 -24.55 -12.13 3.60
N PHE A 244 -23.91 -13.00 2.83
CA PHE A 244 -23.26 -12.55 1.61
C PHE A 244 -24.27 -12.00 0.61
N ALA A 245 -25.51 -12.49 0.67
CA ALA A 245 -26.56 -11.99 -0.22
C ALA A 245 -27.16 -10.68 0.28
N GLN A 246 -27.16 -10.47 1.60
CA GLN A 246 -27.69 -9.21 2.13
C GLN A 246 -26.84 -8.02 1.71
N LYS A 247 -25.53 -8.23 1.56
CA LYS A 247 -24.67 -7.18 1.01
C LYS A 247 -25.09 -6.79 -0.39
N ILE A 248 -25.60 -7.75 -1.17
CA ILE A 248 -26.00 -7.47 -2.54
C ILE A 248 -27.27 -6.62 -2.58
N HIS A 249 -28.11 -6.73 -1.54
CA HIS A 249 -29.24 -5.82 -1.42
C HIS A 249 -28.78 -4.41 -1.12
N GLU A 250 -27.81 -4.25 -0.22
CA GLU A 250 -27.25 -2.94 0.12
C GLU A 250 -26.32 -2.39 -0.96
N ALA A 251 -25.73 -3.25 -1.78
CA ALA A 251 -24.87 -2.77 -2.86
C ALA A 251 -25.64 -1.91 -3.85
N GLY A 252 -26.89 -2.28 -4.13
CA GLY A 252 -27.78 -1.45 -4.92
C GLY A 252 -27.49 -1.40 -6.41
N ASP A 253 -26.27 -1.74 -6.81
CA ASP A 253 -25.85 -1.62 -8.20
C ASP A 253 -25.57 -2.97 -8.87
N ILE A 254 -25.77 -4.08 -8.18
CA ILE A 254 -25.47 -5.39 -8.76
C ILE A 254 -26.67 -6.32 -8.79
N GLU A 255 -27.74 -6.05 -8.02
CA GLU A 255 -28.94 -6.86 -8.12
C GLU A 255 -29.67 -6.58 -9.43
N ASN A 256 -29.95 -7.64 -10.19
CA ASN A 256 -30.70 -7.55 -11.45
C ASN A 256 -29.97 -6.75 -12.51
N GLU A 257 -28.89 -6.06 -12.15
CA GLU A 257 -28.08 -5.32 -13.10
C GLU A 257 -26.85 -6.09 -13.55
N VAL A 258 -26.52 -7.20 -12.88
CA VAL A 258 -25.47 -8.11 -13.32
C VAL A 258 -25.66 -9.46 -12.65
N VAL A 259 -26.10 -9.45 -11.39
CA VAL A 259 -26.32 -10.68 -10.63
C VAL A 259 -27.79 -11.04 -10.75
N ILE A 260 -28.08 -12.11 -11.49
CA ILE A 260 -29.47 -12.50 -11.71
C ILE A 260 -29.97 -13.52 -10.70
N GLY A 261 -29.09 -14.22 -10.01
CA GLY A 261 -29.54 -15.16 -9.00
C GLY A 261 -28.40 -16.04 -8.51
N TRP A 262 -28.77 -17.19 -7.97
CA TRP A 262 -27.84 -18.08 -7.30
C TRP A 262 -28.06 -19.52 -7.77
N GLU A 263 -27.06 -20.35 -7.50
CA GLU A 263 -27.15 -21.80 -7.67
C GLU A 263 -27.22 -22.46 -6.29
N SER A 264 -27.76 -23.67 -6.27
CA SER A 264 -27.93 -24.39 -5.01
C SER A 264 -26.60 -24.79 -4.40
N MET A 265 -26.08 -25.96 -4.75
CA MET A 265 -24.79 -26.42 -4.27
C MET A 265 -24.21 -27.37 -5.32
N ASN A 266 -22.92 -27.20 -5.61
CA ASN A 266 -22.29 -27.94 -6.69
C ASN A 266 -22.26 -29.44 -6.38
N GLU A 267 -22.98 -30.22 -7.19
CA GLU A 267 -23.01 -31.67 -7.12
C GLU A 267 -23.36 -32.15 -5.72
N PRO A 268 -24.64 -32.09 -5.33
CA PRO A 268 -25.02 -32.59 -4.00
C PRO A 268 -24.89 -34.11 -3.94
N ASN A 269 -24.27 -34.59 -2.87
CA ASN A 269 -24.03 -36.01 -2.68
C ASN A 269 -24.86 -36.52 -1.49
N ARG A 270 -25.23 -37.80 -1.56
CA ARG A 270 -26.03 -38.42 -0.51
C ARG A 270 -25.19 -39.10 0.56
N GLY A 271 -23.92 -39.39 0.27
CA GLY A 271 -23.08 -40.10 1.21
C GLY A 271 -23.51 -41.55 1.35
N LEU A 272 -24.10 -41.89 2.49
CA LEU A 272 -24.58 -43.24 2.74
C LEU A 272 -26.10 -43.33 2.80
N ILE A 273 -26.80 -42.22 2.60
CA ILE A 273 -28.26 -42.20 2.66
C ILE A 273 -28.84 -43.03 1.53
N GLY A 274 -29.20 -44.27 1.83
CA GLY A 274 -29.82 -45.14 0.86
C GLY A 274 -29.02 -46.37 0.52
N VAL A 275 -27.86 -46.56 1.15
CA VAL A 275 -27.02 -47.73 0.87
C VAL A 275 -27.72 -48.95 1.45
N GLN A 276 -28.22 -49.82 0.56
CA GLN A 276 -28.96 -50.99 1.01
C GLN A 276 -28.07 -51.96 1.79
N ASP A 277 -26.80 -52.07 1.40
CA ASP A 277 -25.84 -52.93 2.11
C ASP A 277 -24.51 -52.21 2.14
N ILE A 278 -24.01 -51.92 3.35
CA ILE A 278 -22.77 -51.18 3.50
C ILE A 278 -21.55 -52.07 3.53
N SER A 279 -21.72 -53.38 3.41
CA SER A 279 -20.59 -54.31 3.41
C SER A 279 -20.06 -54.62 2.01
N VAL A 280 -20.76 -54.18 0.97
CA VAL A 280 -20.34 -54.41 -0.41
C VAL A 280 -20.43 -53.10 -1.17
N ILE A 281 -19.79 -53.08 -2.35
CA ILE A 281 -19.87 -51.92 -3.24
C ILE A 281 -21.19 -51.98 -3.98
N PRO A 282 -22.05 -50.96 -3.88
CA PRO A 282 -23.35 -51.02 -4.52
C PRO A 282 -23.21 -51.03 -6.03
N PRO A 283 -24.13 -51.68 -6.74
CA PRO A 283 -24.05 -51.69 -8.21
C PRO A 283 -24.19 -50.32 -8.85
N GLU A 284 -24.83 -49.36 -8.18
CA GLU A 284 -24.96 -48.02 -8.74
C GLU A 284 -23.69 -47.20 -8.59
N GLN A 285 -22.75 -47.62 -7.75
CA GLN A 285 -21.44 -46.99 -7.66
C GLN A 285 -20.57 -47.54 -8.76
N GLN A 286 -20.36 -46.75 -9.81
CA GLN A 286 -19.63 -47.20 -10.99
C GLN A 286 -18.23 -46.59 -11.08
N LEU A 287 -17.81 -45.84 -10.07
CA LEU A 287 -16.46 -45.30 -9.99
C LEU A 287 -15.76 -45.91 -8.78
N GLN A 288 -14.53 -46.38 -8.99
CA GLN A 288 -13.76 -47.01 -7.92
C GLN A 288 -12.39 -46.35 -7.81
N LEU A 289 -11.34 -47.09 -8.15
CA LEU A 289 -9.97 -46.57 -8.27
C LEU A 289 -9.38 -46.18 -6.92
N GLY A 290 -8.05 -46.11 -6.84
CA GLY A 290 -7.40 -45.90 -5.56
C GLY A 290 -7.55 -47.12 -4.68
N THR A 291 -7.83 -46.89 -3.40
CA THR A 291 -8.36 -47.96 -2.59
C THR A 291 -9.88 -47.90 -2.64
N SER A 292 -10.51 -49.07 -2.57
CA SER A 292 -11.97 -49.17 -2.67
C SER A 292 -12.53 -49.73 -1.37
N PRO A 293 -12.55 -48.94 -0.29
CA PRO A 293 -13.16 -49.41 0.94
C PRO A 293 -14.67 -49.39 0.82
N THR A 294 -15.31 -50.39 1.42
CA THR A 294 -16.75 -50.34 1.62
C THR A 294 -17.03 -49.33 2.74
N ALA A 295 -18.27 -49.32 3.25
CA ALA A 295 -18.53 -48.48 4.41
C ALA A 295 -17.93 -49.10 5.68
N PHE A 296 -17.90 -50.43 5.76
CA PHE A 296 -17.23 -51.09 6.86
C PHE A 296 -15.72 -51.07 6.68
N GLN A 297 -15.23 -51.33 5.47
CA GLN A 297 -13.80 -51.22 5.20
C GLN A 297 -13.32 -49.78 5.36
N GLY A 298 -14.16 -48.82 4.98
CA GLY A 298 -13.91 -47.43 5.32
C GLY A 298 -14.05 -47.13 6.80
N MET A 299 -14.82 -47.95 7.52
CA MET A 299 -15.01 -47.74 8.95
C MET A 299 -13.80 -48.23 9.75
N LEU A 300 -13.28 -49.42 9.42
CA LEU A 300 -12.10 -49.92 10.10
C LEU A 300 -10.91 -49.02 9.84
N THR A 301 -10.72 -48.61 8.59
CA THR A 301 -9.57 -47.78 8.25
C THR A 301 -9.60 -46.44 8.98
N GLY A 302 -10.80 -45.92 9.24
CA GLY A 302 -10.92 -44.63 9.91
C GLY A 302 -10.79 -44.81 11.40
N SER A 303 -10.46 -46.01 11.83
CA SER A 303 -10.26 -46.29 13.23
C SER A 303 -8.88 -46.88 13.55
N GLY A 304 -7.96 -46.86 12.59
CA GLY A 304 -6.61 -47.33 12.84
C GLY A 304 -6.37 -48.81 12.65
N ARG A 305 -7.39 -49.57 12.26
CA ARG A 305 -7.25 -51.03 12.12
C ARG A 305 -6.49 -51.39 10.84
N ALA A 306 -6.94 -52.42 10.14
CA ALA A 306 -6.27 -52.86 8.93
C ALA A 306 -7.29 -53.56 8.02
N CYS A 307 -7.15 -53.34 6.72
CA CYS A 307 -8.06 -53.93 5.75
C CYS A 307 -7.29 -54.29 4.48
N GLU A 308 -7.75 -55.35 3.81
CA GLU A 308 -7.30 -55.68 2.47
C GLU A 308 -8.38 -55.21 1.49
N GLU A 309 -8.00 -54.33 0.57
CA GLU A 309 -8.95 -53.68 -0.32
C GLU A 309 -8.54 -53.87 -1.77
N SER A 310 -9.50 -54.23 -2.62
CA SER A 310 -9.26 -54.24 -4.06
C SER A 310 -9.24 -52.80 -4.57
N THR A 311 -8.41 -52.55 -5.58
CA THR A 311 -7.97 -51.19 -5.83
C THR A 311 -8.42 -50.55 -7.16
N TRP A 312 -8.70 -51.32 -8.22
CA TRP A 312 -9.48 -50.81 -9.37
C TRP A 312 -8.85 -49.64 -10.15
N ALA A 313 -9.11 -49.54 -11.46
CA ALA A 313 -8.73 -48.30 -12.16
C ALA A 313 -9.15 -48.29 -13.62
N PHE A 314 -9.23 -47.05 -14.14
CA PHE A 314 -8.82 -46.58 -15.46
C PHE A 314 -8.77 -47.58 -16.61
N GLY A 315 -9.13 -47.14 -17.80
CA GLY A 315 -9.02 -47.94 -19.00
C GLY A 315 -7.64 -48.03 -19.62
N GLY A 316 -6.99 -49.18 -19.47
CA GLY A 316 -5.65 -49.40 -20.00
C GLY A 316 -4.52 -48.88 -19.13
N PHE A 317 -4.76 -48.68 -17.84
CA PHE A 317 -3.80 -48.10 -16.92
C PHE A 317 -4.35 -48.26 -15.51
N GLY A 318 -3.44 -48.29 -14.53
CA GLY A 318 -3.83 -48.39 -13.15
C GLY A 318 -4.14 -49.81 -12.72
N PRO A 319 -4.65 -49.97 -11.50
CA PRO A 319 -5.03 -51.29 -11.00
C PRO A 319 -5.84 -52.19 -11.95
N TYR A 320 -7.05 -51.78 -12.36
CA TYR A 320 -7.95 -52.51 -13.25
C TYR A 320 -8.02 -54.02 -12.96
N GLN A 321 -9.07 -54.45 -12.25
CA GLN A 321 -9.16 -55.80 -11.69
C GLN A 321 -7.78 -56.23 -11.21
N THR A 322 -7.42 -55.75 -10.02
CA THR A 322 -6.06 -55.33 -9.72
C THR A 322 -5.17 -56.40 -9.10
N GLY A 323 -5.69 -57.11 -8.10
CA GLY A 323 -4.82 -57.71 -7.11
C GLY A 323 -4.88 -56.85 -5.85
N ARG A 324 -5.18 -57.48 -4.72
CA ARG A 324 -5.54 -56.74 -3.54
C ARG A 324 -4.35 -56.02 -2.92
N GLU A 325 -4.66 -55.06 -2.05
CA GLU A 325 -3.66 -54.29 -1.31
C GLU A 325 -4.12 -54.15 0.13
N LEU A 326 -3.19 -54.30 1.06
CA LEU A 326 -3.50 -54.22 2.49
C LEU A 326 -3.25 -52.80 2.97
N VAL A 327 -4.26 -52.22 3.62
CA VAL A 327 -4.16 -50.88 4.19
C VAL A 327 -3.97 -51.01 5.69
N ASP A 328 -2.94 -50.36 6.23
CA ASP A 328 -2.57 -50.46 7.63
C ASP A 328 -2.33 -49.08 8.20
N PRO A 329 -3.38 -48.39 8.64
CA PRO A 329 -3.19 -47.13 9.39
C PRO A 329 -2.39 -47.32 10.67
N GLU A 330 -2.41 -48.52 11.26
CA GLU A 330 -1.55 -48.90 12.38
C GLU A 330 -1.81 -48.02 13.61
N GLY A 331 -2.98 -48.26 14.19
CA GLY A 331 -3.30 -47.75 15.52
C GLY A 331 -3.67 -46.29 15.62
N GLU A 332 -3.58 -45.52 14.54
CA GLU A 332 -3.96 -44.11 14.56
C GLU A 332 -5.26 -43.93 13.80
N THR A 333 -6.20 -43.22 14.41
CA THR A 333 -7.55 -43.10 13.88
C THR A 333 -7.69 -41.88 12.99
N ALA A 334 -8.78 -41.87 12.23
CA ALA A 334 -9.25 -40.67 11.53
C ALA A 334 -10.36 -40.01 12.33
N TRP A 335 -10.11 -39.84 13.63
CA TRP A 335 -11.02 -39.14 14.52
C TRP A 335 -10.21 -38.25 15.46
N LEU A 336 -10.84 -37.18 15.92
CA LEU A 336 -10.23 -36.36 16.95
C LEU A 336 -10.08 -37.19 18.22
N PRO A 337 -8.93 -37.11 18.89
CA PRO A 337 -8.78 -37.84 20.15
C PRO A 337 -9.79 -37.36 21.18
N ALA A 338 -10.01 -38.20 22.20
CA ALA A 338 -11.06 -37.93 23.17
C ALA A 338 -10.81 -36.69 24.01
N ASP A 339 -9.62 -36.08 23.92
CA ASP A 339 -9.27 -34.99 24.80
C ASP A 339 -8.73 -33.74 24.09
N TYR A 340 -8.54 -33.77 22.78
CA TYR A 340 -7.95 -32.62 22.10
C TYR A 340 -8.84 -31.39 22.25
N ASP A 341 -8.20 -30.23 22.35
CA ASP A 341 -8.93 -29.00 22.68
C ASP A 341 -9.93 -28.66 21.60
N ASP A 342 -11.20 -28.54 22.00
CA ASP A 342 -12.25 -28.06 21.12
C ASP A 342 -12.55 -26.58 21.32
N THR A 343 -12.31 -26.06 22.51
CA THR A 343 -12.78 -24.75 22.99
C THR A 343 -12.38 -23.58 22.09
N ARG A 344 -12.36 -23.78 20.77
CA ARG A 344 -11.76 -22.79 19.90
C ARG A 344 -12.74 -21.70 19.45
N TYR A 345 -14.02 -22.03 19.24
CA TYR A 345 -14.90 -21.07 18.56
C TYR A 345 -16.35 -21.16 19.07
N GLY A 346 -16.55 -20.96 20.37
CA GLY A 346 -17.90 -20.82 20.90
C GLY A 346 -18.38 -21.99 21.76
N TRP A 347 -18.87 -23.03 21.10
CA TRP A 347 -18.84 -24.39 21.63
C TRP A 347 -19.91 -24.77 22.65
N VAL A 348 -20.82 -25.65 22.23
CA VAL A 348 -21.55 -26.55 23.13
C VAL A 348 -21.69 -27.89 22.44
N ARG A 349 -21.48 -28.96 23.20
CA ARG A 349 -21.79 -30.32 22.77
C ARG A 349 -22.64 -30.97 23.83
N ASP A 350 -23.66 -31.70 23.40
CA ASP A 350 -24.31 -32.50 24.43
C ASP A 350 -23.47 -33.75 24.70
N PRO A 351 -23.44 -34.23 25.94
CA PRO A 351 -22.55 -35.36 26.27
C PRO A 351 -22.78 -36.60 25.43
N GLY A 352 -23.91 -36.70 24.73
CA GLY A 352 -24.10 -37.81 23.81
C GLY A 352 -23.05 -37.82 22.72
N TRP A 353 -22.87 -36.69 22.04
CA TRP A 353 -21.81 -36.58 21.05
C TRP A 353 -20.45 -36.68 21.73
N LYS A 354 -19.62 -37.60 21.26
CA LYS A 354 -18.39 -38.00 21.90
C LYS A 354 -17.19 -37.61 21.04
N LEU A 355 -16.01 -37.97 21.52
CA LEU A 355 -14.77 -37.85 20.76
C LEU A 355 -13.94 -39.11 20.99
N GLY A 356 -13.08 -39.41 20.02
CA GLY A 356 -12.19 -40.53 20.12
C GLY A 356 -12.75 -41.86 19.67
N GLU A 357 -14.07 -41.97 19.50
CA GLU A 357 -14.70 -43.19 19.03
C GLU A 357 -15.45 -42.92 17.73
N CYS A 358 -15.68 -44.00 16.98
CA CYS A 358 -16.38 -43.88 15.71
C CYS A 358 -17.81 -43.41 15.92
N LEU A 359 -18.24 -42.46 15.09
CA LEU A 359 -19.59 -41.92 15.21
C LEU A 359 -20.63 -43.01 15.02
N TRP A 360 -20.53 -43.78 13.94
CA TRP A 360 -21.51 -44.81 13.65
C TRP A 360 -21.46 -45.95 14.68
N ALA A 361 -20.32 -46.15 15.33
CA ALA A 361 -20.19 -47.24 16.29
C ALA A 361 -21.08 -47.01 17.52
N GLN A 362 -21.09 -45.77 18.03
CA GLN A 362 -21.90 -45.48 19.22
C GLN A 362 -23.39 -45.52 18.92
N HIS A 363 -23.79 -45.34 17.67
CA HIS A 363 -25.18 -45.47 17.27
C HIS A 363 -25.58 -46.90 16.97
N GLY A 364 -24.74 -47.87 17.32
CA GLY A 364 -25.08 -49.27 17.13
C GLY A 364 -24.95 -49.77 15.71
N VAL A 365 -24.11 -49.15 14.89
CA VAL A 365 -23.90 -49.62 13.53
C VAL A 365 -22.85 -50.73 13.48
N TRP A 366 -21.83 -50.64 14.33
CA TRP A 366 -20.79 -51.67 14.36
C TRP A 366 -20.11 -51.63 15.72
N ASP A 367 -19.50 -52.76 16.07
CA ASP A 367 -18.86 -52.93 17.38
C ASP A 367 -17.36 -52.75 17.24
N PRO A 368 -16.76 -51.77 17.91
CA PRO A 368 -15.29 -51.64 17.87
C PRO A 368 -14.56 -52.76 18.60
N SER A 369 -15.19 -53.39 19.59
CA SER A 369 -14.52 -54.43 20.37
C SER A 369 -14.45 -55.76 19.61
N SER A 370 -15.46 -56.05 18.79
CA SER A 370 -15.47 -57.28 18.00
C SER A 370 -15.20 -57.06 16.53
N ASP A 371 -15.13 -55.80 16.07
CA ASP A 371 -14.80 -55.46 14.68
C ASP A 371 -15.76 -56.10 13.70
N LYS A 372 -17.04 -56.26 14.08
CA LYS A 372 -18.03 -56.82 13.19
C LYS A 372 -19.25 -55.91 13.14
N LEU A 373 -19.88 -55.87 11.97
CA LEU A 373 -21.05 -55.06 11.69
C LEU A 373 -22.22 -55.33 12.63
N LEU A 374 -23.21 -54.45 12.63
CA LEU A 374 -24.51 -54.80 13.17
C LEU A 374 -25.12 -55.83 12.24
N ARG A 375 -25.52 -55.40 11.05
CA ARG A 375 -25.97 -56.31 10.00
C ARG A 375 -25.60 -55.74 8.64
N LYS A 376 -26.61 -55.52 7.79
CA LYS A 376 -26.35 -54.96 6.46
C LYS A 376 -27.47 -54.03 5.97
N ASP A 377 -28.09 -53.26 6.87
CA ASP A 377 -29.23 -52.42 6.47
C ASP A 377 -29.54 -51.28 7.44
N TYR A 378 -28.51 -50.68 8.03
CA TYR A 378 -28.77 -49.50 8.87
C TYR A 378 -29.11 -48.30 8.01
N PHE A 379 -28.53 -48.19 6.81
CA PHE A 379 -28.76 -47.08 5.90
C PHE A 379 -29.73 -47.45 4.79
N ALA A 380 -30.85 -48.11 5.13
CA ALA A 380 -31.68 -48.75 4.12
C ALA A 380 -33.09 -48.20 4.03
N LYS A 381 -33.74 -47.90 5.16
CA LYS A 381 -35.15 -47.52 5.15
C LYS A 381 -35.36 -46.18 5.86
N ASN A 382 -36.62 -45.74 5.90
CA ASN A 382 -36.93 -44.36 6.24
C ASN A 382 -36.80 -44.12 7.74
N PRO A 383 -36.20 -42.99 8.12
CA PRO A 383 -36.10 -42.62 9.55
C PRO A 383 -37.43 -42.64 10.29
N GLN A 384 -38.46 -42.01 9.74
CA GLN A 384 -39.71 -41.82 10.47
C GLN A 384 -40.77 -42.86 10.15
N THR A 385 -40.92 -43.26 8.89
CA THR A 385 -42.00 -44.18 8.51
C THR A 385 -41.52 -45.57 8.08
N GLY A 386 -40.25 -45.73 7.73
CA GLY A 386 -39.72 -47.03 7.37
C GLY A 386 -39.75 -47.38 5.89
N GLU A 387 -40.01 -46.43 5.01
CA GLU A 387 -40.02 -46.69 3.58
C GLU A 387 -38.60 -46.99 3.08
N PRO A 388 -38.43 -47.96 2.18
CA PRO A 388 -37.09 -48.26 1.66
C PRO A 388 -36.51 -47.07 0.89
N LEU A 389 -35.23 -46.82 1.10
CA LEU A 389 -34.54 -45.71 0.48
C LEU A 389 -33.99 -46.09 -0.89
N ASN A 390 -34.00 -45.11 -1.80
CA ASN A 390 -33.23 -45.18 -3.03
C ASN A 390 -32.68 -43.78 -3.30
N TYR A 391 -32.11 -43.59 -4.48
CA TYR A 391 -31.58 -42.27 -4.79
C TYR A 391 -32.69 -41.26 -5.08
N ASP A 392 -33.79 -41.71 -5.68
CA ASP A 392 -34.92 -40.82 -5.92
C ASP A 392 -35.57 -40.38 -4.62
N LYS A 393 -35.62 -41.28 -3.63
CA LYS A 393 -36.18 -40.91 -2.33
C LYS A 393 -35.33 -39.85 -1.65
N PHE A 394 -34.00 -39.93 -1.81
CA PHE A 394 -33.13 -38.90 -1.26
C PHE A 394 -33.30 -37.58 -1.99
N THR A 395 -33.43 -37.62 -3.31
CA THR A 395 -33.53 -36.39 -4.09
C THR A 395 -34.85 -35.67 -3.83
N ASN A 396 -35.93 -36.43 -3.63
CA ASN A 396 -37.25 -35.85 -3.45
C ASN A 396 -37.55 -35.44 -2.01
N THR A 397 -36.65 -35.73 -1.06
CA THR A 397 -36.92 -35.40 0.33
C THR A 397 -35.81 -34.55 0.94
N TYR A 398 -34.70 -35.19 1.33
CA TYR A 398 -33.69 -34.48 2.11
C TYR A 398 -32.97 -33.42 1.29
N PHE A 399 -32.78 -33.64 -0.01
CA PHE A 399 -32.20 -32.60 -0.85
C PHE A 399 -33.18 -31.45 -1.04
N MET A 400 -34.44 -31.77 -1.37
CA MET A 400 -35.45 -30.73 -1.50
C MET A 400 -35.74 -30.07 -0.17
N GLU A 401 -35.60 -30.79 0.94
CA GLU A 401 -35.72 -30.17 2.25
C GLU A 401 -34.64 -29.11 2.45
N HIS A 402 -33.40 -29.43 2.07
CA HIS A 402 -32.33 -28.45 2.15
C HIS A 402 -32.49 -27.35 1.10
N TYR A 403 -33.11 -27.67 -0.03
CA TYR A 403 -33.25 -26.69 -1.11
C TYR A 403 -34.31 -25.64 -0.80
N ARG A 404 -35.43 -26.06 -0.20
CA ARG A 404 -36.50 -25.12 0.10
C ARG A 404 -36.05 -24.02 1.05
N ALA A 405 -35.28 -24.40 2.09
CA ALA A 405 -34.79 -23.42 3.04
C ALA A 405 -33.78 -22.48 2.39
N TYR A 406 -32.86 -23.02 1.58
CA TYR A 406 -31.91 -22.19 0.87
C TYR A 406 -32.61 -21.26 -0.11
N ARG A 407 -33.73 -21.70 -0.69
CA ARG A 407 -34.51 -20.86 -1.58
C ARG A 407 -35.15 -19.72 -0.82
N ASP A 408 -35.81 -20.03 0.31
CA ASP A 408 -36.52 -19.01 1.06
C ASP A 408 -35.57 -18.07 1.79
N ALA A 409 -34.37 -18.53 2.12
CA ALA A 409 -33.41 -17.67 2.81
C ALA A 409 -32.86 -16.60 1.88
N LEU A 410 -32.56 -16.97 0.63
CA LEU A 410 -32.10 -15.99 -0.35
C LEU A 410 -33.22 -15.04 -0.75
N ARG A 411 -34.47 -15.49 -0.71
CA ARG A 411 -35.60 -14.64 -1.02
C ARG A 411 -36.14 -13.89 0.19
N SER A 412 -35.64 -14.19 1.40
CA SER A 412 -35.91 -13.30 2.52
C SER A 412 -35.15 -11.99 2.37
N VAL A 413 -34.02 -12.02 1.67
CA VAL A 413 -33.28 -10.81 1.34
C VAL A 413 -33.70 -10.24 -0.01
N TRP A 414 -33.68 -11.07 -1.04
CA TRP A 414 -33.98 -10.68 -2.41
C TRP A 414 -35.04 -11.63 -2.94
N PRO A 415 -36.33 -11.31 -2.75
CA PRO A 415 -37.38 -12.23 -3.20
C PRO A 415 -37.37 -12.51 -4.69
N GLU A 416 -36.86 -11.58 -5.50
CA GLU A 416 -36.80 -11.74 -6.94
C GLU A 416 -35.56 -12.51 -7.40
N ALA A 417 -34.92 -13.24 -6.52
CA ALA A 417 -33.70 -13.97 -6.87
C ALA A 417 -34.04 -15.20 -7.70
N ILE A 418 -33.32 -15.38 -8.80
CA ILE A 418 -33.47 -16.57 -9.63
C ILE A 418 -32.61 -17.67 -9.04
N ILE A 419 -33.22 -18.80 -8.74
CA ILE A 419 -32.55 -19.90 -8.05
C ILE A 419 -32.24 -20.97 -9.08
N PHE A 420 -30.94 -21.21 -9.33
CA PHE A 420 -30.50 -22.27 -10.23
C PHE A 420 -30.50 -23.57 -9.47
N CYS A 421 -31.55 -24.38 -9.68
CA CYS A 421 -31.72 -25.64 -8.94
C CYS A 421 -30.84 -26.71 -9.55
N GLN A 422 -29.86 -27.21 -8.77
CA GLN A 422 -28.95 -28.24 -9.24
C GLN A 422 -29.18 -29.53 -8.44
N PRO A 423 -29.88 -30.52 -9.01
CA PRO A 423 -30.03 -31.80 -8.32
C PRO A 423 -28.74 -32.61 -8.40
N PRO A 424 -28.69 -33.77 -7.74
CA PRO A 424 -27.49 -34.62 -7.86
C PRO A 424 -27.14 -34.93 -9.31
N VAL A 425 -25.86 -35.19 -9.54
CA VAL A 425 -25.35 -35.34 -10.90
C VAL A 425 -25.85 -36.66 -11.50
N MET A 426 -26.42 -36.58 -12.70
CA MET A 426 -26.84 -37.75 -13.48
C MET A 426 -27.83 -38.61 -12.72
N GLU A 427 -28.65 -38.00 -11.88
CA GLU A 427 -29.73 -38.67 -11.19
C GLU A 427 -31.04 -37.95 -11.50
N VAL A 428 -32.15 -38.66 -11.30
CA VAL A 428 -33.46 -38.13 -11.69
C VAL A 428 -33.76 -36.88 -10.89
N PRO A 429 -34.11 -35.76 -11.52
CA PRO A 429 -34.43 -34.54 -10.78
C PRO A 429 -35.71 -34.70 -9.98
N PRO A 430 -35.91 -33.89 -8.96
CA PRO A 430 -37.12 -34.03 -8.13
C PRO A 430 -38.38 -33.71 -8.92
N ASP A 431 -39.48 -34.36 -8.52
CA ASP A 431 -40.77 -34.16 -9.16
C ASP A 431 -41.44 -32.96 -8.51
N LEU A 432 -41.11 -31.77 -9.03
CA LEU A 432 -41.66 -30.52 -8.52
C LEU A 432 -42.73 -29.93 -9.43
N LYS A 433 -43.08 -30.62 -10.52
CA LYS A 433 -44.09 -30.14 -11.44
C LYS A 433 -45.48 -30.28 -10.81
N GLY A 434 -46.16 -29.15 -10.63
CA GLY A 434 -47.49 -29.13 -10.06
C GLY A 434 -47.55 -29.08 -8.55
N THR A 435 -46.40 -28.95 -7.88
CA THR A 435 -46.37 -28.88 -6.43
C THR A 435 -46.17 -27.44 -5.98
N VAL A 436 -46.00 -27.24 -4.68
CA VAL A 436 -45.79 -25.90 -4.15
C VAL A 436 -44.41 -25.37 -4.50
N ASP A 437 -43.50 -26.23 -4.94
CA ASP A 437 -42.14 -25.83 -5.29
C ASP A 437 -41.98 -25.55 -6.78
N ASP A 438 -43.06 -25.60 -7.55
CA ASP A 438 -43.00 -25.26 -8.97
C ASP A 438 -42.70 -23.76 -9.11
N ASP A 439 -41.47 -23.38 -8.82
CA ASP A 439 -41.10 -21.97 -8.75
C ASP A 439 -40.96 -21.39 -10.15
N PRO A 440 -41.76 -20.41 -10.53
CA PRO A 440 -41.62 -19.79 -11.86
C PRO A 440 -40.37 -18.94 -12.01
N ASN A 441 -39.58 -18.77 -10.95
CA ASN A 441 -38.31 -18.04 -11.02
C ASN A 441 -37.13 -18.96 -10.71
N MET A 442 -37.27 -20.24 -11.02
CA MET A 442 -36.22 -21.22 -10.81
C MET A 442 -35.61 -21.64 -12.14
N VAL A 443 -34.36 -22.09 -12.08
CA VAL A 443 -33.64 -22.60 -13.24
C VAL A 443 -33.08 -23.97 -12.89
N HIS A 444 -33.25 -24.94 -13.78
CA HIS A 444 -32.75 -26.29 -13.55
C HIS A 444 -31.32 -26.37 -14.05
N ALA A 445 -30.37 -26.50 -13.12
CA ALA A 445 -28.96 -26.63 -13.46
C ALA A 445 -28.60 -28.10 -13.53
N VAL A 446 -28.06 -28.53 -14.67
CA VAL A 446 -27.74 -29.93 -14.92
C VAL A 446 -26.27 -30.04 -15.29
N HIS A 447 -25.59 -31.04 -14.72
CA HIS A 447 -24.20 -31.34 -15.06
C HIS A 447 -24.15 -32.52 -16.02
N TYR A 448 -23.23 -32.45 -16.97
CA TYR A 448 -22.95 -33.59 -17.83
C TYR A 448 -21.48 -33.59 -18.22
N TYR A 449 -20.83 -34.73 -18.03
CA TYR A 449 -19.47 -34.95 -18.49
C TYR A 449 -19.41 -36.26 -19.26
N ASP A 450 -18.65 -36.27 -20.35
CA ASP A 450 -18.39 -37.51 -21.08
C ASP A 450 -17.57 -38.41 -20.16
N GLY A 451 -18.24 -39.36 -19.52
CA GLY A 451 -17.58 -40.17 -18.50
C GLY A 451 -16.39 -40.96 -19.02
N ILE A 452 -16.41 -41.34 -20.30
CA ILE A 452 -15.31 -42.11 -20.86
C ILE A 452 -14.08 -41.22 -21.05
N THR A 453 -14.23 -40.17 -21.86
CA THR A 453 -13.09 -39.31 -22.16
C THR A 453 -12.56 -38.62 -20.91
N LEU A 454 -13.45 -38.27 -19.98
CA LEU A 454 -13.02 -37.61 -18.75
C LEU A 454 -12.15 -38.53 -17.90
N LEU A 455 -12.52 -39.80 -17.80
CA LEU A 455 -11.80 -40.73 -16.94
C LEU A 455 -10.66 -41.44 -17.65
N THR A 456 -10.76 -41.62 -18.97
CA THR A 456 -9.67 -42.24 -19.72
C THR A 456 -8.69 -41.22 -20.30
N LYS A 457 -9.07 -39.94 -20.34
CA LYS A 457 -8.24 -38.88 -20.89
C LYS A 457 -7.81 -39.21 -22.32
N HIS A 458 -8.79 -39.58 -23.14
CA HIS A 458 -8.57 -39.89 -24.55
C HIS A 458 -9.91 -39.85 -25.26
N TRP A 459 -10.01 -39.02 -26.30
CA TRP A 459 -11.24 -38.92 -27.08
C TRP A 459 -11.31 -40.09 -28.05
N ASN A 460 -12.17 -41.05 -27.75
CA ASN A 460 -12.33 -42.23 -28.60
C ASN A 460 -13.22 -41.87 -29.78
N ARG A 461 -12.65 -41.91 -30.99
CA ARG A 461 -13.37 -41.60 -32.21
C ARG A 461 -14.14 -42.80 -32.76
N LEU A 462 -14.14 -43.93 -32.04
CA LEU A 462 -14.74 -45.15 -32.56
C LEU A 462 -16.03 -45.55 -31.88
N TYR A 463 -16.19 -45.30 -30.58
CA TYR A 463 -17.43 -45.64 -29.91
C TYR A 463 -17.65 -44.70 -28.72
N ASN A 464 -18.89 -44.66 -28.27
CA ASN A 464 -19.28 -43.97 -27.04
C ASN A 464 -20.59 -44.58 -26.57
N VAL A 465 -20.89 -44.38 -25.29
CA VAL A 465 -22.01 -45.03 -24.62
C VAL A 465 -23.07 -43.99 -24.28
N ASP A 466 -24.33 -44.36 -24.48
CA ASP A 466 -25.47 -43.57 -24.00
C ASP A 466 -25.54 -43.74 -22.48
N VAL A 467 -24.72 -42.95 -21.79
CA VAL A 467 -24.66 -43.04 -20.33
C VAL A 467 -26.01 -42.74 -19.71
N ILE A 468 -26.68 -41.70 -20.20
CA ILE A 468 -27.99 -41.33 -19.66
C ILE A 468 -29.01 -42.43 -19.92
N GLY A 469 -28.98 -43.01 -21.13
CA GLY A 469 -29.91 -44.08 -21.44
C GLY A 469 -29.72 -45.29 -20.54
N VAL A 470 -28.47 -45.58 -20.17
CA VAL A 470 -28.20 -46.71 -19.29
C VAL A 470 -28.63 -46.39 -17.87
N LEU A 471 -28.35 -45.17 -17.41
CA LEU A 471 -28.63 -44.81 -16.02
C LEU A 471 -30.13 -44.84 -15.73
N ARG A 472 -30.94 -44.42 -16.68
CA ARG A 472 -32.39 -44.38 -16.50
C ARG A 472 -33.08 -45.65 -16.97
N GLY A 473 -32.31 -46.63 -17.47
CA GLY A 473 -32.89 -47.89 -17.87
C GLY A 473 -33.58 -47.90 -19.22
N LYS A 474 -33.10 -47.09 -20.16
CA LYS A 474 -33.66 -47.11 -21.51
C LYS A 474 -33.38 -48.44 -22.19
N TYR A 475 -32.12 -48.89 -22.13
CA TYR A 475 -31.72 -50.21 -22.58
C TYR A 475 -31.33 -51.07 -21.38
N LEU A 476 -31.15 -52.36 -21.66
CA LEU A 476 -30.85 -53.34 -20.60
C LEU A 476 -29.51 -53.05 -19.95
N THR A 477 -28.43 -53.39 -20.63
CA THR A 477 -27.07 -53.19 -20.16
C THR A 477 -26.25 -52.50 -21.23
N PRO A 478 -25.14 -51.84 -20.86
CA PRO A 478 -24.28 -51.22 -21.89
C PRO A 478 -23.79 -52.20 -22.94
N ALA A 479 -24.71 -52.62 -23.80
CA ALA A 479 -24.40 -53.46 -24.96
C ALA A 479 -25.43 -53.15 -26.04
N PHE A 480 -26.67 -52.95 -25.63
CA PHE A 480 -27.70 -52.44 -26.53
C PHE A 480 -27.51 -50.95 -26.84
N ALA A 481 -26.70 -50.25 -26.04
CA ALA A 481 -26.65 -48.80 -26.05
C ALA A 481 -25.52 -48.22 -26.89
N VAL A 482 -24.35 -48.87 -26.89
CA VAL A 482 -23.16 -48.26 -27.48
C VAL A 482 -23.35 -48.03 -28.97
N LYS A 483 -22.82 -46.92 -29.47
CA LYS A 483 -22.92 -46.54 -30.87
C LYS A 483 -21.54 -46.37 -31.45
N ILE A 484 -21.37 -46.76 -32.72
CA ILE A 484 -20.09 -46.70 -33.41
C ILE A 484 -20.20 -45.70 -34.54
N GLY A 485 -19.10 -44.97 -34.78
CA GLY A 485 -19.07 -43.93 -35.77
C GLY A 485 -19.09 -42.56 -35.12
N GLU A 486 -18.15 -41.69 -35.49
CA GLU A 486 -18.07 -40.38 -34.88
C GLU A 486 -19.36 -39.59 -35.07
N THR A 487 -20.05 -39.81 -36.17
CA THR A 487 -21.36 -39.19 -36.37
C THR A 487 -22.37 -39.74 -35.37
N ALA A 488 -22.41 -41.06 -35.20
CA ALA A 488 -23.32 -41.66 -34.22
C ALA A 488 -22.93 -41.30 -32.80
N ILE A 489 -21.64 -41.08 -32.56
CA ILE A 489 -21.19 -40.60 -31.24
C ILE A 489 -21.72 -39.20 -30.98
N ARG A 490 -21.62 -38.31 -31.98
CA ARG A 490 -22.14 -36.96 -31.86
C ARG A 490 -23.64 -36.97 -31.61
N ASN A 491 -24.38 -37.79 -32.37
CA ASN A 491 -25.82 -37.88 -32.17
C ASN A 491 -26.16 -38.52 -30.82
N CYS A 492 -25.31 -39.41 -30.33
CA CYS A 492 -25.55 -40.03 -29.02
C CYS A 492 -25.49 -39.00 -27.91
N LEU A 493 -24.47 -38.13 -27.94
CA LEU A 493 -24.32 -37.12 -26.91
C LEU A 493 -25.47 -36.11 -26.96
N ARG A 494 -25.86 -35.69 -28.16
CA ARG A 494 -26.94 -34.72 -28.29
C ARG A 494 -28.27 -35.28 -27.80
N ASP A 495 -28.58 -36.53 -28.16
CA ASP A 495 -29.79 -37.17 -27.67
C ASP A 495 -29.76 -37.42 -26.17
N GLN A 496 -28.56 -37.53 -25.57
CA GLN A 496 -28.47 -37.61 -24.11
C GLN A 496 -28.86 -36.28 -23.47
N LEU A 497 -28.27 -35.18 -23.96
CA LEU A 497 -28.61 -33.87 -23.43
C LEU A 497 -30.05 -33.48 -23.78
N LYS A 498 -30.53 -33.89 -24.95
CA LYS A 498 -31.92 -33.64 -25.31
C LYS A 498 -32.88 -34.41 -24.39
N PHE A 499 -32.50 -35.63 -24.02
CA PHE A 499 -33.33 -36.42 -23.11
C PHE A 499 -33.40 -35.77 -21.74
N LEU A 500 -32.29 -35.19 -21.28
CA LEU A 500 -32.29 -34.52 -19.98
C LEU A 500 -33.22 -33.31 -19.98
N ARG A 501 -33.30 -32.60 -21.11
CA ARG A 501 -34.24 -31.48 -21.19
C ARG A 501 -35.68 -31.97 -21.13
N ASP A 502 -35.97 -33.11 -21.77
CA ASP A 502 -37.31 -33.67 -21.69
C ASP A 502 -37.60 -34.22 -20.30
N GLU A 503 -36.58 -34.77 -19.62
CA GLU A 503 -36.78 -35.20 -18.25
C GLU A 503 -36.96 -34.00 -17.31
N SER A 504 -36.27 -32.90 -17.61
CA SER A 504 -36.43 -31.68 -16.81
C SER A 504 -37.84 -31.13 -16.95
N LEU A 505 -38.34 -31.07 -18.19
CA LEU A 505 -39.67 -30.54 -18.43
C LEU A 505 -40.77 -31.47 -17.93
N ARG A 506 -40.44 -32.74 -17.67
CA ARG A 506 -41.43 -33.70 -17.21
C ARG A 506 -41.58 -33.71 -15.69
N TYR A 507 -40.47 -33.59 -14.96
CA TYR A 507 -40.51 -33.68 -13.51
C TYR A 507 -40.60 -32.32 -12.83
N MET A 508 -39.96 -31.29 -13.38
CA MET A 508 -39.92 -30.00 -12.70
C MET A 508 -40.83 -28.96 -13.32
N GLY A 509 -41.24 -29.14 -14.57
CA GLY A 509 -42.20 -28.27 -15.20
C GLY A 509 -41.59 -27.42 -16.30
N THR A 510 -42.30 -26.34 -16.63
CA THR A 510 -41.91 -25.42 -17.70
C THR A 510 -40.93 -24.39 -17.15
N HIS A 511 -39.66 -24.79 -17.10
CA HIS A 511 -38.60 -23.97 -16.53
C HIS A 511 -37.37 -24.07 -17.42
N PRO A 512 -36.48 -23.08 -17.36
CA PRO A 512 -35.27 -23.13 -18.17
C PRO A 512 -34.25 -24.12 -17.62
N LEU A 513 -33.36 -24.55 -18.49
CA LEU A 513 -32.28 -25.46 -18.14
C LEU A 513 -30.96 -24.87 -18.59
N ILE A 514 -29.96 -24.95 -17.71
CA ILE A 514 -28.63 -24.46 -17.98
C ILE A 514 -27.63 -25.58 -17.67
N PHE A 515 -26.93 -26.05 -18.69
CA PHE A 515 -25.85 -27.00 -18.48
C PHE A 515 -24.69 -26.30 -17.80
N THR A 516 -24.73 -26.21 -16.47
CA THR A 516 -23.77 -25.40 -15.73
C THR A 516 -22.34 -25.95 -15.80
N GLU A 517 -22.18 -27.24 -16.11
CA GLU A 517 -20.84 -27.82 -16.21
C GLU A 517 -20.80 -28.84 -17.32
N ILE A 518 -19.85 -28.66 -18.24
CA ILE A 518 -19.57 -29.60 -19.31
C ILE A 518 -18.24 -29.23 -19.96
N GLY A 519 -17.37 -30.22 -20.14
CA GLY A 519 -16.07 -29.93 -20.71
C GLY A 519 -15.32 -31.22 -21.04
N ILE A 520 -14.07 -31.04 -21.46
CA ILE A 520 -13.21 -32.17 -21.81
C ILE A 520 -11.87 -32.02 -21.11
N PRO A 521 -11.17 -33.12 -20.81
CA PRO A 521 -9.80 -33.01 -20.29
C PRO A 521 -8.83 -32.66 -21.42
N PHE A 522 -8.01 -31.64 -21.21
CA PHE A 522 -7.08 -31.20 -22.23
C PHE A 522 -5.78 -32.00 -22.23
N ASP A 523 -5.47 -32.71 -21.16
CA ASP A 523 -4.24 -33.50 -21.08
C ASP A 523 -4.43 -34.90 -21.64
N MET A 524 -4.95 -34.98 -22.87
CA MET A 524 -5.21 -36.27 -23.50
C MET A 524 -3.91 -36.90 -24.00
N ASP A 525 -3.89 -38.24 -24.00
CA ASP A 525 -2.85 -39.03 -24.65
C ASP A 525 -1.47 -38.69 -24.12
N ASP A 526 -1.35 -38.62 -22.79
CA ASP A 526 -0.09 -38.38 -22.10
C ASP A 526 0.55 -37.06 -22.56
N ARG A 527 -0.24 -35.99 -22.50
CA ARG A 527 0.20 -34.65 -22.90
C ARG A 527 0.72 -34.65 -24.33
N HIS A 528 0.02 -35.34 -25.22
CA HIS A 528 0.44 -35.39 -26.62
C HIS A 528 0.32 -34.02 -27.28
N ALA A 529 -0.74 -33.28 -26.98
CA ALA A 529 -0.90 -31.95 -27.54
C ALA A 529 0.14 -30.98 -26.99
N TYR A 530 0.54 -31.14 -25.73
CA TYR A 530 1.59 -30.31 -25.17
C TYR A 530 2.96 -30.62 -25.77
N LYS A 531 3.14 -31.83 -26.29
CA LYS A 531 4.40 -32.23 -26.89
C LYS A 531 4.47 -31.93 -28.39
N THR A 532 3.33 -31.85 -29.06
CA THR A 532 3.29 -31.70 -30.52
C THR A 532 2.56 -30.45 -30.98
N GLY A 533 1.62 -29.92 -30.22
CA GLY A 533 0.74 -28.89 -30.72
C GLY A 533 -0.41 -29.39 -31.55
N ASP A 534 -0.62 -30.71 -31.58
CA ASP A 534 -1.71 -31.32 -32.34
C ASP A 534 -2.89 -31.51 -31.41
N TYR A 535 -3.84 -30.57 -31.46
CA TYR A 535 -5.02 -30.61 -30.61
C TYR A 535 -6.21 -31.28 -31.29
N SER A 536 -5.97 -32.14 -32.28
CA SER A 536 -7.06 -32.74 -33.04
C SER A 536 -8.00 -33.52 -32.16
N GLY A 537 -7.47 -34.18 -31.11
CA GLY A 537 -8.34 -34.92 -30.21
C GLY A 537 -9.23 -34.01 -29.39
N GLN A 538 -8.67 -32.92 -28.86
CA GLN A 538 -9.47 -31.98 -28.09
C GLN A 538 -10.45 -31.21 -28.97
N VAL A 539 -10.08 -30.95 -30.22
CA VAL A 539 -10.98 -30.26 -31.14
C VAL A 539 -12.21 -31.11 -31.41
N SER A 540 -12.01 -32.40 -31.73
CA SER A 540 -13.13 -33.28 -31.98
C SER A 540 -13.96 -33.49 -30.73
N ALA A 541 -13.35 -33.43 -29.55
CA ALA A 541 -14.09 -33.60 -28.31
C ALA A 541 -14.92 -32.36 -27.98
N MET A 542 -14.32 -31.18 -28.13
CA MET A 542 -15.05 -29.95 -27.81
C MET A 542 -16.16 -29.69 -28.82
N ASP A 543 -15.89 -29.90 -30.11
CA ASP A 543 -16.92 -29.68 -31.11
C ASP A 543 -18.08 -30.65 -30.94
N ALA A 544 -17.79 -31.88 -30.49
CA ALA A 544 -18.86 -32.85 -30.28
C ALA A 544 -19.68 -32.49 -29.04
N ASN A 545 -19.03 -32.00 -27.98
CA ASN A 545 -19.75 -31.63 -26.77
C ASN A 545 -20.61 -30.40 -26.98
N HIS A 546 -20.10 -29.41 -27.72
CA HIS A 546 -20.90 -28.24 -28.04
C HIS A 546 -22.02 -28.59 -29.02
N PHE A 547 -21.75 -29.48 -29.97
CA PHE A 547 -22.79 -29.95 -30.87
C PHE A 547 -23.95 -30.56 -30.10
N ALA A 548 -23.66 -31.22 -28.98
CA ALA A 548 -24.73 -31.77 -28.15
C ALA A 548 -25.53 -30.66 -27.48
N ILE A 549 -24.85 -29.61 -27.01
CA ILE A 549 -25.55 -28.52 -26.36
C ILE A 549 -26.41 -27.74 -27.35
N GLU A 550 -25.87 -27.50 -28.55
CA GLU A 550 -26.58 -26.68 -29.52
C GLU A 550 -27.85 -27.36 -30.01
N GLY A 551 -27.91 -28.68 -29.95
CA GLY A 551 -29.08 -29.44 -30.34
C GLY A 551 -29.90 -29.99 -29.20
N SER A 552 -29.60 -29.62 -27.96
CA SER A 552 -30.31 -30.13 -26.80
C SER A 552 -31.57 -29.35 -26.46
N THR A 553 -31.88 -28.30 -27.23
CA THR A 553 -33.03 -27.43 -26.96
C THR A 553 -32.99 -26.86 -25.55
N ALA A 554 -31.78 -26.66 -25.03
CA ALA A 554 -31.59 -26.09 -23.71
C ALA A 554 -31.58 -24.57 -23.80
N ASN A 555 -31.45 -23.91 -22.64
CA ASN A 555 -31.45 -22.47 -22.57
C ASN A 555 -30.05 -21.88 -22.42
N GLY A 556 -29.03 -22.71 -22.35
CA GLY A 556 -27.67 -22.21 -22.26
C GLY A 556 -26.78 -23.18 -21.51
N PHE A 557 -25.52 -22.79 -21.39
CA PHE A 557 -24.51 -23.62 -20.76
C PHE A 557 -23.39 -22.73 -20.26
N THR A 558 -22.55 -23.30 -19.39
CA THR A 558 -21.30 -22.67 -18.97
C THR A 558 -20.23 -23.75 -19.02
N LEU A 559 -19.32 -23.65 -19.98
CA LEU A 559 -18.21 -24.60 -20.10
C LEU A 559 -17.47 -24.70 -18.77
N TRP A 560 -17.17 -25.92 -18.37
CA TRP A 560 -16.52 -26.09 -17.08
C TRP A 560 -15.07 -25.61 -17.12
N LEU A 561 -14.89 -24.36 -16.68
CA LEU A 561 -13.68 -23.88 -16.01
C LEU A 561 -12.75 -23.04 -16.89
N TYR A 562 -12.63 -21.77 -16.52
CA TYR A 562 -11.65 -20.83 -17.05
C TYR A 562 -10.68 -20.50 -15.92
N THR A 563 -9.43 -20.93 -16.06
CA THR A 563 -8.41 -20.69 -15.06
C THR A 563 -7.37 -19.71 -15.59
N THR A 564 -7.12 -18.66 -14.82
CA THR A 564 -6.15 -17.65 -15.22
C THR A 564 -4.71 -18.09 -14.97
N SER A 565 -4.50 -19.10 -14.13
CA SER A 565 -3.16 -19.61 -13.82
C SER A 565 -2.98 -21.04 -14.31
N ASN A 566 -3.79 -21.49 -15.25
CA ASN A 566 -3.67 -22.84 -15.78
C ASN A 566 -2.37 -22.97 -16.58
N ASN A 567 -1.64 -24.06 -16.34
CA ASN A 567 -0.39 -24.33 -17.02
C ASN A 567 -0.38 -25.77 -17.50
N HIS A 568 0.65 -26.11 -18.28
CA HIS A 568 0.78 -27.46 -18.81
C HIS A 568 1.29 -28.45 -17.77
N GLU A 569 1.96 -27.96 -16.71
CA GLU A 569 2.55 -28.86 -15.74
C GLU A 569 1.53 -29.33 -14.71
N TRP A 570 0.80 -28.39 -14.11
CA TRP A 570 -0.15 -28.71 -13.05
C TRP A 570 -1.60 -28.72 -13.51
N GLY A 571 -1.86 -28.44 -14.79
CA GLY A 571 -3.21 -28.34 -15.29
C GLY A 571 -3.97 -27.20 -14.65
N ASP A 572 -5.08 -27.51 -13.99
CA ASP A 572 -5.88 -26.50 -13.31
C ASP A 572 -5.35 -26.14 -11.93
N ASN A 573 -4.15 -26.61 -11.59
CA ASN A 573 -3.57 -26.43 -10.25
C ASN A 573 -4.53 -26.96 -9.17
N TRP A 574 -5.26 -28.01 -9.50
CA TRP A 574 -6.27 -28.55 -8.58
C TRP A 574 -6.55 -30.00 -8.96
N ASN A 575 -6.04 -30.92 -8.13
CA ASN A 575 -6.34 -32.35 -8.25
C ASN A 575 -5.91 -32.91 -9.60
N GLY A 576 -4.78 -32.42 -10.12
CA GLY A 576 -4.20 -32.94 -11.35
C GLY A 576 -5.08 -32.84 -12.58
N GLU A 577 -6.19 -32.10 -12.46
CA GLU A 577 -7.09 -31.93 -13.59
C GLU A 577 -6.59 -30.83 -14.52
N ASP A 578 -6.96 -30.95 -15.80
CA ASP A 578 -6.56 -30.00 -16.83
C ASP A 578 -7.76 -29.80 -17.75
N LEU A 579 -8.70 -28.95 -17.32
CA LEU A 579 -9.95 -28.72 -18.03
C LEU A 579 -10.11 -27.28 -18.51
N SER A 580 -9.15 -26.40 -18.24
CA SER A 580 -9.27 -25.00 -18.59
C SER A 580 -9.07 -24.78 -20.09
N ILE A 581 -9.92 -23.95 -20.68
CA ILE A 581 -9.75 -23.60 -22.08
C ILE A 581 -8.66 -22.56 -22.28
N TYR A 582 -8.26 -21.86 -21.21
CA TYR A 582 -7.21 -20.86 -21.28
C TYR A 582 -5.97 -21.35 -20.55
N SER A 583 -4.81 -21.09 -21.14
CA SER A 583 -3.54 -21.50 -20.56
C SER A 583 -2.52 -20.40 -20.78
N VAL A 584 -1.65 -20.21 -19.78
CA VAL A 584 -0.55 -19.26 -19.92
C VAL A 584 0.54 -19.76 -20.85
N ASP A 585 0.49 -21.04 -21.23
CA ASP A 585 1.51 -21.64 -22.08
C ASP A 585 1.05 -21.88 -23.51
N ASP A 586 -0.21 -21.58 -23.82
CA ASP A 586 -0.76 -21.80 -25.15
C ASP A 586 -1.04 -20.48 -25.85
N LEU A 587 -1.06 -20.52 -27.17
CA LEU A 587 -1.28 -19.33 -27.98
C LEU A 587 -2.76 -18.99 -28.05
N GLU A 588 -3.04 -17.72 -28.32
CA GLU A 588 -4.41 -17.24 -28.48
C GLU A 588 -4.80 -17.24 -29.95
N LEU A 589 -6.10 -17.06 -30.19
CA LEU A 589 -6.59 -16.98 -31.56
C LEU A 589 -6.44 -15.56 -32.08
N PRO A 590 -5.86 -15.37 -33.28
CA PRO A 590 -5.70 -14.04 -33.89
C PRO A 590 -7.04 -13.43 -34.33
N LYS A 647 5.85 -24.90 -32.15
CA LYS A 647 5.23 -26.16 -31.76
C LYS A 647 4.06 -25.91 -30.80
N LEU A 648 3.84 -24.64 -30.46
CA LEU A 648 2.74 -24.28 -29.56
C LEU A 648 1.44 -24.21 -30.34
N GLY A 649 0.41 -24.86 -29.81
CA GLY A 649 -0.90 -24.88 -30.42
C GLY A 649 -1.80 -23.77 -29.90
N PHE A 650 -3.09 -23.92 -30.17
CA PHE A 650 -4.09 -22.94 -29.75
C PHE A 650 -5.04 -23.49 -28.69
N ARG A 651 -4.71 -24.65 -28.10
CA ARG A 651 -5.52 -25.25 -27.05
C ARG A 651 -6.95 -25.52 -27.52
N ALA A 652 -7.07 -25.96 -28.79
CA ALA A 652 -8.37 -26.27 -29.39
C ALA A 652 -9.32 -25.07 -29.30
N ALA A 653 -8.77 -23.86 -29.35
CA ALA A 653 -9.61 -22.67 -29.25
C ALA A 653 -10.57 -22.57 -30.42
N GLU A 654 -10.17 -23.03 -31.60
CA GLU A 654 -11.06 -23.01 -32.77
C GLU A 654 -12.28 -23.89 -32.59
N ALA A 655 -12.35 -24.67 -31.51
CA ALA A 655 -13.48 -25.56 -31.26
C ALA A 655 -14.51 -24.98 -30.29
N TRP A 656 -14.09 -24.13 -29.35
CA TRP A 656 -15.02 -23.55 -28.38
C TRP A 656 -15.26 -22.07 -28.60
N VAL A 657 -14.65 -21.45 -29.61
CA VAL A 657 -15.04 -20.11 -30.05
C VAL A 657 -16.04 -20.31 -31.19
N ARG A 658 -17.32 -20.31 -30.85
CA ARG A 658 -18.35 -20.68 -31.81
C ARG A 658 -19.34 -19.54 -32.01
N PRO A 659 -19.88 -19.42 -33.22
CA PRO A 659 -21.04 -18.52 -33.40
C PRO A 659 -22.25 -19.07 -32.65
N SER A 660 -22.99 -18.15 -32.02
CA SER A 660 -24.09 -18.55 -31.17
C SER A 660 -25.07 -17.40 -31.07
N PRO A 661 -26.35 -17.69 -30.84
CA PRO A 661 -27.32 -16.60 -30.63
C PRO A 661 -27.09 -15.92 -29.29
N ILE A 662 -27.16 -14.59 -29.28
CA ILE A 662 -27.08 -13.83 -28.05
C ILE A 662 -28.50 -13.52 -27.59
N ILE A 663 -29.25 -12.81 -28.42
CA ILE A 663 -30.65 -12.49 -28.16
C ILE A 663 -31.43 -12.71 -29.46
N THR A 664 -32.60 -13.33 -29.34
CA THR A 664 -33.37 -13.77 -30.50
C THR A 664 -34.77 -13.17 -30.48
N ASN A 665 -35.19 -12.62 -31.62
CA ASN A 665 -36.53 -12.09 -31.81
C ASN A 665 -37.48 -13.26 -32.08
N GLY A 666 -37.85 -13.95 -31.00
CA GLY A 666 -38.76 -15.07 -31.08
C GLY A 666 -38.16 -16.29 -30.44
N GLN A 667 -38.72 -17.46 -30.77
CA GLN A 667 -38.30 -18.72 -30.20
C GLN A 667 -37.31 -19.41 -31.14
N ILE A 668 -36.17 -19.81 -30.59
CA ILE A 668 -35.16 -20.51 -31.37
C ILE A 668 -35.64 -21.93 -31.64
N LEU A 669 -35.78 -22.28 -32.92
CA LEU A 669 -36.20 -23.63 -33.31
C LEU A 669 -35.02 -24.59 -33.37
N GLN A 670 -33.92 -24.18 -34.00
CA GLN A 670 -32.73 -25.01 -34.09
C GLN A 670 -31.57 -24.14 -34.55
N TYR A 671 -30.40 -24.37 -33.95
CA TYR A 671 -29.18 -23.70 -34.37
C TYR A 671 -28.01 -24.63 -34.11
N GLY A 672 -26.86 -24.27 -34.70
CA GLY A 672 -25.66 -25.08 -34.53
C GLY A 672 -24.52 -24.50 -35.33
N PHE A 673 -23.34 -25.06 -35.09
CA PHE A 673 -22.12 -24.65 -35.77
C PHE A 673 -21.40 -25.90 -36.27
N ASP A 674 -21.27 -26.01 -37.59
CA ASP A 674 -20.52 -27.10 -38.22
C ASP A 674 -19.08 -26.63 -38.34
N LEU A 675 -18.23 -27.10 -37.43
CA LEU A 675 -16.83 -26.65 -37.41
C LEU A 675 -16.08 -27.10 -38.66
N LYS A 676 -16.45 -28.24 -39.24
CA LYS A 676 -15.74 -28.73 -40.41
C LYS A 676 -15.94 -27.83 -41.62
N SER A 677 -17.21 -27.52 -41.94
CA SER A 677 -17.51 -26.66 -43.08
C SER A 677 -17.55 -25.19 -42.72
N CYS A 678 -17.43 -24.84 -41.43
CA CYS A 678 -17.47 -23.46 -40.96
C CYS A 678 -18.76 -22.77 -41.42
N VAL A 679 -19.88 -23.34 -41.00
CA VAL A 679 -21.20 -22.87 -41.40
C VAL A 679 -22.07 -22.77 -40.14
N PHE A 680 -22.57 -21.57 -39.88
CA PHE A 680 -23.54 -21.34 -38.80
C PHE A 680 -24.93 -21.24 -39.40
N SER A 681 -25.89 -21.92 -38.77
CA SER A 681 -27.28 -21.90 -39.21
C SER A 681 -28.18 -21.82 -37.99
N MET A 682 -29.24 -21.03 -38.11
CA MET A 682 -30.24 -20.92 -37.05
C MET A 682 -31.62 -20.72 -37.66
N ARG A 683 -32.57 -21.51 -37.20
CA ARG A 683 -33.97 -21.39 -37.59
C ARG A 683 -34.79 -20.99 -36.37
N LEU A 684 -35.71 -20.06 -36.57
CA LEU A 684 -36.49 -19.50 -35.47
C LEU A 684 -37.93 -19.29 -35.91
N LEU A 685 -38.77 -18.98 -34.92
CA LEU A 685 -40.17 -18.60 -35.15
C LEU A 685 -40.31 -17.14 -34.80
N GLY A 686 -40.38 -16.29 -35.83
CA GLY A 686 -40.36 -14.85 -35.60
C GLY A 686 -41.62 -14.34 -34.96
N GLU A 687 -41.48 -13.23 -34.25
CA GLU A 687 -42.59 -12.53 -33.61
C GLU A 687 -42.72 -11.14 -34.20
N LYS A 688 -43.91 -10.56 -34.02
CA LYS A 688 -44.18 -9.23 -34.54
C LYS A 688 -43.47 -8.18 -33.69
N LYS A 689 -42.97 -7.14 -34.36
CA LYS A 689 -42.26 -6.06 -33.68
C LYS A 689 -43.22 -5.15 -32.92
N ALA A 695 -36.70 -4.87 -32.14
CA ALA A 695 -36.74 -6.31 -31.89
C ALA A 695 -35.94 -7.08 -32.93
N ALA A 696 -34.67 -7.33 -32.62
CA ALA A 696 -33.74 -7.96 -33.55
C ALA A 696 -33.29 -9.32 -33.04
N THR A 697 -32.58 -10.03 -33.91
CA THR A 697 -31.88 -11.26 -33.55
C THR A 697 -30.39 -10.96 -33.61
N GLU A 698 -29.72 -10.99 -32.46
CA GLU A 698 -28.32 -10.61 -32.34
C GLU A 698 -27.48 -11.86 -32.12
N ILE A 699 -26.49 -12.04 -32.99
CA ILE A 699 -25.71 -13.28 -33.06
C ILE A 699 -24.23 -12.93 -32.98
N PHE A 700 -23.47 -13.75 -32.25
CA PHE A 700 -22.03 -13.58 -32.16
C PHE A 700 -21.35 -14.29 -33.32
N LEU A 701 -20.38 -13.62 -33.94
CA LEU A 701 -19.59 -14.18 -35.04
C LEU A 701 -18.11 -14.05 -34.72
N PRO A 702 -17.39 -15.16 -34.53
CA PRO A 702 -15.96 -15.05 -34.20
C PRO A 702 -15.17 -14.43 -35.35
N ASP A 703 -14.16 -13.65 -34.99
CA ASP A 703 -13.29 -13.05 -35.99
C ASP A 703 -12.47 -14.13 -36.72
N PHE A 704 -12.06 -15.17 -36.00
CA PHE A 704 -11.26 -16.23 -36.59
C PHE A 704 -12.05 -16.98 -37.67
N HIS A 705 -13.21 -17.52 -37.30
CA HIS A 705 -13.98 -18.31 -38.25
C HIS A 705 -14.64 -17.44 -39.31
N PHE A 706 -15.08 -16.23 -38.94
CA PHE A 706 -15.87 -15.37 -39.82
C PHE A 706 -15.17 -14.02 -40.00
N PRO A 707 -14.20 -13.94 -40.90
CA PRO A 707 -13.68 -12.62 -41.30
C PRO A 707 -14.73 -11.86 -42.10
N ASP A 708 -14.75 -10.53 -41.90
CA ASP A 708 -15.77 -9.71 -42.56
C ASP A 708 -15.62 -9.74 -44.08
N THR A 709 -14.40 -9.97 -44.59
CA THR A 709 -14.18 -9.99 -46.02
C THR A 709 -14.69 -11.27 -46.67
N HIS A 710 -14.71 -12.38 -45.92
CA HIS A 710 -15.06 -13.69 -46.47
C HIS A 710 -16.32 -14.28 -45.85
N THR A 711 -17.01 -13.53 -44.98
CA THR A 711 -18.26 -14.02 -44.41
C THR A 711 -19.39 -13.83 -45.41
N VAL A 712 -20.12 -14.91 -45.66
CA VAL A 712 -21.25 -14.91 -46.60
C VAL A 712 -22.52 -15.15 -45.79
N VAL A 713 -23.46 -14.22 -45.86
CA VAL A 713 -24.71 -14.27 -45.11
C VAL A 713 -25.87 -14.48 -46.07
N ALA A 714 -26.81 -15.33 -45.68
CA ALA A 714 -27.99 -15.61 -46.48
C ALA A 714 -29.19 -15.79 -45.54
N VAL A 715 -30.29 -15.11 -45.85
CA VAL A 715 -31.48 -15.15 -45.01
C VAL A 715 -32.67 -15.56 -45.86
N SER A 716 -33.63 -16.23 -45.22
CA SER A 716 -34.85 -16.63 -45.90
C SER A 716 -35.86 -15.50 -45.99
N ALA A 717 -35.74 -14.48 -45.12
CA ALA A 717 -36.63 -13.32 -45.15
C ALA A 717 -36.01 -12.22 -44.32
N GLY A 718 -36.25 -10.98 -44.73
CA GLY A 718 -35.78 -9.83 -43.99
C GLY A 718 -34.44 -9.31 -44.48
N GLU A 719 -33.79 -8.54 -43.61
CA GLU A 719 -32.52 -7.90 -43.91
C GLU A 719 -31.55 -8.12 -42.76
N TRP A 720 -30.27 -7.92 -43.03
CA TRP A 720 -29.22 -8.17 -42.05
C TRP A 720 -28.11 -7.15 -42.21
N THR A 721 -27.46 -6.84 -41.09
CA THR A 721 -26.26 -6.00 -41.08
C THR A 721 -25.26 -6.60 -40.11
N ILE A 722 -24.00 -6.25 -40.30
CA ILE A 722 -22.89 -6.73 -39.48
C ILE A 722 -22.15 -5.52 -38.92
N ASP A 723 -21.97 -5.48 -37.60
CA ASP A 723 -21.30 -4.38 -36.93
C ASP A 723 -20.24 -4.93 -35.98
N TYR A 724 -19.49 -4.02 -35.36
CA TYR A 724 -18.47 -4.36 -34.37
C TYR A 724 -18.73 -3.54 -33.11
N PRO A 725 -19.70 -3.96 -32.28
CA PRO A 725 -20.00 -3.20 -31.07
C PRO A 725 -18.81 -3.19 -30.11
N GLU A 726 -18.69 -2.09 -29.38
CA GLU A 726 -17.58 -1.88 -28.46
C GLU A 726 -18.12 -1.80 -27.03
N ILE A 727 -17.60 -2.65 -26.15
CA ILE A 727 -17.97 -2.66 -24.74
C ILE A 727 -16.67 -2.53 -23.96
N HIS A 728 -16.32 -1.30 -23.59
CA HIS A 728 -15.05 -0.99 -22.91
C HIS A 728 -13.86 -1.47 -23.74
N SER A 729 -13.75 -0.90 -24.95
CA SER A 729 -12.66 -1.14 -25.89
C SER A 729 -12.65 -2.58 -26.42
N VAL A 730 -13.49 -3.45 -25.86
CA VAL A 730 -13.55 -4.84 -26.31
C VAL A 730 -14.34 -4.89 -27.61
N LYS A 731 -13.78 -5.58 -28.61
CA LYS A 731 -14.36 -5.65 -29.94
C LYS A 731 -14.77 -7.09 -30.25
N PHE A 732 -15.97 -7.24 -30.80
CA PHE A 732 -16.41 -8.52 -31.33
C PHE A 732 -17.44 -8.28 -32.43
N GLN A 733 -17.32 -9.02 -33.52
CA GLN A 733 -18.24 -8.86 -34.63
C GLN A 733 -19.60 -9.43 -34.27
N ARG A 734 -20.66 -8.69 -34.58
CA ARG A 734 -22.02 -9.11 -34.30
C ARG A 734 -22.89 -8.90 -35.53
N LEU A 735 -23.77 -9.86 -35.79
CA LEU A 735 -24.72 -9.79 -36.89
C LEU A 735 -26.13 -9.62 -36.34
N ARG A 736 -26.86 -8.66 -36.87
CA ARG A 736 -28.26 -8.44 -36.51
C ARG A 736 -29.14 -8.75 -37.71
N TRP A 737 -30.16 -9.57 -37.49
CA TRP A 737 -31.03 -10.06 -38.57
C TRP A 737 -32.47 -9.69 -38.23
N TRP A 738 -33.01 -8.72 -38.97
CA TRP A 738 -34.39 -8.28 -38.81
C TRP A 738 -35.27 -9.02 -39.80
N HIS A 739 -36.21 -9.80 -39.29
CA HIS A 739 -37.08 -10.66 -40.07
C HIS A 739 -38.53 -10.40 -39.68
N PRO A 740 -39.47 -10.68 -40.58
CA PRO A 740 -40.89 -10.57 -40.23
C PRO A 740 -41.33 -11.75 -39.37
N GLU A 741 -42.60 -11.73 -38.98
CA GLU A 741 -43.15 -12.77 -38.13
C GLU A 741 -43.43 -14.03 -38.94
N GLY A 742 -43.03 -15.19 -38.40
CA GLY A 742 -43.28 -16.46 -39.03
C GLY A 742 -42.04 -17.33 -39.03
N ASP A 743 -42.03 -18.33 -39.91
CA ASP A 743 -40.94 -19.28 -39.99
C ASP A 743 -39.83 -18.72 -40.88
N HIS A 744 -38.63 -18.57 -40.31
CA HIS A 744 -37.49 -18.07 -41.06
C HIS A 744 -36.23 -18.76 -40.54
N ASN A 745 -35.18 -18.71 -41.34
CA ASN A 745 -33.91 -19.32 -40.97
C ASN A 745 -32.77 -18.60 -41.68
N ILE A 746 -31.56 -18.81 -41.18
CA ILE A 746 -30.37 -18.13 -41.67
C ILE A 746 -29.25 -19.15 -41.81
N LYS A 747 -28.36 -18.89 -42.76
CA LYS A 747 -27.16 -19.71 -42.95
C LYS A 747 -25.97 -18.80 -43.19
N ILE A 748 -24.99 -18.87 -42.28
CA ILE A 748 -23.80 -18.02 -42.33
C ILE A 748 -22.59 -18.90 -42.55
N GLN A 749 -21.87 -18.66 -43.64
CA GLN A 749 -20.72 -19.46 -44.01
C GLN A 749 -19.44 -18.64 -43.90
N GLY A 750 -18.40 -19.23 -43.33
CA GLY A 750 -17.13 -18.55 -43.18
C GLY A 750 -16.02 -19.18 -44.00
N VAL A 751 -14.84 -19.30 -43.41
CA VAL A 751 -13.66 -19.83 -44.09
C VAL A 751 -13.38 -21.23 -43.55
N LYS A 752 -13.28 -22.21 -44.45
CA LYS A 752 -12.93 -23.56 -44.06
C LYS A 752 -11.43 -23.66 -43.79
N ARG A 753 -11.06 -24.44 -42.78
CA ARG A 753 -9.67 -24.63 -42.41
C ARG A 753 -9.42 -26.11 -42.13
N LYS A 754 -8.16 -26.50 -42.27
CA LYS A 754 -7.76 -27.89 -42.10
C LYS A 754 -7.41 -28.20 -40.65
N VAL B 23 24.13 11.78 8.62
CA VAL B 23 25.51 11.45 8.97
C VAL B 23 25.66 9.95 9.15
N LEU B 24 26.76 9.40 8.63
CA LEU B 24 26.98 7.96 8.70
C LEU B 24 27.27 7.53 10.14
N ARG B 25 26.78 6.34 10.50
CA ARG B 25 27.01 5.80 11.84
C ARG B 25 28.32 5.04 11.94
N LEU B 26 28.86 4.57 10.83
CA LEU B 26 30.15 3.88 10.80
C LEU B 26 30.86 4.22 9.49
N ARG B 27 32.10 4.70 9.60
CA ARG B 27 32.90 5.02 8.44
C ARG B 27 34.30 4.48 8.63
N VAL B 28 35.00 4.28 7.52
CA VAL B 28 36.39 3.86 7.53
C VAL B 28 37.27 5.10 7.49
N ASP B 29 38.15 5.25 8.49
CA ASP B 29 39.02 6.41 8.62
C ASP B 29 40.41 5.92 9.04
N GLY B 30 41.07 5.20 8.14
CA GLY B 30 42.36 4.60 8.45
C GLY B 30 42.19 3.18 8.94
N GLN B 31 42.86 2.84 10.04
CA GLN B 31 42.79 1.51 10.62
C GLN B 31 41.61 1.33 11.57
N THR B 32 40.70 2.30 11.65
CA THR B 32 39.64 2.28 12.63
C THR B 32 38.29 2.55 11.99
N PHE B 33 37.24 2.04 12.63
CA PHE B 33 35.86 2.40 12.33
C PHE B 33 35.41 3.44 13.35
N ARG B 34 34.78 4.51 12.87
CA ARG B 34 34.40 5.61 13.73
C ARG B 34 32.93 5.94 13.58
N ASP B 35 32.33 6.36 14.69
CA ASP B 35 30.91 6.68 14.82
C ASP B 35 30.72 8.17 14.55
N PRO B 36 29.49 8.73 14.68
CA PRO B 36 29.34 10.17 14.49
C PRO B 36 30.24 11.05 15.36
N ASP B 37 30.63 10.58 16.54
CA ASP B 37 31.40 11.41 17.48
C ASP B 37 32.89 11.10 17.45
N ASN B 38 33.40 10.63 16.31
CA ASN B 38 34.83 10.46 16.03
C ASN B 38 35.51 9.43 16.92
N ARG B 39 34.77 8.69 17.74
CA ARG B 39 35.37 7.68 18.58
C ARG B 39 35.35 6.31 17.89
N GLU B 40 36.27 5.45 18.28
CA GLU B 40 36.51 4.19 17.57
C GLU B 40 35.51 3.12 17.96
N ILE B 41 35.09 2.34 16.96
CA ILE B 41 34.12 1.26 17.13
C ILE B 41 34.85 -0.07 17.01
N THR B 42 34.50 -1.01 17.88
CA THR B 42 35.03 -2.37 17.85
C THR B 42 33.91 -3.32 17.43
N LEU B 43 34.17 -4.09 16.36
CA LEU B 43 33.13 -4.92 15.74
C LEU B 43 33.23 -6.35 16.26
N ARG B 44 32.63 -6.58 17.43
CA ARG B 44 32.53 -7.94 17.98
C ARG B 44 31.29 -8.59 17.39
N GLY B 45 31.49 -9.48 16.41
CA GLY B 45 30.37 -10.03 15.68
C GLY B 45 30.29 -11.54 15.62
N ILE B 46 29.45 -12.05 14.71
CA ILE B 46 29.20 -13.50 14.61
C ILE B 46 28.67 -13.78 13.21
N ASN B 47 28.92 -14.99 12.73
CA ASN B 47 28.41 -15.43 11.43
C ASN B 47 27.01 -16.00 11.59
N VAL B 48 26.08 -15.47 10.79
CA VAL B 48 24.68 -15.88 10.82
C VAL B 48 24.15 -15.85 9.39
N ALA B 49 23.68 -16.99 8.89
CA ALA B 49 23.74 -18.27 9.59
C ALA B 49 24.12 -19.37 8.61
N GLY B 50 24.56 -20.51 9.13
CA GLY B 50 24.98 -21.62 8.30
C GLY B 50 23.85 -22.37 7.62
N GLU B 51 22.60 -22.08 7.99
CA GLU B 51 21.45 -22.70 7.36
C GLU B 51 21.13 -22.09 5.99
N ALA B 52 21.76 -20.96 5.65
CA ALA B 52 21.64 -20.40 4.31
C ALA B 52 22.41 -21.20 3.27
N LYS B 53 23.13 -22.25 3.70
CA LYS B 53 23.87 -23.09 2.76
C LYS B 53 22.98 -24.09 2.06
N TYR B 54 21.92 -24.55 2.72
CA TYR B 54 21.07 -25.63 2.23
C TYR B 54 19.60 -25.21 2.28
N PRO B 55 18.77 -25.81 1.44
CA PRO B 55 17.38 -25.35 1.33
C PRO B 55 16.51 -25.81 2.49
N LYS B 56 15.40 -25.08 2.66
CA LYS B 56 14.31 -25.46 3.55
C LYS B 56 13.09 -25.97 2.81
N LYS B 57 12.88 -25.52 1.57
CA LYS B 57 11.79 -26.01 0.72
C LYS B 57 12.38 -26.39 -0.64
N PRO B 58 12.74 -27.66 -0.84
CA PRO B 58 12.65 -28.74 0.16
C PRO B 58 13.81 -28.72 1.15
N ASP B 59 13.54 -29.10 2.40
CA ASP B 59 14.57 -29.07 3.44
C ASP B 59 15.61 -30.16 3.18
N ILE B 60 16.68 -29.78 2.50
CA ILE B 60 17.75 -30.72 2.17
C ILE B 60 19.03 -30.30 2.89
N PRO B 61 19.24 -30.72 4.13
CA PRO B 61 20.57 -30.54 4.74
C PRO B 61 21.58 -31.42 4.04
N SER B 62 22.80 -31.51 4.58
CA SER B 62 23.83 -32.30 3.91
C SER B 62 23.50 -33.79 3.89
N TYR B 63 22.69 -34.28 4.83
CA TYR B 63 22.49 -35.71 4.99
C TYR B 63 21.20 -36.25 4.35
N VAL B 64 20.31 -35.39 3.89
CA VAL B 64 19.04 -35.82 3.31
C VAL B 64 19.20 -35.98 1.80
N SER B 65 18.96 -37.20 1.31
CA SER B 65 19.26 -37.53 -0.08
C SER B 65 18.12 -37.28 -1.04
N ASP B 66 16.87 -37.45 -0.60
CA ASP B 66 15.73 -37.34 -1.50
C ASP B 66 15.50 -35.89 -1.90
N GLY B 67 15.53 -35.62 -3.20
CA GLY B 67 15.34 -34.29 -3.73
C GLY B 67 16.61 -33.50 -3.95
N PHE B 68 17.76 -34.08 -3.64
CA PHE B 68 19.03 -33.33 -3.74
C PHE B 68 19.39 -33.03 -5.18
N PHE B 69 19.12 -33.95 -6.10
CA PHE B 69 19.47 -33.73 -7.50
C PHE B 69 18.55 -32.74 -8.19
N ASP B 70 17.33 -32.56 -7.69
CA ASP B 70 16.44 -31.56 -8.28
C ASP B 70 17.03 -30.17 -8.06
N ALA B 71 17.89 -29.74 -8.97
CA ALA B 71 18.40 -28.38 -8.96
C ALA B 71 17.27 -27.40 -9.17
N ASP B 72 17.06 -27.00 -10.43
CA ASP B 72 15.86 -26.34 -10.90
C ASP B 72 15.26 -25.34 -9.94
N ASN B 73 14.25 -25.78 -9.19
CA ASN B 73 13.42 -24.91 -8.34
C ASN B 73 13.72 -25.22 -6.88
N VAL B 74 14.30 -24.24 -6.19
CA VAL B 74 14.56 -24.33 -4.76
C VAL B 74 13.99 -23.10 -4.08
N SER B 75 14.05 -23.10 -2.74
CA SER B 75 13.50 -22.00 -1.96
C SER B 75 14.34 -21.86 -0.69
N PHE B 76 15.35 -21.01 -0.75
CA PHE B 76 15.93 -20.47 0.47
C PHE B 76 15.01 -19.43 1.11
N VAL B 77 13.83 -19.24 0.56
CA VAL B 77 12.74 -18.45 1.15
C VAL B 77 12.58 -18.85 2.61
N GLY B 78 12.85 -17.92 3.53
CA GLY B 78 12.69 -18.15 4.95
C GLY B 78 13.82 -18.91 5.61
N ARG B 79 14.81 -19.39 4.86
CA ARG B 79 15.85 -20.18 5.52
C ARG B 79 17.15 -19.41 5.72
N PRO B 80 17.09 -18.21 6.25
CA PRO B 80 17.94 -17.91 7.40
C PRO B 80 17.22 -18.43 8.63
N PHE B 81 16.06 -17.86 8.89
CA PHE B 81 15.07 -18.35 9.86
C PHE B 81 13.83 -17.47 9.74
N SER B 82 12.74 -17.93 10.37
CA SER B 82 11.45 -17.30 10.18
C SER B 82 11.40 -15.89 10.77
N LEU B 83 10.60 -15.03 10.15
CA LEU B 83 10.48 -13.64 10.60
C LEU B 83 9.86 -13.55 11.99
N ASP B 84 9.04 -14.54 12.37
CA ASP B 84 8.50 -14.56 13.72
C ASP B 84 9.59 -14.91 14.74
N ASP B 85 10.49 -15.81 14.37
CA ASP B 85 11.65 -16.13 15.21
C ASP B 85 12.78 -15.13 15.04
N ALA B 86 12.58 -14.06 14.27
CA ALA B 86 13.64 -13.08 14.06
C ALA B 86 13.99 -12.36 15.35
N HIS B 87 12.98 -11.88 16.08
CA HIS B 87 13.23 -11.17 17.33
C HIS B 87 13.75 -12.09 18.43
N THR B 88 13.55 -13.40 18.29
CA THR B 88 14.06 -14.32 19.31
C THR B 88 15.56 -14.50 19.20
N HIS B 89 16.06 -14.73 17.98
CA HIS B 89 17.49 -14.99 17.80
C HIS B 89 18.31 -13.70 17.77
N PHE B 90 17.75 -12.62 17.20
CA PHE B 90 18.47 -11.36 17.20
C PHE B 90 18.67 -10.82 18.61
N SER B 91 17.67 -11.03 19.48
CA SER B 91 17.82 -10.61 20.87
C SER B 91 18.84 -11.47 21.60
N ARG B 92 18.82 -12.78 21.34
CA ARG B 92 19.78 -13.68 21.98
C ARG B 92 21.21 -13.34 21.61
N LEU B 93 21.43 -12.82 20.39
CA LEU B 93 22.77 -12.41 19.99
C LEU B 93 23.16 -11.11 20.65
N ARG B 94 22.22 -10.16 20.78
CA ARG B 94 22.51 -8.94 21.52
C ARG B 94 22.67 -9.22 23.01
N LYS B 95 21.98 -10.24 23.52
CA LYS B 95 22.15 -10.63 24.91
C LYS B 95 23.57 -11.14 25.18
N TRP B 96 24.23 -11.67 24.16
CA TRP B 96 25.59 -12.16 24.27
C TRP B 96 26.64 -11.10 23.96
N GLY B 97 26.23 -9.87 23.68
CA GLY B 97 27.15 -8.76 23.55
C GLY B 97 27.75 -8.54 22.18
N TYR B 98 27.23 -9.19 21.14
CA TYR B 98 27.72 -8.99 19.78
C TYR B 98 27.05 -7.78 19.16
N ASN B 99 27.85 -6.99 18.42
CA ASN B 99 27.34 -5.80 17.76
C ASN B 99 27.46 -5.85 16.24
N THR B 100 28.01 -6.93 15.68
CA THR B 100 28.20 -7.05 14.24
C THR B 100 27.69 -8.41 13.79
N ILE B 101 27.31 -8.49 12.51
CA ILE B 101 26.83 -9.74 11.93
C ILE B 101 27.38 -9.88 10.52
N ARG B 102 27.97 -11.04 10.25
CA ARG B 102 28.39 -11.41 8.89
C ARG B 102 27.25 -12.20 8.26
N TYR B 103 26.37 -11.48 7.56
CA TYR B 103 25.17 -12.10 7.00
C TYR B 103 25.56 -13.06 5.88
N VAL B 104 25.19 -14.32 6.03
CA VAL B 104 25.56 -15.37 5.09
C VAL B 104 24.48 -15.52 4.04
N PHE B 105 24.88 -15.47 2.77
CA PHE B 105 23.98 -15.76 1.66
C PHE B 105 24.80 -16.38 0.53
N THR B 106 24.16 -17.22 -0.26
CA THR B 106 24.82 -17.96 -1.33
C THR B 106 24.40 -17.41 -2.69
N TRP B 107 25.25 -17.65 -3.69
CA TRP B 107 24.90 -17.32 -5.07
C TRP B 107 23.75 -18.19 -5.55
N GLU B 108 23.68 -19.44 -5.10
CA GLU B 108 22.55 -20.31 -5.42
C GLU B 108 21.24 -19.72 -4.91
N ALA B 109 21.31 -18.86 -3.88
CA ALA B 109 20.10 -18.24 -3.35
C ALA B 109 19.51 -17.24 -4.32
N ILE B 110 20.34 -16.59 -5.13
CA ILE B 110 19.89 -15.48 -5.96
C ILE B 110 19.39 -15.97 -7.32
N GLU B 111 20.11 -16.91 -7.94
CA GLU B 111 19.95 -17.24 -9.35
C GLU B 111 19.82 -18.76 -9.52
N HIS B 112 18.83 -19.34 -8.85
CA HIS B 112 18.71 -20.80 -8.83
C HIS B 112 17.97 -21.33 -10.03
N GLU B 113 16.95 -20.60 -10.51
CA GLU B 113 16.18 -21.06 -11.66
C GLU B 113 17.01 -21.16 -12.93
N GLY B 114 18.14 -20.45 -12.98
CA GLY B 114 18.98 -20.42 -14.16
C GLY B 114 19.63 -19.07 -14.34
N PRO B 115 20.47 -18.93 -15.35
CA PRO B 115 21.18 -17.66 -15.56
C PRO B 115 20.21 -16.54 -15.88
N GLY B 116 20.34 -15.43 -15.15
CA GLY B 116 19.48 -14.28 -15.33
C GLY B 116 18.12 -14.38 -14.68
N LYS B 117 17.84 -15.46 -13.94
CA LYS B 117 16.55 -15.67 -13.30
C LYS B 117 16.72 -15.42 -11.80
N TYR B 118 16.47 -14.18 -11.39
CA TYR B 118 16.64 -13.78 -10.00
C TYR B 118 15.33 -13.97 -9.23
N ASP B 119 15.45 -14.49 -8.01
CA ASP B 119 14.29 -14.73 -7.16
C ASP B 119 14.02 -13.46 -6.36
N ASP B 120 13.08 -12.64 -6.83
CA ASP B 120 12.79 -11.38 -6.16
C ASP B 120 12.12 -11.60 -4.81
N GLU B 121 11.39 -12.70 -4.65
CA GLU B 121 10.82 -13.02 -3.35
C GLU B 121 11.90 -13.30 -2.32
N TRP B 122 13.03 -13.89 -2.76
CA TRP B 122 14.12 -14.16 -1.83
C TRP B 122 14.79 -12.89 -1.37
N ILE B 123 14.89 -11.89 -2.25
CA ILE B 123 15.56 -10.64 -1.88
C ILE B 123 14.68 -9.83 -0.93
N SER B 124 13.39 -9.73 -1.22
CA SER B 124 12.49 -8.95 -0.39
C SER B 124 12.45 -9.48 1.05
N PHE B 125 12.55 -10.80 1.20
CA PHE B 125 12.60 -11.38 2.54
C PHE B 125 13.87 -10.96 3.28
N THR B 126 14.99 -10.88 2.56
CA THR B 126 16.24 -10.46 3.20
C THR B 126 16.15 -9.03 3.71
N ILE B 127 15.58 -8.13 2.91
CA ILE B 127 15.40 -6.76 3.35
C ILE B 127 14.50 -6.70 4.58
N GLU B 128 13.49 -7.57 4.64
CA GLU B 128 12.64 -7.64 5.82
C GLU B 128 13.42 -8.16 7.02
N VAL B 129 14.35 -9.09 6.81
CA VAL B 129 15.23 -9.52 7.89
C VAL B 129 16.18 -8.40 8.27
N LEU B 130 16.69 -7.66 7.29
CA LEU B 130 17.62 -6.57 7.57
C LEU B 130 16.94 -5.43 8.31
N ARG B 131 15.65 -5.22 8.08
CA ARG B 131 14.93 -4.14 8.77
C ARG B 131 14.69 -4.49 10.24
N ILE B 132 14.41 -5.76 10.53
CA ILE B 132 14.28 -6.19 11.92
C ILE B 132 15.62 -6.10 12.62
N ALA B 133 16.70 -6.46 11.93
CA ALA B 133 18.04 -6.35 12.51
C ALA B 133 18.43 -4.89 12.73
N LYS B 134 17.92 -3.98 11.91
CA LYS B 134 18.20 -2.56 12.10
C LYS B 134 17.65 -2.06 13.42
N GLN B 135 16.53 -2.62 13.88
CA GLN B 135 15.95 -2.24 15.16
C GLN B 135 16.83 -2.63 16.35
N TYR B 136 17.88 -3.40 16.14
CA TYR B 136 18.78 -3.83 17.20
C TYR B 136 20.10 -3.07 17.20
N GLY B 137 20.27 -2.09 16.31
CA GLY B 137 21.50 -1.33 16.25
C GLY B 137 22.69 -2.16 15.83
N PHE B 138 22.53 -2.91 14.74
CA PHE B 138 23.54 -3.86 14.28
C PHE B 138 24.54 -3.21 13.34
N TYR B 139 25.66 -3.91 13.13
CA TYR B 139 26.58 -3.67 12.04
C TYR B 139 26.55 -4.91 11.16
N VAL B 140 26.09 -4.76 9.91
CA VAL B 140 25.86 -5.90 9.03
C VAL B 140 26.56 -5.65 7.70
N PHE B 141 27.45 -6.56 7.32
CA PHE B 141 28.01 -6.61 5.99
C PHE B 141 27.70 -7.98 5.39
N LEU B 142 27.41 -8.00 4.10
CA LEU B 142 26.89 -9.19 3.44
C LEU B 142 28.02 -10.08 2.92
N ASP B 143 27.86 -11.39 3.10
CA ASP B 143 28.89 -12.36 2.76
C ASP B 143 28.38 -13.32 1.70
N PRO B 144 28.87 -13.26 0.47
CA PRO B 144 28.52 -14.26 -0.56
C PRO B 144 29.27 -15.58 -0.31
N HIS B 145 28.72 -16.37 0.62
CA HIS B 145 29.42 -17.55 1.10
C HIS B 145 29.39 -18.66 0.05
N GLN B 146 30.39 -19.55 0.13
CA GLN B 146 30.47 -20.70 -0.75
C GLN B 146 31.46 -21.69 -0.16
N ASP B 147 31.23 -22.97 -0.45
CA ASP B 147 32.15 -24.04 -0.07
C ASP B 147 32.26 -25.01 -1.23
N VAL B 148 33.50 -25.34 -1.60
CA VAL B 148 33.84 -26.15 -2.77
C VAL B 148 32.89 -25.88 -3.93
N TRP B 149 32.75 -24.59 -4.26
CA TRP B 149 31.96 -24.08 -5.37
C TRP B 149 30.46 -24.19 -5.11
N SER B 150 29.89 -25.39 -5.28
CA SER B 150 28.46 -25.59 -5.18
C SER B 150 28.13 -26.64 -4.13
N ARG B 151 26.87 -26.66 -3.69
CA ARG B 151 26.42 -27.68 -2.75
C ARG B 151 26.29 -29.04 -3.41
N LEU B 152 26.19 -29.09 -4.74
CA LEU B 152 26.24 -30.36 -5.44
C LEU B 152 27.66 -30.91 -5.53
N SER B 153 28.66 -30.15 -5.10
CA SER B 153 30.05 -30.59 -5.14
C SER B 153 30.66 -30.78 -3.76
N GLY B 154 29.84 -30.73 -2.71
CA GLY B 154 30.29 -31.07 -1.37
C GLY B 154 30.25 -29.96 -0.35
N GLY B 155 29.50 -28.89 -0.64
CA GLY B 155 29.43 -27.76 0.28
C GLY B 155 28.23 -26.87 0.07
N SER B 156 28.45 -25.70 -0.49
CA SER B 156 27.38 -24.73 -0.76
C SER B 156 27.96 -23.62 -1.63
N GLY B 157 27.09 -22.71 -2.06
CA GLY B 157 27.54 -21.55 -2.81
C GLY B 157 26.91 -21.41 -4.18
N ALA B 158 27.57 -21.98 -5.20
CA ALA B 158 27.13 -21.78 -6.57
C ALA B 158 25.85 -22.56 -6.85
N PRO B 159 24.97 -22.02 -7.70
CA PRO B 159 23.83 -22.79 -8.18
C PRO B 159 24.28 -23.91 -9.11
N ALA B 160 23.34 -24.80 -9.41
CA ALA B 160 23.70 -26.00 -10.15
C ALA B 160 23.89 -25.74 -11.64
N TRP B 161 23.23 -24.72 -12.19
CA TRP B 161 23.45 -24.40 -13.60
C TRP B 161 24.90 -24.02 -13.86
N THR B 162 25.62 -23.56 -12.85
CA THR B 162 27.05 -23.34 -13.00
C THR B 162 27.79 -24.63 -13.31
N LEU B 163 27.34 -25.75 -12.71
CA LEU B 163 27.97 -27.04 -12.98
C LEU B 163 27.57 -27.55 -14.35
N TYR B 164 26.32 -27.34 -14.76
CA TYR B 164 25.92 -27.70 -16.11
C TYR B 164 26.55 -26.78 -17.15
N ALA B 165 26.90 -25.55 -16.76
CA ALA B 165 27.58 -24.64 -17.68
C ALA B 165 28.93 -25.21 -18.11
N ALA B 166 29.63 -25.91 -17.22
CA ALA B 166 30.81 -26.68 -17.59
C ALA B 166 30.46 -28.07 -18.11
N GLY B 167 29.25 -28.56 -17.82
CA GLY B 167 28.74 -29.76 -18.44
C GLY B 167 29.33 -31.06 -17.94
N PHE B 168 28.88 -31.55 -16.78
CA PHE B 168 29.39 -32.80 -16.24
C PHE B 168 28.48 -33.40 -15.18
N ASP B 169 27.25 -32.84 -15.03
CA ASP B 169 26.11 -33.19 -14.17
C ASP B 169 26.43 -33.64 -12.76
N PRO B 170 25.43 -33.69 -11.86
CA PRO B 170 25.65 -34.35 -10.56
C PRO B 170 25.78 -35.85 -10.70
N ARG B 171 24.84 -36.60 -10.12
CA ARG B 171 24.67 -38.04 -10.27
C ARG B 171 25.98 -38.83 -10.42
N GLY B 172 26.74 -38.56 -11.48
CA GLY B 172 27.99 -39.25 -11.70
C GLY B 172 29.11 -38.91 -10.73
N PHE B 173 28.84 -38.06 -9.74
CA PHE B 173 29.87 -37.69 -8.78
C PHE B 173 30.24 -38.84 -7.85
N LYS B 174 29.28 -39.71 -7.53
CA LYS B 174 29.47 -40.68 -6.46
C LYS B 174 30.52 -41.71 -6.81
N LYS B 175 30.52 -42.21 -8.05
CA LYS B 175 31.36 -43.35 -8.42
C LYS B 175 32.73 -42.94 -8.93
N THR B 176 32.93 -41.68 -9.30
CA THR B 176 34.19 -41.24 -9.89
C THR B 176 35.08 -40.47 -8.93
N GLU B 177 34.60 -40.20 -7.71
CA GLU B 177 35.36 -39.47 -6.69
C GLU B 177 35.77 -38.08 -7.17
N ALA B 178 35.00 -37.50 -8.09
CA ALA B 178 35.19 -36.09 -8.42
C ALA B 178 34.78 -35.21 -7.25
N ALA B 179 33.54 -35.38 -6.77
CA ALA B 179 33.09 -34.90 -5.48
C ALA B 179 32.10 -35.91 -4.95
N LEU B 180 31.88 -35.89 -3.64
CA LEU B 180 31.00 -36.87 -3.03
C LEU B 180 29.70 -36.27 -2.52
N VAL B 181 29.78 -35.20 -1.72
CA VAL B 181 28.65 -34.61 -1.02
C VAL B 181 28.09 -35.60 -0.01
N GLN B 182 27.79 -35.11 1.20
CA GLN B 182 27.12 -35.94 2.19
C GLN B 182 25.76 -36.43 1.70
N ASN B 183 25.21 -35.79 0.67
CA ASN B 183 23.83 -36.05 0.25
C ASN B 183 23.70 -37.32 -0.57
N THR B 184 24.62 -37.57 -1.50
CA THR B 184 24.57 -38.80 -2.30
C THR B 184 25.65 -39.76 -1.82
N PHE B 185 25.43 -40.25 -0.59
CA PHE B 185 26.33 -41.17 0.07
C PHE B 185 25.51 -42.32 0.65
N ASP B 186 26.17 -43.46 0.86
CA ASP B 186 25.49 -44.66 1.32
C ASP B 186 24.87 -44.46 2.69
N ASP B 187 25.70 -44.19 3.69
CA ASP B 187 25.23 -43.98 5.06
C ASP B 187 25.64 -42.60 5.54
N PRO B 188 24.72 -41.63 5.63
CA PRO B 188 25.13 -40.27 6.03
C PRO B 188 25.76 -40.20 7.40
N ALA B 189 25.50 -41.16 8.28
CA ALA B 189 26.06 -41.12 9.63
C ALA B 189 27.53 -41.50 9.68
N GLU B 190 28.02 -42.26 8.71
CA GLU B 190 29.42 -42.69 8.66
C GLU B 190 30.22 -41.88 7.65
N PHE B 191 29.95 -40.59 7.55
CA PHE B 191 30.65 -39.72 6.62
C PHE B 191 32.01 -39.35 7.21
N PRO B 192 33.09 -39.40 6.43
CA PRO B 192 34.41 -39.03 6.97
C PRO B 192 34.42 -37.59 7.44
N LYS B 193 34.85 -37.40 8.68
CA LYS B 193 34.90 -36.06 9.26
C LYS B 193 35.88 -35.19 8.50
N MET B 194 35.45 -33.95 8.19
CA MET B 194 36.30 -32.96 7.53
C MET B 194 36.82 -33.45 6.19
N ILE B 195 36.02 -34.24 5.47
CA ILE B 195 36.36 -34.66 4.11
C ILE B 195 35.66 -33.80 3.06
N TRP B 196 34.70 -32.96 3.45
CA TRP B 196 34.10 -32.05 2.49
C TRP B 196 35.11 -31.02 2.00
N SER B 197 36.10 -30.68 2.83
CA SER B 197 37.04 -29.63 2.48
C SER B 197 38.05 -30.07 1.43
N THR B 198 38.26 -31.37 1.25
CA THR B 198 39.22 -31.85 0.28
C THR B 198 38.70 -31.84 -1.15
N ASN B 199 37.44 -31.46 -1.36
CA ASN B 199 36.90 -31.38 -2.71
C ASN B 199 37.59 -30.29 -3.53
N TYR B 200 38.20 -29.30 -2.86
CA TYR B 200 38.94 -28.26 -3.58
C TYR B 200 40.08 -28.85 -4.39
N THR B 201 40.73 -29.90 -3.87
CA THR B 201 41.82 -30.58 -4.56
C THR B 201 41.44 -32.00 -4.97
N ARG B 202 40.15 -32.22 -5.27
CA ARG B 202 39.66 -33.53 -5.63
C ARG B 202 39.55 -33.64 -7.16
N LEU B 203 38.62 -32.87 -7.75
CA LEU B 203 38.50 -32.80 -9.19
C LEU B 203 37.64 -31.63 -9.64
N VAL B 204 36.35 -31.63 -9.25
CA VAL B 204 35.41 -30.67 -9.81
C VAL B 204 35.75 -29.24 -9.39
N SER B 205 36.10 -29.05 -8.11
CA SER B 205 36.45 -27.71 -7.66
C SER B 205 37.75 -27.23 -8.29
N GLN B 206 38.66 -28.15 -8.61
CA GLN B 206 39.84 -27.78 -9.37
C GLN B 206 39.46 -27.27 -10.76
N THR B 207 38.34 -27.74 -11.31
CA THR B 207 37.89 -27.32 -12.63
C THR B 207 37.03 -26.05 -12.57
N MET B 208 36.07 -26.01 -11.65
CA MET B 208 35.14 -24.89 -11.60
C MET B 208 35.85 -23.58 -11.26
N PHE B 209 36.70 -23.61 -10.23
CA PHE B 209 37.41 -22.39 -9.85
C PHE B 209 38.43 -21.97 -10.90
N THR B 210 39.03 -22.94 -11.59
CA THR B 210 39.93 -22.60 -12.69
C THR B 210 39.16 -21.92 -13.82
N LEU B 211 37.95 -22.39 -14.10
CA LEU B 211 37.12 -21.75 -15.12
C LEU B 211 36.65 -20.37 -14.68
N PHE B 212 36.47 -20.16 -13.38
CA PHE B 212 35.90 -18.92 -12.89
C PHE B 212 36.90 -17.78 -12.94
N TYR B 213 38.17 -18.04 -12.60
CA TYR B 213 39.17 -17.00 -12.53
C TYR B 213 40.08 -16.94 -13.75
N GLY B 214 40.19 -18.02 -14.51
CA GLY B 214 41.12 -18.03 -15.63
C GLY B 214 40.65 -18.82 -16.84
N GLY B 215 39.37 -18.66 -17.20
CA GLY B 215 38.86 -19.31 -18.39
C GLY B 215 39.40 -18.73 -19.68
N ARG B 216 39.84 -17.47 -19.66
CA ARG B 216 40.38 -16.85 -20.86
C ARG B 216 41.73 -17.46 -21.25
N ASP B 217 42.52 -17.88 -20.28
CA ASP B 217 43.86 -18.42 -20.53
C ASP B 217 43.90 -19.93 -20.54
N PHE B 218 43.15 -20.60 -19.66
CA PHE B 218 43.24 -22.05 -19.50
C PHE B 218 42.09 -22.80 -20.14
N ALA B 219 41.12 -22.11 -20.74
CA ALA B 219 40.01 -22.76 -21.44
C ALA B 219 39.47 -21.82 -22.50
N PRO B 220 40.29 -21.50 -23.52
CA PRO B 220 39.83 -20.62 -24.61
C PRO B 220 38.77 -21.25 -25.50
N LYS B 221 38.34 -22.49 -25.21
CA LYS B 221 37.29 -23.15 -25.97
C LYS B 221 36.01 -23.32 -25.17
N ALA B 222 35.97 -22.81 -23.94
CA ALA B 222 34.77 -22.87 -23.09
C ALA B 222 33.90 -21.64 -23.32
N ILE B 223 33.40 -21.53 -24.54
CA ILE B 223 32.67 -20.36 -25.00
C ILE B 223 31.18 -20.67 -24.98
N ILE B 224 30.43 -19.93 -24.19
CA ILE B 224 28.97 -20.02 -24.12
C ILE B 224 28.41 -18.65 -24.46
N ASP B 225 27.40 -18.62 -25.35
CA ASP B 225 26.77 -17.38 -25.79
C ASP B 225 27.77 -16.43 -26.44
N GLY B 226 28.81 -16.99 -27.07
CA GLY B 226 29.83 -16.19 -27.73
C GLY B 226 30.90 -15.62 -26.83
N ILE B 227 30.76 -15.74 -25.51
CA ILE B 227 31.74 -15.22 -24.58
C ILE B 227 32.33 -16.38 -23.78
N ASN B 228 33.52 -16.15 -23.24
CA ASN B 228 34.22 -17.18 -22.49
C ASN B 228 33.49 -17.51 -21.19
N ILE B 229 33.75 -18.71 -20.66
CA ILE B 229 33.11 -19.14 -19.43
C ILE B 229 33.57 -18.32 -18.23
N GLN B 230 34.77 -17.73 -18.31
CA GLN B 230 35.21 -16.85 -17.22
C GLN B 230 34.37 -15.58 -17.18
N ASP B 231 34.19 -14.93 -18.33
CA ASP B 231 33.31 -13.77 -18.40
C ASP B 231 31.85 -14.14 -18.18
N TYR B 232 31.50 -15.41 -18.41
CA TYR B 232 30.13 -15.86 -18.19
C TYR B 232 29.84 -16.06 -16.70
N LEU B 233 30.70 -16.80 -16.01
CA LEU B 233 30.47 -17.08 -14.59
C LEU B 233 30.72 -15.84 -13.73
N GLN B 234 31.78 -15.09 -14.02
CA GLN B 234 32.05 -13.88 -13.26
C GLN B 234 30.97 -12.83 -13.52
N GLY B 235 30.60 -12.63 -14.78
CA GLY B 235 29.61 -11.61 -15.11
C GLY B 235 28.26 -11.87 -14.47
N HIS B 236 27.86 -13.14 -14.39
CA HIS B 236 26.56 -13.46 -13.83
C HIS B 236 26.57 -13.44 -12.29
N PHE B 237 27.65 -13.94 -11.68
CA PHE B 237 27.78 -13.84 -10.23
C PHE B 237 27.86 -12.39 -9.79
N ILE B 238 28.63 -11.58 -10.52
CA ILE B 238 28.72 -10.16 -10.20
C ILE B 238 27.37 -9.48 -10.42
N ALA B 239 26.65 -9.88 -11.47
CA ALA B 239 25.32 -9.32 -11.70
C ALA B 239 24.33 -9.80 -10.64
N ALA B 240 24.41 -11.06 -10.24
CA ALA B 240 23.54 -11.57 -9.19
C ALA B 240 23.80 -10.88 -7.86
N CYS B 241 25.04 -10.44 -7.63
CA CYS B 241 25.34 -9.66 -6.44
C CYS B 241 24.99 -8.19 -6.64
N ARG B 242 25.17 -7.68 -7.86
CA ARG B 242 24.79 -6.30 -8.14
C ARG B 242 23.28 -6.12 -8.11
N TYR B 243 22.53 -7.10 -8.62
CA TYR B 243 21.08 -7.05 -8.54
C TYR B 243 20.61 -7.14 -7.08
N PHE B 244 21.32 -7.93 -6.27
CA PHE B 244 21.03 -7.96 -4.84
C PHE B 244 21.34 -6.61 -4.18
N ALA B 245 22.34 -5.90 -4.70
CA ALA B 245 22.68 -4.59 -4.14
C ALA B 245 21.74 -3.50 -4.64
N GLN B 246 21.23 -3.62 -5.87
CA GLN B 246 20.29 -2.62 -6.38
C GLN B 246 18.98 -2.67 -5.62
N LYS B 247 18.48 -3.88 -5.32
CA LYS B 247 17.28 -3.99 -4.51
C LYS B 247 17.49 -3.44 -3.10
N ILE B 248 18.70 -3.57 -2.56
CA ILE B 248 18.98 -3.08 -1.22
C ILE B 248 19.05 -1.56 -1.21
N HIS B 249 19.65 -0.97 -2.25
CA HIS B 249 19.68 0.48 -2.34
C HIS B 249 18.29 1.06 -2.54
N GLU B 250 17.42 0.35 -3.26
CA GLU B 250 16.06 0.83 -3.48
C GLU B 250 15.24 0.84 -2.21
N ALA B 251 15.62 0.07 -1.19
CA ALA B 251 14.93 0.12 0.09
C ALA B 251 15.09 1.50 0.73
N GLY B 252 16.25 2.12 0.55
CA GLY B 252 16.48 3.49 0.97
C GLY B 252 16.65 3.67 2.47
N ASP B 253 16.25 2.68 3.26
CA ASP B 253 16.27 2.79 4.71
C ASP B 253 17.22 1.82 5.40
N ILE B 254 17.85 0.90 4.67
CA ILE B 254 18.70 -0.11 5.28
C ILE B 254 20.18 0.13 5.02
N GLU B 255 20.55 0.80 3.93
CA GLU B 255 21.95 1.10 3.69
C GLU B 255 22.44 2.14 4.69
N ASN B 256 23.66 1.92 5.22
CA ASN B 256 24.31 2.78 6.21
C ASN B 256 23.62 2.73 7.56
N GLU B 257 22.31 2.48 7.59
CA GLU B 257 21.56 2.39 8.84
C GLU B 257 21.63 1.00 9.46
N VAL B 258 22.05 -0.02 8.70
CA VAL B 258 22.27 -1.35 9.25
C VAL B 258 23.23 -2.11 8.35
N VAL B 259 23.18 -1.83 7.04
CA VAL B 259 24.07 -2.46 6.08
C VAL B 259 25.26 -1.55 5.87
N ILE B 260 26.45 -2.00 6.27
CA ILE B 260 27.64 -1.18 6.22
C ILE B 260 28.52 -1.47 5.00
N GLY B 261 28.33 -2.60 4.33
CA GLY B 261 29.12 -2.88 3.15
C GLY B 261 28.97 -4.32 2.71
N TRP B 262 29.94 -4.77 1.90
CA TRP B 262 29.91 -6.07 1.27
C TRP B 262 31.27 -6.76 1.41
N GLU B 263 31.24 -8.09 1.27
CA GLU B 263 32.44 -8.90 1.21
C GLU B 263 32.61 -9.45 -0.20
N SER B 264 33.86 -9.74 -0.57
CA SER B 264 34.15 -10.21 -1.93
C SER B 264 33.56 -11.58 -2.18
N MET B 265 34.27 -12.64 -1.78
CA MET B 265 33.80 -14.00 -1.95
C MET B 265 34.45 -14.88 -0.90
N ASN B 266 33.66 -15.76 -0.29
CA ASN B 266 34.17 -16.62 0.77
C ASN B 266 35.17 -17.62 0.22
N GLU B 267 36.41 -17.54 0.70
CA GLU B 267 37.49 -18.46 0.37
C GLU B 267 37.71 -18.56 -1.13
N PRO B 268 38.33 -17.55 -1.76
CA PRO B 268 38.72 -17.70 -3.16
C PRO B 268 39.87 -18.71 -3.28
N ASN B 269 39.69 -19.70 -4.14
CA ASN B 269 40.64 -20.79 -4.26
C ASN B 269 41.31 -20.78 -5.63
N ARG B 270 42.40 -21.54 -5.72
CA ARG B 270 43.25 -21.56 -6.90
C ARG B 270 42.71 -22.47 -8.00
N GLY B 271 41.99 -23.52 -7.64
CA GLY B 271 41.59 -24.53 -8.60
C GLY B 271 42.79 -25.26 -9.14
N LEU B 272 43.10 -25.06 -10.43
CA LEU B 272 44.30 -25.60 -11.03
C LEU B 272 45.29 -24.53 -11.48
N ILE B 273 44.93 -23.25 -11.36
CA ILE B 273 45.77 -22.16 -11.83
C ILE B 273 47.02 -22.10 -10.95
N GLY B 274 48.17 -22.47 -11.49
CA GLY B 274 49.43 -22.38 -10.78
C GLY B 274 50.08 -23.70 -10.45
N VAL B 275 49.49 -24.83 -10.84
CA VAL B 275 50.06 -26.13 -10.52
C VAL B 275 51.32 -26.33 -11.35
N GLN B 276 52.48 -26.39 -10.68
CA GLN B 276 53.74 -26.60 -11.39
C GLN B 276 53.82 -28.00 -12.00
N ASP B 277 53.22 -29.00 -11.35
CA ASP B 277 53.28 -30.37 -11.83
C ASP B 277 51.97 -31.05 -11.43
N ILE B 278 51.15 -31.40 -12.44
CA ILE B 278 49.88 -32.07 -12.17
C ILE B 278 50.03 -33.57 -12.02
N SER B 279 51.26 -34.09 -12.08
CA SER B 279 51.50 -35.52 -11.93
C SER B 279 51.89 -35.91 -10.51
N VAL B 280 52.08 -34.94 -9.61
CA VAL B 280 52.46 -35.21 -8.24
C VAL B 280 51.60 -34.35 -7.32
N ILE B 281 51.58 -34.72 -6.03
CA ILE B 281 50.93 -33.92 -5.01
C ILE B 281 51.84 -32.73 -4.70
N PRO B 282 51.39 -31.50 -4.89
CA PRO B 282 52.24 -30.36 -4.61
C PRO B 282 52.60 -30.31 -3.14
N PRO B 283 53.80 -29.83 -2.80
CA PRO B 283 54.18 -29.76 -1.38
C PRO B 283 53.33 -28.81 -0.57
N GLU B 284 52.63 -27.88 -1.21
CA GLU B 284 51.86 -26.87 -0.49
C GLU B 284 50.40 -27.24 -0.29
N GLN B 285 49.91 -28.31 -0.93
CA GLN B 285 48.57 -28.78 -0.62
C GLN B 285 48.57 -29.40 0.77
N GLN B 286 47.72 -28.88 1.66
CA GLN B 286 47.83 -29.19 3.07
C GLN B 286 46.98 -30.38 3.50
N LEU B 287 45.73 -30.45 3.05
CA LEU B 287 44.76 -31.40 3.57
C LEU B 287 44.55 -32.54 2.57
N GLN B 288 44.68 -33.78 3.06
CA GLN B 288 44.42 -34.96 2.24
C GLN B 288 43.25 -35.70 2.85
N LEU B 289 43.48 -36.80 3.58
CA LEU B 289 42.46 -37.64 4.20
C LEU B 289 41.56 -38.33 3.17
N GLY B 290 41.07 -39.51 3.52
CA GLY B 290 40.28 -40.28 2.58
C GLY B 290 41.07 -40.63 1.34
N THR B 291 40.35 -40.75 0.23
CA THR B 291 40.96 -40.99 -1.07
C THR B 291 41.38 -39.66 -1.68
N SER B 292 42.59 -39.64 -2.25
CA SER B 292 43.23 -38.41 -2.71
C SER B 292 43.56 -38.51 -4.21
N PRO B 293 42.57 -38.30 -5.08
CA PRO B 293 42.87 -38.21 -6.51
C PRO B 293 43.77 -37.02 -6.82
N THR B 294 45.03 -37.28 -7.16
CA THR B 294 45.90 -36.21 -7.62
C THR B 294 45.43 -35.73 -8.99
N ALA B 295 46.02 -34.62 -9.44
CA ALA B 295 45.62 -34.05 -10.71
C ALA B 295 45.84 -35.02 -11.87
N PHE B 296 46.85 -35.89 -11.76
CA PHE B 296 46.98 -36.98 -12.73
C PHE B 296 45.85 -37.99 -12.57
N GLN B 297 45.44 -38.24 -11.32
CA GLN B 297 44.40 -39.25 -11.06
C GLN B 297 43.01 -38.69 -11.30
N GLY B 298 42.72 -37.53 -10.70
CA GLY B 298 41.37 -36.98 -10.78
C GLY B 298 40.88 -36.82 -12.21
N MET B 299 41.77 -36.39 -13.11
CA MET B 299 41.39 -36.27 -14.51
C MET B 299 41.14 -37.64 -15.14
N LEU B 300 41.92 -38.65 -14.76
CA LEU B 300 41.70 -39.99 -15.28
C LEU B 300 40.44 -40.62 -14.68
N THR B 301 40.26 -40.48 -13.37
CA THR B 301 39.11 -41.09 -12.71
C THR B 301 37.81 -40.44 -13.17
N GLY B 302 37.81 -39.12 -13.35
CA GLY B 302 36.64 -38.45 -13.88
C GLY B 302 36.36 -38.78 -15.34
N SER B 303 37.36 -39.29 -16.05
CA SER B 303 37.21 -39.69 -17.45
C SER B 303 36.92 -41.17 -17.61
N GLY B 304 36.73 -41.90 -16.52
CA GLY B 304 36.35 -43.30 -16.59
C GLY B 304 37.47 -44.31 -16.55
N ARG B 305 38.63 -43.95 -16.01
CA ARG B 305 39.76 -44.86 -15.92
C ARG B 305 40.06 -45.19 -14.47
N ALA B 306 40.44 -46.44 -14.21
CA ALA B 306 40.77 -46.87 -12.86
C ALA B 306 42.18 -46.45 -12.49
N CYS B 307 42.36 -46.05 -11.22
CA CYS B 307 43.65 -45.64 -10.71
C CYS B 307 43.82 -46.16 -9.29
N GLU B 308 45.08 -46.19 -8.84
CA GLU B 308 45.43 -46.66 -7.50
C GLU B 308 45.82 -45.45 -6.67
N GLU B 309 44.96 -45.07 -5.73
CA GLU B 309 45.16 -43.88 -4.92
C GLU B 309 45.78 -44.26 -3.57
N SER B 310 45.91 -43.25 -2.71
CA SER B 310 46.54 -43.45 -1.40
C SER B 310 45.52 -43.35 -0.28
N GLY B 323 47.85 -47.24 3.07
CA GLY B 323 47.84 -48.19 1.97
C GLY B 323 47.37 -47.59 0.67
N ARG B 324 47.02 -48.45 -0.29
CA ARG B 324 46.54 -48.03 -1.59
C ARG B 324 45.20 -48.68 -1.89
N GLU B 325 44.36 -47.96 -2.63
CA GLU B 325 43.03 -48.43 -2.99
C GLU B 325 42.77 -48.12 -4.46
N LEU B 326 41.95 -48.96 -5.09
CA LEU B 326 41.63 -48.83 -6.50
C LEU B 326 40.35 -48.02 -6.68
N VAL B 327 40.36 -47.14 -7.69
CA VAL B 327 39.19 -46.36 -8.05
C VAL B 327 38.42 -47.10 -9.14
N ASP B 328 37.12 -47.22 -8.97
CA ASP B 328 36.26 -47.89 -9.95
C ASP B 328 35.19 -46.92 -10.43
N PRO B 329 35.38 -46.28 -11.58
CA PRO B 329 34.30 -45.45 -12.15
C PRO B 329 33.08 -46.24 -12.57
N GLU B 330 33.19 -47.58 -12.63
CA GLU B 330 32.09 -48.45 -13.03
C GLU B 330 31.57 -48.08 -14.42
N GLY B 331 32.32 -48.46 -15.46
CA GLY B 331 31.85 -48.34 -16.83
C GLY B 331 31.50 -46.95 -17.32
N GLU B 332 31.05 -46.06 -16.44
CA GLU B 332 30.55 -44.75 -16.82
C GLU B 332 31.48 -43.65 -16.31
N THR B 333 31.41 -42.50 -16.97
CA THR B 333 32.20 -41.34 -16.63
C THR B 333 31.34 -40.29 -15.94
N ALA B 334 32.02 -39.38 -15.24
CA ALA B 334 31.34 -38.27 -14.55
C ALA B 334 31.26 -37.06 -15.48
N TRP B 335 30.47 -37.22 -16.54
CA TRP B 335 30.32 -36.17 -17.53
C TRP B 335 28.90 -36.18 -18.07
N LEU B 336 28.40 -34.99 -18.40
CA LEU B 336 27.19 -34.89 -19.18
C LEU B 336 27.38 -35.65 -20.48
N PRO B 337 26.35 -36.37 -20.96
CA PRO B 337 26.48 -37.06 -22.24
C PRO B 337 26.71 -36.07 -23.37
N ALA B 338 27.19 -36.61 -24.49
CA ALA B 338 27.40 -35.73 -25.65
C ALA B 338 26.08 -35.13 -26.21
N ASP B 339 24.92 -35.31 -25.54
CA ASP B 339 23.64 -34.91 -26.10
C ASP B 339 22.67 -34.38 -25.06
N TYR B 340 23.12 -34.11 -23.83
CA TYR B 340 22.16 -33.63 -22.84
C TYR B 340 21.72 -32.21 -23.19
N ASP B 341 20.47 -31.92 -22.86
CA ASP B 341 19.78 -30.74 -23.34
C ASP B 341 20.42 -29.46 -22.78
N ASP B 342 20.86 -28.59 -23.68
CA ASP B 342 21.33 -27.26 -23.34
C ASP B 342 20.22 -26.22 -23.39
N THR B 343 18.98 -26.64 -23.62
CA THR B 343 17.84 -25.72 -23.70
C THR B 343 17.12 -25.58 -22.36
N ARG B 344 17.32 -26.53 -21.43
CA ARG B 344 16.70 -26.45 -20.12
C ARG B 344 16.97 -25.10 -19.47
N TYR B 345 18.24 -24.69 -19.39
CA TYR B 345 18.60 -23.38 -18.89
C TYR B 345 19.05 -22.42 -19.99
N GLY B 346 19.22 -22.90 -21.22
CA GLY B 346 19.40 -22.02 -22.36
C GLY B 346 20.81 -21.54 -22.63
N TRP B 347 21.80 -22.41 -22.52
CA TRP B 347 23.16 -22.07 -22.90
C TRP B 347 23.32 -22.28 -24.40
N VAL B 348 23.45 -21.20 -25.15
CA VAL B 348 23.79 -21.33 -26.56
C VAL B 348 25.26 -21.74 -26.65
N ARG B 349 25.49 -23.04 -26.60
CA ARG B 349 26.84 -23.58 -26.55
C ARG B 349 27.48 -23.56 -27.94
N ASP B 350 28.80 -23.39 -27.96
CA ASP B 350 29.57 -23.29 -29.19
C ASP B 350 30.06 -24.68 -29.60
N PRO B 351 29.82 -25.12 -30.85
CA PRO B 351 30.31 -26.44 -31.29
C PRO B 351 31.82 -26.62 -31.24
N GLY B 352 32.55 -25.67 -30.65
CA GLY B 352 33.94 -25.89 -30.32
C GLY B 352 34.04 -26.55 -28.95
N TRP B 353 33.06 -26.27 -28.10
CA TRP B 353 32.93 -26.91 -26.79
C TRP B 353 32.07 -28.15 -26.95
N LYS B 354 32.71 -29.31 -27.01
CA LYS B 354 32.03 -30.57 -27.23
C LYS B 354 31.77 -31.27 -25.90
N LEU B 355 30.56 -31.82 -25.75
CA LEU B 355 30.19 -32.53 -24.55
C LEU B 355 30.69 -33.98 -24.60
N GLY B 356 30.75 -34.60 -23.42
CA GLY B 356 31.21 -35.96 -23.27
C GLY B 356 32.70 -36.18 -23.41
N GLU B 357 33.48 -35.11 -23.58
CA GLU B 357 34.92 -35.20 -23.67
C GLU B 357 35.58 -34.44 -22.52
N CYS B 358 36.78 -34.87 -22.15
CA CYS B 358 37.50 -34.22 -21.07
C CYS B 358 37.92 -32.82 -21.49
N LEU B 359 37.58 -31.84 -20.65
CA LEU B 359 37.91 -30.44 -20.95
C LEU B 359 39.39 -30.26 -21.18
N TRP B 360 40.22 -30.74 -20.25
CA TRP B 360 41.66 -30.53 -20.36
C TRP B 360 42.26 -31.35 -21.50
N ALA B 361 41.68 -32.52 -21.80
CA ALA B 361 42.16 -33.29 -22.95
C ALA B 361 41.88 -32.56 -24.25
N GLN B 362 40.73 -31.88 -24.34
CA GLN B 362 40.45 -31.04 -25.50
C GLN B 362 41.45 -29.90 -25.63
N HIS B 363 42.06 -29.48 -24.52
CA HIS B 363 43.11 -28.47 -24.52
C HIS B 363 44.51 -29.08 -24.51
N GLY B 364 44.61 -30.39 -24.71
CA GLY B 364 45.90 -31.03 -24.87
C GLY B 364 46.66 -31.32 -23.60
N VAL B 365 45.96 -31.55 -22.50
CA VAL B 365 46.66 -31.92 -21.27
C VAL B 365 46.99 -33.40 -21.25
N TRP B 366 46.09 -34.24 -21.77
CA TRP B 366 46.31 -35.67 -21.76
C TRP B 366 45.56 -36.29 -22.94
N ASP B 367 45.99 -37.50 -23.32
CA ASP B 367 45.43 -38.19 -24.47
C ASP B 367 44.37 -39.18 -24.02
N PRO B 368 43.11 -39.02 -24.44
CA PRO B 368 42.07 -39.98 -24.04
C PRO B 368 42.22 -41.35 -24.68
N SER B 369 42.92 -41.45 -25.82
CA SER B 369 43.06 -42.74 -26.49
C SER B 369 44.04 -43.64 -25.73
N SER B 370 45.28 -43.18 -25.55
CA SER B 370 46.27 -43.94 -24.81
C SER B 370 46.13 -43.78 -23.30
N ASP B 371 45.25 -42.90 -22.84
CA ASP B 371 45.06 -42.63 -21.41
C ASP B 371 46.37 -42.22 -20.75
N LYS B 372 47.04 -41.25 -21.37
CA LYS B 372 48.32 -40.75 -20.88
C LYS B 372 48.37 -39.23 -21.05
N LEU B 373 49.35 -38.62 -20.40
CA LEU B 373 49.47 -37.17 -20.39
C LEU B 373 49.94 -36.64 -21.74
N LEU B 374 49.75 -35.32 -21.93
CA LEU B 374 50.33 -34.60 -23.04
C LEU B 374 51.18 -33.48 -22.47
N ARG B 375 50.70 -32.23 -22.50
CA ARG B 375 51.42 -31.12 -21.89
C ARG B 375 51.29 -31.21 -20.39
N LYS B 376 52.41 -31.47 -19.71
CA LYS B 376 52.36 -31.77 -18.28
C LYS B 376 52.37 -30.50 -17.44
N ASP B 377 53.20 -29.53 -17.82
CA ASP B 377 53.26 -28.29 -17.04
C ASP B 377 51.94 -27.53 -17.15
N TYR B 378 51.50 -27.24 -18.38
CA TYR B 378 50.27 -26.52 -18.68
C TYR B 378 50.00 -25.37 -17.72
N PHE B 379 49.35 -25.68 -16.59
CA PHE B 379 48.95 -24.70 -15.60
C PHE B 379 50.14 -24.09 -14.85
N ALA B 380 51.38 -24.36 -15.24
CA ALA B 380 52.56 -23.86 -14.53
C ALA B 380 52.98 -22.48 -14.99
N LYS B 381 52.60 -22.06 -16.20
CA LYS B 381 52.89 -20.74 -16.71
C LYS B 381 51.63 -20.15 -17.34
N ASN B 382 51.54 -18.82 -17.33
CA ASN B 382 50.47 -18.19 -18.10
C ASN B 382 50.81 -18.24 -19.59
N PRO B 383 49.81 -18.40 -20.45
CA PRO B 383 50.11 -18.68 -21.86
C PRO B 383 50.50 -17.46 -22.67
N GLN B 384 49.91 -16.29 -22.38
CA GLN B 384 50.02 -15.18 -23.31
C GLN B 384 51.39 -14.51 -23.25
N THR B 385 51.96 -14.37 -22.06
CA THR B 385 53.28 -13.77 -21.93
C THR B 385 54.36 -14.72 -21.43
N GLY B 386 54.00 -15.93 -21.02
CA GLY B 386 55.01 -16.92 -20.65
C GLY B 386 55.54 -16.83 -19.24
N GLU B 387 55.11 -15.85 -18.45
CA GLU B 387 55.60 -15.74 -17.08
C GLU B 387 55.01 -16.87 -16.24
N PRO B 388 55.82 -17.53 -15.40
CA PRO B 388 55.31 -18.67 -14.62
C PRO B 388 54.28 -18.26 -13.58
N LEU B 389 53.73 -19.24 -12.87
CA LEU B 389 52.65 -19.00 -11.92
C LEU B 389 53.00 -19.60 -10.56
N ASN B 390 52.65 -18.87 -9.52
CA ASN B 390 52.61 -19.41 -8.17
C ASN B 390 51.29 -19.02 -7.52
N TYR B 391 51.28 -18.83 -6.20
CA TYR B 391 50.08 -18.34 -5.55
C TYR B 391 50.10 -16.83 -5.32
N ASP B 392 51.27 -16.27 -5.00
CA ASP B 392 51.37 -14.82 -4.81
C ASP B 392 50.99 -14.07 -6.08
N LYS B 393 51.48 -14.55 -7.23
CA LYS B 393 51.10 -13.91 -8.49
C LYS B 393 49.64 -14.17 -8.83
N PHE B 394 49.10 -15.32 -8.44
CA PHE B 394 47.69 -15.61 -8.69
C PHE B 394 46.79 -14.66 -7.90
N THR B 395 47.13 -14.41 -6.63
CA THR B 395 46.33 -13.50 -5.82
C THR B 395 46.38 -12.08 -6.38
N ASN B 396 47.49 -11.69 -6.99
CA ASN B 396 47.66 -10.34 -7.53
C ASN B 396 47.13 -10.18 -8.95
N THR B 397 46.71 -11.26 -9.60
CA THR B 397 46.29 -11.17 -11.01
C THR B 397 44.88 -11.72 -11.22
N TYR B 398 44.74 -13.04 -11.28
CA TYR B 398 43.45 -13.64 -11.60
C TYR B 398 42.38 -13.26 -10.58
N PHE B 399 42.77 -13.15 -9.30
CA PHE B 399 41.81 -12.81 -8.27
C PHE B 399 41.50 -11.31 -8.26
N MET B 400 42.53 -10.47 -8.38
CA MET B 400 42.32 -9.03 -8.29
C MET B 400 41.49 -8.50 -9.46
N GLU B 401 41.54 -9.16 -10.61
CA GLU B 401 40.68 -8.77 -11.72
C GLU B 401 39.22 -8.96 -11.37
N HIS B 402 38.88 -10.12 -10.78
CA HIS B 402 37.51 -10.36 -10.35
C HIS B 402 37.10 -9.42 -9.22
N TYR B 403 38.05 -9.03 -8.37
CA TYR B 403 37.71 -8.12 -7.27
C TYR B 403 37.35 -6.74 -7.78
N ARG B 404 38.16 -6.19 -8.69
CA ARG B 404 37.89 -4.85 -9.21
C ARG B 404 36.54 -4.79 -9.93
N ALA B 405 36.20 -5.85 -10.65
CA ALA B 405 34.87 -5.90 -11.28
C ALA B 405 33.78 -6.05 -10.23
N TYR B 406 34.01 -6.89 -9.22
CA TYR B 406 33.05 -7.03 -8.13
C TYR B 406 32.98 -5.76 -7.29
N ARG B 407 34.10 -5.04 -7.16
CA ARG B 407 34.10 -3.80 -6.38
C ARG B 407 33.34 -2.70 -7.10
N ASP B 408 33.65 -2.49 -8.38
CA ASP B 408 33.04 -1.38 -9.11
C ASP B 408 31.57 -1.62 -9.40
N ALA B 409 31.15 -2.88 -9.49
CA ALA B 409 29.75 -3.17 -9.77
C ALA B 409 28.87 -2.88 -8.56
N LEU B 410 29.37 -3.17 -7.36
CA LEU B 410 28.61 -2.85 -6.15
C LEU B 410 28.67 -1.37 -5.82
N ARG B 411 29.72 -0.67 -6.23
CA ARG B 411 29.82 0.77 -6.04
C ARG B 411 29.18 1.56 -7.16
N SER B 412 28.78 0.91 -8.25
CA SER B 412 27.91 1.56 -9.22
C SER B 412 26.48 1.69 -8.70
N VAL B 413 26.09 0.84 -7.75
CA VAL B 413 24.79 0.94 -7.10
C VAL B 413 24.88 1.80 -5.84
N TRP B 414 25.86 1.51 -5.00
CA TRP B 414 26.07 2.21 -3.73
C TRP B 414 27.53 2.63 -3.66
N PRO B 415 27.84 3.85 -4.11
CA PRO B 415 29.26 4.28 -4.14
C PRO B 415 29.92 4.33 -2.77
N GLU B 416 29.16 4.52 -1.70
CA GLU B 416 29.71 4.59 -0.35
C GLU B 416 29.86 3.22 0.30
N ALA B 417 29.90 2.15 -0.50
CA ALA B 417 29.94 0.80 0.04
C ALA B 417 31.35 0.45 0.53
N ILE B 418 31.42 -0.08 1.75
CA ILE B 418 32.67 -0.60 2.29
C ILE B 418 32.84 -2.03 1.81
N ILE B 419 33.93 -2.30 1.09
CA ILE B 419 34.16 -3.59 0.46
C ILE B 419 35.12 -4.38 1.34
N PHE B 420 34.61 -5.47 1.93
CA PHE B 420 35.44 -6.38 2.72
C PHE B 420 36.21 -7.27 1.75
N CYS B 421 37.46 -6.91 1.48
CA CYS B 421 38.28 -7.66 0.54
C CYS B 421 38.81 -8.92 1.22
N GLN B 422 38.40 -10.08 0.72
CA GLN B 422 38.83 -11.36 1.27
C GLN B 422 39.80 -12.04 0.32
N PRO B 423 41.10 -12.03 0.59
CA PRO B 423 42.05 -12.77 -0.24
C PRO B 423 41.96 -14.25 0.05
N PRO B 424 42.68 -15.09 -0.70
CA PRO B 424 42.70 -16.52 -0.37
C PRO B 424 43.16 -16.77 1.05
N VAL B 425 42.63 -17.84 1.65
CA VAL B 425 42.84 -18.11 3.06
C VAL B 425 44.29 -18.49 3.30
N MET B 426 44.92 -17.82 4.27
CA MET B 426 46.30 -18.10 4.70
C MET B 426 47.30 -18.01 3.55
N GLU B 427 46.99 -17.18 2.56
CA GLU B 427 47.92 -16.88 1.48
C GLU B 427 48.24 -15.39 1.52
N VAL B 428 49.44 -15.05 1.03
CA VAL B 428 49.96 -13.69 1.17
C VAL B 428 48.99 -12.71 0.52
N PRO B 429 48.54 -11.68 1.24
CA PRO B 429 47.56 -10.75 0.67
C PRO B 429 48.15 -9.97 -0.49
N PRO B 430 47.32 -9.47 -1.40
CA PRO B 430 47.84 -8.74 -2.56
C PRO B 430 48.51 -7.44 -2.15
N ASP B 431 49.51 -7.04 -2.95
CA ASP B 431 50.26 -5.81 -2.70
C ASP B 431 49.47 -4.64 -3.29
N LEU B 432 48.56 -4.10 -2.50
CA LEU B 432 47.75 -2.96 -2.90
C LEU B 432 48.25 -1.65 -2.30
N LYS B 433 49.30 -1.68 -1.50
CA LYS B 433 49.82 -0.48 -0.88
C LYS B 433 50.52 0.39 -1.92
N GLY B 434 49.98 1.60 -2.13
CA GLY B 434 50.57 2.54 -3.06
C GLY B 434 50.04 2.46 -4.48
N THR B 435 49.11 1.56 -4.76
CA THR B 435 48.56 1.39 -6.09
C THR B 435 47.18 2.06 -6.18
N VAL B 436 46.54 1.91 -7.34
CA VAL B 436 45.21 2.48 -7.53
C VAL B 436 44.16 1.74 -6.74
N ASP B 437 44.47 0.55 -6.24
CA ASP B 437 43.54 -0.25 -5.46
C ASP B 437 43.67 0.01 -3.96
N ASP B 438 44.48 0.99 -3.55
CA ASP B 438 44.61 1.34 -2.14
C ASP B 438 43.34 2.03 -1.67
N ASP B 439 42.25 1.28 -1.58
CA ASP B 439 40.94 1.84 -1.29
C ASP B 439 40.83 2.25 0.17
N PRO B 440 40.64 3.53 0.49
CA PRO B 440 40.46 3.94 1.89
C PRO B 440 39.12 3.53 2.48
N ASN B 441 38.26 2.85 1.72
CA ASN B 441 36.98 2.34 2.22
C ASN B 441 36.91 0.82 2.10
N MET B 442 38.06 0.16 2.21
CA MET B 442 38.15 -1.30 2.15
C MET B 442 38.52 -1.85 3.52
N VAL B 443 38.17 -3.11 3.74
CA VAL B 443 38.49 -3.83 4.96
C VAL B 443 39.09 -5.18 4.59
N HIS B 444 40.26 -5.48 5.14
CA HIS B 444 40.93 -6.75 4.88
C HIS B 444 40.26 -7.83 5.71
N ALA B 445 39.60 -8.78 5.05
CA ALA B 445 38.94 -9.90 5.70
C ALA B 445 39.88 -11.10 5.69
N VAL B 446 40.21 -11.61 6.87
CA VAL B 446 41.15 -12.70 7.04
C VAL B 446 40.46 -13.84 7.77
N HIS B 447 40.66 -15.06 7.28
CA HIS B 447 40.20 -16.27 7.93
C HIS B 447 41.37 -16.95 8.63
N TYR B 448 41.13 -17.45 9.85
CA TYR B 448 42.12 -18.25 10.55
C TYR B 448 41.41 -19.32 11.35
N TYR B 449 41.89 -20.55 11.24
CA TYR B 449 41.44 -21.67 12.05
C TYR B 449 42.66 -22.38 12.62
N ASP B 450 42.56 -22.79 13.88
CA ASP B 450 43.60 -23.63 14.48
C ASP B 450 43.59 -24.97 13.75
N GLY B 451 44.52 -25.14 12.80
CA GLY B 451 44.49 -26.29 11.93
C GLY B 451 44.56 -27.61 12.67
N ILE B 452 45.26 -27.66 13.81
CA ILE B 452 45.39 -28.89 14.56
C ILE B 452 44.08 -29.24 15.25
N THR B 453 43.57 -28.31 16.07
CA THR B 453 42.36 -28.59 16.84
C THR B 453 41.16 -28.83 15.93
N LEU B 454 41.09 -28.11 14.81
CA LEU B 454 39.94 -28.24 13.92
C LEU B 454 39.87 -29.62 13.29
N LEU B 455 41.02 -30.15 12.86
CA LEU B 455 41.01 -31.40 12.10
C LEU B 455 41.05 -32.63 13.00
N THR B 456 41.70 -32.54 14.16
CA THR B 456 41.70 -33.66 15.09
C THR B 456 40.50 -33.65 16.02
N LYS B 457 39.78 -32.54 16.09
CA LYS B 457 38.65 -32.37 17.01
C LYS B 457 39.08 -32.71 18.44
N HIS B 458 40.19 -32.10 18.85
CA HIS B 458 40.71 -32.29 20.21
C HIS B 458 41.64 -31.12 20.52
N TRP B 459 41.33 -30.38 21.57
CA TRP B 459 42.16 -29.25 22.00
C TRP B 459 43.36 -29.80 22.76
N ASN B 460 44.47 -29.98 22.03
CA ASN B 460 45.69 -30.49 22.63
C ASN B 460 46.29 -29.42 23.55
N ARG B 461 46.39 -29.74 24.84
CA ARG B 461 46.85 -28.78 25.84
C ARG B 461 48.36 -28.66 25.93
N LEU B 462 49.11 -29.51 25.22
CA LEU B 462 50.55 -29.59 25.46
C LEU B 462 51.40 -29.05 24.33
N TYR B 463 50.93 -29.06 23.08
CA TYR B 463 51.73 -28.55 21.99
C TYR B 463 50.83 -28.00 20.89
N ASN B 464 51.32 -26.95 20.23
CA ASN B 464 50.71 -26.43 19.01
C ASN B 464 51.80 -25.76 18.19
N VAL B 465 51.48 -25.50 16.93
CA VAL B 465 52.45 -25.07 15.93
C VAL B 465 52.09 -23.68 15.44
N ASP B 466 53.10 -22.81 15.34
CA ASP B 466 52.96 -21.56 14.61
C ASP B 466 52.80 -21.88 13.13
N VAL B 467 51.56 -22.13 12.71
CA VAL B 467 51.30 -22.50 11.32
C VAL B 467 51.71 -21.39 10.38
N ILE B 468 51.51 -20.14 10.80
CA ILE B 468 51.85 -19.00 9.95
C ILE B 468 53.35 -18.94 9.71
N GLY B 469 54.14 -19.12 10.77
CA GLY B 469 55.59 -19.07 10.62
C GLY B 469 56.13 -20.17 9.73
N VAL B 470 55.48 -21.33 9.74
CA VAL B 470 55.94 -22.44 8.91
C VAL B 470 55.58 -22.20 7.45
N LEU B 471 54.31 -21.89 7.18
CA LEU B 471 53.86 -21.79 5.80
C LEU B 471 54.51 -20.62 5.07
N ARG B 472 54.68 -19.49 5.76
CA ARG B 472 55.27 -18.32 5.14
C ARG B 472 56.80 -18.30 5.23
N GLY B 473 57.41 -19.32 5.83
CA GLY B 473 58.84 -19.49 5.76
C GLY B 473 59.65 -18.81 6.84
N LYS B 474 59.04 -18.45 7.97
CA LYS B 474 59.82 -17.89 9.06
C LYS B 474 60.77 -18.94 9.64
N TYR B 475 60.22 -20.04 10.14
CA TYR B 475 61.05 -21.14 10.61
C TYR B 475 61.61 -21.92 9.42
N LEU B 476 62.67 -22.68 9.69
CA LEU B 476 63.25 -23.57 8.70
C LEU B 476 62.21 -24.59 8.24
N THR B 477 61.86 -25.51 9.12
CA THR B 477 60.84 -26.53 8.89
C THR B 477 60.06 -26.72 10.19
N PRO B 478 58.91 -27.42 10.15
CA PRO B 478 58.18 -27.66 11.41
C PRO B 478 59.02 -28.39 12.45
N ALA B 479 59.94 -27.66 13.07
CA ALA B 479 60.74 -28.19 14.19
C ALA B 479 60.81 -27.12 15.27
N PHE B 480 61.25 -25.91 14.90
CA PHE B 480 61.24 -24.77 15.80
C PHE B 480 59.82 -24.29 16.12
N ALA B 481 58.82 -24.74 15.35
CA ALA B 481 57.48 -24.15 15.40
C ALA B 481 56.71 -24.56 16.64
N VAL B 482 56.85 -25.81 17.09
CA VAL B 482 56.02 -26.32 18.17
C VAL B 482 56.33 -25.57 19.47
N LYS B 483 55.28 -25.20 20.19
CA LYS B 483 55.40 -24.54 21.48
C LYS B 483 54.75 -25.41 22.53
N ILE B 484 55.44 -25.64 23.64
CA ILE B 484 54.98 -26.51 24.70
C ILE B 484 54.61 -25.67 25.91
N GLY B 485 53.49 -26.00 26.55
CA GLY B 485 52.92 -25.17 27.59
C GLY B 485 51.74 -24.40 27.05
N GLU B 486 50.60 -24.45 27.74
CA GLU B 486 49.39 -23.82 27.22
C GLU B 486 49.56 -22.30 27.11
N THR B 487 50.42 -21.72 27.95
CA THR B 487 50.71 -20.29 27.83
C THR B 487 51.45 -20.00 26.54
N ALA B 488 52.45 -20.82 26.21
CA ALA B 488 53.17 -20.63 24.96
C ALA B 488 52.27 -20.87 23.75
N ILE B 489 51.30 -21.78 23.87
CA ILE B 489 50.35 -22.01 22.79
C ILE B 489 49.47 -20.77 22.59
N ARG B 490 48.95 -20.21 23.69
CA ARG B 490 48.13 -19.02 23.58
C ARG B 490 48.92 -17.85 23.04
N ASN B 491 50.15 -17.64 23.54
CA ASN B 491 50.99 -16.59 23.00
C ASN B 491 51.37 -16.87 21.55
N CYS B 492 51.43 -18.15 21.16
CA CYS B 492 51.68 -18.48 19.77
C CYS B 492 50.49 -18.12 18.88
N LEU B 493 49.28 -18.42 19.34
CA LEU B 493 48.08 -18.04 18.58
C LEU B 493 47.97 -16.54 18.48
N ARG B 494 48.32 -15.81 19.55
CA ARG B 494 48.28 -14.35 19.51
C ARG B 494 49.28 -13.81 18.50
N ASP B 495 50.50 -14.36 18.50
CA ASP B 495 51.51 -13.90 17.55
C ASP B 495 51.14 -14.24 16.11
N GLN B 496 50.40 -15.34 15.89
CA GLN B 496 49.97 -15.68 14.55
C GLN B 496 48.98 -14.65 14.01
N LEU B 497 47.96 -14.32 14.81
CA LEU B 497 46.98 -13.34 14.36
C LEU B 497 47.58 -11.93 14.33
N LYS B 498 48.51 -11.63 15.23
CA LYS B 498 49.16 -10.32 15.21
C LYS B 498 50.06 -10.18 14.00
N PHE B 499 50.76 -11.25 13.62
CA PHE B 499 51.60 -11.22 12.42
C PHE B 499 50.77 -10.90 11.19
N LEU B 500 49.55 -11.43 11.12
CA LEU B 500 48.68 -11.15 9.99
C LEU B 500 48.31 -9.67 9.92
N ARG B 501 48.22 -9.01 11.08
CA ARG B 501 47.91 -7.58 11.10
C ARG B 501 49.06 -6.77 10.53
N ASP B 502 50.30 -7.12 10.88
CA ASP B 502 51.44 -6.42 10.32
C ASP B 502 51.64 -6.78 8.85
N GLU B 503 51.29 -7.99 8.45
CA GLU B 503 51.34 -8.35 7.04
C GLU B 503 50.23 -7.66 6.26
N SER B 504 49.10 -7.39 6.90
CA SER B 504 48.00 -6.67 6.23
C SER B 504 48.38 -5.22 5.95
N LEU B 505 48.90 -4.53 6.96
CA LEU B 505 49.31 -3.14 6.78
C LEU B 505 50.50 -3.01 5.85
N ARG B 506 51.19 -4.12 5.56
CA ARG B 506 52.36 -4.10 4.69
C ARG B 506 51.99 -4.23 3.22
N TYR B 507 51.00 -5.07 2.91
CA TYR B 507 50.63 -5.36 1.52
C TYR B 507 49.44 -4.54 1.03
N MET B 508 48.39 -4.41 1.84
CA MET B 508 47.17 -3.75 1.40
C MET B 508 47.08 -2.28 1.82
N GLY B 509 47.83 -1.87 2.83
CA GLY B 509 47.87 -0.48 3.23
C GLY B 509 47.31 -0.28 4.64
N THR B 510 47.11 0.99 4.97
CA THR B 510 46.63 1.38 6.30
C THR B 510 45.10 1.26 6.33
N HIS B 511 44.63 0.04 6.52
CA HIS B 511 43.22 -0.30 6.49
C HIS B 511 42.86 -1.10 7.74
N PRO B 512 41.58 -1.20 8.07
CA PRO B 512 41.19 -2.06 9.19
C PRO B 512 41.23 -3.53 8.81
N LEU B 513 41.35 -4.38 9.83
CA LEU B 513 41.37 -5.82 9.64
C LEU B 513 40.28 -6.44 10.49
N ILE B 514 39.53 -7.36 9.89
CA ILE B 514 38.47 -8.09 10.58
C ILE B 514 38.68 -9.58 10.34
N PHE B 515 38.90 -10.33 11.42
CA PHE B 515 39.00 -11.79 11.33
C PHE B 515 37.58 -12.32 11.16
N THR B 516 37.14 -12.36 9.89
CA THR B 516 35.75 -12.68 9.58
C THR B 516 35.39 -14.14 9.84
N GLU B 517 36.37 -15.01 10.06
CA GLU B 517 36.07 -16.40 10.41
C GLU B 517 37.11 -16.92 11.39
N ILE B 518 36.62 -17.44 12.51
CA ILE B 518 37.47 -18.10 13.50
C ILE B 518 36.56 -18.89 14.44
N GLY B 519 36.96 -20.11 14.80
CA GLY B 519 36.10 -20.92 15.65
C GLY B 519 36.79 -22.22 16.02
N ILE B 520 36.05 -23.04 16.75
CA ILE B 520 36.56 -24.34 17.21
C ILE B 520 35.48 -25.38 17.04
N PRO B 521 35.88 -26.63 16.77
CA PRO B 521 34.90 -27.72 16.70
C PRO B 521 34.43 -28.10 18.10
N PHE B 522 33.11 -28.09 18.29
CA PHE B 522 32.54 -28.39 19.59
C PHE B 522 32.35 -29.87 19.85
N ASP B 523 32.34 -30.71 18.82
CA ASP B 523 32.18 -32.15 19.01
C ASP B 523 33.53 -32.84 19.24
N MET B 524 34.31 -32.31 20.18
CA MET B 524 35.61 -32.87 20.48
C MET B 524 35.49 -34.21 21.18
N ASP B 525 36.44 -35.10 20.91
CA ASP B 525 36.63 -36.34 21.66
C ASP B 525 35.37 -37.21 21.61
N ASP B 526 34.85 -37.41 20.40
CA ASP B 526 33.68 -38.27 20.17
C ASP B 526 32.51 -37.84 21.03
N ARG B 527 32.19 -36.55 20.97
CA ARG B 527 31.06 -35.96 21.71
C ARG B 527 31.21 -36.19 23.20
N HIS B 528 32.43 -36.01 23.72
CA HIS B 528 32.67 -36.21 25.15
C HIS B 528 31.86 -35.23 25.99
N ALA B 529 31.75 -33.99 25.53
CA ALA B 529 30.98 -33.00 26.29
C ALA B 529 29.48 -33.23 26.16
N TYR B 530 29.04 -33.84 25.05
CA TYR B 530 27.62 -34.10 24.86
C TYR B 530 27.12 -35.23 25.74
N LYS B 531 28.01 -36.12 26.20
CA LYS B 531 27.62 -37.25 27.04
C LYS B 531 27.89 -37.00 28.53
N THR B 532 28.68 -35.99 28.87
CA THR B 532 29.03 -35.71 30.25
C THR B 532 28.64 -34.31 30.71
N GLY B 533 28.60 -33.33 29.82
CA GLY B 533 28.40 -31.95 30.20
C GLY B 533 29.66 -31.21 30.58
N ASP B 534 30.83 -31.80 30.37
CA ASP B 534 32.11 -31.19 30.70
C ASP B 534 32.68 -30.59 29.42
N TYR B 535 32.51 -29.28 29.25
CA TYR B 535 32.98 -28.56 28.07
C TYR B 535 34.33 -27.89 28.31
N SER B 536 35.14 -28.43 29.23
CA SER B 536 36.40 -27.78 29.58
C SER B 536 37.35 -27.70 28.39
N GLY B 537 37.27 -28.66 27.46
CA GLY B 537 38.12 -28.60 26.29
C GLY B 537 37.77 -27.46 25.36
N GLN B 538 36.48 -27.29 25.08
CA GLN B 538 36.05 -26.20 24.21
C GLN B 538 36.23 -24.84 24.87
N VAL B 539 36.13 -24.77 26.20
CA VAL B 539 36.32 -23.50 26.91
C VAL B 539 37.74 -23.01 26.71
N SER B 540 38.73 -23.86 27.01
CA SER B 540 40.12 -23.47 26.87
C SER B 540 40.47 -23.18 25.42
N ALA B 541 39.88 -23.91 24.48
CA ALA B 541 40.16 -23.69 23.06
C ALA B 541 39.57 -22.37 22.58
N MET B 542 38.31 -22.11 22.92
CA MET B 542 37.69 -20.84 22.54
C MET B 542 38.37 -19.67 23.22
N ASP B 543 38.71 -19.81 24.50
CA ASP B 543 39.40 -18.73 25.21
C ASP B 543 40.78 -18.48 24.62
N ALA B 544 41.46 -19.53 24.15
CA ALA B 544 42.76 -19.35 23.54
C ALA B 544 42.66 -18.62 22.21
N ASN B 545 41.61 -18.91 21.43
CA ASN B 545 41.41 -18.19 20.18
C ASN B 545 41.04 -16.73 20.43
N HIS B 546 40.17 -16.48 21.41
CA HIS B 546 39.80 -15.11 21.74
C HIS B 546 40.94 -14.36 22.41
N PHE B 547 41.75 -15.05 23.21
CA PHE B 547 42.96 -14.43 23.75
C PHE B 547 43.90 -14.00 22.63
N ALA B 548 43.90 -14.73 21.52
CA ALA B 548 44.68 -14.32 20.36
C ALA B 548 44.07 -13.09 19.70
N ILE B 549 42.74 -13.02 19.63
CA ILE B 549 42.08 -11.90 18.98
C ILE B 549 42.24 -10.63 19.80
N GLU B 550 42.04 -10.74 21.13
CA GLU B 550 42.07 -9.56 21.99
C GLU B 550 43.43 -8.87 21.96
N GLY B 551 44.50 -9.60 21.67
CA GLY B 551 45.80 -9.03 21.52
C GLY B 551 46.32 -8.93 20.11
N SER B 552 45.50 -9.23 19.10
CA SER B 552 45.93 -9.20 17.70
C SER B 552 45.86 -7.82 17.08
N THR B 553 45.39 -6.81 17.83
CA THR B 553 45.22 -5.44 17.32
C THR B 553 44.32 -5.40 16.09
N ALA B 554 43.41 -6.37 15.98
CA ALA B 554 42.41 -6.35 14.92
C ALA B 554 41.24 -5.46 15.34
N ASN B 555 40.40 -5.13 14.36
CA ASN B 555 39.24 -4.28 14.60
C ASN B 555 37.99 -5.05 14.94
N GLY B 556 38.04 -6.38 14.91
CA GLY B 556 36.89 -7.18 15.27
C GLY B 556 36.97 -8.57 14.67
N PHE B 557 35.87 -9.30 14.83
CA PHE B 557 35.80 -10.68 14.38
C PHE B 557 34.34 -11.07 14.26
N THR B 558 34.08 -12.16 13.53
CA THR B 558 32.75 -12.76 13.43
C THR B 558 32.91 -14.25 13.67
N LEU B 559 32.39 -14.75 14.80
CA LEU B 559 32.52 -16.15 15.13
C LEU B 559 31.68 -17.04 14.21
N TRP B 560 32.19 -18.23 13.96
CA TRP B 560 31.55 -19.26 13.14
C TRP B 560 31.26 -20.43 14.09
N LEU B 561 30.00 -20.67 14.40
CA LEU B 561 28.85 -20.10 13.71
C LEU B 561 27.68 -19.89 14.71
N TYR B 562 26.56 -19.34 14.25
CA TYR B 562 25.30 -19.36 15.00
C TYR B 562 24.24 -20.07 14.17
N THR B 563 24.00 -21.34 14.47
CA THR B 563 22.99 -22.14 13.78
C THR B 563 21.74 -22.21 14.66
N THR B 564 20.59 -21.90 14.08
CA THR B 564 19.34 -22.03 14.81
C THR B 564 18.82 -23.46 14.86
N SER B 565 19.42 -24.37 14.10
CA SER B 565 19.01 -25.78 14.05
C SER B 565 20.14 -26.71 14.44
N ASN B 566 21.13 -26.23 15.19
CA ASN B 566 22.26 -27.06 15.59
C ASN B 566 21.83 -28.03 16.67
N ASN B 567 22.22 -29.29 16.53
CA ASN B 567 21.84 -30.35 17.46
C ASN B 567 23.07 -31.18 17.79
N HIS B 568 22.89 -32.10 18.74
CA HIS B 568 23.97 -33.00 19.15
C HIS B 568 24.21 -34.11 18.13
N GLU B 569 23.18 -34.47 17.36
CA GLU B 569 23.30 -35.62 16.46
C GLU B 569 24.03 -35.27 15.17
N TRP B 570 23.59 -34.22 14.48
CA TRP B 570 24.15 -33.84 13.19
C TRP B 570 25.04 -32.62 13.25
N GLY B 571 25.25 -32.03 14.43
CA GLY B 571 26.11 -30.88 14.53
C GLY B 571 25.49 -29.66 13.87
N ASP B 572 26.22 -29.05 12.95
CA ASP B 572 25.73 -27.90 12.19
C ASP B 572 24.81 -28.31 11.05
N ASN B 573 24.47 -29.60 10.94
CA ASN B 573 23.64 -30.12 9.85
C ASN B 573 24.25 -29.79 8.49
N TRP B 574 25.57 -29.86 8.41
CA TRP B 574 26.27 -29.53 7.16
C TRP B 574 27.62 -30.23 7.17
N ASN B 575 27.72 -31.32 6.41
CA ASN B 575 28.96 -32.07 6.21
C ASN B 575 29.58 -32.53 7.52
N GLY B 576 28.73 -32.86 8.50
CA GLY B 576 29.21 -33.38 9.76
C GLY B 576 29.96 -32.40 10.62
N GLU B 577 29.92 -31.10 10.30
CA GLU B 577 30.59 -30.10 11.12
C GLU B 577 29.72 -29.73 12.31
N ASP B 578 30.39 -29.29 13.39
CA ASP B 578 29.72 -28.87 14.63
C ASP B 578 30.52 -27.69 15.19
N LEU B 579 30.28 -26.50 14.62
CA LEU B 579 31.01 -25.30 14.99
C LEU B 579 30.14 -24.22 15.60
N SER B 580 28.81 -24.40 15.62
CA SER B 580 27.93 -23.36 16.13
C SER B 580 28.05 -23.22 17.64
N ILE B 581 27.96 -21.98 18.12
CA ILE B 581 27.99 -21.73 19.57
C ILE B 581 26.64 -21.96 20.23
N TYR B 582 25.58 -22.08 19.45
CA TYR B 582 24.24 -22.34 19.95
C TYR B 582 23.79 -23.72 19.50
N SER B 583 23.05 -24.40 20.37
CA SER B 583 22.52 -25.73 20.06
C SER B 583 21.17 -25.88 20.74
N VAL B 584 20.24 -26.56 20.07
CA VAL B 584 18.93 -26.80 20.66
C VAL B 584 18.99 -27.82 21.78
N ASP B 585 20.09 -28.58 21.88
CA ASP B 585 20.27 -29.57 22.92
C ASP B 585 21.19 -29.10 24.05
N ASP B 586 21.73 -27.88 23.95
CA ASP B 586 22.62 -27.34 24.96
C ASP B 586 21.96 -26.20 25.71
N LEU B 587 22.41 -25.99 26.95
CA LEU B 587 21.81 -25.01 27.83
C LEU B 587 22.35 -23.61 27.54
N GLU B 588 21.59 -22.61 27.97
CA GLU B 588 21.98 -21.21 27.86
C GLU B 588 22.60 -20.73 29.17
N LEU B 589 23.27 -19.59 29.10
CA LEU B 589 23.90 -19.02 30.28
C LEU B 589 22.86 -18.37 31.18
N PRO B 590 22.87 -18.66 32.49
CA PRO B 590 21.93 -18.07 33.45
C PRO B 590 22.21 -16.59 33.69
N LYS B 647 23.43 -33.59 33.17
CA LYS B 647 24.63 -33.89 32.39
C LYS B 647 24.70 -33.00 31.15
N LEU B 648 23.94 -31.91 31.16
CA LEU B 648 23.92 -30.95 30.06
C LEU B 648 24.78 -29.75 30.42
N GLY B 649 25.67 -29.37 29.51
CA GLY B 649 26.55 -28.25 29.71
C GLY B 649 26.04 -26.97 29.05
N PHE B 650 26.94 -25.99 28.93
CA PHE B 650 26.60 -24.69 28.35
C PHE B 650 27.29 -24.45 27.01
N ARG B 651 27.92 -25.48 26.44
CA ARG B 651 28.59 -25.39 25.14
C ARG B 651 29.66 -24.29 25.14
N ALA B 652 30.49 -24.32 26.18
CA ALA B 652 31.62 -23.39 26.32
C ALA B 652 31.17 -21.93 26.21
N ALA B 653 29.96 -21.65 26.68
CA ALA B 653 29.43 -20.30 26.58
C ALA B 653 30.22 -19.31 27.43
N GLU B 654 30.75 -19.77 28.56
CA GLU B 654 31.56 -18.90 29.41
C GLU B 654 32.90 -18.53 28.78
N ALA B 655 33.17 -18.97 27.55
CA ALA B 655 34.41 -18.64 26.87
C ALA B 655 34.25 -17.58 25.79
N TRP B 656 33.11 -17.55 25.09
CA TRP B 656 32.89 -16.58 24.03
C TRP B 656 31.91 -15.48 24.40
N VAL B 657 31.37 -15.49 25.62
CA VAL B 657 30.64 -14.34 26.15
C VAL B 657 31.66 -13.54 26.96
N ARG B 658 32.33 -12.61 26.29
CA ARG B 658 33.46 -11.93 26.91
C ARG B 658 33.19 -10.44 27.05
N PRO B 659 33.76 -9.80 28.08
CA PRO B 659 33.76 -8.34 28.11
C PRO B 659 34.67 -7.78 27.03
N SER B 660 34.17 -6.76 26.34
CA SER B 660 34.89 -6.21 25.20
C SER B 660 34.49 -4.75 25.02
N PRO B 661 35.37 -3.92 24.47
CA PRO B 661 34.99 -2.54 24.17
C PRO B 661 33.93 -2.51 23.06
N ILE B 662 32.80 -1.87 23.35
CA ILE B 662 31.82 -1.61 22.31
C ILE B 662 32.26 -0.44 21.44
N ILE B 663 32.33 0.75 22.05
CA ILE B 663 32.87 1.94 21.41
C ILE B 663 33.74 2.66 22.43
N THR B 664 34.89 3.16 21.98
CA THR B 664 35.92 3.70 22.87
C THR B 664 36.21 5.15 22.51
N ASN B 665 36.02 6.05 23.49
CA ASN B 665 36.41 7.46 23.39
C ASN B 665 37.93 7.54 23.38
N GLY B 666 38.51 7.25 22.23
CA GLY B 666 39.94 7.29 22.04
C GLY B 666 40.40 6.11 21.23
N GLN B 667 41.71 5.86 21.30
CA GLN B 667 42.33 4.76 20.57
C GLN B 667 42.69 3.64 21.54
N ILE B 668 42.23 2.43 21.23
CA ILE B 668 42.50 1.26 22.07
C ILE B 668 43.95 0.84 21.85
N LEU B 669 44.76 0.90 22.91
CA LEU B 669 46.15 0.50 22.83
C LEU B 669 46.31 -1.00 23.10
N GLN B 670 45.70 -1.50 24.17
CA GLN B 670 45.73 -2.92 24.46
C GLN B 670 44.58 -3.26 25.39
N TYR B 671 43.93 -4.39 25.15
CA TYR B 671 42.87 -4.88 26.02
C TYR B 671 42.86 -6.40 25.97
N GLY B 672 42.19 -7.00 26.93
CA GLY B 672 42.13 -8.45 27.00
C GLY B 672 41.26 -8.90 28.15
N PHE B 673 40.95 -10.20 28.15
CA PHE B 673 40.13 -10.81 29.18
C PHE B 673 40.80 -12.11 29.62
N ASP B 674 41.18 -12.16 30.89
CA ASP B 674 41.77 -13.37 31.48
C ASP B 674 40.62 -14.20 32.04
N LEU B 675 40.14 -15.16 31.26
CA LEU B 675 39.03 -16.00 31.69
C LEU B 675 39.37 -16.77 32.97
N LYS B 676 40.65 -17.06 33.18
CA LYS B 676 41.07 -17.80 34.37
C LYS B 676 40.81 -16.99 35.64
N SER B 677 41.27 -15.75 35.67
CA SER B 677 41.09 -14.89 36.85
C SER B 677 39.89 -13.97 36.74
N CYS B 678 39.19 -13.97 35.61
CA CYS B 678 38.03 -13.11 35.37
C CYS B 678 38.38 -11.64 35.63
N VAL B 679 39.34 -11.16 34.85
CA VAL B 679 39.84 -9.79 34.98
C VAL B 679 39.86 -9.16 33.59
N PHE B 680 39.06 -8.12 33.40
CA PHE B 680 39.09 -7.35 32.17
C PHE B 680 40.01 -6.15 32.32
N SER B 681 40.81 -5.90 31.28
CA SER B 681 41.74 -4.79 31.27
C SER B 681 41.71 -4.13 29.90
N MET B 682 41.93 -2.82 29.89
CA MET B 682 42.02 -2.07 28.64
C MET B 682 42.86 -0.82 28.86
N ARG B 683 43.86 -0.63 28.01
CA ARG B 683 44.69 0.57 28.00
C ARG B 683 44.43 1.34 26.72
N LEU B 684 44.28 2.66 26.83
CA LEU B 684 43.88 3.49 25.71
C LEU B 684 44.63 4.81 25.74
N LEU B 685 44.51 5.55 24.64
CA LEU B 685 44.99 6.93 24.52
C LEU B 685 43.76 7.78 24.24
N GLY B 686 43.17 8.33 25.29
CA GLY B 686 41.94 9.07 25.14
C GLY B 686 42.12 10.34 24.34
N GLU B 687 41.04 10.79 23.72
CA GLU B 687 41.02 12.03 22.94
C GLU B 687 40.10 13.04 23.60
N LYS B 688 40.40 14.32 23.37
CA LYS B 688 39.64 15.39 24.01
C LYS B 688 38.27 15.53 23.39
N LYS B 689 37.26 15.70 24.24
CA LYS B 689 35.89 15.90 23.77
C LYS B 689 35.58 17.39 23.62
N ALA B 695 31.27 12.61 25.27
CA ALA B 695 31.36 11.24 24.79
C ALA B 695 32.22 10.40 25.72
N ALA B 696 31.87 9.11 25.85
CA ALA B 696 32.53 8.21 26.79
C ALA B 696 32.92 6.92 26.09
N THR B 697 33.73 6.12 26.79
CA THR B 697 34.02 4.77 26.37
C THR B 697 32.91 3.85 26.88
N GLU B 698 32.41 2.98 26.02
CA GLU B 698 31.37 2.03 26.37
C GLU B 698 31.93 0.62 26.22
N ILE B 699 31.83 -0.16 27.29
CA ILE B 699 32.37 -1.52 27.33
C ILE B 699 31.24 -2.47 27.70
N PHE B 700 31.13 -3.58 26.98
CA PHE B 700 30.17 -4.61 27.32
C PHE B 700 30.70 -5.46 28.47
N LEU B 701 29.85 -5.71 29.46
CA LEU B 701 30.19 -6.55 30.60
C LEU B 701 29.11 -7.62 30.75
N PRO B 702 29.43 -8.89 30.52
CA PRO B 702 28.42 -9.94 30.68
C PRO B 702 27.92 -10.01 32.12
N ASP B 703 26.61 -10.20 32.27
CA ASP B 703 26.04 -10.35 33.60
C ASP B 703 26.50 -11.65 34.26
N PHE B 704 26.84 -12.66 33.45
CA PHE B 704 27.34 -13.91 34.00
C PHE B 704 28.70 -13.72 34.66
N HIS B 705 29.70 -13.29 33.89
CA HIS B 705 31.02 -13.07 34.46
C HIS B 705 31.04 -11.90 35.43
N PHE B 706 30.18 -10.89 35.22
CA PHE B 706 30.16 -9.69 36.03
C PHE B 706 28.74 -9.43 36.54
N PRO B 707 28.34 -10.08 37.62
CA PRO B 707 27.12 -9.67 38.31
C PRO B 707 27.34 -8.35 39.04
N ASP B 708 26.29 -7.54 39.10
CA ASP B 708 26.42 -6.19 39.65
C ASP B 708 26.81 -6.20 41.12
N THR B 709 26.50 -7.29 41.83
CA THR B 709 26.82 -7.35 43.26
C THR B 709 28.30 -7.63 43.50
N HIS B 710 28.98 -8.29 42.57
CA HIS B 710 30.37 -8.65 42.75
C HIS B 710 31.31 -7.96 41.76
N THR B 711 30.79 -7.11 40.87
CA THR B 711 31.64 -6.43 39.91
C THR B 711 32.44 -5.33 40.60
N VAL B 712 33.76 -5.37 40.45
CA VAL B 712 34.67 -4.42 41.06
C VAL B 712 35.50 -3.79 39.96
N VAL B 713 35.52 -2.46 39.90
CA VAL B 713 36.15 -1.72 38.82
C VAL B 713 37.25 -0.82 39.39
N ALA B 714 38.33 -0.68 38.64
CA ALA B 714 39.43 0.21 38.98
C ALA B 714 39.77 1.08 37.77
N VAL B 715 39.92 2.38 37.98
CA VAL B 715 40.21 3.32 36.92
C VAL B 715 41.44 4.13 37.28
N SER B 716 42.22 4.49 36.25
CA SER B 716 43.39 5.34 36.46
C SER B 716 43.02 6.81 36.53
N ALA B 717 41.92 7.21 35.87
CA ALA B 717 41.47 8.59 35.87
C ALA B 717 40.01 8.63 35.41
N GLY B 718 39.28 9.61 35.92
CA GLY B 718 37.91 9.80 35.52
C GLY B 718 36.91 9.11 36.43
N GLU B 719 35.68 9.00 35.93
CA GLU B 719 34.57 8.42 36.67
C GLU B 719 33.82 7.42 35.79
N TRP B 720 32.96 6.64 36.44
CA TRP B 720 32.26 5.56 35.75
C TRP B 720 31.03 5.16 36.54
N THR B 721 29.98 4.76 35.82
CA THR B 721 28.86 4.04 36.39
C THR B 721 28.45 2.95 35.41
N ILE B 722 27.76 1.95 35.93
CA ILE B 722 27.33 0.79 35.14
C ILE B 722 25.81 0.85 35.00
N ASP B 723 25.33 0.82 33.76
CA ASP B 723 23.91 0.88 33.45
C ASP B 723 23.49 -0.39 32.71
N TYR B 724 22.19 -0.49 32.44
CA TYR B 724 21.60 -1.61 31.71
C TYR B 724 20.77 -1.02 30.57
N PRO B 725 21.42 -0.58 29.49
CA PRO B 725 20.66 -0.02 28.37
C PRO B 725 19.74 -1.05 27.73
N GLU B 726 18.57 -0.59 27.29
CA GLU B 726 17.54 -1.45 26.76
C GLU B 726 17.32 -1.15 25.29
N ILE B 727 17.43 -2.18 24.45
CA ILE B 727 17.22 -2.06 23.01
C ILE B 727 16.19 -3.12 22.64
N HIS B 728 14.92 -2.72 22.59
CA HIS B 728 13.80 -3.64 22.36
C HIS B 728 13.75 -4.73 23.43
N SER B 729 13.60 -4.28 24.67
CA SER B 729 13.51 -5.13 25.87
C SER B 729 14.78 -5.93 26.12
N VAL B 730 15.76 -5.85 25.21
CA VAL B 730 16.99 -6.59 25.37
C VAL B 730 17.86 -5.91 26.41
N LYS B 731 18.47 -6.71 27.28
CA LYS B 731 19.24 -6.23 28.42
C LYS B 731 20.69 -6.65 28.28
N PHE B 732 21.60 -5.74 28.65
CA PHE B 732 23.00 -6.12 28.79
C PHE B 732 23.70 -5.10 29.68
N GLN B 733 24.51 -5.61 30.61
CA GLN B 733 25.25 -4.75 31.53
C GLN B 733 26.38 -4.05 30.79
N ARG B 734 26.43 -2.73 30.92
CA ARG B 734 27.41 -1.92 30.19
C ARG B 734 28.05 -0.92 31.14
N LEU B 735 29.37 -0.76 31.02
CA LEU B 735 30.12 0.22 31.78
C LEU B 735 30.52 1.37 30.87
N ARG B 736 30.26 2.60 31.32
CA ARG B 736 30.67 3.80 30.61
C ARG B 736 31.74 4.51 31.44
N TRP B 737 32.88 4.78 30.80
CA TRP B 737 34.05 5.32 31.49
C TRP B 737 34.42 6.67 30.88
N TRP B 738 34.21 7.74 31.65
CA TRP B 738 34.58 9.09 31.24
C TRP B 738 35.98 9.37 31.77
N HIS B 739 36.94 9.49 30.86
CA HIS B 739 38.34 9.73 31.20
C HIS B 739 38.85 10.91 30.41
N PRO B 740 39.89 11.58 30.89
CA PRO B 740 40.47 12.70 30.15
C PRO B 740 41.37 12.21 29.02
N GLU B 741 42.01 13.17 28.36
CA GLU B 741 42.88 12.88 27.23
C GLU B 741 44.25 12.41 27.71
N GLY B 742 44.78 11.36 27.06
CA GLY B 742 46.10 10.86 27.35
C GLY B 742 46.08 9.38 27.63
N ASP B 743 47.14 8.90 28.26
CA ASP B 743 47.32 7.49 28.55
C ASP B 743 46.53 7.11 29.79
N HIS B 744 45.64 6.13 29.66
CA HIS B 744 44.82 5.67 30.78
C HIS B 744 44.60 4.17 30.64
N ASN B 745 44.21 3.55 31.75
CA ASN B 745 43.93 2.12 31.77
C ASN B 745 42.82 1.83 32.76
N ILE B 746 42.14 0.71 32.55
CA ILE B 746 41.03 0.28 33.38
C ILE B 746 41.20 -1.21 33.69
N LYS B 747 40.72 -1.62 34.87
CA LYS B 747 40.82 -3.00 35.30
C LYS B 747 39.49 -3.38 35.97
N ILE B 748 38.73 -4.25 35.31
CA ILE B 748 37.43 -4.69 35.81
C ILE B 748 37.52 -6.19 36.11
N GLN B 749 37.28 -6.56 37.36
CA GLN B 749 37.34 -7.94 37.81
C GLN B 749 35.96 -8.42 38.23
N GLY B 750 35.61 -9.64 37.80
CA GLY B 750 34.31 -10.21 38.12
C GLY B 750 34.39 -11.36 39.10
N VAL B 751 33.66 -12.43 38.81
CA VAL B 751 33.56 -13.60 39.68
C VAL B 751 34.38 -14.74 39.07
N LYS B 752 35.20 -15.37 39.90
CA LYS B 752 35.97 -16.53 39.47
C LYS B 752 35.12 -17.78 39.56
N ARG B 753 35.16 -18.60 38.51
CA ARG B 753 34.44 -19.87 38.47
C ARG B 753 35.38 -20.98 38.05
N LYS B 754 35.13 -22.17 38.56
CA LYS B 754 35.96 -23.33 38.24
C LYS B 754 35.57 -23.92 36.89
N LEU C 24 8.37 59.10 -20.87
CA LEU C 24 8.71 57.92 -21.67
C LEU C 24 10.20 57.61 -21.56
N ARG C 25 10.53 56.34 -21.31
CA ARG C 25 11.92 55.93 -21.23
C ARG C 25 12.46 55.50 -22.58
N LEU C 26 11.72 54.67 -23.30
CA LEU C 26 12.18 54.09 -24.55
C LEU C 26 11.05 54.13 -25.58
N ARG C 27 11.36 54.60 -26.78
CA ARG C 27 10.40 54.68 -27.87
C ARG C 27 10.84 53.76 -29.01
N VAL C 28 9.85 53.20 -29.70
CA VAL C 28 10.09 52.47 -30.95
C VAL C 28 10.03 53.49 -32.08
N ASP C 29 11.19 53.74 -32.70
CA ASP C 29 11.32 54.78 -33.73
C ASP C 29 11.94 54.17 -34.99
N GLY C 30 11.23 53.22 -35.58
CA GLY C 30 11.73 52.50 -36.73
C GLY C 30 12.53 51.29 -36.30
N GLN C 31 13.71 51.12 -36.88
CA GLN C 31 14.58 49.99 -36.52
C GLN C 31 15.33 50.21 -35.22
N THR C 32 15.13 51.33 -34.54
CA THR C 32 15.91 51.66 -33.36
C THR C 32 15.00 52.00 -32.19
N PHE C 33 15.54 51.88 -30.99
CA PHE C 33 14.93 52.39 -29.77
C PHE C 33 15.60 53.70 -29.40
N ARG C 34 14.81 54.67 -28.94
CA ARG C 34 15.32 56.00 -28.64
C ARG C 34 14.83 56.48 -27.28
N ASP C 35 15.72 57.13 -26.55
CA ASP C 35 15.42 57.75 -25.27
C ASP C 35 14.89 59.16 -25.48
N PRO C 36 14.45 59.84 -24.41
CA PRO C 36 13.96 61.23 -24.59
C PRO C 36 14.94 62.15 -25.30
N ASP C 37 16.25 61.87 -25.26
CA ASP C 37 17.24 62.70 -25.92
C ASP C 37 17.56 62.19 -27.34
N ASN C 38 16.63 61.46 -27.95
CA ASN C 38 16.76 60.95 -29.31
C ASN C 38 17.97 60.04 -29.50
N ARG C 39 18.61 59.59 -28.42
CA ARG C 39 19.77 58.72 -28.51
C ARG C 39 19.31 57.27 -28.59
N GLU C 40 20.11 56.44 -29.28
CA GLU C 40 19.79 55.04 -29.46
C GLU C 40 20.14 54.24 -28.21
N ILE C 41 19.26 53.32 -27.83
CA ILE C 41 19.44 52.43 -26.69
C ILE C 41 19.70 51.03 -27.22
N THR C 42 20.71 50.36 -26.69
CA THR C 42 21.02 48.98 -27.05
C THR C 42 20.65 48.07 -25.90
N LEU C 43 19.86 47.04 -26.18
CA LEU C 43 19.24 46.22 -25.15
C LEU C 43 20.08 44.98 -24.90
N ARG C 44 21.04 45.10 -23.99
CA ARG C 44 21.78 43.93 -23.50
C ARG C 44 21.07 43.43 -22.25
N GLY C 45 20.28 42.37 -22.41
CA GLY C 45 19.44 41.89 -21.31
C GLY C 45 19.62 40.43 -20.96
N ILE C 46 18.65 39.89 -20.22
CA ILE C 46 18.74 38.52 -19.70
C ILE C 46 17.34 38.05 -19.33
N ASN C 47 17.12 36.75 -19.41
CA ASN C 47 15.85 36.15 -19.04
C ASN C 47 15.78 35.91 -17.54
N VAL C 48 14.63 36.24 -16.94
CA VAL C 48 14.42 36.16 -15.50
C VAL C 48 12.99 35.70 -15.25
N ALA C 49 12.82 34.57 -14.56
CA ALA C 49 13.90 33.69 -14.12
C ALA C 49 13.48 32.24 -14.31
N GLY C 50 14.39 31.30 -14.06
CA GLY C 50 14.10 29.90 -14.30
C GLY C 50 13.14 29.27 -13.32
N GLU C 51 13.01 29.84 -12.12
CA GLU C 51 12.12 29.27 -11.12
C GLU C 51 10.65 29.47 -11.45
N ALA C 52 10.34 30.42 -12.35
CA ALA C 52 8.95 30.73 -12.65
C ALA C 52 8.24 29.62 -13.42
N LYS C 53 8.96 28.58 -13.85
CA LYS C 53 8.32 27.50 -14.58
C LYS C 53 7.51 26.60 -13.66
N TYR C 54 7.89 26.51 -12.39
CA TYR C 54 7.21 25.66 -11.43
C TYR C 54 6.87 26.46 -10.18
N PRO C 55 5.75 26.15 -9.51
CA PRO C 55 5.31 26.96 -8.38
C PRO C 55 6.21 26.86 -7.15
N LYS C 56 5.88 27.62 -6.11
CA LYS C 56 6.74 27.79 -4.94
C LYS C 56 6.32 26.95 -3.75
N LYS C 57 5.03 26.91 -3.42
CA LYS C 57 4.54 26.19 -2.26
C LYS C 57 3.37 25.30 -2.65
N PRO C 58 3.58 23.99 -2.84
CA PRO C 58 4.88 23.32 -2.72
C PRO C 58 5.82 23.58 -3.91
N ASP C 59 7.12 23.57 -3.64
CA ASP C 59 8.11 23.78 -4.70
C ASP C 59 8.32 22.50 -5.50
N ILE C 60 8.28 22.62 -6.83
CA ILE C 60 8.40 21.45 -7.68
C ILE C 60 9.57 21.62 -8.64
N PRO C 61 10.82 21.59 -8.17
CA PRO C 61 11.94 21.59 -9.11
C PRO C 61 12.02 20.33 -9.96
N SER C 62 11.91 19.18 -9.32
CA SER C 62 12.12 17.92 -10.02
C SER C 62 10.92 17.03 -9.74
N TYR C 63 11.13 15.83 -9.19
CA TYR C 63 10.06 14.90 -8.84
C TYR C 63 9.49 15.17 -7.45
N VAL C 64 10.35 15.07 -6.42
CA VAL C 64 10.13 15.54 -5.06
C VAL C 64 8.80 15.07 -4.44
N SER C 65 8.39 15.74 -3.36
CA SER C 65 7.43 15.16 -2.42
C SER C 65 6.03 15.08 -3.02
N ASP C 66 5.56 16.15 -3.66
CA ASP C 66 4.22 16.17 -4.21
C ASP C 66 4.15 15.23 -5.41
N GLY C 67 3.87 13.95 -5.16
CA GLY C 67 3.79 12.95 -6.21
C GLY C 67 2.50 12.99 -7.00
N PHE C 68 1.36 13.03 -6.30
CA PHE C 68 0.05 13.00 -6.94
C PHE C 68 -0.36 14.34 -7.53
N PHE C 69 0.38 15.42 -7.22
CA PHE C 69 0.15 16.74 -7.80
C PHE C 69 -1.16 17.38 -7.33
N ASP C 70 -1.04 18.49 -6.59
CA ASP C 70 -2.20 19.30 -6.27
C ASP C 70 -2.83 19.77 -7.56
N ALA C 71 -3.85 19.04 -8.02
CA ALA C 71 -4.40 19.26 -9.37
C ALA C 71 -4.89 20.69 -9.56
N ASP C 72 -5.33 21.36 -8.49
CA ASP C 72 -5.89 22.70 -8.61
C ASP C 72 -5.59 23.57 -7.40
N ASN C 73 -4.45 23.35 -6.74
CA ASN C 73 -4.26 23.96 -5.42
C ASN C 73 -2.77 24.17 -5.15
N VAL C 74 -2.16 25.12 -5.86
CA VAL C 74 -0.80 25.55 -5.53
C VAL C 74 -0.77 27.08 -5.57
N SER C 75 0.41 27.67 -5.44
CA SER C 75 0.54 29.12 -5.50
C SER C 75 1.95 29.47 -5.97
N PHE C 76 2.03 30.34 -6.99
CA PHE C 76 3.32 30.78 -7.53
C PHE C 76 3.87 31.99 -6.77
N VAL C 77 3.35 32.27 -5.58
CA VAL C 77 3.84 33.39 -4.78
C VAL C 77 5.25 33.07 -4.29
N GLY C 78 6.22 33.86 -4.76
CA GLY C 78 7.59 33.76 -4.29
C GLY C 78 8.55 33.09 -5.24
N ARG C 79 8.17 32.89 -6.52
CA ARG C 79 9.04 32.20 -7.48
C ARG C 79 9.06 32.88 -8.84
N PRO C 80 9.42 34.15 -8.88
CA PRO C 80 10.54 34.53 -9.75
C PRO C 80 11.76 34.40 -8.88
N PHE C 81 11.57 34.80 -7.63
CA PHE C 81 12.44 34.58 -6.48
C PHE C 81 11.68 35.09 -5.27
N SER C 82 12.22 34.83 -4.08
CA SER C 82 11.61 35.34 -2.87
C SER C 82 11.62 36.87 -2.90
N LEU C 83 10.49 37.46 -2.48
CA LEU C 83 10.26 38.88 -2.73
C LEU C 83 11.29 39.75 -2.03
N ASP C 84 11.57 39.46 -0.75
CA ASP C 84 12.47 40.32 0.02
C ASP C 84 13.88 40.31 -0.57
N ASP C 85 14.34 39.16 -1.06
CA ASP C 85 15.71 39.03 -1.53
C ASP C 85 15.95 39.72 -2.87
N ALA C 86 14.89 40.11 -3.57
CA ALA C 86 14.95 40.65 -4.94
C ALA C 86 16.13 41.58 -5.18
N HIS C 87 16.47 42.41 -4.18
CA HIS C 87 17.57 43.35 -4.34
C HIS C 87 18.90 42.65 -4.59
N THR C 88 19.06 41.42 -4.09
CA THR C 88 20.32 40.71 -4.27
C THR C 88 20.55 40.34 -5.73
N HIS C 89 19.50 39.90 -6.42
CA HIS C 89 19.66 39.43 -7.79
C HIS C 89 19.67 40.59 -8.78
N PHE C 90 18.79 41.58 -8.60
CA PHE C 90 18.78 42.73 -9.50
C PHE C 90 20.08 43.52 -9.45
N SER C 91 20.64 43.68 -8.24
CA SER C 91 21.94 44.33 -8.13
C SER C 91 23.02 43.50 -8.80
N ARG C 92 22.91 42.17 -8.72
CA ARG C 92 23.86 41.30 -9.40
C ARG C 92 23.74 41.39 -10.91
N LEU C 93 22.54 41.71 -11.41
CA LEU C 93 22.35 41.85 -12.85
C LEU C 93 22.88 43.18 -13.36
N ARG C 94 22.69 44.26 -12.60
CA ARG C 94 23.27 45.53 -13.00
C ARG C 94 24.78 45.50 -12.92
N LYS C 95 25.34 44.74 -11.97
CA LYS C 95 26.79 44.60 -11.87
C LYS C 95 27.38 43.97 -13.13
N TRP C 96 26.63 43.09 -13.77
CA TRP C 96 27.06 42.43 -14.99
C TRP C 96 26.75 43.23 -16.25
N GLY C 97 26.23 44.45 -16.10
CA GLY C 97 26.04 45.31 -17.26
C GLY C 97 24.78 45.07 -18.04
N TYR C 98 23.82 44.33 -17.49
CA TYR C 98 22.55 44.12 -18.17
C TYR C 98 21.64 45.32 -17.95
N ASN C 99 20.94 45.72 -19.01
CA ASN C 99 19.98 46.82 -18.93
C ASN C 99 18.56 46.40 -19.25
N THR C 100 18.33 45.14 -19.63
CA THR C 100 17.01 44.65 -20.01
C THR C 100 16.75 43.34 -19.28
N ILE C 101 15.47 43.04 -19.05
CA ILE C 101 15.06 41.83 -18.36
C ILE C 101 13.82 41.27 -19.04
N ARG C 102 13.87 39.97 -19.39
CA ARG C 102 12.71 39.25 -19.93
C ARG C 102 12.05 38.54 -18.75
N TYR C 103 10.97 39.13 -18.24
CA TYR C 103 10.32 38.63 -17.04
C TYR C 103 9.48 37.40 -17.37
N VAL C 104 9.81 36.26 -16.76
CA VAL C 104 9.14 35.00 -17.04
C VAL C 104 7.99 34.80 -16.07
N PHE C 105 6.80 34.53 -16.60
CA PHE C 105 5.65 34.15 -15.80
C PHE C 105 4.82 33.17 -16.62
N THR C 106 4.11 32.29 -15.91
CA THR C 106 3.33 31.24 -16.54
C THR C 106 1.84 31.55 -16.46
N TRP C 107 1.10 31.04 -17.46
CA TRP C 107 -0.36 31.09 -17.40
C TRP C 107 -0.88 30.33 -16.19
N GLU C 108 -0.11 29.35 -15.70
CA GLU C 108 -0.50 28.62 -14.49
C GLU C 108 -0.44 29.52 -13.25
N ALA C 109 0.45 30.52 -13.25
CA ALA C 109 0.57 31.40 -12.10
C ALA C 109 -0.66 32.28 -11.91
N ILE C 110 -1.50 32.40 -12.93
CA ILE C 110 -2.66 33.29 -12.89
C ILE C 110 -3.94 32.51 -12.62
N GLU C 111 -4.15 31.40 -13.30
CA GLU C 111 -5.46 30.78 -13.40
C GLU C 111 -5.35 29.25 -13.26
N HIS C 112 -4.87 28.79 -12.11
CA HIS C 112 -4.62 27.36 -11.92
C HIS C 112 -5.68 26.64 -11.10
N GLU C 113 -6.57 27.37 -10.43
CA GLU C 113 -7.61 26.68 -9.65
C GLU C 113 -8.89 26.46 -10.45
N GLY C 114 -9.17 27.30 -11.45
CA GLY C 114 -10.36 27.15 -12.24
C GLY C 114 -10.48 28.21 -13.32
N PRO C 115 -11.43 28.03 -14.24
CA PRO C 115 -11.62 29.01 -15.30
C PRO C 115 -12.33 30.26 -14.79
N GLY C 116 -11.83 31.42 -15.22
CA GLY C 116 -12.32 32.66 -14.67
C GLY C 116 -11.99 32.87 -13.22
N LYS C 117 -11.15 32.01 -12.63
CA LYS C 117 -10.70 32.12 -11.26
C LYS C 117 -9.22 32.47 -11.25
N TYR C 118 -8.88 33.62 -10.69
CA TYR C 118 -7.53 34.16 -10.74
C TYR C 118 -6.88 34.13 -9.37
N ASP C 119 -5.57 34.40 -9.37
CA ASP C 119 -4.76 34.45 -8.16
C ASP C 119 -4.29 35.90 -7.98
N ASP C 120 -5.10 36.68 -7.26
CA ASP C 120 -4.76 38.09 -7.04
C ASP C 120 -3.55 38.26 -6.13
N GLU C 121 -3.22 37.25 -5.32
CA GLU C 121 -2.08 37.37 -4.43
C GLU C 121 -0.77 37.40 -5.20
N TRP C 122 -0.63 36.54 -6.20
CA TRP C 122 0.61 36.53 -7.00
C TRP C 122 0.71 37.77 -7.87
N ILE C 123 -0.42 38.24 -8.41
CA ILE C 123 -0.40 39.42 -9.27
C ILE C 123 0.10 40.63 -8.50
N SER C 124 -0.42 40.83 -7.28
CA SER C 124 0.00 41.98 -6.49
C SER C 124 1.49 41.94 -6.18
N PHE C 125 2.02 40.76 -5.86
CA PHE C 125 3.43 40.66 -5.53
C PHE C 125 4.31 40.80 -6.76
N THR C 126 3.82 40.37 -7.93
CA THR C 126 4.56 40.60 -9.16
C THR C 126 4.64 42.09 -9.49
N ILE C 127 3.57 42.83 -9.20
CA ILE C 127 3.61 44.29 -9.32
C ILE C 127 4.69 44.86 -8.41
N GLU C 128 4.84 44.28 -7.21
CA GLU C 128 5.87 44.76 -6.30
C GLU C 128 7.27 44.40 -6.79
N VAL C 129 7.42 43.28 -7.49
CA VAL C 129 8.71 42.92 -8.07
C VAL C 129 9.10 43.94 -9.13
N LEU C 130 8.15 44.29 -10.00
CA LEU C 130 8.44 45.24 -11.08
C LEU C 130 8.76 46.63 -10.55
N ARG C 131 8.17 47.01 -9.42
CA ARG C 131 8.52 48.30 -8.81
C ARG C 131 9.94 48.28 -8.28
N ILE C 132 10.43 47.12 -7.82
CA ILE C 132 11.81 47.02 -7.38
C ILE C 132 12.76 47.16 -8.56
N ALA C 133 12.37 46.62 -9.72
CA ALA C 133 13.18 46.75 -10.93
C ALA C 133 13.23 48.18 -11.43
N LYS C 134 12.22 49.00 -11.10
CA LYS C 134 12.25 50.40 -11.52
C LYS C 134 13.36 51.18 -10.83
N GLN C 135 13.72 50.79 -9.60
CA GLN C 135 14.80 51.48 -8.89
C GLN C 135 16.15 51.21 -9.53
N TYR C 136 16.35 50.02 -10.11
CA TYR C 136 17.61 49.67 -10.74
C TYR C 136 17.72 50.12 -12.19
N GLY C 137 16.64 50.64 -12.78
CA GLY C 137 16.70 51.17 -14.12
C GLY C 137 16.70 50.14 -15.23
N PHE C 138 16.11 48.97 -14.99
CA PHE C 138 16.01 47.96 -16.04
C PHE C 138 14.95 48.35 -17.08
N TYR C 139 15.00 47.66 -18.21
CA TYR C 139 13.89 47.61 -19.15
C TYR C 139 13.31 46.21 -19.11
N VAL C 140 12.00 46.12 -18.86
CA VAL C 140 11.35 44.84 -18.64
C VAL C 140 10.19 44.69 -19.62
N PHE C 141 10.13 43.55 -20.31
CA PHE C 141 8.97 43.15 -21.09
C PHE C 141 8.55 41.76 -20.62
N LEU C 142 7.24 41.57 -20.48
CA LEU C 142 6.70 40.39 -19.82
C LEU C 142 6.53 39.24 -20.81
N ASP C 143 6.85 38.04 -20.33
CA ASP C 143 6.89 36.84 -21.18
C ASP C 143 5.87 35.81 -20.70
N PRO C 144 4.82 35.53 -21.47
CA PRO C 144 3.89 34.43 -21.13
C PRO C 144 4.51 33.08 -21.50
N HIS C 145 5.38 32.59 -20.62
CA HIS C 145 6.20 31.44 -20.95
C HIS C 145 5.40 30.14 -20.94
N GLN C 146 5.87 29.19 -21.72
CA GLN C 146 5.27 27.86 -21.79
C GLN C 146 6.27 26.90 -22.41
N ASP C 147 6.10 25.62 -22.10
CA ASP C 147 6.90 24.55 -22.70
C ASP C 147 5.98 23.36 -22.94
N VAL C 148 5.95 22.89 -24.20
CA VAL C 148 5.03 21.87 -24.69
C VAL C 148 3.67 21.96 -23.99
N TRP C 149 3.02 23.13 -24.14
CA TRP C 149 1.70 23.43 -23.61
C TRP C 149 1.70 23.58 -22.09
N SER C 150 1.61 22.47 -21.37
CA SER C 150 1.47 22.49 -19.92
C SER C 150 2.58 21.72 -19.25
N ARG C 151 2.77 22.00 -17.95
CA ARG C 151 3.76 21.25 -17.17
C ARG C 151 3.32 19.81 -16.93
N LEU C 152 2.02 19.53 -17.05
CA LEU C 152 1.54 18.16 -17.00
C LEU C 152 1.81 17.39 -18.29
N SER C 153 2.23 18.09 -19.35
CA SER C 153 2.55 17.46 -20.62
C SER C 153 4.05 17.48 -20.91
N GLY C 154 4.87 17.71 -19.90
CA GLY C 154 6.30 17.66 -20.04
C GLY C 154 7.02 18.99 -20.14
N GLY C 155 6.50 20.04 -19.50
CA GLY C 155 7.16 21.33 -19.57
C GLY C 155 6.72 22.30 -18.49
N SER C 156 6.10 23.41 -18.89
CA SER C 156 5.62 24.43 -17.97
C SER C 156 4.71 25.38 -18.75
N GLY C 157 4.14 26.34 -18.04
CA GLY C 157 3.35 27.38 -18.68
C GLY C 157 1.88 27.36 -18.37
N ALA C 158 1.12 26.56 -19.12
CA ALA C 158 -0.32 26.54 -18.98
C ALA C 158 -0.73 25.98 -17.62
N PRO C 159 -1.90 26.38 -17.11
CA PRO C 159 -2.40 25.79 -15.86
C PRO C 159 -2.62 24.29 -16.00
N ALA C 160 -2.63 23.63 -14.85
CA ALA C 160 -2.81 22.18 -14.83
C ALA C 160 -4.17 21.77 -15.39
N TRP C 161 -5.16 22.63 -15.26
CA TRP C 161 -6.54 22.26 -15.60
C TRP C 161 -6.88 22.48 -17.06
N THR C 162 -5.92 22.90 -17.89
CA THR C 162 -6.23 23.18 -19.29
C THR C 162 -6.48 21.90 -20.09
N LEU C 163 -5.82 20.80 -19.72
CA LEU C 163 -5.93 19.55 -20.47
C LEU C 163 -7.21 18.78 -20.18
N TYR C 164 -8.10 19.32 -19.36
CA TYR C 164 -9.34 18.64 -19.01
C TYR C 164 -10.45 18.86 -20.03
N ALA C 165 -10.14 19.52 -21.16
CA ALA C 165 -11.10 19.58 -22.25
C ALA C 165 -11.36 18.21 -22.86
N ALA C 166 -10.41 17.29 -22.73
CA ALA C 166 -10.52 15.95 -23.31
C ALA C 166 -9.70 14.93 -22.56
N GLY C 167 -8.40 15.19 -22.46
CA GLY C 167 -7.47 14.17 -22.01
C GLY C 167 -7.49 13.96 -20.51
N PHE C 168 -7.03 12.77 -20.12
CA PHE C 168 -6.96 12.36 -18.72
C PHE C 168 -5.65 12.85 -18.13
N ASP C 169 -5.74 13.83 -17.23
CA ASP C 169 -4.60 14.16 -16.38
C ASP C 169 -4.17 12.91 -15.62
N PRO C 170 -2.86 12.62 -15.52
CA PRO C 170 -2.24 11.35 -15.15
C PRO C 170 -3.21 10.17 -14.95
N LYS C 174 1.72 8.39 -19.01
CA LYS C 174 3.05 7.81 -19.13
C LYS C 174 3.05 6.62 -20.06
N LYS C 175 2.46 5.52 -19.58
CA LYS C 175 2.52 4.24 -20.27
C LYS C 175 1.74 4.23 -21.57
N THR C 176 1.11 5.34 -21.95
CA THR C 176 0.32 5.43 -23.18
C THR C 176 0.84 6.51 -24.11
N GLU C 177 2.13 6.84 -24.01
CA GLU C 177 2.77 7.89 -24.80
C GLU C 177 2.00 9.18 -24.59
N ALA C 178 1.44 9.79 -25.64
CA ALA C 178 0.76 11.09 -25.55
C ALA C 178 1.69 12.16 -25.01
N ALA C 179 2.12 12.01 -23.75
CA ALA C 179 3.13 12.85 -23.16
C ALA C 179 4.11 11.96 -22.39
N LEU C 180 5.40 12.20 -22.58
CA LEU C 180 6.37 11.58 -21.69
C LEU C 180 6.49 12.44 -20.45
N VAL C 181 6.14 11.86 -19.30
CA VAL C 181 5.95 12.64 -18.07
C VAL C 181 7.30 12.85 -17.40
N GLN C 182 7.67 14.12 -17.23
CA GLN C 182 8.87 14.46 -16.48
C GLN C 182 8.73 14.07 -15.02
N ASN C 183 7.57 14.38 -14.42
CA ASN C 183 7.43 14.47 -12.98
C ASN C 183 6.83 13.21 -12.35
N THR C 184 6.80 12.10 -13.09
CA THR C 184 6.33 10.85 -12.50
C THR C 184 7.13 9.67 -13.02
N PHE C 185 8.20 9.89 -13.78
CA PHE C 185 9.05 8.80 -14.22
C PHE C 185 9.70 8.11 -13.02
N ASP C 186 10.19 6.90 -13.25
CA ASP C 186 10.69 6.05 -12.17
C ASP C 186 11.84 6.74 -11.42
N ASP C 187 12.90 7.11 -12.14
CA ASP C 187 14.10 7.65 -11.53
C ASP C 187 14.34 9.06 -12.04
N PRO C 188 14.32 10.08 -11.18
CA PRO C 188 14.66 11.44 -11.64
C PRO C 188 16.13 11.63 -11.97
N ALA C 189 17.01 10.79 -11.43
CA ALA C 189 18.42 10.87 -11.79
C ALA C 189 18.65 10.37 -13.21
N GLU C 190 17.85 9.42 -13.67
CA GLU C 190 17.93 8.90 -15.03
C GLU C 190 16.98 9.63 -15.99
N PHE C 191 16.78 10.90 -15.73
CA PHE C 191 15.96 11.68 -16.62
C PHE C 191 16.69 11.64 -17.97
N PRO C 192 15.97 11.46 -19.08
CA PRO C 192 16.68 11.40 -20.35
C PRO C 192 17.06 12.79 -20.87
N LYS C 193 18.17 13.35 -20.38
CA LYS C 193 18.76 14.64 -20.72
C LYS C 193 17.69 15.60 -20.95
N MET C 194 17.19 15.61 -22.15
CA MET C 194 16.02 16.36 -22.44
C MET C 194 15.25 15.71 -23.57
N ILE C 195 14.00 15.33 -23.37
CA ILE C 195 13.18 14.82 -24.45
C ILE C 195 11.92 15.61 -24.47
N TRP C 196 11.75 16.39 -23.39
CA TRP C 196 10.61 17.29 -23.27
C TRP C 196 10.34 18.05 -24.56
N SER C 197 11.39 18.38 -25.31
CA SER C 197 11.22 19.11 -26.56
C SER C 197 10.54 18.27 -27.64
N THR C 198 10.51 16.94 -27.48
CA THR C 198 9.82 16.09 -28.44
C THR C 198 8.33 15.96 -28.17
N ASN C 199 7.86 16.44 -27.00
CA ASN C 199 6.44 16.38 -26.71
C ASN C 199 5.61 17.24 -27.65
N TYR C 200 6.23 18.25 -28.28
CA TYR C 200 5.55 19.07 -29.27
C TYR C 200 4.97 18.23 -30.40
N THR C 201 5.53 17.05 -30.67
CA THR C 201 5.10 16.20 -31.76
C THR C 201 4.46 14.91 -31.28
N ARG C 202 3.99 14.87 -30.03
CA ARG C 202 3.24 13.74 -29.50
C ARG C 202 1.77 14.14 -29.36
N LEU C 203 0.99 13.24 -28.77
CA LEU C 203 -0.47 13.40 -28.81
C LEU C 203 -0.94 14.62 -28.03
N VAL C 204 -0.37 14.87 -26.85
CA VAL C 204 -0.92 15.91 -25.97
C VAL C 204 -0.72 17.30 -26.59
N SER C 205 0.50 17.58 -27.06
CA SER C 205 0.78 18.93 -27.56
C SER C 205 0.26 19.14 -28.97
N GLN C 206 0.30 18.09 -29.81
CA GLN C 206 -0.31 18.21 -31.14
C GLN C 206 -1.81 18.45 -31.03
N THR C 207 -2.45 17.95 -29.98
CA THR C 207 -3.89 18.15 -29.82
C THR C 207 -4.20 19.53 -29.23
N MET C 208 -3.53 19.89 -28.13
CA MET C 208 -3.87 21.13 -27.45
C MET C 208 -3.56 22.35 -28.31
N PHE C 209 -2.40 22.35 -28.98
CA PHE C 209 -2.06 23.50 -29.83
C PHE C 209 -2.97 23.59 -31.04
N THR C 210 -3.31 22.45 -31.65
CA THR C 210 -4.24 22.47 -32.78
C THR C 210 -5.62 22.96 -32.34
N LEU C 211 -6.08 22.52 -31.17
CA LEU C 211 -7.33 23.03 -30.64
C LEU C 211 -7.23 24.51 -30.29
N PHE C 212 -6.05 24.95 -29.86
CA PHE C 212 -5.87 26.35 -29.48
C PHE C 212 -5.90 27.27 -30.69
N TYR C 213 -5.31 26.83 -31.81
CA TYR C 213 -5.21 27.67 -33.00
C TYR C 213 -6.26 27.38 -34.05
N GLY C 214 -6.87 26.19 -34.03
CA GLY C 214 -7.85 25.85 -35.05
C GLY C 214 -8.84 24.80 -34.60
N GLY C 215 -9.38 24.94 -33.39
CA GLY C 215 -10.37 23.99 -32.91
C GLY C 215 -11.67 24.05 -33.69
N ARG C 216 -11.98 25.21 -34.27
CA ARG C 216 -13.20 25.33 -35.06
C ARG C 216 -13.06 24.66 -36.42
N ASP C 217 -11.84 24.52 -36.92
CA ASP C 217 -11.63 23.98 -38.26
C ASP C 217 -11.41 22.47 -38.24
N PHE C 218 -10.54 21.98 -37.37
CA PHE C 218 -10.12 20.58 -37.40
C PHE C 218 -10.75 19.73 -36.32
N ALA C 219 -11.43 20.32 -35.34
CA ALA C 219 -12.20 19.57 -34.36
C ALA C 219 -13.47 20.35 -34.01
N PRO C 220 -14.36 20.57 -35.00
CA PRO C 220 -15.50 21.47 -34.78
C PRO C 220 -16.60 20.89 -33.90
N LYS C 221 -16.31 19.79 -33.21
CA LYS C 221 -17.21 19.26 -32.19
C LYS C 221 -16.69 19.54 -30.78
N ALA C 222 -15.72 20.44 -30.64
CA ALA C 222 -15.10 20.74 -29.35
C ALA C 222 -15.77 21.96 -28.71
N ILE C 223 -17.06 21.82 -28.44
CA ILE C 223 -17.90 22.92 -27.96
C ILE C 223 -17.97 22.84 -26.44
N ILE C 224 -17.52 23.90 -25.78
CA ILE C 224 -17.57 24.02 -24.33
C ILE C 224 -18.24 25.35 -23.99
N ASP C 225 -19.27 25.29 -23.14
CA ASP C 225 -20.04 26.47 -22.74
C ASP C 225 -20.69 27.17 -23.94
N GLY C 226 -21.02 26.40 -24.98
CA GLY C 226 -21.61 26.95 -26.17
C GLY C 226 -20.62 27.48 -27.20
N ILE C 227 -19.34 27.55 -26.86
CA ILE C 227 -18.32 28.03 -27.78
C ILE C 227 -17.30 26.90 -27.98
N ASN C 228 -16.59 26.98 -29.11
CA ASN C 228 -15.61 25.97 -29.45
C ASN C 228 -14.40 26.05 -28.52
N ILE C 229 -13.66 24.95 -28.44
CA ILE C 229 -12.45 24.91 -27.62
C ILE C 229 -11.41 25.91 -28.12
N GLN C 230 -11.48 26.29 -29.39
CA GLN C 230 -10.57 27.30 -29.92
C GLN C 230 -10.85 28.66 -29.29
N ASP C 231 -12.12 29.04 -29.22
CA ASP C 231 -12.50 30.26 -28.52
C ASP C 231 -12.38 30.10 -27.01
N TYR C 232 -12.45 28.87 -26.50
CA TYR C 232 -12.39 28.64 -25.06
C TYR C 232 -10.96 28.76 -24.54
N LEU C 233 -10.02 28.00 -25.13
CA LEU C 233 -8.64 28.04 -24.67
C LEU C 233 -8.03 29.41 -24.89
N GLN C 234 -8.28 30.02 -26.04
CA GLN C 234 -7.78 31.37 -26.29
C GLN C 234 -8.48 32.40 -25.41
N GLY C 235 -9.80 32.28 -25.27
CA GLY C 235 -10.53 33.26 -24.49
C GLY C 235 -10.08 33.34 -23.04
N HIS C 236 -9.68 32.21 -22.47
CA HIS C 236 -9.19 32.22 -21.10
C HIS C 236 -7.74 32.71 -21.03
N PHE C 237 -6.93 32.38 -22.04
CA PHE C 237 -5.56 32.90 -22.07
C PHE C 237 -5.55 34.41 -22.29
N ILE C 238 -6.44 34.90 -23.15
CA ILE C 238 -6.52 36.34 -23.40
C ILE C 238 -7.03 37.06 -22.16
N ALA C 239 -8.02 36.48 -21.47
CA ALA C 239 -8.60 37.14 -20.30
C ALA C 239 -7.64 37.08 -19.11
N ALA C 240 -7.01 35.93 -18.87
CA ALA C 240 -6.10 35.81 -17.73
C ALA C 240 -4.89 36.72 -17.87
N CYS C 241 -4.44 36.97 -19.10
CA CYS C 241 -3.31 37.87 -19.30
C CYS C 241 -3.76 39.32 -19.30
N ARG C 242 -4.95 39.61 -19.83
CA ARG C 242 -5.44 40.98 -19.84
C ARG C 242 -5.78 41.47 -18.43
N TYR C 243 -6.32 40.58 -17.59
CA TYR C 243 -6.58 40.94 -16.20
C TYR C 243 -5.29 41.27 -15.47
N PHE C 244 -4.22 40.51 -15.76
CA PHE C 244 -2.92 40.84 -15.20
C PHE C 244 -2.38 42.14 -15.78
N ALA C 245 -2.76 42.48 -17.01
CA ALA C 245 -2.38 43.76 -17.59
C ALA C 245 -3.20 44.91 -17.04
N GLN C 246 -4.46 44.67 -16.68
CA GLN C 246 -5.28 45.72 -16.10
C GLN C 246 -4.79 46.09 -14.70
N LYS C 247 -4.31 45.10 -13.94
CA LYS C 247 -3.75 45.39 -12.62
C LYS C 247 -2.44 46.17 -12.75
N ILE C 248 -1.68 45.95 -13.82
CA ILE C 248 -0.51 46.77 -14.08
C ILE C 248 -0.91 48.22 -14.34
N HIS C 249 -1.95 48.42 -15.14
CA HIS C 249 -2.44 49.76 -15.41
C HIS C 249 -2.97 50.41 -14.14
N GLU C 250 -3.63 49.64 -13.27
CA GLU C 250 -4.14 50.18 -12.01
C GLU C 250 -3.03 50.50 -11.03
N ALA C 251 -1.85 49.87 -11.18
CA ALA C 251 -0.70 50.27 -10.37
C ALA C 251 -0.25 51.68 -10.72
N GLY C 252 -0.29 52.04 -12.01
CA GLY C 252 -0.06 53.39 -12.45
C GLY C 252 1.37 53.88 -12.42
N ASP C 253 2.30 53.14 -11.81
CA ASP C 253 3.66 53.61 -11.63
C ASP C 253 4.71 52.76 -12.34
N ILE C 254 4.32 51.67 -12.99
CA ILE C 254 5.29 50.77 -13.62
C ILE C 254 5.24 50.83 -15.15
N GLU C 255 4.15 51.31 -15.75
CA GLU C 255 4.08 51.38 -17.19
C GLU C 255 5.00 52.48 -17.70
N ASN C 256 5.83 52.13 -18.69
CA ASN C 256 6.79 53.02 -19.34
C ASN C 256 7.96 53.39 -18.43
N GLU C 257 7.78 53.31 -17.11
CA GLU C 257 8.84 53.64 -16.18
C GLU C 257 9.73 52.45 -15.82
N VAL C 258 9.34 51.24 -16.21
CA VAL C 258 10.18 50.06 -16.04
C VAL C 258 9.71 48.96 -16.98
N VAL C 259 8.40 48.83 -17.15
CA VAL C 259 7.80 47.85 -18.04
C VAL C 259 7.47 48.55 -19.36
N ILE C 260 8.12 48.11 -20.44
CA ILE C 260 7.98 48.79 -21.73
C ILE C 260 7.03 48.07 -22.67
N GLY C 261 6.67 46.82 -22.41
CA GLY C 261 5.74 46.14 -23.29
C GLY C 261 5.56 44.69 -22.90
N TRP C 262 5.10 43.90 -23.88
CA TRP C 262 4.70 42.51 -23.68
C TRP C 262 5.28 41.63 -24.78
N GLU C 263 5.36 40.33 -24.48
CA GLU C 263 5.69 39.32 -25.46
C GLU C 263 4.44 38.50 -25.78
N SER C 264 4.38 37.99 -27.00
CA SER C 264 3.18 37.30 -27.47
C SER C 264 2.96 35.97 -26.74
N MET C 265 3.67 34.93 -27.16
CA MET C 265 3.53 33.61 -26.55
C MET C 265 4.81 32.83 -26.81
N ASN C 266 5.32 32.17 -25.78
CA ASN C 266 6.62 31.53 -25.86
C ASN C 266 6.58 30.32 -26.79
N GLU C 267 7.30 30.40 -27.91
CA GLU C 267 7.49 29.32 -28.87
C GLU C 267 6.16 28.72 -29.30
N PRO C 268 5.43 29.39 -30.18
CA PRO C 268 4.13 28.86 -30.62
C PRO C 268 4.31 27.63 -31.52
N ASN C 269 3.45 26.65 -31.30
CA ASN C 269 3.46 25.41 -32.05
C ASN C 269 2.15 25.26 -32.82
N ARG C 270 2.22 24.60 -33.98
CA ARG C 270 1.04 24.40 -34.82
C ARG C 270 0.38 23.05 -34.60
N GLY C 271 1.01 22.12 -33.90
CA GLY C 271 0.46 20.81 -33.70
C GLY C 271 0.43 19.99 -34.97
N LEU C 272 -0.74 19.88 -35.58
CA LEU C 272 -0.92 19.16 -36.83
C LEU C 272 -1.29 20.05 -38.00
N ILE C 273 -1.60 21.32 -37.76
CA ILE C 273 -2.03 22.25 -38.79
C ILE C 273 -0.97 22.37 -39.88
N GLY C 274 -1.19 21.68 -41.00
CA GLY C 274 -0.26 21.69 -42.11
C GLY C 274 0.51 20.41 -42.31
N VAL C 275 0.35 19.42 -41.44
CA VAL C 275 1.01 18.13 -41.61
C VAL C 275 0.38 17.43 -42.82
N GLN C 276 1.17 17.27 -43.88
CA GLN C 276 0.65 16.71 -45.12
C GLN C 276 0.25 15.24 -44.98
N ASP C 277 0.84 14.53 -44.03
CA ASP C 277 0.54 13.11 -43.84
C ASP C 277 0.77 12.77 -42.37
N ILE C 278 -0.29 12.36 -41.68
CA ILE C 278 -0.17 11.96 -40.29
C ILE C 278 0.09 10.45 -40.16
N SER C 279 0.55 9.80 -41.24
CA SER C 279 0.95 8.41 -41.19
C SER C 279 2.47 8.22 -41.19
N VAL C 280 3.24 9.29 -41.43
CA VAL C 280 4.69 9.24 -41.48
C VAL C 280 5.23 10.44 -40.72
N ILE C 281 6.54 10.43 -40.49
CA ILE C 281 7.25 11.55 -39.88
C ILE C 281 7.40 12.64 -40.94
N PRO C 282 6.92 13.85 -40.68
CA PRO C 282 7.06 14.91 -41.66
C PRO C 282 8.53 15.22 -41.91
N PRO C 283 8.87 15.67 -43.12
CA PRO C 283 10.28 15.94 -43.43
C PRO C 283 10.88 17.07 -42.61
N GLU C 284 10.10 18.10 -42.30
CA GLU C 284 10.61 19.22 -41.50
C GLU C 284 10.71 18.90 -40.03
N GLN C 285 10.25 17.73 -39.59
CA GLN C 285 10.30 17.35 -38.19
C GLN C 285 11.57 16.55 -37.92
N GLN C 286 12.47 17.14 -37.12
CA GLN C 286 13.65 16.45 -36.61
C GLN C 286 13.63 16.52 -35.10
N LEU C 287 14.80 16.43 -34.46
CA LEU C 287 14.93 16.57 -33.00
C LEU C 287 14.04 15.55 -32.30
N GLN C 288 14.45 14.29 -32.42
CA GLN C 288 13.69 13.15 -31.89
C GLN C 288 14.63 12.25 -31.11
N LEU C 289 14.27 11.99 -29.85
CA LEU C 289 15.04 11.10 -28.98
C LEU C 289 14.08 10.16 -28.28
N GLY C 290 14.61 9.00 -27.88
CA GLY C 290 13.79 8.01 -27.20
C GLY C 290 12.81 7.36 -28.15
N THR C 291 11.70 6.87 -27.59
CA THR C 291 10.66 6.27 -28.42
C THR C 291 10.07 7.32 -29.35
N SER C 292 9.78 6.91 -30.58
CA SER C 292 9.32 7.81 -31.64
C SER C 292 7.92 7.40 -32.08
N PRO C 293 6.88 7.91 -31.41
CA PRO C 293 5.53 7.68 -31.92
C PRO C 293 5.23 8.60 -33.09
N THR C 294 5.30 8.07 -34.31
CA THR C 294 4.84 8.82 -35.47
C THR C 294 3.38 9.21 -35.27
N ALA C 295 2.94 10.21 -36.03
CA ALA C 295 1.55 10.63 -35.96
C ALA C 295 0.63 9.43 -36.15
N PHE C 296 -0.50 9.45 -35.45
CA PHE C 296 -1.45 8.33 -35.35
C PHE C 296 -0.91 7.21 -34.47
N GLN C 297 0.38 6.87 -34.59
CA GLN C 297 0.98 5.95 -33.63
C GLN C 297 0.99 6.55 -32.24
N GLY C 298 1.09 7.88 -32.14
CA GLY C 298 0.86 8.53 -30.87
C GLY C 298 -0.61 8.65 -30.52
N MET C 299 -1.48 8.69 -31.54
CA MET C 299 -2.91 8.70 -31.28
C MET C 299 -3.39 7.33 -30.81
N LEU C 300 -2.83 6.26 -31.38
CA LEU C 300 -3.24 4.91 -30.97
C LEU C 300 -2.81 4.59 -29.56
N THR C 301 -1.59 4.98 -29.19
CA THR C 301 -1.14 4.79 -27.80
C THR C 301 -2.03 5.55 -26.83
N GLY C 302 -2.44 6.77 -27.21
CA GLY C 302 -3.38 7.52 -26.39
C GLY C 302 -4.79 6.98 -26.41
N SER C 303 -5.15 6.22 -27.46
CA SER C 303 -6.47 5.63 -27.55
C SER C 303 -6.54 4.21 -26.99
N GLY C 304 -5.41 3.60 -26.67
CA GLY C 304 -5.38 2.30 -26.05
C GLY C 304 -5.07 1.13 -26.95
N ARG C 305 -4.43 1.37 -28.10
CA ARG C 305 -4.07 0.31 -29.03
C ARG C 305 -2.55 0.18 -29.08
N ALA C 306 -2.09 -0.72 -29.96
CA ALA C 306 -0.68 -1.07 -30.04
C ALA C 306 -0.12 -0.78 -31.42
N CYS C 307 1.18 -0.46 -31.46
CA CYS C 307 1.90 -0.21 -32.69
C CYS C 307 3.32 -0.75 -32.53
N GLU C 308 4.19 -0.35 -33.46
CA GLU C 308 5.62 -0.67 -33.41
C GLU C 308 6.39 0.59 -33.73
N GLU C 309 7.09 1.13 -32.73
CA GLU C 309 7.78 2.41 -32.83
C GLU C 309 9.28 2.21 -32.65
N SER C 310 10.03 3.31 -32.81
CA SER C 310 11.49 3.25 -32.88
C SER C 310 12.12 4.09 -31.78
N THR C 311 13.41 3.81 -31.53
CA THR C 311 14.20 4.53 -30.55
C THR C 311 15.64 4.62 -31.04
N TRP C 312 16.39 5.57 -30.48
CA TRP C 312 17.77 5.80 -30.92
C TRP C 312 18.51 6.54 -29.83
N ALA C 313 19.73 6.97 -30.14
CA ALA C 313 20.59 7.67 -29.18
C ALA C 313 21.66 8.43 -29.95
N PHE C 314 22.35 9.31 -29.23
CA PHE C 314 23.28 10.26 -29.83
C PHE C 314 24.48 9.60 -30.50
N GLY C 315 25.44 10.42 -30.95
CA GLY C 315 26.67 9.92 -31.53
C GLY C 315 27.90 10.74 -31.16
N THR C 322 17.75 3.38 -33.66
CA THR C 322 18.65 2.26 -33.40
C THR C 322 17.92 0.92 -33.51
N GLY C 323 16.61 0.93 -33.26
CA GLY C 323 15.85 -0.29 -33.32
C GLY C 323 14.41 -0.05 -32.95
N ARG C 324 13.68 -1.16 -32.78
CA ARG C 324 12.25 -1.14 -32.46
C ARG C 324 12.06 -1.65 -31.04
N GLU C 325 11.57 -0.78 -30.15
CA GLU C 325 11.15 -1.16 -28.81
C GLU C 325 9.63 -1.08 -28.77
N LEU C 326 9.00 -2.20 -28.45
CA LEU C 326 7.57 -2.34 -28.70
C LEU C 326 6.74 -1.40 -27.83
N VAL C 327 5.58 -1.01 -28.37
CA VAL C 327 4.65 -0.13 -27.68
C VAL C 327 4.05 -0.87 -26.49
N ASP C 328 4.01 -0.21 -25.34
CA ASP C 328 3.64 -0.84 -24.07
C ASP C 328 2.16 -0.77 -23.67
N PRO C 329 1.44 0.34 -23.90
CA PRO C 329 0.10 0.47 -23.30
C PRO C 329 -0.83 -0.69 -23.61
N GLU C 330 -1.45 -1.22 -22.56
CA GLU C 330 -2.48 -2.24 -22.70
C GLU C 330 -3.73 -1.75 -21.98
N GLY C 331 -4.81 -1.57 -22.74
CA GLY C 331 -6.10 -1.24 -22.16
C GLY C 331 -6.20 0.15 -21.51
N GLU C 332 -5.11 0.92 -21.53
CA GLU C 332 -5.08 2.25 -20.95
C GLU C 332 -5.09 3.30 -22.05
N THR C 333 -5.81 4.39 -21.80
CA THR C 333 -5.96 5.47 -22.77
C THR C 333 -5.46 6.78 -22.17
N ALA C 334 -5.15 7.72 -23.06
CA ALA C 334 -4.81 9.09 -22.67
C ALA C 334 -6.01 10.02 -22.76
N TRP C 335 -7.20 9.50 -22.50
CA TRP C 335 -8.43 10.29 -22.51
C TRP C 335 -9.13 10.17 -21.18
N LEU C 336 -9.85 11.22 -20.80
CA LEU C 336 -10.70 11.17 -19.62
C LEU C 336 -11.69 10.01 -19.76
N PRO C 337 -12.09 9.38 -18.65
CA PRO C 337 -13.08 8.31 -18.75
C PRO C 337 -14.43 8.84 -19.20
N ALA C 338 -15.28 7.92 -19.66
CA ALA C 338 -16.59 8.29 -20.18
C ALA C 338 -17.51 8.84 -19.10
N ASP C 339 -17.12 8.79 -17.83
CA ASP C 339 -17.99 9.19 -16.73
C ASP C 339 -17.37 10.24 -15.81
N TYR C 340 -16.30 10.90 -16.22
CA TYR C 340 -15.66 11.90 -15.37
C TYR C 340 -16.56 13.12 -15.19
N THR C 343 -17.58 18.87 -13.11
CA THR C 343 -18.27 19.82 -12.25
C THR C 343 -17.28 20.40 -11.24
N ARG C 344 -16.14 19.71 -11.06
CA ARG C 344 -15.07 20.24 -10.24
C ARG C 344 -14.57 21.58 -10.72
N TYR C 345 -14.95 22.01 -11.92
CA TYR C 345 -14.51 23.27 -12.51
C TYR C 345 -15.67 24.21 -12.79
N GLY C 346 -16.69 23.75 -13.50
CA GLY C 346 -17.87 24.58 -13.68
C GLY C 346 -18.37 24.70 -15.11
N TRP C 347 -17.49 24.55 -16.10
CA TRP C 347 -17.90 24.73 -17.48
C TRP C 347 -18.75 23.55 -17.95
N VAL C 348 -19.78 23.85 -18.74
CA VAL C 348 -20.72 22.85 -19.22
C VAL C 348 -20.23 22.32 -20.56
N ARG C 349 -20.34 21.00 -20.73
CA ARG C 349 -19.85 20.30 -21.90
C ARG C 349 -21.00 20.02 -22.87
N ASP C 350 -20.64 19.85 -24.14
CA ASP C 350 -21.69 19.69 -25.15
C ASP C 350 -22.03 18.20 -25.33
N PRO C 351 -23.31 17.89 -25.54
CA PRO C 351 -23.71 16.49 -25.73
C PRO C 351 -23.10 15.82 -26.95
N GLY C 352 -22.44 16.56 -27.83
CA GLY C 352 -21.74 15.97 -28.95
C GLY C 352 -20.32 15.59 -28.58
N TRP C 353 -19.76 16.31 -27.60
CA TRP C 353 -18.41 16.04 -27.11
C TRP C 353 -18.49 14.92 -26.08
N LYS C 354 -18.07 13.72 -26.48
CA LYS C 354 -18.11 12.55 -25.62
C LYS C 354 -16.73 12.29 -25.02
N LEU C 355 -16.70 12.01 -23.73
CA LEU C 355 -15.47 11.60 -23.07
C LEU C 355 -15.30 10.10 -23.17
N GLY C 356 -14.07 9.64 -22.92
CA GLY C 356 -13.74 8.24 -23.05
C GLY C 356 -13.52 7.77 -24.47
N GLU C 357 -13.69 8.64 -25.46
CA GLU C 357 -13.51 8.30 -26.87
C GLU C 357 -12.50 9.24 -27.48
N CYS C 358 -11.77 8.73 -28.48
CA CYS C 358 -10.78 9.55 -29.17
C CYS C 358 -11.47 10.66 -29.95
N LEU C 359 -10.98 11.89 -29.78
CA LEU C 359 -11.59 13.03 -30.46
C LEU C 359 -11.44 12.91 -31.97
N TRP C 360 -10.21 12.71 -32.45
CA TRP C 360 -9.99 12.60 -33.88
C TRP C 360 -10.73 11.41 -34.49
N ALA C 361 -11.03 10.39 -33.67
CA ALA C 361 -11.91 9.32 -34.13
C ALA C 361 -13.34 9.79 -34.24
N GLN C 362 -13.76 10.75 -33.41
CA GLN C 362 -15.09 11.32 -33.51
C GLN C 362 -15.25 12.17 -34.76
N HIS C 363 -14.16 12.67 -35.33
CA HIS C 363 -14.21 13.54 -36.51
C HIS C 363 -13.85 12.81 -37.81
N GLY C 364 -13.82 11.48 -37.79
CA GLY C 364 -13.58 10.73 -39.01
C GLY C 364 -12.16 10.77 -39.52
N VAL C 365 -11.18 10.92 -38.63
CA VAL C 365 -9.78 10.80 -39.04
C VAL C 365 -9.31 9.35 -38.99
N TRP C 366 -9.83 8.55 -38.06
CA TRP C 366 -9.47 7.15 -37.93
C TRP C 366 -10.57 6.45 -37.14
N ASP C 367 -10.71 5.14 -37.38
CA ASP C 367 -11.77 4.36 -36.75
C ASP C 367 -11.23 3.68 -35.50
N PRO C 368 -11.85 3.88 -34.33
CA PRO C 368 -11.27 3.34 -33.09
C PRO C 368 -11.27 1.81 -33.02
N SER C 369 -12.04 1.12 -33.85
CA SER C 369 -12.09 -0.33 -33.82
C SER C 369 -11.13 -1.00 -34.80
N SER C 370 -10.67 -0.29 -35.83
CA SER C 370 -9.86 -0.89 -36.88
C SER C 370 -8.44 -0.33 -36.98
N ASP C 371 -8.14 0.78 -36.31
CA ASP C 371 -6.80 1.38 -36.30
C ASP C 371 -6.33 1.71 -37.71
N LYS C 372 -7.24 2.22 -38.54
CA LYS C 372 -6.94 2.58 -39.92
C LYS C 372 -7.16 4.08 -40.12
N LEU C 373 -6.32 4.68 -40.97
CA LEU C 373 -6.42 6.10 -41.26
C LEU C 373 -7.54 6.33 -42.26
N LEU C 374 -8.56 7.07 -41.84
CA LEU C 374 -9.61 7.49 -42.76
C LEU C 374 -9.10 8.66 -43.59
N ARG C 375 -9.26 9.88 -43.07
CA ARG C 375 -8.63 11.05 -43.66
C ARG C 375 -7.27 11.23 -42.99
N LYS C 376 -6.25 10.64 -43.61
CA LYS C 376 -4.88 10.86 -43.16
C LYS C 376 -4.53 12.35 -43.21
N ASP C 377 -4.82 12.99 -44.35
CA ASP C 377 -4.46 14.37 -44.61
C ASP C 377 -5.48 15.36 -44.04
N TYR C 378 -6.26 14.98 -43.03
CA TYR C 378 -7.28 15.88 -42.50
C TYR C 378 -6.69 17.18 -41.99
N PHE C 379 -5.40 17.21 -41.69
CA PHE C 379 -4.71 18.42 -41.24
C PHE C 379 -3.83 19.02 -42.32
N ALA C 380 -3.91 18.50 -43.56
CA ALA C 380 -3.10 19.01 -44.67
C ALA C 380 -3.82 20.10 -45.46
N LYS C 381 -5.11 20.32 -45.23
CA LYS C 381 -5.86 21.32 -45.95
C LYS C 381 -6.76 22.07 -44.97
N ASN C 382 -7.05 23.31 -45.29
CA ASN C 382 -8.10 24.03 -44.58
C ASN C 382 -9.45 23.42 -44.95
N PRO C 383 -10.23 22.94 -43.99
CA PRO C 383 -11.44 22.18 -44.34
C PRO C 383 -12.53 23.00 -45.00
N GLN C 384 -12.37 24.33 -45.10
CA GLN C 384 -13.40 25.19 -45.63
C GLN C 384 -13.13 25.63 -47.07
N THR C 385 -11.94 26.17 -47.33
CA THR C 385 -11.56 26.60 -48.67
C THR C 385 -10.65 25.62 -49.39
N GLY C 386 -10.29 24.50 -48.74
CA GLY C 386 -9.49 23.48 -49.38
C GLY C 386 -8.07 23.86 -49.68
N GLU C 387 -7.61 24.99 -49.15
CA GLU C 387 -6.25 25.44 -49.43
C GLU C 387 -5.25 24.59 -48.66
N PRO C 388 -4.24 24.04 -49.32
CA PRO C 388 -3.25 23.22 -48.59
C PRO C 388 -2.47 24.07 -47.60
N LEU C 389 -2.28 23.51 -46.41
CA LEU C 389 -1.63 24.21 -45.31
C LEU C 389 -0.22 23.68 -45.10
N ASN C 390 0.69 24.58 -44.73
CA ASN C 390 2.03 24.22 -44.31
C ASN C 390 2.40 25.05 -43.08
N TYR C 391 3.68 25.39 -42.92
CA TYR C 391 4.06 26.28 -41.84
C TYR C 391 3.90 27.74 -42.24
N ASP C 392 4.22 28.06 -43.51
CA ASP C 392 4.07 29.42 -43.98
C ASP C 392 2.61 29.87 -43.96
N LYS C 393 1.70 28.96 -44.33
CA LYS C 393 0.28 29.28 -44.26
C LYS C 393 -0.22 29.32 -42.82
N PHE C 394 0.37 28.52 -41.93
CA PHE C 394 -0.04 28.55 -40.53
C PHE C 394 0.34 29.86 -39.86
N THR C 395 1.55 30.35 -40.15
CA THR C 395 2.04 31.56 -39.48
C THR C 395 1.23 32.78 -39.89
N ASN C 396 0.86 32.88 -41.17
CA ASN C 396 0.11 34.03 -41.67
C ASN C 396 -1.40 33.92 -41.44
N THR C 397 -1.88 32.78 -40.93
CA THR C 397 -3.31 32.62 -40.72
C THR C 397 -3.62 32.29 -39.26
N TYR C 398 -3.40 31.03 -38.85
CA TYR C 398 -3.79 30.60 -37.51
C TYR C 398 -2.99 31.32 -36.44
N PHE C 399 -1.74 31.69 -36.73
CA PHE C 399 -0.94 32.42 -35.74
C PHE C 399 -1.31 33.89 -35.70
N MET C 400 -1.38 34.54 -36.87
CA MET C 400 -1.69 35.97 -36.90
C MET C 400 -3.12 36.24 -36.43
N GLU C 401 -4.01 35.25 -36.56
CA GLU C 401 -5.37 35.41 -36.06
C GLU C 401 -5.38 35.53 -34.54
N HIS C 402 -4.59 34.69 -33.86
CA HIS C 402 -4.51 34.77 -32.41
C HIS C 402 -3.71 35.97 -31.95
N TYR C 403 -2.72 36.41 -32.74
CA TYR C 403 -1.87 37.52 -32.33
C TYR C 403 -2.63 38.84 -32.33
N ARG C 404 -3.46 39.07 -33.34
CA ARG C 404 -4.21 40.33 -33.41
C ARG C 404 -5.16 40.47 -32.23
N ALA C 405 -5.78 39.38 -31.80
CA ALA C 405 -6.65 39.44 -30.63
C ALA C 405 -5.85 39.67 -29.36
N TYR C 406 -4.69 39.02 -29.24
CA TYR C 406 -3.82 39.26 -28.09
C TYR C 406 -3.28 40.67 -28.09
N ARG C 407 -3.01 41.23 -29.28
CA ARG C 407 -2.51 42.59 -29.38
C ARG C 407 -3.60 43.60 -28.99
N ASP C 408 -4.80 43.43 -29.53
CA ASP C 408 -5.88 44.37 -29.24
C ASP C 408 -6.34 44.28 -27.79
N ALA C 409 -6.17 43.12 -27.15
CA ALA C 409 -6.58 42.97 -25.76
C ALA C 409 -5.67 43.76 -24.83
N LEU C 410 -4.36 43.81 -25.15
CA LEU C 410 -3.43 44.57 -24.33
C LEU C 410 -3.46 46.05 -24.66
N ARG C 411 -3.80 46.41 -25.90
CA ARG C 411 -3.97 47.81 -26.26
C ARG C 411 -5.34 48.35 -25.89
N SER C 412 -6.26 47.48 -25.47
CA SER C 412 -7.50 47.95 -24.86
C SER C 412 -7.31 48.40 -23.42
N VAL C 413 -6.26 47.92 -22.77
CA VAL C 413 -5.91 48.37 -21.43
C VAL C 413 -4.89 49.50 -21.48
N TRP C 414 -3.80 49.29 -22.20
CA TRP C 414 -2.73 50.28 -22.33
C TRP C 414 -2.34 50.34 -23.80
N PRO C 415 -2.87 51.30 -24.57
CA PRO C 415 -2.66 51.30 -26.02
C PRO C 415 -1.23 51.56 -26.44
N GLU C 416 -0.41 52.19 -25.59
CA GLU C 416 0.99 52.43 -25.88
C GLU C 416 1.87 51.21 -25.64
N ALA C 417 1.29 50.00 -25.71
CA ALA C 417 2.01 48.78 -25.36
C ALA C 417 2.87 48.32 -26.53
N ILE C 418 4.15 48.07 -26.25
CA ILE C 418 5.05 47.44 -27.21
C ILE C 418 4.81 45.95 -27.17
N ILE C 419 4.46 45.36 -28.31
CA ILE C 419 4.13 43.94 -28.39
C ILE C 419 5.29 43.22 -29.06
N PHE C 420 6.03 42.44 -28.28
CA PHE C 420 7.12 41.63 -28.80
C PHE C 420 6.53 40.45 -29.56
N CYS C 421 6.40 40.60 -30.88
CA CYS C 421 5.82 39.55 -31.71
C CYS C 421 6.81 38.40 -31.85
N GLN C 422 6.52 37.27 -31.21
CA GLN C 422 7.41 36.11 -31.26
C GLN C 422 6.81 35.04 -32.16
N PRO C 423 7.27 34.90 -33.39
CA PRO C 423 6.78 33.82 -34.26
C PRO C 423 7.34 32.49 -33.81
N PRO C 424 6.91 31.38 -34.41
CA PRO C 424 7.51 30.08 -34.09
C PRO C 424 9.02 30.08 -34.32
N VAL C 425 9.69 29.18 -33.61
CA VAL C 425 11.15 29.20 -33.58
C VAL C 425 11.71 28.72 -34.91
N MET C 426 12.64 29.50 -35.46
CA MET C 426 13.39 29.15 -36.67
C MET C 426 12.46 28.91 -37.86
N GLU C 427 11.37 29.66 -37.93
CA GLU C 427 10.45 29.61 -39.05
C GLU C 427 10.28 31.02 -39.63
N VAL C 428 9.78 31.06 -40.87
CA VAL C 428 9.68 32.34 -41.58
C VAL C 428 8.72 33.26 -40.84
N PRO C 429 9.10 34.50 -40.53
CA PRO C 429 8.19 35.42 -39.84
C PRO C 429 7.01 35.79 -40.72
N PRO C 430 5.91 36.26 -40.14
CA PRO C 430 4.73 36.58 -40.94
C PRO C 430 4.96 37.76 -41.86
N ASP C 431 4.26 37.77 -42.99
CA ASP C 431 4.34 38.84 -43.97
C ASP C 431 3.38 39.94 -43.56
N LEU C 432 3.86 40.85 -42.72
CA LEU C 432 3.06 41.97 -42.26
C LEU C 432 3.49 43.29 -42.89
N LYS C 433 4.47 43.27 -43.80
CA LYS C 433 4.94 44.47 -44.45
C LYS C 433 3.89 44.97 -45.44
N GLY C 434 3.39 46.19 -45.22
CA GLY C 434 2.39 46.77 -46.07
C GLY C 434 0.96 46.40 -45.74
N THR C 435 0.74 45.64 -44.67
CA THR C 435 -0.59 45.22 -44.27
C THR C 435 -1.08 46.09 -43.11
N VAL C 436 -2.26 45.75 -42.58
CA VAL C 436 -2.80 46.45 -41.42
C VAL C 436 -2.05 46.13 -40.14
N ASP C 437 -1.22 45.08 -40.15
CA ASP C 437 -0.45 44.68 -38.98
C ASP C 437 0.96 45.22 -38.99
N ASP C 438 1.29 46.10 -39.94
CA ASP C 438 2.61 46.74 -39.95
C ASP C 438 2.68 47.71 -38.78
N ASP C 439 2.73 47.18 -37.57
CA ASP C 439 2.65 47.99 -36.36
C ASP C 439 3.97 48.71 -36.11
N PRO C 440 4.00 50.04 -36.13
CA PRO C 440 5.25 50.77 -35.84
C PRO C 440 5.67 50.70 -34.38
N ASN C 441 4.95 49.97 -33.53
CA ASN C 441 5.29 49.80 -32.13
C ASN C 441 5.47 48.32 -31.77
N MET C 442 5.91 47.52 -32.73
CA MET C 442 6.14 46.10 -32.52
C MET C 442 7.62 45.79 -32.65
N VAL C 443 8.04 44.70 -32.00
CA VAL C 443 9.42 44.26 -32.00
C VAL C 443 9.44 42.76 -32.29
N HIS C 444 10.32 42.35 -33.20
CA HIS C 444 10.41 40.95 -33.61
C HIS C 444 11.22 40.18 -32.57
N ALA C 445 10.55 39.30 -31.84
CA ALA C 445 11.20 38.45 -30.85
C ALA C 445 11.63 37.14 -31.51
N VAL C 446 12.92 36.83 -31.44
CA VAL C 446 13.49 35.68 -32.14
C VAL C 446 14.22 34.80 -31.13
N HIS C 447 14.01 33.48 -31.24
CA HIS C 447 14.76 32.50 -30.49
C HIS C 447 15.80 31.85 -31.38
N TYR C 448 17.00 31.65 -30.83
CA TYR C 448 18.04 30.90 -31.54
C TYR C 448 18.87 30.12 -30.53
N TYR C 449 19.09 28.84 -30.82
CA TYR C 449 20.02 28.01 -30.08
C TYR C 449 20.93 27.29 -31.06
N ASP C 450 22.21 27.19 -30.72
CA ASP C 450 23.11 26.34 -31.48
C ASP C 450 22.61 24.91 -31.34
N GLY C 451 21.83 24.44 -32.32
CA GLY C 451 21.13 23.18 -32.17
C GLY C 451 22.04 22.00 -31.90
N ILE C 452 23.26 22.03 -32.45
CA ILE C 452 24.18 20.91 -32.26
C ILE C 452 24.78 20.94 -30.85
N THR C 453 25.32 22.09 -30.44
CA THR C 453 25.99 22.18 -29.15
C THR C 453 25.03 21.87 -28.00
N LEU C 454 23.78 22.32 -28.11
CA LEU C 454 22.82 22.09 -27.04
C LEU C 454 22.50 20.60 -26.92
N LEU C 455 22.25 19.93 -28.05
CA LEU C 455 21.85 18.53 -28.00
C LEU C 455 23.02 17.61 -27.65
N THR C 456 24.23 17.96 -28.08
CA THR C 456 25.41 17.15 -27.76
C THR C 456 26.08 17.55 -26.47
N LYS C 457 25.79 18.74 -25.95
CA LYS C 457 26.41 19.26 -24.74
C LYS C 457 27.93 19.24 -24.84
N HIS C 458 28.42 19.80 -25.95
CA HIS C 458 29.85 19.97 -26.19
C HIS C 458 30.10 20.99 -27.29
N TRP C 459 30.94 21.99 -27.01
CA TRP C 459 31.27 22.99 -28.02
C TRP C 459 32.33 22.41 -28.95
N ASN C 460 31.93 22.10 -30.19
CA ASN C 460 32.81 21.47 -31.16
C ASN C 460 33.52 22.57 -31.95
N ARG C 461 34.82 22.75 -31.68
CA ARG C 461 35.62 23.74 -32.36
C ARG C 461 36.09 23.29 -33.75
N LEU C 462 35.68 22.10 -34.19
CA LEU C 462 36.11 21.60 -35.49
C LEU C 462 35.12 21.94 -36.59
N TYR C 463 33.82 21.90 -36.31
CA TYR C 463 32.83 22.15 -37.35
C TYR C 463 31.52 22.61 -36.71
N ASN C 464 30.63 23.11 -37.57
CA ASN C 464 29.25 23.43 -37.22
C ASN C 464 28.49 23.66 -38.51
N VAL C 465 27.16 23.52 -38.43
CA VAL C 465 26.29 23.52 -39.59
C VAL C 465 25.45 24.80 -39.61
N ASP C 466 25.27 25.37 -40.80
CA ASP C 466 24.33 26.46 -41.02
C ASP C 466 22.93 25.87 -41.05
N VAL C 467 22.39 25.63 -39.85
CA VAL C 467 21.06 25.01 -39.74
C VAL C 467 20.00 25.92 -40.35
N ILE C 468 20.06 27.22 -40.07
CA ILE C 468 19.15 28.17 -40.69
C ILE C 468 19.32 28.13 -42.21
N GLY C 469 20.53 27.90 -42.69
CA GLY C 469 20.73 27.77 -44.13
C GLY C 469 20.04 26.55 -44.70
N VAL C 470 20.10 25.43 -43.99
CA VAL C 470 19.45 24.21 -44.47
C VAL C 470 17.93 24.37 -44.47
N LEU C 471 17.39 25.00 -43.42
CA LEU C 471 15.95 25.09 -43.28
C LEU C 471 15.34 26.02 -44.32
N ARG C 472 16.02 27.13 -44.63
CA ARG C 472 15.48 28.10 -45.57
C ARG C 472 15.67 27.71 -47.02
N GLY C 473 16.43 26.65 -47.30
CA GLY C 473 16.55 26.16 -48.65
C GLY C 473 17.61 26.82 -49.51
N LYS C 474 18.48 27.64 -48.92
CA LYS C 474 19.55 28.23 -49.71
C LYS C 474 20.58 27.18 -50.12
N TYR C 475 20.82 26.20 -49.26
CA TYR C 475 21.66 25.05 -49.58
C TYR C 475 20.80 23.84 -49.86
N LEU C 476 21.33 22.93 -50.67
CA LEU C 476 20.71 21.64 -50.93
C LEU C 476 21.39 20.60 -50.04
N THR C 477 20.61 20.00 -49.13
CA THR C 477 21.06 19.05 -48.13
C THR C 477 22.03 19.70 -47.14
N PRO C 478 22.20 19.14 -45.93
CA PRO C 478 23.15 19.74 -44.99
C PRO C 478 24.59 19.31 -45.23
N ALA C 479 24.98 19.20 -46.49
CA ALA C 479 26.36 18.88 -46.84
C ALA C 479 27.20 20.12 -47.06
N PHE C 480 26.63 21.14 -47.72
CA PHE C 480 27.35 22.37 -48.00
C PHE C 480 27.52 23.24 -46.76
N ALA C 481 26.67 23.07 -45.74
CA ALA C 481 26.54 24.07 -44.69
C ALA C 481 27.69 24.04 -43.70
N VAL C 482 28.39 22.92 -43.56
CA VAL C 482 29.38 22.77 -42.50
C VAL C 482 30.55 23.71 -42.73
N LYS C 483 31.10 24.25 -41.66
CA LYS C 483 32.25 25.15 -41.70
C LYS C 483 33.31 24.60 -40.75
N ILE C 484 34.57 24.56 -41.22
CA ILE C 484 35.68 23.99 -40.46
C ILE C 484 36.60 25.12 -40.02
N GLY C 485 37.07 25.04 -38.78
CA GLY C 485 37.85 26.11 -38.18
C GLY C 485 36.96 26.95 -37.29
N GLU C 486 37.42 27.27 -36.09
CA GLU C 486 36.59 28.03 -35.16
C GLU C 486 36.22 29.40 -35.72
N THR C 487 37.10 29.99 -36.54
CA THR C 487 36.77 31.26 -37.18
C THR C 487 35.63 31.10 -38.17
N ALA C 488 35.66 30.03 -38.97
CA ALA C 488 34.58 29.78 -39.92
C ALA C 488 33.27 29.48 -39.21
N ILE C 489 33.33 28.89 -38.01
CA ILE C 489 32.12 28.64 -37.24
C ILE C 489 31.52 29.95 -36.73
N ARG C 490 32.36 30.84 -36.21
CA ARG C 490 31.87 32.13 -35.69
C ARG C 490 31.26 32.96 -36.80
N ASN C 491 31.87 32.96 -37.99
CA ASN C 491 31.30 33.70 -39.12
C ASN C 491 29.98 33.08 -39.56
N CYS C 492 29.80 31.77 -39.38
CA CYS C 492 28.54 31.13 -39.74
C CYS C 492 27.43 31.55 -38.78
N LEU C 493 27.71 31.50 -37.47
CA LEU C 493 26.71 31.93 -36.49
C LEU C 493 26.35 33.39 -36.69
N ARG C 494 27.35 34.24 -36.98
CA ARG C 494 27.07 35.65 -37.25
C ARG C 494 26.23 35.80 -38.51
N ASP C 495 26.55 35.06 -39.57
CA ASP C 495 25.76 35.11 -40.80
C ASP C 495 24.41 34.44 -40.63
N GLN C 496 24.25 33.55 -39.65
CA GLN C 496 22.94 32.97 -39.38
C GLN C 496 22.02 34.00 -38.73
N LEU C 497 22.52 34.68 -37.69
CA LEU C 497 21.72 35.69 -37.01
C LEU C 497 21.53 36.93 -37.88
N LYS C 498 22.53 37.29 -38.69
CA LYS C 498 22.37 38.40 -39.61
C LYS C 498 21.34 38.10 -40.69
N PHE C 499 21.26 36.83 -41.11
CA PHE C 499 20.27 36.45 -42.11
C PHE C 499 18.86 36.63 -41.57
N LEU C 500 18.64 36.29 -40.29
CA LEU C 500 17.32 36.45 -39.70
C LEU C 500 16.94 37.91 -39.54
N ARG C 501 17.92 38.79 -39.29
CA ARG C 501 17.62 40.21 -39.17
C ARG C 501 17.17 40.80 -40.50
N ASP C 502 17.83 40.39 -41.59
CA ASP C 502 17.40 40.87 -42.91
C ASP C 502 16.09 40.24 -43.34
N GLU C 503 15.82 39.01 -42.90
CA GLU C 503 14.52 38.39 -43.17
C GLU C 503 13.41 39.10 -42.42
N SER C 504 13.69 39.59 -41.21
CA SER C 504 12.70 40.35 -40.47
C SER C 504 12.36 41.66 -41.18
N LEU C 505 13.39 42.37 -41.65
CA LEU C 505 13.18 43.64 -42.34
C LEU C 505 12.50 43.46 -43.69
N ARG C 506 12.47 42.24 -44.23
CA ARG C 506 11.82 41.97 -45.50
C ARG C 506 10.36 41.58 -45.34
N TYR C 507 10.05 40.81 -44.30
CA TYR C 507 8.70 40.28 -44.11
C TYR C 507 7.83 41.15 -43.20
N MET C 508 8.40 41.66 -42.11
CA MET C 508 7.61 42.37 -41.11
C MET C 508 7.70 43.89 -41.23
N GLY C 509 8.72 44.42 -41.87
CA GLY C 509 8.84 45.85 -42.09
C GLY C 509 10.01 46.46 -41.36
N THR C 510 9.93 47.78 -41.18
CA THR C 510 10.99 48.56 -40.55
C THR C 510 10.74 48.62 -39.04
N HIS C 511 11.11 47.53 -38.37
CA HIS C 511 10.85 47.36 -36.95
C HIS C 511 12.10 46.80 -36.29
N PRO C 512 12.24 46.97 -34.98
CA PRO C 512 13.41 46.42 -34.28
C PRO C 512 13.30 44.92 -34.10
N LEU C 513 14.44 44.30 -33.78
CA LEU C 513 14.53 42.88 -33.57
C LEU C 513 15.31 42.61 -32.28
N ILE C 514 14.83 41.66 -31.49
CA ILE C 514 15.45 41.28 -30.23
C ILE C 514 15.55 39.77 -30.17
N PHE C 515 16.76 39.24 -29.95
CA PHE C 515 16.97 37.81 -29.73
C PHE C 515 16.60 37.51 -28.29
N THR C 516 15.34 37.13 -28.07
CA THR C 516 14.83 36.98 -26.72
C THR C 516 15.42 35.79 -25.98
N GLU C 517 15.89 34.77 -26.68
CA GLU C 517 16.50 33.61 -26.04
C GLU C 517 17.67 33.11 -26.85
N ILE C 518 18.81 32.96 -26.19
CA ILE C 518 20.02 32.38 -26.79
C ILE C 518 20.98 32.03 -25.66
N GLY C 519 21.65 30.89 -25.78
CA GLY C 519 22.57 30.47 -24.75
C GLY C 519 23.17 29.13 -25.07
N ILE C 520 24.03 28.67 -24.16
CA ILE C 520 24.74 27.40 -24.32
C ILE C 520 24.57 26.59 -23.04
N PRO C 521 24.57 25.26 -23.12
CA PRO C 521 24.55 24.45 -21.88
C PRO C 521 25.90 24.50 -21.19
N PHE C 522 25.87 24.73 -19.89
CA PHE C 522 27.10 24.78 -19.10
C PHE C 522 27.55 23.41 -18.61
N ASP C 523 26.68 22.41 -18.64
CA ASP C 523 27.02 21.07 -18.21
C ASP C 523 27.62 20.24 -19.35
N MET C 524 28.61 20.81 -20.03
CA MET C 524 29.21 20.15 -21.18
C MET C 524 30.10 18.98 -20.75
N ASP C 525 30.18 17.98 -21.63
CA ASP C 525 31.16 16.89 -21.51
C ASP C 525 30.98 16.11 -20.20
N ASP C 526 29.72 15.78 -19.90
CA ASP C 526 29.37 15.02 -18.70
C ASP C 526 29.86 15.73 -17.44
N ARG C 527 29.53 17.02 -17.33
CA ARG C 527 29.92 17.86 -16.19
C ARG C 527 31.44 17.88 -16.01
N HIS C 528 32.15 17.98 -17.13
CA HIS C 528 33.61 18.04 -17.07
C HIS C 528 34.09 19.34 -16.45
N ALA C 529 33.41 20.45 -16.76
CA ALA C 529 33.82 21.74 -16.20
C ALA C 529 33.58 21.81 -14.70
N TYR C 530 32.57 21.09 -14.21
CA TYR C 530 32.32 21.06 -12.77
C TYR C 530 33.38 20.27 -12.02
N LYS C 531 34.01 19.31 -12.69
CA LYS C 531 35.05 18.49 -12.08
C LYS C 531 36.46 19.06 -12.29
N THR C 532 36.61 20.03 -13.18
CA THR C 532 37.91 20.61 -13.48
C THR C 532 38.00 22.11 -13.21
N GLY C 533 36.89 22.84 -13.26
CA GLY C 533 36.93 24.27 -13.13
C GLY C 533 37.39 25.01 -14.36
N ASP C 534 37.59 24.32 -15.48
CA ASP C 534 38.04 24.93 -16.72
C ASP C 534 36.82 25.10 -17.63
N TYR C 535 36.31 26.34 -17.68
CA TYR C 535 35.16 26.67 -18.51
C TYR C 535 35.56 27.25 -19.86
N SER C 536 36.80 27.01 -20.30
CA SER C 536 37.28 27.59 -21.55
C SER C 536 36.44 27.14 -22.74
N GLY C 537 35.88 25.94 -22.68
CA GLY C 537 34.98 25.49 -23.74
C GLY C 537 33.71 26.31 -23.80
N GLN C 538 33.07 26.51 -22.65
CA GLN C 538 31.88 27.36 -22.59
C GLN C 538 32.21 28.81 -22.89
N VAL C 539 33.45 29.24 -22.58
CA VAL C 539 33.87 30.60 -22.88
C VAL C 539 33.83 30.84 -24.38
N SER C 540 34.60 30.04 -25.14
CA SER C 540 34.62 30.20 -26.58
C SER C 540 33.27 29.89 -27.22
N ALA C 541 32.46 29.05 -26.58
CA ALA C 541 31.13 28.75 -27.11
C ALA C 541 30.21 29.95 -26.98
N MET C 542 30.11 30.51 -25.77
CA MET C 542 29.22 31.64 -25.55
C MET C 542 29.78 32.91 -26.18
N ASP C 543 31.10 33.08 -26.19
CA ASP C 543 31.70 34.23 -26.86
C ASP C 543 31.42 34.19 -28.36
N ALA C 544 31.35 33.00 -28.95
CA ALA C 544 30.99 32.89 -30.36
C ALA C 544 29.54 33.31 -30.59
N ASN C 545 28.66 33.02 -29.63
CA ASN C 545 27.27 33.47 -29.75
C ASN C 545 27.17 34.98 -29.62
N HIS C 546 27.93 35.56 -28.70
CA HIS C 546 27.91 37.01 -28.56
C HIS C 546 28.52 37.71 -29.77
N PHE C 547 29.55 37.10 -30.36
CA PHE C 547 30.10 37.64 -31.61
C PHE C 547 29.06 37.62 -32.72
N ALA C 548 28.17 36.63 -32.71
CA ALA C 548 27.11 36.57 -33.72
C ALA C 548 26.11 37.70 -33.54
N ILE C 549 25.75 38.00 -32.29
CA ILE C 549 24.78 39.06 -32.02
C ILE C 549 25.36 40.42 -32.37
N GLU C 550 26.62 40.65 -32.02
CA GLU C 550 27.24 41.95 -32.24
C GLU C 550 27.33 42.29 -33.72
N GLY C 551 27.45 41.29 -34.58
CA GLY C 551 27.52 41.49 -36.01
C GLY C 551 26.25 41.25 -36.77
N SER C 552 25.16 40.85 -36.10
CA SER C 552 23.90 40.58 -36.75
C SER C 552 23.05 41.84 -36.97
N THR C 553 23.54 43.00 -36.54
CA THR C 553 22.81 44.28 -36.67
C THR C 553 21.43 44.19 -36.02
N ALA C 554 21.31 43.40 -34.96
CA ALA C 554 20.07 43.34 -34.20
C ALA C 554 20.04 44.48 -33.19
N ASN C 555 18.91 44.61 -32.50
CA ASN C 555 18.71 45.69 -31.55
C ASN C 555 18.96 45.27 -30.11
N GLY C 556 19.30 44.02 -29.87
CA GLY C 556 19.60 43.57 -28.52
C GLY C 556 19.27 42.10 -28.35
N PHE C 557 19.46 41.64 -27.12
CA PHE C 557 19.27 40.23 -26.79
C PHE C 557 18.99 40.10 -25.30
N THR C 558 18.52 38.91 -24.91
CA THR C 558 18.34 38.54 -23.51
C THR C 558 18.81 37.11 -23.34
N LEU C 559 19.78 36.90 -22.46
CA LEU C 559 20.43 35.60 -22.34
C LEU C 559 19.56 34.61 -21.58
N TRP C 560 19.57 33.36 -22.06
CA TRP C 560 18.94 32.23 -21.40
C TRP C 560 20.05 31.40 -20.79
N LEU C 561 20.08 31.32 -19.45
CA LEU C 561 19.01 31.79 -18.58
C LEU C 561 19.67 32.41 -17.33
N TYR C 562 18.86 32.97 -16.42
CA TYR C 562 19.33 33.37 -15.10
C TYR C 562 18.51 32.66 -14.03
N THR C 563 19.09 31.62 -13.41
CA THR C 563 18.47 30.93 -12.29
C THR C 563 19.13 31.36 -11.00
N THR C 564 18.31 31.66 -9.98
CA THR C 564 18.84 31.93 -8.65
C THR C 564 19.09 30.66 -7.85
N SER C 565 18.57 29.52 -8.29
CA SER C 565 18.72 28.24 -7.61
C SER C 565 19.40 27.19 -8.50
N ASN C 566 20.17 27.63 -9.49
CA ASN C 566 20.87 26.70 -10.37
C ASN C 566 22.04 26.06 -9.61
N ASN C 567 22.16 24.75 -9.73
CA ASN C 567 23.20 24.00 -9.04
C ASN C 567 23.85 23.01 -9.99
N HIS C 568 24.93 22.39 -9.53
CA HIS C 568 25.63 21.40 -10.33
C HIS C 568 24.88 20.08 -10.40
N GLU C 569 24.00 19.81 -9.44
CA GLU C 569 23.34 18.51 -9.37
C GLU C 569 22.17 18.42 -10.35
N TRP C 570 21.23 19.36 -10.28
CA TRP C 570 20.02 19.33 -11.09
C TRP C 570 20.00 20.38 -12.19
N GLY C 571 21.02 21.24 -12.27
CA GLY C 571 21.06 22.25 -13.30
C GLY C 571 20.04 23.36 -13.11
N ASP C 572 19.20 23.58 -14.11
CA ASP C 572 18.17 24.61 -14.08
C ASP C 572 16.95 24.21 -13.25
N ASN C 573 17.02 23.07 -12.56
CA ASN C 573 15.87 22.56 -11.80
C ASN C 573 14.64 22.40 -12.70
N TRP C 574 14.89 22.02 -13.96
CA TRP C 574 13.81 21.88 -14.93
C TRP C 574 14.30 20.99 -16.06
N ASN C 575 13.82 19.74 -16.09
CA ASN C 575 14.15 18.78 -17.14
C ASN C 575 15.66 18.56 -17.26
N GLY C 576 16.37 18.66 -16.13
CA GLY C 576 17.81 18.46 -16.13
C GLY C 576 18.62 19.42 -16.95
N GLU C 577 18.02 20.50 -17.49
CA GLU C 577 18.79 21.47 -18.25
C GLU C 577 19.73 22.26 -17.34
N ASP C 578 20.76 22.85 -17.96
CA ASP C 578 21.76 23.65 -17.23
C ASP C 578 22.21 24.75 -18.20
N LEU C 579 21.37 25.77 -18.35
CA LEU C 579 21.63 26.88 -19.26
C LEU C 579 21.84 28.20 -18.54
N SER C 580 21.65 28.23 -17.21
CA SER C 580 21.75 29.49 -16.47
C SER C 580 23.20 29.92 -16.32
N ILE C 581 23.42 31.24 -16.43
CA ILE C 581 24.77 31.77 -16.29
C ILE C 581 25.20 31.88 -14.84
N TYR C 582 24.26 31.86 -13.89
CA TYR C 582 24.58 31.91 -12.47
C TYR C 582 24.30 30.56 -11.83
N SER C 583 25.14 30.19 -10.87
CA SER C 583 24.97 28.96 -10.12
C SER C 583 25.29 29.21 -8.67
N VAL C 584 24.63 28.45 -7.78
CA VAL C 584 24.88 28.56 -6.35
C VAL C 584 26.18 27.89 -5.93
N ASP C 585 26.77 27.07 -6.79
CA ASP C 585 27.97 26.32 -6.46
C ASP C 585 29.24 26.91 -7.06
N ASP C 586 29.13 27.96 -7.86
CA ASP C 586 30.26 28.51 -8.59
C ASP C 586 30.61 29.91 -8.11
N LEU C 587 31.83 30.33 -8.43
CA LEU C 587 32.37 31.60 -7.98
C LEU C 587 32.00 32.72 -8.94
N GLU C 588 32.11 33.95 -8.46
CA GLU C 588 31.82 35.14 -9.25
C GLU C 588 33.11 35.79 -9.73
N LEU C 589 32.95 36.79 -10.62
CA LEU C 589 34.10 37.52 -11.15
C LEU C 589 34.54 38.58 -10.16
N PRO C 590 35.86 38.76 -9.99
CA PRO C 590 36.42 39.80 -9.12
C PRO C 590 36.24 41.20 -9.70
N LEU C 648 36.37 25.09 -8.32
CA LEU C 648 35.21 25.87 -8.73
C LEU C 648 35.61 26.97 -9.70
N GLY C 649 34.90 27.05 -10.82
CA GLY C 649 35.18 28.02 -11.86
C GLY C 649 34.26 29.23 -11.80
N PHE C 650 34.19 29.93 -12.92
CA PHE C 650 33.43 31.17 -13.02
C PHE C 650 32.25 31.08 -13.98
N ARG C 651 31.95 29.88 -14.49
CA ARG C 651 30.83 29.67 -15.40
C ARG C 651 30.93 30.57 -16.64
N ALA C 652 32.14 30.63 -17.21
CA ALA C 652 32.40 31.41 -18.42
C ALA C 652 31.96 32.86 -18.27
N ALA C 653 32.11 33.40 -17.06
CA ALA C 653 31.66 34.76 -16.80
C ALA C 653 32.42 35.78 -17.63
N GLU C 654 33.70 35.52 -17.90
CA GLU C 654 34.46 36.41 -18.77
C GLU C 654 33.92 36.44 -20.20
N ALA C 655 32.99 35.55 -20.53
CA ALA C 655 32.43 35.50 -21.88
C ALA C 655 31.11 36.24 -21.98
N TRP C 656 30.29 36.24 -20.93
CA TRP C 656 29.01 36.92 -20.98
C TRP C 656 28.98 38.20 -20.14
N VAL C 657 30.10 38.61 -19.57
CA VAL C 657 30.25 39.96 -19.01
C VAL C 657 31.06 40.73 -20.05
N ARG C 658 30.36 41.43 -20.93
CA ARG C 658 31.01 42.03 -22.08
C ARG C 658 30.80 43.54 -22.12
N PRO C 659 31.73 44.27 -22.74
CA PRO C 659 31.45 45.66 -23.09
C PRO C 659 30.41 45.72 -24.19
N SER C 660 29.50 46.68 -24.07
CA SER C 660 28.40 46.79 -25.03
C SER C 660 27.91 48.23 -25.02
N PRO C 661 27.46 48.75 -26.15
CA PRO C 661 26.84 50.07 -26.15
C PRO C 661 25.61 50.07 -25.27
N ILE C 662 25.51 51.08 -24.41
CA ILE C 662 24.31 51.26 -23.60
C ILE C 662 23.42 52.26 -24.31
N ILE C 663 23.92 53.47 -24.51
CA ILE C 663 23.19 54.53 -25.19
C ILE C 663 24.16 55.23 -26.13
N THR C 664 23.73 55.46 -27.37
CA THR C 664 24.60 55.99 -28.42
C THR C 664 24.03 57.29 -28.96
N ASN C 665 24.88 58.31 -29.02
CA ASN C 665 24.54 59.61 -29.62
C ASN C 665 24.68 59.49 -31.14
N GLY C 666 23.73 58.80 -31.74
CA GLY C 666 23.71 58.58 -33.17
C GLY C 666 23.43 57.14 -33.49
N GLN C 667 23.71 56.75 -34.73
CA GLN C 667 23.45 55.41 -35.22
C GLN C 667 24.71 54.57 -35.17
N ILE C 668 24.59 53.35 -34.63
CA ILE C 668 25.72 52.42 -34.55
C ILE C 668 25.85 51.72 -35.90
N LEU C 669 27.02 51.84 -36.53
CA LEU C 669 27.26 51.14 -37.78
C LEU C 669 27.68 49.70 -37.54
N GLN C 670 28.65 49.48 -36.65
CA GLN C 670 29.10 48.14 -36.33
C GLN C 670 29.90 48.19 -35.03
N TYR C 671 29.65 47.22 -34.15
CA TYR C 671 30.35 47.11 -32.89
C TYR C 671 30.73 45.66 -32.66
N GLY C 672 31.58 45.43 -31.67
CA GLY C 672 32.02 44.08 -31.35
C GLY C 672 33.07 44.11 -30.26
N PHE C 673 33.32 42.93 -29.70
CA PHE C 673 34.31 42.75 -28.65
C PHE C 673 35.12 41.50 -28.96
N ASP C 674 36.42 41.68 -29.20
CA ASP C 674 37.33 40.56 -29.41
C ASP C 674 37.81 40.10 -28.05
N LEU C 675 37.24 38.99 -27.56
CA LEU C 675 37.59 38.49 -26.23
C LEU C 675 39.04 38.06 -26.15
N LYS C 676 39.61 37.59 -27.27
CA LYS C 676 40.98 37.10 -27.26
C LYS C 676 41.98 38.25 -27.07
N SER C 677 41.82 39.32 -27.84
CA SER C 677 42.69 40.47 -27.74
C SER C 677 42.19 41.52 -26.76
N CYS C 678 40.99 41.34 -26.19
CA CYS C 678 40.40 42.27 -25.22
C CYS C 678 40.35 43.69 -25.79
N VAL C 679 39.72 43.82 -26.96
CA VAL C 679 39.59 45.10 -27.66
C VAL C 679 38.12 45.30 -28.01
N PHE C 680 37.53 46.36 -27.48
CA PHE C 680 36.18 46.77 -27.84
C PHE C 680 36.26 47.84 -28.93
N SER C 681 35.57 47.59 -30.05
CA SER C 681 35.58 48.52 -31.17
C SER C 681 34.15 48.84 -31.56
N MET C 682 33.97 50.06 -32.08
CA MET C 682 32.63 50.53 -32.45
C MET C 682 32.77 51.68 -33.42
N ARG C 683 32.29 51.49 -34.64
CA ARG C 683 32.24 52.53 -35.66
C ARG C 683 30.80 52.95 -35.87
N LEU C 684 30.56 54.26 -35.95
CA LEU C 684 29.20 54.78 -35.95
C LEU C 684 29.10 55.99 -36.85
N LEU C 685 27.86 56.45 -37.05
CA LEU C 685 27.53 57.66 -37.80
C LEU C 685 26.80 58.59 -36.84
N GLY C 686 27.56 59.44 -36.14
CA GLY C 686 26.98 60.27 -35.11
C GLY C 686 26.28 61.50 -35.65
N GLU C 687 25.34 62.01 -34.85
CA GLU C 687 24.53 63.16 -35.22
C GLU C 687 24.77 64.31 -34.26
N LYS C 688 24.28 65.49 -34.66
CA LYS C 688 24.53 66.72 -33.90
C LYS C 688 23.70 66.76 -32.64
N LYS C 689 24.29 67.27 -31.57
CA LYS C 689 23.59 67.47 -30.30
C LYS C 689 22.48 68.49 -30.45
N THR C 697 27.85 59.51 -26.13
CA THR C 697 27.73 58.06 -26.15
C THR C 697 28.21 57.43 -24.86
N GLU C 698 27.42 56.50 -24.32
CA GLU C 698 27.78 55.76 -23.11
C GLU C 698 27.83 54.28 -23.43
N ILE C 699 28.92 53.63 -23.03
CA ILE C 699 29.17 52.22 -23.31
C ILE C 699 29.58 51.54 -22.01
N PHE C 700 28.99 50.38 -21.73
CA PHE C 700 29.36 49.62 -20.55
C PHE C 700 30.77 49.05 -20.71
N LEU C 701 31.60 49.24 -19.69
CA LEU C 701 32.95 48.68 -19.68
C LEU C 701 33.13 47.87 -18.40
N PRO C 702 33.20 46.54 -18.48
CA PRO C 702 33.38 45.75 -17.25
C PRO C 702 34.67 46.10 -16.54
N ASP C 703 34.62 46.13 -15.21
CA ASP C 703 35.82 46.36 -14.42
C ASP C 703 36.81 45.22 -14.59
N PHE C 704 36.33 44.02 -14.93
CA PHE C 704 37.21 42.88 -15.13
C PHE C 704 38.04 43.04 -16.40
N HIS C 705 37.39 43.44 -17.50
CA HIS C 705 38.08 43.51 -18.78
C HIS C 705 38.83 44.84 -18.97
N PHE C 706 38.37 45.91 -18.35
CA PHE C 706 38.90 47.25 -18.62
C PHE C 706 39.27 47.96 -17.32
N PRO C 707 40.56 48.24 -17.09
CA PRO C 707 40.93 49.08 -15.94
C PRO C 707 41.48 50.44 -16.36
N ASP C 708 41.24 51.49 -15.56
CA ASP C 708 41.79 52.81 -15.87
C ASP C 708 43.31 52.79 -15.99
N THR C 709 43.97 51.81 -15.37
CA THR C 709 45.42 51.76 -15.38
C THR C 709 45.97 51.59 -16.79
N HIS C 710 45.42 50.64 -17.55
CA HIS C 710 45.96 50.28 -18.86
C HIS C 710 44.95 50.42 -19.99
N THR C 711 43.74 50.87 -19.72
CA THR C 711 42.75 51.04 -20.80
C THR C 711 43.20 52.16 -21.72
N VAL C 712 43.51 51.80 -22.97
CA VAL C 712 43.85 52.78 -23.99
C VAL C 712 42.61 52.98 -24.85
N VAL C 713 42.03 54.18 -24.79
CA VAL C 713 40.84 54.52 -25.55
C VAL C 713 41.27 55.33 -26.76
N ALA C 714 40.86 54.89 -27.94
CA ALA C 714 41.21 55.53 -29.20
C ALA C 714 39.94 56.03 -29.88
N VAL C 715 39.92 57.32 -30.20
CA VAL C 715 38.76 57.95 -30.82
C VAL C 715 39.22 58.68 -32.08
N SER C 716 38.38 58.65 -33.13
CA SER C 716 38.67 59.38 -34.35
C SER C 716 38.31 60.85 -34.24
N ALA C 717 37.55 61.26 -33.22
CA ALA C 717 37.17 62.64 -32.97
C ALA C 717 36.42 62.70 -31.65
N GLY C 718 36.61 63.80 -30.92
CA GLY C 718 35.87 64.05 -29.70
C GLY C 718 36.68 63.84 -28.44
N GLU C 719 35.95 63.71 -27.33
CA GLU C 719 36.54 63.51 -26.01
C GLU C 719 35.81 62.39 -25.28
N TRP C 720 36.50 61.81 -24.30
CA TRP C 720 35.96 60.72 -23.51
C TRP C 720 36.36 60.88 -22.05
N THR C 721 35.53 60.36 -21.15
CA THR C 721 35.78 60.44 -19.73
C THR C 721 35.50 59.09 -19.07
N ILE C 722 36.02 58.92 -17.86
CA ILE C 722 35.81 57.73 -17.04
C ILE C 722 34.95 58.13 -15.85
N ASP C 723 33.83 57.43 -15.65
CA ASP C 723 33.01 57.62 -14.47
C ASP C 723 32.44 56.27 -14.04
N TYR C 724 31.95 56.24 -12.80
CA TYR C 724 31.38 55.03 -12.21
C TYR C 724 29.99 55.37 -11.69
N PRO C 725 28.98 55.33 -12.55
CA PRO C 725 27.62 55.66 -12.10
C PRO C 725 27.12 54.66 -11.07
N GLU C 726 26.33 55.18 -10.12
CA GLU C 726 25.83 54.39 -9.01
C GLU C 726 24.30 54.38 -9.03
N ILE C 727 23.73 53.17 -8.95
CA ILE C 727 22.29 52.98 -8.93
C ILE C 727 21.99 52.05 -7.77
N HIS C 728 21.64 52.63 -6.62
CA HIS C 728 21.38 51.89 -5.38
C HIS C 728 22.60 51.03 -4.99
N SER C 729 23.69 51.75 -4.68
CA SER C 729 24.95 51.18 -4.22
C SER C 729 25.65 50.36 -5.30
N VAL C 730 25.01 50.18 -6.45
CA VAL C 730 25.57 49.37 -7.54
C VAL C 730 26.42 50.29 -8.41
N LYS C 731 27.73 50.07 -8.40
CA LYS C 731 28.67 50.82 -9.23
C LYS C 731 29.17 49.93 -10.35
N PHE C 732 29.09 50.43 -11.59
CA PHE C 732 29.64 49.76 -12.75
C PHE C 732 30.41 50.77 -13.59
N GLN C 733 31.55 50.34 -14.11
CA GLN C 733 32.40 51.24 -14.88
C GLN C 733 31.73 51.58 -16.22
N ARG C 734 31.68 52.87 -16.52
CA ARG C 734 31.05 53.36 -17.75
C ARG C 734 31.96 54.41 -18.38
N LEU C 735 32.02 54.39 -19.71
CA LEU C 735 32.78 55.38 -20.47
C LEU C 735 31.81 56.25 -21.25
N ARG C 736 32.01 57.56 -21.20
CA ARG C 736 31.17 58.52 -21.90
C ARG C 736 32.02 59.23 -22.95
N TRP C 737 31.58 59.15 -24.21
CA TRP C 737 32.32 59.69 -25.34
C TRP C 737 31.47 60.76 -26.04
N TRP C 738 31.94 62.00 -26.01
CA TRP C 738 31.30 63.10 -26.72
C TRP C 738 32.01 63.30 -28.04
N HIS C 739 31.31 63.04 -29.13
CA HIS C 739 31.85 63.08 -30.48
C HIS C 739 31.06 64.04 -31.35
N PRO C 740 31.64 64.56 -32.42
CA PRO C 740 30.91 65.43 -33.34
C PRO C 740 30.10 64.60 -34.33
N GLU C 741 29.44 65.30 -35.24
CA GLU C 741 28.60 64.67 -36.26
C GLU C 741 29.46 64.11 -37.37
N GLY C 742 29.04 62.97 -37.92
CA GLY C 742 29.73 62.33 -39.01
C GLY C 742 30.11 60.90 -38.68
N ASP C 743 30.99 60.34 -39.51
CA ASP C 743 31.45 58.97 -39.34
C ASP C 743 32.64 58.96 -38.39
N HIS C 744 32.50 58.23 -37.28
CA HIS C 744 33.54 58.15 -36.26
C HIS C 744 33.56 56.74 -35.69
N ASN C 745 34.64 56.43 -34.97
CA ASN C 745 34.81 55.10 -34.40
C ASN C 745 35.65 55.19 -33.14
N ILE C 746 35.63 54.11 -32.35
CA ILE C 746 36.34 54.05 -31.08
C ILE C 746 37.01 52.69 -30.95
N LYS C 747 38.14 52.66 -30.25
CA LYS C 747 38.86 51.43 -29.97
C LYS C 747 39.27 51.44 -28.50
N ILE C 748 38.66 50.55 -27.71
CA ILE C 748 38.94 50.43 -26.29
C ILE C 748 39.62 49.08 -26.06
N GLN C 749 40.85 49.12 -25.55
CA GLN C 749 41.66 47.92 -25.35
C GLN C 749 41.87 47.69 -23.85
N GLY C 750 41.64 46.46 -23.40
CA GLY C 750 41.80 46.13 -22.00
C GLY C 750 43.00 45.24 -21.73
N VAL C 751 42.82 44.25 -20.87
CA VAL C 751 43.91 43.37 -20.43
C VAL C 751 43.66 41.98 -20.98
N LYS C 752 44.69 41.38 -21.57
CA LYS C 752 44.60 40.02 -22.08
C LYS C 752 44.76 39.02 -20.93
N ARG C 753 44.01 37.93 -21.00
CA ARG C 753 44.10 36.87 -20.00
C ARG C 753 43.98 35.49 -20.64
N LEU D 26 -36.78 35.29 42.72
CA LEU D 26 -36.34 34.12 43.45
C LEU D 26 -34.97 34.37 44.09
N ARG D 27 -34.86 34.10 45.39
CA ARG D 27 -33.65 34.38 46.15
C ARG D 27 -33.16 33.12 46.85
N VAL D 28 -31.85 32.98 46.95
CA VAL D 28 -31.22 31.91 47.71
C VAL D 28 -30.86 32.45 49.09
N ASP D 29 -31.32 31.77 50.13
CA ASP D 29 -31.10 32.21 51.50
C ASP D 29 -30.83 31.01 52.40
N GLY D 30 -29.90 30.14 51.98
CA GLY D 30 -29.53 29.01 52.80
C GLY D 30 -29.88 27.68 52.16
N GLN D 31 -30.99 27.07 52.56
CA GLN D 31 -31.41 25.77 52.05
C GLN D 31 -32.70 25.85 51.25
N THR D 32 -33.16 27.05 50.92
CA THR D 32 -34.45 27.20 50.23
C THR D 32 -34.33 28.14 49.03
N ASN D 38 -41.09 36.14 50.92
CA ASN D 38 -40.26 35.36 51.83
C ASN D 38 -40.74 33.93 51.93
N ARG D 39 -41.53 33.49 50.96
CA ARG D 39 -42.07 32.14 50.94
C ARG D 39 -41.14 31.21 50.18
N GLU D 40 -41.10 29.95 50.63
CA GLU D 40 -40.21 28.96 50.05
C GLU D 40 -40.74 28.46 48.71
N ILE D 41 -39.83 28.31 47.75
CA ILE D 41 -40.16 27.88 46.40
C ILE D 41 -39.56 26.50 46.16
N THR D 42 -40.35 25.60 45.58
CA THR D 42 -39.89 24.27 45.20
C THR D 42 -39.82 24.19 43.68
N LEU D 43 -38.68 23.74 43.17
CA LEU D 43 -38.39 23.81 41.74
C LEU D 43 -38.71 22.47 41.08
N ARG D 44 -39.95 22.32 40.63
CA ARG D 44 -40.34 21.17 39.82
C ARG D 44 -40.15 21.55 38.36
N GLY D 45 -39.07 21.07 37.76
CA GLY D 45 -38.71 21.50 36.42
C GLY D 45 -38.52 20.39 35.40
N ILE D 46 -37.88 20.73 34.28
CA ILE D 46 -37.71 19.80 33.18
C ILE D 46 -36.53 20.28 32.33
N ASN D 47 -35.86 19.35 31.67
CA ASN D 47 -34.77 19.68 30.76
C ASN D 47 -35.31 20.03 29.38
N VAL D 48 -34.83 21.14 28.82
CA VAL D 48 -35.27 21.64 27.52
C VAL D 48 -34.05 22.20 26.80
N ALA D 49 -33.71 21.62 25.63
CA ALA D 49 -34.40 20.47 25.06
C ALA D 49 -33.36 19.50 24.50
N GLY D 50 -33.78 18.25 24.27
CA GLY D 50 -32.85 17.24 23.79
C GLY D 50 -32.42 17.42 22.35
N GLU D 51 -33.16 18.19 21.57
CA GLU D 51 -32.74 18.48 20.20
C GLU D 51 -31.55 19.41 20.15
N ALA D 52 -31.27 20.14 21.24
CA ALA D 52 -30.20 21.13 21.28
C ALA D 52 -28.82 20.51 21.10
N LYS D 53 -28.78 19.19 20.90
CA LYS D 53 -27.52 18.48 20.73
C LYS D 53 -27.05 18.42 19.28
N TYR D 54 -27.90 18.73 18.32
CA TYR D 54 -27.56 18.64 16.90
C TYR D 54 -28.14 19.82 16.14
N PRO D 55 -27.50 20.25 15.07
CA PRO D 55 -27.89 21.50 14.40
C PRO D 55 -29.13 21.33 13.53
N LYS D 56 -29.64 22.48 13.07
CA LYS D 56 -30.89 22.57 12.33
C LYS D 56 -30.70 22.72 10.83
N LYS D 57 -29.62 23.35 10.40
CA LYS D 57 -29.35 23.55 8.97
C LYS D 57 -27.91 23.14 8.69
N PRO D 58 -27.68 21.92 8.16
CA PRO D 58 -28.74 20.93 7.89
C PRO D 58 -29.14 20.14 9.14
N ASP D 59 -30.35 19.59 9.13
CA ASP D 59 -30.82 18.73 10.20
C ASP D 59 -29.95 17.49 10.31
N ILE D 60 -28.89 17.54 11.11
CA ILE D 60 -28.04 16.36 11.26
C ILE D 60 -28.03 15.87 12.71
N PRO D 61 -29.00 15.05 13.11
CA PRO D 61 -28.90 14.36 14.41
C PRO D 61 -27.78 13.33 14.43
N SER D 62 -27.79 12.45 15.43
CA SER D 62 -26.69 11.53 15.62
C SER D 62 -26.66 10.39 14.60
N TYR D 63 -27.77 10.16 13.88
CA TYR D 63 -27.84 9.00 13.00
C TYR D 63 -27.61 9.31 11.53
N VAL D 64 -27.66 10.56 11.12
CA VAL D 64 -27.46 10.89 9.71
C VAL D 64 -25.99 11.25 9.49
N SER D 65 -25.49 10.93 8.29
CA SER D 65 -24.08 11.09 7.97
C SER D 65 -23.78 12.22 6.98
N ASP D 66 -24.79 12.74 6.29
CA ASP D 66 -24.55 13.74 5.25
C ASP D 66 -24.26 15.09 5.89
N GLY D 67 -23.08 15.64 5.60
CA GLY D 67 -22.69 16.93 6.14
C GLY D 67 -22.22 16.91 7.57
N PHE D 68 -21.99 15.73 8.14
CA PHE D 68 -21.57 15.65 9.54
C PHE D 68 -20.16 16.16 9.74
N PHE D 69 -19.25 15.84 8.81
CA PHE D 69 -17.87 16.33 8.92
C PHE D 69 -17.76 17.82 8.65
N ASP D 70 -18.74 18.40 7.95
CA ASP D 70 -18.77 19.84 7.69
C ASP D 70 -19.27 20.52 8.97
N ALA D 71 -18.32 20.98 9.80
CA ALA D 71 -18.64 21.41 11.15
C ALA D 71 -18.40 22.89 11.43
N ASP D 72 -17.82 23.63 10.50
CA ASP D 72 -17.45 25.03 10.73
C ASP D 72 -18.35 26.01 10.00
N ASN D 73 -19.49 25.56 9.47
CA ASN D 73 -20.38 26.43 8.70
C ASN D 73 -21.84 26.13 9.00
N VAL D 74 -22.13 25.61 10.18
CA VAL D 74 -23.48 25.20 10.56
C VAL D 74 -23.79 25.77 11.93
N SER D 75 -25.03 26.22 12.12
CA SER D 75 -25.46 26.89 13.35
C SER D 75 -26.79 26.32 13.79
N PHE D 76 -26.82 25.79 15.01
CA PHE D 76 -28.09 25.42 15.64
C PHE D 76 -29.00 26.63 15.75
N VAL D 77 -30.17 26.57 15.11
CA VAL D 77 -31.19 27.60 15.24
C VAL D 77 -32.55 26.91 15.37
N GLY D 78 -33.51 27.64 15.92
CA GLY D 78 -34.84 27.09 16.18
C GLY D 78 -34.72 25.88 17.07
N ARG D 79 -33.72 25.88 17.92
CA ARG D 79 -33.27 24.69 18.63
C ARG D 79 -33.73 24.60 20.09
N PRO D 80 -34.80 25.30 20.50
CA PRO D 80 -35.66 24.70 21.52
C PRO D 80 -37.03 24.43 20.89
N PHE D 81 -37.96 25.33 21.16
CA PHE D 81 -39.09 25.54 20.27
C PHE D 81 -38.69 26.56 19.21
N SER D 82 -39.24 26.40 18.01
CA SER D 82 -39.14 27.47 17.03
C SER D 82 -40.12 28.58 17.41
N LEU D 83 -39.79 29.81 17.02
CA LEU D 83 -40.53 30.97 17.51
C LEU D 83 -42.00 30.94 17.11
N ASP D 84 -42.38 30.14 16.11
CA ASP D 84 -43.79 29.94 15.83
C ASP D 84 -44.38 28.89 16.77
N ASP D 85 -43.67 27.80 16.98
CA ASP D 85 -44.04 26.75 17.94
C ASP D 85 -43.84 27.18 19.40
N ALA D 86 -43.69 28.49 19.62
CA ALA D 86 -43.33 29.05 20.91
C ALA D 86 -44.40 28.82 21.96
N HIS D 87 -45.56 29.44 21.78
CA HIS D 87 -46.61 29.42 22.78
C HIS D 87 -47.28 28.07 22.94
N THR D 88 -46.89 27.06 22.15
CA THR D 88 -47.46 25.73 22.28
C THR D 88 -46.69 24.87 23.27
N HIS D 89 -45.36 24.89 23.21
CA HIS D 89 -44.55 23.96 23.98
C HIS D 89 -44.48 24.35 25.45
N PHE D 90 -44.24 25.64 25.74
CA PHE D 90 -44.17 26.06 27.13
C PHE D 90 -45.54 26.09 27.78
N SER D 91 -46.60 26.26 26.98
CA SER D 91 -47.95 26.05 27.51
C SER D 91 -48.16 24.59 27.85
N ARG D 92 -47.59 23.68 27.05
CA ARG D 92 -47.64 22.26 27.37
C ARG D 92 -46.87 21.94 28.64
N LEU D 93 -45.80 22.67 28.92
CA LEU D 93 -45.04 22.46 30.15
C LEU D 93 -45.71 23.12 31.34
N ARG D 94 -46.29 24.32 31.16
CA ARG D 94 -47.04 24.94 32.24
C ARG D 94 -48.30 24.15 32.55
N LYS D 95 -48.91 23.53 31.55
CA LYS D 95 -50.06 22.67 31.78
C LYS D 95 -49.68 21.45 32.63
N TRP D 96 -48.45 20.97 32.49
CA TRP D 96 -47.96 19.84 33.25
C TRP D 96 -47.43 20.23 34.63
N GLY D 97 -47.54 21.50 35.01
CA GLY D 97 -47.20 21.92 36.35
C GLY D 97 -45.72 22.17 36.60
N TYR D 98 -44.92 22.30 35.55
CA TYR D 98 -43.51 22.62 35.71
C TYR D 98 -43.32 24.11 35.93
N ASN D 99 -42.46 24.46 36.89
CA ASN D 99 -42.14 25.86 37.16
C ASN D 99 -40.69 26.20 36.88
N THR D 100 -39.85 25.23 36.52
CA THR D 100 -38.44 25.45 36.26
C THR D 100 -38.08 24.79 34.95
N ILE D 101 -37.01 25.28 34.32
CA ILE D 101 -36.51 24.73 33.06
C ILE D 101 -34.99 24.73 33.09
N ARG D 102 -34.40 23.58 32.76
CA ARG D 102 -32.95 23.49 32.57
C ARG D 102 -32.67 23.73 31.10
N TYR D 103 -32.41 25.00 30.76
CA TYR D 103 -32.22 25.37 29.36
C TYR D 103 -30.90 24.80 28.85
N VAL D 104 -30.99 24.00 27.78
CA VAL D 104 -29.83 23.31 27.22
C VAL D 104 -29.22 24.17 26.13
N PHE D 105 -27.93 24.47 26.26
CA PHE D 105 -27.17 25.14 25.20
C PHE D 105 -25.77 24.57 25.20
N THR D 106 -25.19 24.47 24.02
CA THR D 106 -23.86 23.88 23.84
C THR D 106 -22.83 24.95 23.54
N TRP D 107 -21.58 24.68 23.94
CA TRP D 107 -20.47 25.53 23.53
C TRP D 107 -20.34 25.54 22.00
N GLU D 108 -20.71 24.44 21.35
CA GLU D 108 -20.74 24.40 19.89
C GLU D 108 -21.76 25.36 19.30
N ALA D 109 -22.80 25.71 20.06
CA ALA D 109 -23.83 26.61 19.56
C ALA D 109 -23.36 28.06 19.48
N ILE D 110 -22.29 28.40 20.19
CA ILE D 110 -21.78 29.76 20.23
C ILE D 110 -20.58 29.94 19.30
N GLU D 111 -19.69 28.96 19.27
CA GLU D 111 -18.35 29.12 18.73
C GLU D 111 -18.04 28.06 17.68
N HIS D 112 -19.00 27.79 16.79
CA HIS D 112 -18.78 26.79 15.76
C HIS D 112 -17.89 27.32 14.64
N GLU D 113 -18.01 28.62 14.32
CA GLU D 113 -17.16 29.21 13.29
C GLU D 113 -15.69 29.11 13.67
N GLY D 114 -15.38 29.11 14.97
CA GLY D 114 -14.03 28.96 15.44
C GLY D 114 -13.76 29.81 16.68
N PRO D 115 -12.59 29.64 17.27
CA PRO D 115 -12.29 30.32 18.55
C PRO D 115 -12.38 31.83 18.41
N GLY D 116 -13.21 32.43 19.26
CA GLY D 116 -13.44 33.86 19.23
C GLY D 116 -14.56 34.30 18.31
N LYS D 117 -15.04 33.43 17.42
CA LYS D 117 -16.11 33.76 16.50
C LYS D 117 -17.44 33.35 17.13
N TYR D 118 -18.16 34.32 17.67
CA TYR D 118 -19.43 34.07 18.33
C TYR D 118 -20.58 34.21 17.34
N ASP D 119 -21.59 33.35 17.49
CA ASP D 119 -22.78 33.39 16.63
C ASP D 119 -23.74 34.41 17.21
N ASP D 120 -23.65 35.65 16.72
CA ASP D 120 -24.47 36.73 17.25
C ASP D 120 -25.94 36.56 16.90
N GLU D 121 -26.25 35.90 15.77
CA GLU D 121 -27.64 35.69 15.40
C GLU D 121 -28.30 34.64 16.29
N TRP D 122 -27.54 33.63 16.72
CA TRP D 122 -28.09 32.61 17.61
C TRP D 122 -28.31 33.16 19.01
N ILE D 123 -27.38 33.98 19.50
CA ILE D 123 -27.48 34.49 20.86
C ILE D 123 -28.71 35.37 21.02
N SER D 124 -28.97 36.23 20.01
CA SER D 124 -30.17 37.06 20.05
C SER D 124 -31.43 36.21 19.93
N PHE D 125 -31.38 35.15 19.12
CA PHE D 125 -32.54 34.27 18.99
C PHE D 125 -32.89 33.60 20.32
N THR D 126 -31.88 33.18 21.06
CA THR D 126 -32.14 32.58 22.37
C THR D 126 -32.80 33.59 23.32
N ILE D 127 -32.35 34.85 23.26
CA ILE D 127 -32.99 35.89 24.07
C ILE D 127 -34.45 36.07 23.67
N GLU D 128 -34.73 36.02 22.36
CA GLU D 128 -36.12 36.05 21.91
C GLU D 128 -36.88 34.82 22.38
N VAL D 129 -36.22 33.66 22.38
CA VAL D 129 -36.81 32.45 22.95
C VAL D 129 -37.05 32.64 24.44
N LEU D 130 -36.08 33.21 25.16
CA LEU D 130 -36.19 33.36 26.60
C LEU D 130 -37.31 34.32 26.98
N ARG D 131 -37.48 35.40 26.22
CA ARG D 131 -38.51 36.38 26.55
C ARG D 131 -39.91 35.79 26.49
N ILE D 132 -40.12 34.76 25.66
CA ILE D 132 -41.42 34.08 25.63
C ILE D 132 -41.58 33.24 26.89
N ALA D 133 -40.49 32.75 27.47
CA ALA D 133 -40.57 32.03 28.73
C ALA D 133 -40.94 32.96 29.88
N LYS D 134 -40.61 34.25 29.77
CA LYS D 134 -41.06 35.22 30.76
C LYS D 134 -42.59 35.30 30.81
N GLN D 135 -43.24 35.07 29.67
CA GLN D 135 -44.68 35.18 29.60
C GLN D 135 -45.38 34.09 30.40
N TYR D 136 -44.74 32.92 30.54
CA TYR D 136 -45.35 31.78 31.23
C TYR D 136 -44.88 31.63 32.67
N GLY D 137 -44.06 32.55 33.17
CA GLY D 137 -43.67 32.51 34.57
C GLY D 137 -42.66 31.44 34.93
N PHE D 138 -41.79 31.08 33.99
CA PHE D 138 -40.72 30.14 34.30
C PHE D 138 -39.56 30.85 35.01
N TYR D 139 -38.65 30.06 35.55
CA TYR D 139 -37.43 30.57 36.17
C TYR D 139 -36.21 30.40 35.27
N VAL D 140 -35.95 29.17 34.82
CA VAL D 140 -34.92 28.84 33.83
C VAL D 140 -33.52 29.05 34.39
N PHE D 141 -32.68 28.03 34.26
CA PHE D 141 -31.24 28.16 34.50
C PHE D 141 -30.51 27.48 33.35
N LEU D 142 -29.50 28.17 32.83
CA LEU D 142 -28.86 27.75 31.59
C LEU D 142 -27.85 26.64 31.84
N ASP D 143 -27.83 25.66 30.95
CA ASP D 143 -26.98 24.48 31.10
C ASP D 143 -25.98 24.38 29.96
N PRO D 144 -24.68 24.54 30.21
CA PRO D 144 -23.65 24.30 29.18
C PRO D 144 -23.45 22.79 28.96
N HIS D 145 -24.33 22.22 28.14
CA HIS D 145 -24.42 20.77 28.03
C HIS D 145 -23.27 20.19 27.22
N GLN D 146 -22.92 18.95 27.54
CA GLN D 146 -21.91 18.21 26.81
C GLN D 146 -22.07 16.73 27.12
N ASP D 147 -21.75 15.90 26.13
CA ASP D 147 -21.67 14.46 26.30
C ASP D 147 -20.43 13.98 25.57
N VAL D 148 -19.60 13.19 26.27
CA VAL D 148 -18.30 12.71 25.80
C VAL D 148 -17.60 13.77 24.94
N TRP D 149 -17.62 15.01 25.42
CA TRP D 149 -16.93 16.18 24.88
C TRP D 149 -17.61 16.80 23.67
N SER D 150 -17.52 16.19 22.49
CA SER D 150 -17.99 16.84 21.27
C SER D 150 -18.70 15.83 20.36
N ARG D 151 -19.62 16.35 19.54
CA ARG D 151 -20.46 15.49 18.72
C ARG D 151 -19.65 14.72 17.69
N LEU D 152 -18.48 15.24 17.29
CA LEU D 152 -17.57 14.48 16.44
C LEU D 152 -16.98 13.27 17.15
N SER D 153 -17.26 13.11 18.44
CA SER D 153 -16.77 11.97 19.22
C SER D 153 -17.90 11.12 19.81
N GLY D 154 -19.14 11.38 19.42
CA GLY D 154 -20.26 10.56 19.83
C GLY D 154 -21.22 11.16 20.84
N GLY D 155 -21.30 12.49 20.95
CA GLY D 155 -22.21 13.11 21.89
C GLY D 155 -22.01 14.62 21.96
N SER D 156 -23.10 15.37 22.13
CA SER D 156 -23.05 16.83 22.05
C SER D 156 -22.02 17.48 22.96
N GLY D 157 -21.67 18.73 22.68
CA GLY D 157 -20.78 19.49 23.54
C GLY D 157 -19.88 20.49 22.85
N ALA D 158 -18.57 20.36 23.07
CA ALA D 158 -17.61 21.37 22.62
C ALA D 158 -17.63 21.49 21.10
N PRO D 159 -17.25 22.66 20.57
CA PRO D 159 -17.23 22.84 19.12
C PRO D 159 -16.12 22.06 18.44
N ALA D 160 -16.07 22.14 17.11
CA ALA D 160 -15.17 21.28 16.35
C ALA D 160 -13.72 21.71 16.51
N TRP D 161 -13.45 23.01 16.49
CA TRP D 161 -12.07 23.48 16.45
C TRP D 161 -11.29 23.08 17.70
N THR D 162 -11.99 22.86 18.82
CA THR D 162 -11.32 22.31 20.00
C THR D 162 -10.75 20.92 19.72
N LEU D 163 -11.25 20.24 18.70
CA LEU D 163 -10.79 18.91 18.32
C LEU D 163 -9.71 18.96 17.26
N TYR D 164 -9.79 19.90 16.32
CA TYR D 164 -8.69 20.09 15.37
C TYR D 164 -7.49 20.71 16.04
N ALA D 165 -7.71 21.46 17.13
CA ALA D 165 -6.59 21.81 18.00
C ALA D 165 -6.05 20.59 18.72
N ALA D 166 -6.95 19.67 19.12
CA ALA D 166 -6.51 18.39 19.67
C ALA D 166 -5.86 17.50 18.62
N GLY D 167 -6.08 17.78 17.34
CA GLY D 167 -5.53 16.96 16.28
C GLY D 167 -6.20 15.62 16.18
N PHE D 168 -7.52 15.61 16.04
CA PHE D 168 -8.25 14.35 15.98
C PHE D 168 -8.21 13.71 14.61
N ASP D 169 -8.18 14.54 13.55
CA ASP D 169 -8.45 14.05 12.20
C ASP D 169 -9.76 13.27 12.28
N PRO D 170 -10.89 13.95 12.43
CA PRO D 170 -12.13 13.27 12.85
C PRO D 170 -12.49 12.04 12.04
N ARG D 171 -12.11 12.00 10.75
CA ARG D 171 -12.45 10.86 9.91
C ARG D 171 -11.80 9.57 10.37
N GLY D 172 -10.78 9.65 11.23
CA GLY D 172 -10.14 8.46 11.74
C GLY D 172 -10.85 7.80 12.89
N PHE D 173 -11.83 8.46 13.50
CA PHE D 173 -12.49 7.91 14.67
C PHE D 173 -13.16 6.58 14.37
N LYS D 174 -13.77 6.45 13.19
CA LYS D 174 -14.44 5.21 12.82
C LYS D 174 -13.45 4.05 12.77
N LYS D 175 -12.31 4.25 12.11
CA LYS D 175 -11.34 3.17 11.95
C LYS D 175 -10.46 2.99 13.17
N THR D 176 -10.17 4.07 13.90
CA THR D 176 -9.38 3.95 15.13
C THR D 176 -10.21 3.47 16.31
N GLU D 177 -11.53 3.63 16.25
CA GLU D 177 -12.43 3.32 17.36
C GLU D 177 -11.96 3.98 18.66
N ALA D 178 -11.40 5.18 18.52
CA ALA D 178 -11.16 6.09 19.63
C ALA D 178 -12.30 7.08 19.60
N ALA D 179 -13.27 6.88 20.50
CA ALA D 179 -14.60 7.47 20.43
C ALA D 179 -15.36 6.94 19.22
N LEU D 180 -16.60 6.49 19.45
CA LEU D 180 -17.46 5.98 18.39
C LEU D 180 -18.54 6.99 18.08
N VAL D 181 -18.77 7.21 16.79
CA VAL D 181 -19.73 8.19 16.31
C VAL D 181 -20.85 7.45 15.57
N GLN D 182 -22.10 7.71 15.96
CA GLN D 182 -23.22 7.13 15.25
C GLN D 182 -23.39 7.72 13.87
N ASN D 183 -22.93 8.95 13.65
CA ASN D 183 -22.99 9.57 12.33
C ASN D 183 -21.98 8.97 11.37
N THR D 184 -20.90 8.39 11.87
CA THR D 184 -19.97 7.73 10.97
C THR D 184 -20.08 6.22 11.07
N PHE D 185 -21.24 5.67 10.66
CA PHE D 185 -21.53 4.25 10.76
C PHE D 185 -22.37 3.83 9.55
N ASP D 186 -22.24 2.56 9.17
CA ASP D 186 -22.93 2.08 7.98
C ASP D 186 -24.42 1.87 8.23
N ASP D 187 -24.77 1.38 9.43
CA ASP D 187 -26.16 1.19 9.83
C ASP D 187 -26.43 2.02 11.08
N PRO D 188 -26.93 3.24 10.94
CA PRO D 188 -27.27 4.04 12.13
C PRO D 188 -28.37 3.44 12.98
N ALA D 189 -29.27 2.64 12.40
CA ALA D 189 -30.33 1.99 13.15
C ALA D 189 -29.81 0.85 14.02
N GLU D 190 -28.64 0.30 13.71
CA GLU D 190 -28.03 -0.75 14.52
C GLU D 190 -26.90 -0.22 15.41
N PHE D 191 -26.92 1.08 15.71
CA PHE D 191 -25.96 1.63 16.65
C PHE D 191 -26.24 1.08 18.04
N PRO D 192 -25.22 0.58 18.76
CA PRO D 192 -25.48 -0.05 20.06
C PRO D 192 -26.11 0.92 21.04
N LYS D 193 -27.18 0.48 21.68
CA LYS D 193 -27.82 1.29 22.71
C LYS D 193 -26.85 1.54 23.85
N MET D 194 -26.88 2.76 24.39
CA MET D 194 -26.11 3.12 25.59
C MET D 194 -24.62 2.86 25.43
N ILE D 195 -24.10 2.98 24.21
CA ILE D 195 -22.66 2.82 23.98
C ILE D 195 -21.94 4.16 23.86
N TRP D 196 -22.67 5.27 23.70
CA TRP D 196 -22.03 6.57 23.61
C TRP D 196 -21.32 6.94 24.90
N SER D 197 -21.87 6.51 26.05
CA SER D 197 -21.26 6.85 27.33
C SER D 197 -19.91 6.18 27.54
N THR D 198 -19.60 5.14 26.76
CA THR D 198 -18.32 4.46 26.89
C THR D 198 -17.16 5.27 26.30
N ASN D 199 -17.45 6.34 25.56
CA ASN D 199 -16.39 7.18 25.03
C ASN D 199 -15.61 7.88 26.14
N TYR D 200 -16.22 8.04 27.33
CA TYR D 200 -15.49 8.61 28.46
C TYR D 200 -14.25 7.81 28.79
N THR D 201 -14.27 6.50 28.53
CA THR D 201 -13.12 5.63 28.76
C THR D 201 -12.39 5.29 27.47
N ARG D 202 -12.57 6.10 26.43
CA ARG D 202 -11.87 5.94 25.16
C ARG D 202 -10.90 7.09 24.94
N LEU D 203 -10.07 6.96 23.91
CA LEU D 203 -8.85 7.76 23.80
C LEU D 203 -9.14 9.26 23.84
N VAL D 204 -10.10 9.72 23.05
CA VAL D 204 -10.20 11.16 22.81
C VAL D 204 -10.83 11.87 24.00
N SER D 205 -11.88 11.30 24.59
CA SER D 205 -12.47 11.92 25.78
C SER D 205 -11.54 11.76 26.98
N GLN D 206 -10.79 10.66 27.02
CA GLN D 206 -9.70 10.55 27.98
C GLN D 206 -8.59 11.56 27.69
N THR D 207 -8.49 12.02 26.44
CA THR D 207 -7.51 13.03 26.07
C THR D 207 -8.05 14.45 26.25
N MET D 208 -9.29 14.69 25.81
CA MET D 208 -9.85 16.03 25.90
C MET D 208 -10.01 16.47 27.35
N PHE D 209 -10.68 15.66 28.16
CA PHE D 209 -10.92 16.03 29.55
C PHE D 209 -9.62 16.10 30.34
N THR D 210 -8.66 15.23 30.03
CA THR D 210 -7.38 15.26 30.73
C THR D 210 -6.58 16.50 30.36
N LEU D 211 -6.71 16.99 29.13
CA LEU D 211 -6.06 18.22 28.71
C LEU D 211 -6.82 19.48 29.11
N PHE D 212 -8.06 19.23 29.49
CA PHE D 212 -8.90 20.31 29.81
C PHE D 212 -8.57 20.89 31.14
N TYR D 213 -8.46 20.04 32.13
CA TYR D 213 -8.01 20.55 33.39
C TYR D 213 -6.58 20.13 33.57
N GLY D 214 -6.22 19.00 32.97
CA GLY D 214 -4.89 18.47 33.13
C GLY D 214 -3.69 19.25 32.67
N GLY D 215 -3.77 19.81 31.47
CA GLY D 215 -2.70 20.55 30.82
C GLY D 215 -1.48 21.01 31.60
N ARG D 216 -1.70 22.10 32.29
CA ARG D 216 -0.72 22.81 33.12
C ARG D 216 0.11 21.87 33.97
N ASP D 217 -0.36 20.63 34.17
CA ASP D 217 0.32 19.67 35.03
C ASP D 217 0.86 18.46 34.27
N PHE D 218 0.05 17.84 33.41
CA PHE D 218 0.40 16.56 32.83
C PHE D 218 0.91 16.63 31.40
N ALA D 219 0.55 17.66 30.65
CA ALA D 219 1.07 17.82 29.30
C ALA D 219 1.95 19.05 29.24
N PRO D 220 3.15 19.01 29.81
CA PRO D 220 3.99 20.20 29.91
C PRO D 220 4.58 20.69 28.60
N LYS D 221 4.19 20.14 27.45
CA LYS D 221 4.67 20.58 26.14
C LYS D 221 3.53 21.09 25.26
N ALA D 222 2.38 21.36 25.86
CA ALA D 222 1.27 21.91 25.09
C ALA D 222 1.58 23.32 24.61
N ILE D 223 2.02 24.19 25.53
CA ILE D 223 2.40 25.57 25.25
C ILE D 223 1.20 26.32 24.69
N ILE D 224 0.91 26.15 23.39
CA ILE D 224 -0.27 26.72 22.75
C ILE D 224 -0.30 28.24 22.92
N ASP D 225 0.42 28.95 22.05
CA ASP D 225 0.51 30.41 22.12
C ASP D 225 1.03 30.89 23.47
N GLY D 226 1.87 30.10 24.12
CA GLY D 226 2.42 30.44 25.41
C GLY D 226 1.48 30.30 26.58
N ILE D 227 0.17 30.11 26.34
CA ILE D 227 -0.82 29.91 27.39
C ILE D 227 -1.38 28.50 27.27
N ASN D 228 -1.37 27.77 28.38
CA ASN D 228 -1.58 26.33 28.36
C ASN D 228 -2.90 25.96 27.68
N ILE D 229 -2.94 24.73 27.17
CA ILE D 229 -4.15 24.20 26.54
C ILE D 229 -5.31 24.18 27.53
N GLN D 230 -5.02 24.02 28.82
CA GLN D 230 -6.05 24.16 29.84
C GLN D 230 -6.64 25.56 29.81
N ASP D 231 -5.78 26.58 29.82
CA ASP D 231 -6.26 27.96 29.78
C ASP D 231 -6.80 28.35 28.41
N TYR D 232 -6.42 27.62 27.35
CA TYR D 232 -6.91 27.93 26.01
C TYR D 232 -8.33 27.40 25.81
N LEU D 233 -8.57 26.14 26.13
CA LEU D 233 -9.89 25.56 25.95
C LEU D 233 -10.88 26.11 26.98
N GLN D 234 -10.46 26.19 28.25
CA GLN D 234 -11.32 26.82 29.25
C GLN D 234 -11.55 28.30 28.94
N GLY D 235 -10.47 29.01 28.59
CA GLY D 235 -10.62 30.43 28.31
C GLY D 235 -11.60 30.71 27.19
N HIS D 236 -11.60 29.88 26.15
CA HIS D 236 -12.59 30.04 25.09
C HIS D 236 -13.96 29.54 25.51
N PHE D 237 -14.02 28.50 26.35
CA PHE D 237 -15.30 28.04 26.87
C PHE D 237 -15.89 29.03 27.86
N ILE D 238 -15.05 29.59 28.73
CA ILE D 238 -15.53 30.56 29.70
C ILE D 238 -15.94 31.86 29.02
N ALA D 239 -15.21 32.27 27.99
CA ALA D 239 -15.53 33.51 27.29
C ALA D 239 -16.82 33.37 26.47
N ALA D 240 -17.01 32.21 25.83
CA ALA D 240 -18.23 31.99 25.06
C ALA D 240 -19.46 32.05 25.94
N CYS D 241 -19.33 31.64 27.21
CA CYS D 241 -20.44 31.75 28.14
C CYS D 241 -20.59 33.18 28.67
N ARG D 242 -19.47 33.85 28.93
CA ARG D 242 -19.53 35.22 29.42
C ARG D 242 -20.05 36.17 28.34
N TYR D 243 -19.64 35.95 27.09
CA TYR D 243 -20.20 36.72 25.98
C TYR D 243 -21.69 36.43 25.83
N PHE D 244 -22.09 35.17 26.02
CA PHE D 244 -23.51 34.85 26.08
C PHE D 244 -24.17 35.50 27.29
N ALA D 245 -23.44 35.61 28.40
CA ALA D 245 -23.99 36.28 29.58
C ALA D 245 -24.01 37.78 29.40
N GLN D 246 -23.05 38.33 28.66
CA GLN D 246 -23.02 39.77 28.43
C GLN D 246 -24.22 40.22 27.59
N LYS D 247 -24.58 39.44 26.57
CA LYS D 247 -25.75 39.76 25.77
C LYS D 247 -27.04 39.59 26.56
N ILE D 248 -27.07 38.64 27.48
CA ILE D 248 -28.24 38.47 28.35
C ILE D 248 -28.43 39.70 29.22
N HIS D 249 -27.34 40.20 29.80
CA HIS D 249 -27.44 41.41 30.62
C HIS D 249 -27.69 42.64 29.77
N GLU D 250 -27.15 42.68 28.55
CA GLU D 250 -27.43 43.80 27.65
C GLU D 250 -28.89 43.85 27.24
N ALA D 251 -29.57 42.70 27.23
CA ALA D 251 -31.01 42.69 27.00
C ALA D 251 -31.75 43.38 28.15
N GLY D 252 -31.20 43.32 29.36
CA GLY D 252 -31.72 44.10 30.45
C GLY D 252 -32.93 43.50 31.11
N ASP D 253 -33.89 43.08 30.31
CA ASP D 253 -35.16 42.55 30.82
C ASP D 253 -35.05 41.07 31.16
N VAL D 258 -36.74 35.66 33.51
CA VAL D 258 -36.04 34.58 32.83
C VAL D 258 -34.60 34.49 33.31
N VAL D 259 -34.08 33.27 33.35
CA VAL D 259 -32.69 32.99 33.70
C VAL D 259 -32.41 33.48 35.11
N ILE D 260 -32.62 32.60 36.09
CA ILE D 260 -32.28 32.93 37.48
C ILE D 260 -30.85 32.60 37.82
N GLY D 261 -30.10 32.00 36.89
CA GLY D 261 -28.71 31.70 37.15
C GLY D 261 -28.11 30.86 36.02
N TRP D 262 -26.99 30.21 36.34
CA TRP D 262 -26.22 29.45 35.37
C TRP D 262 -25.82 28.12 35.99
N GLU D 263 -25.50 27.16 35.12
CA GLU D 263 -24.95 25.88 35.53
C GLU D 263 -23.50 25.79 35.08
N SER D 264 -22.72 24.99 35.82
CA SER D 264 -21.28 24.88 35.56
C SER D 264 -21.00 24.17 34.24
N MET D 265 -21.03 22.85 34.24
CA MET D 265 -20.78 22.06 33.05
C MET D 265 -21.41 20.69 33.24
N ASN D 266 -22.11 20.22 32.21
CA ASN D 266 -22.86 18.97 32.29
C ASN D 266 -21.91 17.80 32.49
N GLU D 267 -21.97 17.18 33.68
CA GLU D 267 -21.22 15.98 34.02
C GLU D 267 -19.73 16.18 33.79
N PRO D 268 -19.02 16.87 34.68
CA PRO D 268 -17.58 17.05 34.51
C PRO D 268 -16.85 15.73 34.69
N ASN D 269 -15.98 15.41 33.73
CA ASN D 269 -15.20 14.18 33.75
C ASN D 269 -13.73 14.50 33.95
N ARG D 270 -13.00 13.55 34.53
CA ARG D 270 -11.58 13.72 34.79
C ARG D 270 -10.71 13.19 33.67
N GLY D 271 -11.24 12.36 32.78
CA GLY D 271 -10.45 11.75 31.73
C GLY D 271 -9.47 10.72 32.27
N LEU D 272 -8.18 11.05 32.22
CA LEU D 272 -7.14 10.16 32.73
C LEU D 272 -6.53 10.64 34.04
N ILE D 273 -6.84 11.85 34.48
CA ILE D 273 -6.25 12.43 35.68
C ILE D 273 -6.64 11.61 36.90
N GLY D 274 -5.70 10.80 37.40
CA GLY D 274 -5.94 9.98 38.58
C GLY D 274 -5.87 8.49 38.33
N VAL D 275 -5.60 8.03 37.13
CA VAL D 275 -5.52 6.59 36.86
C VAL D 275 -4.24 6.05 37.47
N GLN D 276 -4.39 5.11 38.40
CA GLN D 276 -3.22 4.55 39.08
C GLN D 276 -2.36 3.74 38.12
N ASP D 277 -2.98 3.01 37.20
CA ASP D 277 -2.24 2.25 36.20
C ASP D 277 -3.05 2.28 34.91
N ILE D 278 -2.53 2.98 33.89
CA ILE D 278 -3.25 3.10 32.63
C ILE D 278 -3.25 1.80 31.84
N SER D 279 -2.36 0.87 32.17
CA SER D 279 -2.24 -0.39 31.43
C SER D 279 -3.34 -1.39 31.78
N VAL D 280 -4.22 -1.08 32.73
CA VAL D 280 -5.29 -1.98 33.14
C VAL D 280 -6.59 -1.19 33.20
N ILE D 281 -7.70 -1.93 33.25
CA ILE D 281 -9.01 -1.34 33.45
C ILE D 281 -9.14 -0.94 34.92
N PRO D 282 -9.42 0.34 35.22
CA PRO D 282 -9.49 0.75 36.61
C PRO D 282 -10.66 0.10 37.31
N PRO D 283 -10.53 -0.22 38.60
CA PRO D 283 -11.65 -0.85 39.32
C PRO D 283 -12.88 0.03 39.42
N GLU D 284 -12.72 1.35 39.39
CA GLU D 284 -13.86 2.25 39.47
C GLU D 284 -14.58 2.43 38.14
N GLN D 285 -14.05 1.87 37.06
CA GLN D 285 -14.76 1.89 35.78
C GLN D 285 -15.93 0.91 35.83
N GLN D 286 -17.15 1.44 35.74
CA GLN D 286 -18.35 0.65 35.98
C GLN D 286 -19.19 0.37 34.76
N LEU D 287 -19.17 1.26 33.76
CA LEU D 287 -20.09 1.16 32.62
C LEU D 287 -19.30 1.25 31.32
N GLN D 288 -19.14 0.12 30.64
CA GLN D 288 -18.63 0.08 29.27
C GLN D 288 -19.44 -0.94 28.48
N LEU D 289 -19.40 -0.80 27.16
CA LEU D 289 -20.25 -1.63 26.30
C LEU D 289 -19.60 -1.74 24.93
N GLY D 290 -19.97 -2.80 24.21
CA GLY D 290 -19.34 -3.07 22.93
C GLY D 290 -17.89 -3.50 23.13
N THR D 291 -17.07 -3.25 22.12
CA THR D 291 -15.64 -3.42 22.29
C THR D 291 -15.14 -2.33 23.23
N SER D 292 -14.30 -2.72 24.21
CA SER D 292 -13.83 -1.82 25.26
C SER D 292 -12.30 -1.69 25.15
N PRO D 293 -11.81 -0.80 24.29
CA PRO D 293 -10.38 -0.47 24.31
C PRO D 293 -10.02 0.15 25.65
N THR D 294 -9.08 -0.49 26.34
CA THR D 294 -8.61 0.06 27.61
C THR D 294 -7.83 1.36 27.38
N ALA D 295 -7.48 2.01 28.48
CA ALA D 295 -6.88 3.35 28.40
C ALA D 295 -5.55 3.32 27.67
N PHE D 296 -4.63 2.46 28.10
CA PHE D 296 -3.31 2.39 27.49
C PHE D 296 -3.40 1.94 26.04
N GLN D 297 -4.02 0.78 25.80
CA GLN D 297 -4.12 0.25 24.45
C GLN D 297 -4.87 1.20 23.53
N GLY D 298 -5.76 2.03 24.08
CA GLY D 298 -6.43 3.03 23.27
C GLY D 298 -5.47 4.00 22.62
N MET D 299 -4.32 4.26 23.27
CA MET D 299 -3.31 5.11 22.67
C MET D 299 -2.66 4.45 21.45
N LEU D 300 -2.54 3.12 21.47
CA LEU D 300 -2.02 2.41 20.32
C LEU D 300 -3.06 2.33 19.21
N THR D 301 -4.34 2.14 19.57
CA THR D 301 -5.39 2.05 18.56
C THR D 301 -5.56 3.39 17.85
N GLY D 302 -5.54 4.50 18.59
CA GLY D 302 -5.61 5.80 17.97
C GLY D 302 -4.39 6.16 17.16
N SER D 303 -3.26 5.49 17.39
CA SER D 303 -2.05 5.69 16.63
C SER D 303 -1.92 4.75 15.45
N GLY D 304 -2.76 3.72 15.36
CA GLY D 304 -2.71 2.78 14.26
C GLY D 304 -2.11 1.44 14.62
N GLN D 321 -17.07 -9.71 30.49
CA GLN D 321 -16.48 -9.99 29.18
C GLN D 321 -17.15 -11.20 28.55
N THR D 322 -17.66 -11.03 27.33
CA THR D 322 -18.26 -12.12 26.58
C THR D 322 -17.24 -12.85 25.71
N GLY D 323 -16.27 -12.12 25.17
CA GLY D 323 -15.26 -12.74 24.35
C GLY D 323 -14.19 -11.73 23.97
N ARG D 324 -13.35 -12.15 23.02
CA ARG D 324 -12.28 -11.31 22.50
C ARG D 324 -12.51 -11.05 21.02
N GLU D 325 -12.17 -9.84 20.58
CA GLU D 325 -12.36 -9.43 19.20
C GLU D 325 -11.10 -8.77 18.68
N LEU D 326 -10.77 -9.06 17.41
CA LEU D 326 -9.61 -8.49 16.75
C LEU D 326 -10.08 -7.40 15.78
N VAL D 327 -9.58 -6.18 15.98
CA VAL D 327 -9.92 -5.04 15.14
C VAL D 327 -8.63 -4.34 14.75
N ASP D 328 -8.50 -4.01 13.47
CA ASP D 328 -7.28 -3.40 12.93
C ASP D 328 -7.62 -2.02 12.36
N PRO D 329 -7.00 -0.94 12.85
CA PRO D 329 -7.18 0.37 12.20
C PRO D 329 -6.53 0.47 10.83
N GLU D 330 -5.70 -0.50 10.46
CA GLU D 330 -5.04 -0.56 9.15
C GLU D 330 -4.15 0.67 8.93
N GLY D 331 -3.22 0.85 9.86
CA GLY D 331 -2.20 1.88 9.75
C GLY D 331 -2.73 3.31 9.77
N GLU D 332 -4.00 3.48 10.14
CA GLU D 332 -4.62 4.79 10.19
C GLU D 332 -4.60 5.33 11.62
N THR D 333 -4.42 6.63 11.75
CA THR D 333 -4.27 7.28 13.04
C THR D 333 -5.49 8.11 13.38
N ALA D 334 -5.72 8.29 14.69
CA ALA D 334 -6.66 9.28 15.19
C ALA D 334 -6.01 10.64 15.37
N TRP D 335 -5.02 10.96 14.53
CA TRP D 335 -4.30 12.22 14.59
C TRP D 335 -4.15 12.77 13.18
N LEU D 336 -4.11 14.10 13.08
CA LEU D 336 -3.95 14.75 11.79
C LEU D 336 -2.59 14.39 11.20
N PRO D 337 -2.50 14.29 9.87
CA PRO D 337 -1.22 13.92 9.24
C PRO D 337 -0.14 14.94 9.51
N ALA D 338 1.09 14.58 9.13
CA ALA D 338 2.25 15.40 9.45
C ALA D 338 2.24 16.75 8.75
N ASP D 339 1.48 16.89 7.67
CA ASP D 339 1.36 18.16 6.95
C ASP D 339 -0.10 18.62 7.03
N TYR D 340 -0.33 19.65 7.85
CA TYR D 340 -1.69 20.13 8.08
C TYR D 340 -1.61 21.59 8.50
N ASP D 341 -2.68 22.34 8.21
CA ASP D 341 -2.75 23.76 8.55
C ASP D 341 -3.40 23.94 9.92
N ASP D 342 -2.59 23.72 10.96
CA ASP D 342 -2.96 24.10 12.32
C ASP D 342 -2.81 25.61 12.45
N THR D 343 -3.46 26.34 11.55
CA THR D 343 -3.27 27.78 11.39
C THR D 343 -4.57 28.50 11.09
N ARG D 344 -5.67 27.78 10.88
CA ARG D 344 -6.99 28.34 10.57
C ARG D 344 -7.32 29.53 11.47
N TYR D 345 -6.71 29.59 12.65
CA TYR D 345 -6.84 30.74 13.55
C TYR D 345 -5.46 31.18 14.03
N GLY D 346 -4.47 31.09 13.16
CA GLY D 346 -3.09 31.34 13.54
C GLY D 346 -2.40 30.09 14.02
N TRP D 347 -1.12 29.94 13.66
CA TRP D 347 -0.31 28.83 14.16
C TRP D 347 -0.16 28.98 15.67
N VAL D 348 -1.13 28.45 16.42
CA VAL D 348 -1.18 28.70 17.86
C VAL D 348 -0.25 27.77 18.62
N ARG D 349 -0.19 26.50 18.24
CA ARG D 349 0.86 25.63 18.74
C ARG D 349 2.20 26.02 18.10
N ASP D 350 3.29 25.65 18.77
CA ASP D 350 4.62 26.05 18.33
C ASP D 350 5.62 24.98 18.83
N PRO D 351 6.85 25.29 19.37
CA PRO D 351 7.63 24.19 19.97
C PRO D 351 6.90 23.37 21.00
N GLY D 352 5.92 22.61 20.54
CA GLY D 352 5.29 21.54 21.30
C GLY D 352 5.16 20.35 20.38
N TRP D 353 5.80 20.48 19.21
CA TRP D 353 5.87 19.49 18.14
C TRP D 353 4.59 19.43 17.33
N LYS D 354 4.67 18.87 16.13
CA LYS D 354 3.54 18.79 15.23
C LYS D 354 2.58 17.68 15.67
N LEU D 355 1.36 17.78 15.17
CA LEU D 355 0.44 16.65 15.23
C LEU D 355 0.87 15.59 14.21
N GLY D 356 0.25 14.42 14.29
CA GLY D 356 0.70 13.24 13.60
C GLY D 356 1.41 12.24 14.48
N GLU D 357 1.91 12.69 15.61
CA GLU D 357 2.38 11.84 16.69
C GLU D 357 1.42 12.02 17.87
N CYS D 358 1.19 10.93 18.60
CA CYS D 358 0.30 10.99 19.75
C CYS D 358 0.79 12.05 20.74
N LEU D 359 -0.14 12.91 21.17
CA LEU D 359 0.22 14.03 22.04
C LEU D 359 0.85 13.54 23.34
N TRP D 360 0.24 12.54 23.97
CA TRP D 360 0.81 12.00 25.20
C TRP D 360 2.10 11.24 24.93
N ALA D 361 2.26 10.69 23.71
CA ALA D 361 3.53 10.05 23.36
C ALA D 361 4.63 11.09 23.24
N GLN D 362 4.33 12.25 22.66
CA GLN D 362 5.29 13.35 22.62
C GLN D 362 5.69 13.77 24.02
N HIS D 363 4.79 13.62 24.99
CA HIS D 363 5.01 14.06 26.36
C HIS D 363 5.68 13.00 27.23
N GLY D 364 6.33 12.00 26.62
CA GLY D 364 7.18 11.07 27.33
C GLY D 364 6.48 10.01 28.17
N VAL D 365 5.69 9.15 27.53
CA VAL D 365 5.05 8.05 28.23
C VAL D 365 5.51 6.73 27.62
N TRP D 366 4.92 6.36 26.48
CA TRP D 366 5.26 5.09 25.83
C TRP D 366 6.22 5.31 24.67
N LYS D 376 3.61 3.85 33.26
CA LYS D 376 2.45 3.09 33.70
C LYS D 376 1.67 3.86 34.76
N ASP D 377 2.33 4.84 35.38
CA ASP D 377 1.71 5.65 36.42
C ASP D 377 1.89 7.14 36.13
N TYR D 378 1.90 7.51 34.84
CA TYR D 378 2.09 8.91 34.47
C TYR D 378 0.97 9.79 35.02
N PHE D 379 -0.25 9.27 35.09
CA PHE D 379 -1.39 10.02 35.59
C PHE D 379 -1.78 9.62 37.01
N ALA D 380 -0.93 8.87 37.71
CA ALA D 380 -1.21 8.45 39.07
C ALA D 380 -0.71 9.45 40.11
N LYS D 381 0.07 10.45 39.71
CA LYS D 381 0.61 11.42 40.63
C LYS D 381 0.64 12.79 39.96
N ASN D 382 0.49 13.82 40.78
CA ASN D 382 0.74 15.18 40.30
C ASN D 382 2.24 15.38 40.17
N PRO D 383 2.77 15.62 38.97
CA PRO D 383 4.22 15.65 38.81
C PRO D 383 4.91 16.76 39.58
N GLN D 384 4.21 17.85 39.90
CA GLN D 384 4.81 18.92 40.68
C GLN D 384 4.89 18.55 42.16
N THR D 385 3.77 18.13 42.75
CA THR D 385 3.74 17.78 44.17
C THR D 385 3.77 16.27 44.36
N GLY D 386 3.02 15.77 45.35
CA GLY D 386 3.15 14.41 45.81
C GLY D 386 2.33 13.38 45.04
N GLU D 387 2.04 12.28 45.73
CA GLU D 387 1.46 11.06 45.18
C GLU D 387 -0.06 11.07 45.04
N PRO D 388 -0.83 11.53 46.03
CA PRO D 388 -2.29 11.39 45.96
C PRO D 388 -2.89 12.01 44.71
N LEU D 389 -3.75 11.24 44.03
CA LEU D 389 -4.43 11.67 42.82
C LEU D 389 -5.47 10.66 42.37
N ASN D 390 -6.75 10.98 42.58
CA ASN D 390 -7.86 10.13 42.16
C ASN D 390 -9.17 10.89 42.25
N TYR D 391 -10.29 10.16 42.30
CA TYR D 391 -11.58 10.80 42.58
C TYR D 391 -11.60 11.26 44.03
N ASP D 392 -11.89 12.56 44.22
CA ASP D 392 -12.04 13.34 45.46
C ASP D 392 -10.98 14.43 45.50
N LYS D 393 -9.75 14.11 45.08
CA LYS D 393 -8.74 15.15 44.89
C LYS D 393 -9.00 15.93 43.61
N PHE D 394 -9.56 15.27 42.59
CA PHE D 394 -9.86 15.96 41.34
C PHE D 394 -10.95 17.01 41.54
N THR D 395 -12.04 16.64 42.23
CA THR D 395 -13.13 17.57 42.47
C THR D 395 -12.67 18.75 43.32
N ASN D 396 -11.74 18.52 44.24
CA ASN D 396 -11.25 19.59 45.11
C ASN D 396 -10.14 20.42 44.48
N THR D 397 -9.62 20.03 43.31
CA THR D 397 -8.52 20.76 42.70
C THR D 397 -8.82 21.15 41.26
N TYR D 398 -8.67 20.20 40.34
CA TYR D 398 -8.80 20.51 38.91
C TYR D 398 -10.22 20.97 38.57
N PHE D 399 -11.23 20.39 39.22
CA PHE D 399 -12.60 20.79 38.95
C PHE D 399 -12.93 22.13 39.60
N MET D 400 -12.55 22.31 40.87
CA MET D 400 -12.84 23.57 41.55
C MET D 400 -12.08 24.73 40.91
N GLU D 401 -10.93 24.46 40.29
CA GLU D 401 -10.22 25.51 39.57
C GLU D 401 -11.03 25.99 38.37
N HIS D 402 -11.63 25.07 37.62
CA HIS D 402 -12.48 25.45 36.50
C HIS D 402 -13.78 26.10 36.97
N TYR D 403 -14.29 25.70 38.13
CA TYR D 403 -15.54 26.26 38.61
C TYR D 403 -15.36 27.70 39.10
N ARG D 404 -14.30 27.96 39.87
CA ARG D 404 -14.07 29.30 40.38
C ARG D 404 -13.91 30.32 39.25
N ALA D 405 -13.17 29.96 38.20
CA ALA D 405 -13.02 30.85 37.07
C ALA D 405 -14.33 31.02 36.32
N TYR D 406 -15.08 29.93 36.12
CA TYR D 406 -16.38 30.03 35.47
C TYR D 406 -17.36 30.82 36.31
N ARG D 407 -17.27 30.72 37.63
CA ARG D 407 -18.18 31.46 38.51
C ARG D 407 -17.85 32.94 38.51
N ASP D 408 -16.58 33.29 38.72
CA ASP D 408 -16.21 34.70 38.86
C ASP D 408 -16.25 35.44 37.52
N ALA D 409 -16.08 34.72 36.41
CA ALA D 409 -16.16 35.38 35.11
C ALA D 409 -17.61 35.70 34.73
N LEU D 410 -18.55 34.82 35.10
CA LEU D 410 -19.95 35.12 34.87
C LEU D 410 -20.47 36.16 35.84
N ARG D 411 -19.90 36.23 37.04
CA ARG D 411 -20.29 37.23 38.03
C ARG D 411 -19.63 38.58 37.80
N SER D 412 -18.72 38.68 36.83
CA SER D 412 -18.28 39.99 36.36
C SER D 412 -19.33 40.64 35.48
N VAL D 413 -20.23 39.84 34.92
CA VAL D 413 -21.38 40.38 34.16
C VAL D 413 -22.62 40.49 35.05
N TRP D 414 -22.88 39.47 35.86
CA TRP D 414 -24.04 39.43 36.75
C TRP D 414 -23.57 38.94 38.11
N PRO D 415 -23.25 39.86 39.04
CA PRO D 415 -22.76 39.43 40.35
C PRO D 415 -23.78 38.65 41.16
N GLU D 416 -25.07 38.90 40.97
CA GLU D 416 -26.13 38.20 41.69
C GLU D 416 -26.49 36.86 41.05
N ALA D 417 -25.62 36.31 40.20
CA ALA D 417 -25.93 35.09 39.48
C ALA D 417 -25.91 33.88 40.40
N ILE D 418 -26.97 33.08 40.35
CA ILE D 418 -27.03 31.81 41.09
C ILE D 418 -26.36 30.74 40.25
N ILE D 419 -25.25 30.19 40.73
CA ILE D 419 -24.44 29.26 39.96
C ILE D 419 -24.75 27.84 40.44
N PHE D 420 -25.34 27.04 39.56
CA PHE D 420 -25.61 25.63 39.84
C PHE D 420 -24.31 24.85 39.70
N CYS D 421 -23.68 24.54 40.83
CA CYS D 421 -22.40 23.85 40.83
C CYS D 421 -22.63 22.35 40.69
N GLN D 422 -22.18 21.78 39.57
CA GLN D 422 -22.36 20.36 39.29
C GLN D 422 -21.02 19.63 39.38
N PRO D 423 -20.74 18.91 40.45
CA PRO D 423 -19.53 18.09 40.52
C PRO D 423 -19.65 16.87 39.64
N PRO D 424 -18.60 16.06 39.51
CA PRO D 424 -18.72 14.82 38.74
C PRO D 424 -19.88 13.96 39.24
N VAL D 425 -20.48 13.22 38.30
CA VAL D 425 -21.68 12.47 38.60
C VAL D 425 -21.36 11.29 39.50
N MET D 426 -22.17 11.11 40.55
CA MET D 426 -22.06 10.01 41.50
C MET D 426 -20.70 9.95 42.19
N GLU D 427 -20.01 11.07 42.26
CA GLU D 427 -18.77 11.20 43.01
C GLU D 427 -18.99 12.14 44.19
N VAL D 428 -18.07 12.08 45.15
CA VAL D 428 -18.21 12.90 46.36
C VAL D 428 -18.17 14.37 45.99
N PRO D 429 -19.15 15.17 46.39
CA PRO D 429 -19.14 16.60 46.06
C PRO D 429 -17.96 17.30 46.70
N PRO D 430 -17.59 18.48 46.22
CA PRO D 430 -16.39 19.15 46.77
C PRO D 430 -16.61 19.57 48.21
N ASP D 431 -15.50 19.63 48.96
CA ASP D 431 -15.52 20.04 50.35
C ASP D 431 -15.33 21.55 50.41
N LEU D 432 -16.45 22.27 50.28
CA LEU D 432 -16.44 23.73 50.25
C LEU D 432 -17.02 24.36 51.50
N LYS D 433 -17.52 23.56 52.45
CA LYS D 433 -18.15 24.11 53.65
C LYS D 433 -17.07 24.69 54.56
N GLY D 434 -17.19 25.98 54.86
CA GLY D 434 -16.24 26.67 55.71
C GLY D 434 -15.05 27.27 55.00
N THR D 435 -14.99 27.19 53.67
CA THR D 435 -13.90 27.75 52.90
C THR D 435 -14.35 29.04 52.22
N VAL D 436 -13.44 29.61 51.40
CA VAL D 436 -13.74 30.83 50.68
C VAL D 436 -14.72 30.62 49.53
N ASP D 437 -14.97 29.37 49.14
CA ASP D 437 -15.89 29.05 48.07
C ASP D 437 -17.27 28.68 48.57
N ASP D 438 -17.52 28.82 49.87
CA ASP D 438 -18.84 28.57 50.43
C ASP D 438 -19.80 29.68 50.00
N ASP D 439 -20.19 29.66 48.73
CA ASP D 439 -20.96 30.75 48.15
C ASP D 439 -22.40 30.68 48.61
N PRO D 440 -22.92 31.71 49.29
CA PRO D 440 -24.33 31.69 49.71
C PRO D 440 -25.32 31.85 48.57
N ASN D 441 -24.85 31.95 47.33
CA ASN D 441 -25.72 32.03 46.15
C ASN D 441 -25.42 30.90 45.17
N MET D 442 -24.97 29.76 45.68
CA MET D 442 -24.68 28.59 44.86
C MET D 442 -25.74 27.52 45.09
N VAL D 443 -25.92 26.67 44.09
CA VAL D 443 -26.85 25.53 44.17
C VAL D 443 -26.10 24.29 43.72
N HIS D 444 -26.27 23.20 44.46
CA HIS D 444 -25.61 21.94 44.14
C HIS D 444 -26.43 21.19 43.10
N ALA D 445 -25.89 21.06 41.90
CA ALA D 445 -26.52 20.32 40.82
C ALA D 445 -26.03 18.88 40.85
N VAL D 446 -26.96 17.94 41.02
CA VAL D 446 -26.64 16.52 41.16
C VAL D 446 -27.36 15.75 40.07
N HIS D 447 -26.65 14.80 39.45
CA HIS D 447 -27.23 13.87 38.52
C HIS D 447 -27.40 12.51 39.19
N TYR D 448 -28.56 11.88 38.98
CA TYR D 448 -28.78 10.53 39.47
C TYR D 448 -29.65 9.77 38.47
N TYR D 449 -29.24 8.54 38.17
CA TYR D 449 -30.01 7.65 37.33
C TYR D 449 -29.98 6.26 37.93
N ASP D 450 -31.13 5.58 37.92
CA ASP D 450 -31.18 4.19 38.34
C ASP D 450 -30.29 3.37 37.41
N GLY D 451 -29.08 3.04 37.90
CA GLY D 451 -28.10 2.40 37.04
C GLY D 451 -28.56 1.08 36.44
N ILE D 452 -29.41 0.35 37.16
CA ILE D 452 -29.90 -0.92 36.64
C ILE D 452 -30.91 -0.70 35.53
N THR D 453 -31.97 0.04 35.81
CA THR D 453 -33.00 0.30 34.80
C THR D 453 -32.41 1.02 33.59
N LEU D 454 -31.45 1.91 33.82
CA LEU D 454 -30.80 2.61 32.71
C LEU D 454 -30.07 1.63 31.79
N LEU D 455 -29.40 0.65 32.37
CA LEU D 455 -28.61 -0.26 31.56
C LEU D 455 -29.43 -1.44 31.04
N THR D 456 -30.41 -1.90 31.81
CA THR D 456 -31.23 -3.02 31.37
C THR D 456 -32.36 -2.59 30.46
N LYS D 457 -32.72 -1.31 30.47
CA LYS D 457 -33.92 -0.82 29.79
C LYS D 457 -35.14 -1.66 30.17
N HIS D 458 -35.30 -1.84 31.48
CA HIS D 458 -36.39 -2.62 32.05
C HIS D 458 -36.50 -2.37 33.54
N TRP D 459 -37.69 -2.02 34.03
CA TRP D 459 -37.90 -1.77 35.44
C TRP D 459 -38.10 -3.10 36.16
N ASN D 460 -37.08 -3.54 36.89
CA ASN D 460 -37.13 -4.80 37.62
C ASN D 460 -37.89 -4.58 38.93
N ARG D 461 -39.10 -5.14 39.01
CA ARG D 461 -39.94 -4.97 40.20
C ARG D 461 -39.55 -5.88 41.35
N LEU D 462 -38.61 -6.80 41.15
CA LEU D 462 -38.29 -7.78 42.17
C LEU D 462 -37.14 -7.33 43.09
N TYR D 463 -36.12 -6.68 42.53
CA TYR D 463 -35.00 -6.24 43.34
C TYR D 463 -34.38 -4.98 42.75
N ASN D 464 -33.58 -4.30 43.57
CA ASN D 464 -32.76 -3.20 43.11
C ASN D 464 -31.60 -3.05 44.08
N VAL D 465 -30.59 -2.28 43.66
CA VAL D 465 -29.31 -2.18 44.35
C VAL D 465 -29.11 -0.76 44.85
N ASP D 466 -28.75 -0.63 46.12
CA ASP D 466 -28.26 0.63 46.65
C ASP D 466 -26.84 0.85 46.13
N VAL D 467 -26.73 1.47 44.95
CA VAL D 467 -25.43 1.64 44.32
C VAL D 467 -24.57 2.61 45.11
N ILE D 468 -25.18 3.65 45.69
CA ILE D 468 -24.42 4.62 46.46
C ILE D 468 -23.78 3.95 47.68
N GLY D 469 -24.49 3.00 48.29
CA GLY D 469 -23.91 2.28 49.41
C GLY D 469 -22.67 1.50 49.01
N VAL D 470 -22.70 0.90 47.82
CA VAL D 470 -21.51 0.21 47.31
C VAL D 470 -20.46 1.22 46.88
N LEU D 471 -20.88 2.29 46.20
CA LEU D 471 -19.93 3.25 45.65
C LEU D 471 -19.15 3.94 46.75
N ARG D 472 -19.80 4.28 47.86
CA ARG D 472 -19.16 4.99 48.95
C ARG D 472 -18.79 4.08 50.13
N GLY D 473 -18.87 2.76 49.95
CA GLY D 473 -18.36 1.82 50.92
C GLY D 473 -19.31 1.42 52.02
N LYS D 474 -20.57 1.85 51.97
CA LYS D 474 -21.50 1.58 53.07
C LYS D 474 -21.67 0.08 53.31
N TYR D 475 -21.54 -0.73 52.27
CA TYR D 475 -21.61 -2.18 52.40
C TYR D 475 -20.22 -2.81 52.30
N LEU D 476 -20.17 -4.13 52.42
CA LEU D 476 -18.95 -4.87 52.16
C LEU D 476 -18.79 -5.07 50.66
N THR D 477 -19.39 -6.14 50.15
CA THR D 477 -19.51 -6.46 48.74
C THR D 477 -20.87 -6.01 48.23
N PRO D 478 -21.06 -5.93 46.91
CA PRO D 478 -22.39 -5.54 46.37
C PRO D 478 -23.48 -6.55 46.68
N ALA D 479 -23.22 -7.49 47.61
CA ALA D 479 -24.24 -8.48 47.97
C ALA D 479 -25.36 -7.84 48.79
N PHE D 480 -25.01 -7.10 49.85
CA PHE D 480 -26.01 -6.50 50.73
C PHE D 480 -26.93 -5.53 50.00
N ALA D 481 -26.40 -4.82 49.00
CA ALA D 481 -27.12 -3.69 48.41
C ALA D 481 -28.44 -4.09 47.74
N VAL D 482 -28.65 -5.37 47.44
CA VAL D 482 -29.90 -5.79 46.82
C VAL D 482 -31.03 -5.67 47.81
N LYS D 483 -32.18 -5.18 47.35
CA LYS D 483 -33.36 -4.98 48.18
C LYS D 483 -34.55 -5.62 47.48
N ILE D 484 -35.21 -6.56 48.15
CA ILE D 484 -36.30 -7.34 47.56
C ILE D 484 -37.64 -6.77 48.01
N GLY D 485 -38.60 -6.73 47.10
CA GLY D 485 -39.88 -6.12 47.36
C GLY D 485 -39.97 -4.75 46.73
N GLU D 486 -41.01 -4.50 45.94
CA GLU D 486 -41.13 -3.21 45.27
C GLU D 486 -41.20 -2.06 46.28
N THR D 487 -41.73 -2.32 47.48
CA THR D 487 -41.71 -1.30 48.52
C THR D 487 -40.28 -1.01 48.97
N ALA D 488 -39.48 -2.05 49.19
CA ALA D 488 -38.09 -1.85 49.57
C ALA D 488 -37.31 -1.19 48.45
N ILE D 489 -37.72 -1.40 47.19
CA ILE D 489 -37.06 -0.74 46.07
C ILE D 489 -37.36 0.76 46.10
N ARG D 490 -38.61 1.13 46.37
CA ARG D 490 -38.97 2.54 46.50
C ARG D 490 -38.20 3.19 47.65
N ASN D 491 -38.14 2.51 48.79
CA ASN D 491 -37.40 3.05 49.93
C ASN D 491 -35.90 3.04 49.70
N CYS D 492 -35.41 2.14 48.85
CA CYS D 492 -33.99 2.10 48.56
C CYS D 492 -33.55 3.32 47.76
N LEU D 493 -34.28 3.65 46.69
CA LEU D 493 -33.96 4.84 45.91
C LEU D 493 -34.15 6.11 46.72
N ARG D 494 -35.13 6.11 47.62
CA ARG D 494 -35.37 7.28 48.47
C ARG D 494 -34.20 7.49 49.45
N ASP D 495 -33.71 6.41 50.04
CA ASP D 495 -32.58 6.52 50.97
C ASP D 495 -31.27 6.83 50.23
N GLN D 496 -31.18 6.52 48.94
CA GLN D 496 -30.00 6.90 48.17
C GLN D 496 -29.97 8.40 47.94
N LEU D 497 -31.07 8.97 47.45
CA LEU D 497 -31.13 10.41 47.25
C LEU D 497 -31.06 11.17 48.57
N LYS D 498 -31.63 10.60 49.63
CA LYS D 498 -31.53 11.25 50.94
C LYS D 498 -30.09 11.23 51.45
N PHE D 499 -29.36 10.15 51.18
CA PHE D 499 -27.95 10.09 51.57
C PHE D 499 -27.11 11.10 50.78
N LEU D 500 -27.40 11.25 49.49
CA LEU D 500 -26.67 12.20 48.67
C LEU D 500 -26.93 13.64 49.09
N ARG D 501 -28.14 13.93 49.56
CA ARG D 501 -28.44 15.28 50.04
C ARG D 501 -27.68 15.58 51.32
N ASP D 502 -27.51 14.58 52.20
CA ASP D 502 -26.73 14.78 53.41
C ASP D 502 -25.23 14.91 53.10
N GLU D 503 -24.77 14.26 52.03
CA GLU D 503 -23.38 14.45 51.61
C GLU D 503 -23.19 15.84 51.02
N SER D 504 -24.24 16.42 50.44
CA SER D 504 -24.15 17.80 49.93
C SER D 504 -24.06 18.80 51.06
N LEU D 505 -24.94 18.66 52.06
CA LEU D 505 -24.96 19.57 53.20
C LEU D 505 -23.74 19.41 54.10
N ARG D 506 -22.99 18.33 53.97
CA ARG D 506 -21.82 18.08 54.79
C ARG D 506 -20.54 18.61 54.15
N TYR D 507 -20.39 18.45 52.83
CA TYR D 507 -19.19 18.85 52.12
C TYR D 507 -19.29 20.24 51.51
N MET D 508 -20.44 20.60 50.92
CA MET D 508 -20.57 21.88 50.23
C MET D 508 -21.20 22.97 51.09
N GLY D 509 -21.92 22.62 52.14
CA GLY D 509 -22.43 23.58 53.09
C GLY D 509 -23.94 23.63 53.10
N THR D 510 -24.47 24.68 53.74
CA THR D 510 -25.92 24.90 53.85
C THR D 510 -26.39 25.55 52.57
N HIS D 511 -26.61 24.72 51.55
CA HIS D 511 -27.01 25.18 50.23
C HIS D 511 -28.16 24.34 49.71
N PRO D 512 -28.98 24.90 48.82
CA PRO D 512 -30.05 24.11 48.21
C PRO D 512 -29.49 23.11 47.22
N LEU D 513 -30.24 22.04 47.00
CA LEU D 513 -29.86 20.99 46.07
C LEU D 513 -30.96 20.81 45.05
N ILE D 514 -30.57 20.74 43.77
CA ILE D 514 -31.50 20.48 42.67
C ILE D 514 -30.95 19.33 41.86
N PHE D 515 -31.68 18.22 41.82
CA PHE D 515 -31.31 17.11 40.95
C PHE D 515 -31.57 17.51 39.50
N THR D 516 -30.56 18.06 38.84
CA THR D 516 -30.76 18.68 37.53
C THR D 516 -31.13 17.67 36.46
N GLU D 517 -30.74 16.40 36.63
CA GLU D 517 -31.12 15.38 35.67
C GLU D 517 -31.47 14.10 36.40
N ILE D 518 -32.65 13.54 36.09
CA ILE D 518 -33.10 12.26 36.61
C ILE D 518 -34.25 11.78 35.74
N GLY D 519 -34.25 10.51 35.36
CA GLY D 519 -35.29 10.01 34.48
C GLY D 519 -35.15 8.52 34.27
N ILE D 520 -36.00 8.00 33.39
CA ILE D 520 -36.03 6.57 33.10
C ILE D 520 -35.96 6.34 31.60
N PRO D 521 -35.41 5.22 31.13
CA PRO D 521 -35.49 4.90 29.71
C PRO D 521 -36.89 4.47 29.33
N PHE D 522 -37.47 5.15 28.34
CA PHE D 522 -38.83 4.84 27.89
C PHE D 522 -38.88 3.72 26.87
N ASP D 523 -37.78 3.37 26.24
CA ASP D 523 -37.74 2.28 25.27
C ASP D 523 -37.51 0.94 25.94
N MET D 524 -38.29 0.65 26.98
CA MET D 524 -38.13 -0.57 27.75
C MET D 524 -38.62 -1.79 26.96
N ASP D 525 -37.94 -2.91 27.18
CA ASP D 525 -38.38 -4.22 26.72
C ASP D 525 -38.57 -4.24 25.20
N ASP D 526 -37.58 -3.72 24.49
CA ASP D 526 -37.57 -3.69 23.02
C ASP D 526 -38.84 -3.02 22.48
N ARG D 527 -39.13 -1.83 23.01
CA ARG D 527 -40.28 -1.04 22.58
C ARG D 527 -41.58 -1.80 22.78
N HIS D 528 -41.70 -2.48 23.93
CA HIS D 528 -42.92 -3.23 24.22
C HIS D 528 -44.13 -2.32 24.35
N ALA D 529 -43.95 -1.16 24.99
CA ALA D 529 -45.07 -0.23 25.15
C ALA D 529 -45.45 0.43 23.83
N TYR D 530 -44.50 0.56 22.91
CA TYR D 530 -44.79 1.20 21.63
C TYR D 530 -45.62 0.29 20.72
N LYS D 531 -45.58 -1.02 20.94
CA LYS D 531 -46.38 -1.96 20.16
C LYS D 531 -47.70 -2.31 20.84
N THR D 532 -47.83 -2.01 22.13
CA THR D 532 -49.03 -2.37 22.90
C THR D 532 -49.73 -1.18 23.53
N GLY D 533 -49.03 -0.10 23.82
CA GLY D 533 -49.61 0.98 24.59
C GLY D 533 -49.59 0.76 26.09
N ASP D 534 -48.97 -0.31 26.56
CA ASP D 534 -48.90 -0.65 27.97
C ASP D 534 -47.58 -0.10 28.52
N TYR D 535 -47.66 1.08 29.15
CA TYR D 535 -46.50 1.74 29.73
C TYR D 535 -46.37 1.45 31.23
N SER D 536 -46.89 0.32 31.70
CA SER D 536 -46.90 0.03 33.12
C SER D 536 -45.50 -0.05 33.70
N GLY D 537 -44.53 -0.50 32.90
CA GLY D 537 -43.15 -0.52 33.39
C GLY D 537 -42.58 0.87 33.57
N GLN D 538 -42.90 1.79 32.66
CA GLN D 538 -42.42 3.16 32.79
C GLN D 538 -43.18 3.91 33.88
N VAL D 539 -44.45 3.59 34.10
CA VAL D 539 -45.20 4.20 35.19
C VAL D 539 -44.59 3.82 36.53
N SER D 540 -44.32 2.52 36.71
CA SER D 540 -43.78 2.05 37.99
C SER D 540 -42.34 2.52 38.19
N ALA D 541 -41.58 2.68 37.11
CA ALA D 541 -40.20 3.14 37.25
C ALA D 541 -40.12 4.63 37.55
N MET D 542 -40.90 5.44 36.85
CA MET D 542 -40.88 6.88 37.09
C MET D 542 -41.49 7.24 38.43
N ASP D 543 -42.58 6.54 38.81
CA ASP D 543 -43.17 6.78 40.12
C ASP D 543 -42.21 6.43 41.25
N ALA D 544 -41.33 5.45 41.03
CA ALA D 544 -40.33 5.12 42.04
C ALA D 544 -39.25 6.19 42.13
N ASN D 545 -38.90 6.80 40.99
CA ASN D 545 -37.89 7.85 41.00
C ASN D 545 -38.45 9.14 41.62
N HIS D 546 -39.69 9.49 41.29
CA HIS D 546 -40.29 10.68 41.88
C HIS D 546 -40.52 10.50 43.38
N PHE D 547 -40.89 9.27 43.80
CA PHE D 547 -41.03 9.01 45.23
C PHE D 547 -39.71 9.19 45.96
N ALA D 548 -38.58 8.87 45.31
CA ALA D 548 -37.28 9.10 45.92
C ALA D 548 -37.00 10.59 46.08
N ILE D 549 -37.43 11.40 45.11
CA ILE D 549 -37.19 12.84 45.18
C ILE D 549 -38.06 13.47 46.26
N GLU D 550 -39.32 13.04 46.35
CA GLU D 550 -40.25 13.63 47.32
C GLU D 550 -39.79 13.41 48.76
N GLY D 551 -38.99 12.39 49.01
CA GLY D 551 -38.55 12.11 50.37
C GLY D 551 -37.07 12.36 50.59
N SER D 552 -36.39 12.91 49.58
CA SER D 552 -34.96 13.17 49.66
C SER D 552 -34.63 14.48 50.34
N THR D 553 -35.64 15.26 50.74
CA THR D 553 -35.44 16.58 51.35
C THR D 553 -34.66 17.52 50.45
N ALA D 554 -34.77 17.33 49.14
CA ALA D 554 -34.15 18.23 48.18
C ALA D 554 -35.09 19.40 47.88
N ASN D 555 -34.61 20.35 47.08
CA ASN D 555 -35.36 21.54 46.75
C ASN D 555 -36.04 21.48 45.38
N GLY D 556 -35.81 20.43 44.61
CA GLY D 556 -36.46 20.28 43.33
C GLY D 556 -35.64 19.43 42.38
N PHE D 557 -36.08 19.40 41.13
CA PHE D 557 -35.49 18.56 40.10
C PHE D 557 -35.88 19.12 38.73
N THR D 558 -35.23 18.60 37.71
CA THR D 558 -35.60 18.88 36.31
C THR D 558 -35.54 17.58 35.53
N LEU D 559 -36.66 17.22 34.90
CA LEU D 559 -36.78 15.91 34.28
C LEU D 559 -36.03 15.84 32.95
N TRP D 560 -35.32 14.72 32.76
CA TRP D 560 -34.69 14.36 31.50
C TRP D 560 -35.57 13.32 30.85
N LEU D 561 -36.20 13.66 29.72
CA LEU D 561 -35.91 14.87 28.96
C LEU D 561 -37.20 15.37 28.26
N TYR D 562 -37.11 16.49 27.54
CA TYR D 562 -38.22 16.98 26.70
C TYR D 562 -37.72 17.20 25.27
N THR D 563 -38.06 16.28 24.37
CA THR D 563 -37.80 16.45 22.94
C THR D 563 -39.10 16.81 22.24
N THR D 564 -39.05 17.80 21.34
CA THR D 564 -40.20 18.13 20.53
C THR D 564 -40.31 17.25 19.28
N SER D 565 -39.24 16.56 18.92
CA SER D 565 -39.22 15.66 17.77
C SER D 565 -39.05 14.20 18.18
N ASN D 566 -39.38 13.87 19.42
CA ASN D 566 -39.25 12.50 19.90
C ASN D 566 -40.30 11.61 19.24
N ASN D 567 -39.86 10.50 18.66
CA ASN D 567 -40.73 9.56 18.00
C ASN D 567 -40.37 8.14 18.43
N HIS D 568 -41.19 7.17 18.02
CA HIS D 568 -40.96 5.78 18.38
C HIS D 568 -39.85 5.14 17.56
N GLU D 569 -39.45 5.75 16.44
CA GLU D 569 -38.46 5.14 15.55
C GLU D 569 -37.03 5.49 15.98
N TRP D 570 -36.76 6.78 16.21
CA TRP D 570 -35.42 7.23 16.55
C TRP D 570 -35.29 7.74 17.98
N GLY D 571 -36.38 7.73 18.75
CA GLY D 571 -36.28 8.18 20.13
C GLY D 571 -36.04 9.67 20.21
N ASP D 572 -35.05 10.05 21.02
CA ASP D 572 -34.68 11.45 21.18
C ASP D 572 -33.82 11.97 20.04
N ASN D 573 -33.68 11.20 18.95
CA ASN D 573 -32.83 11.57 17.82
C ASN D 573 -31.39 11.79 18.26
N TRP D 574 -30.93 11.01 19.23
CA TRP D 574 -29.59 11.18 19.76
C TRP D 574 -29.13 9.87 20.40
N ASN D 575 -28.24 9.15 19.71
CA ASN D 575 -27.57 7.96 20.25
C ASN D 575 -28.56 6.87 20.67
N GLY D 576 -29.69 6.77 19.97
CA GLY D 576 -30.62 5.68 20.17
C GLY D 576 -31.30 5.68 21.52
N GLU D 577 -31.13 6.76 22.28
CA GLU D 577 -31.77 6.88 23.57
C GLU D 577 -33.20 7.38 23.41
N ASP D 578 -34.05 7.01 24.37
CA ASP D 578 -35.47 7.40 24.36
C ASP D 578 -35.86 7.76 25.80
N LEU D 579 -35.55 9.00 26.18
CA LEU D 579 -35.79 9.48 27.54
C LEU D 579 -36.78 10.63 27.62
N SER D 580 -37.24 11.17 26.49
CA SER D 580 -38.15 12.31 26.52
C SER D 580 -39.54 11.87 26.97
N ILE D 581 -40.18 12.74 27.76
CA ILE D 581 -41.54 12.45 28.24
C ILE D 581 -42.61 12.77 27.20
N TYR D 582 -42.25 13.48 26.14
CA TYR D 582 -43.17 13.81 25.05
C TYR D 582 -42.78 13.02 23.82
N SER D 583 -43.79 12.58 23.06
CA SER D 583 -43.55 11.84 21.83
C SER D 583 -44.62 12.22 20.81
N VAL D 584 -44.20 12.32 19.54
CA VAL D 584 -45.15 12.62 18.47
C VAL D 584 -46.03 11.45 18.11
N ASP D 585 -45.69 10.24 18.58
CA ASP D 585 -46.45 9.04 18.28
C ASP D 585 -47.34 8.60 19.43
N ASP D 586 -47.27 9.28 20.58
CA ASP D 586 -48.05 8.91 21.75
C ASP D 586 -49.10 9.97 22.04
N LEU D 587 -50.16 9.55 22.70
CA LEU D 587 -51.28 10.44 23.04
C LEU D 587 -50.98 11.21 24.32
N GLU D 588 -51.65 12.34 24.47
CA GLU D 588 -51.56 13.13 25.69
C GLU D 588 -52.68 12.74 26.66
N LEU D 589 -52.54 13.23 27.89
CA LEU D 589 -53.55 12.94 28.92
C LEU D 589 -54.80 13.77 28.68
N PRO D 590 -56.00 13.16 28.66
CA PRO D 590 -57.26 13.87 28.47
C PRO D 590 -57.69 14.64 29.71
N GLY D 649 -50.97 4.56 23.64
CA GLY D 649 -50.94 4.80 25.06
C GLY D 649 -50.71 6.25 25.43
N PHE D 650 -50.45 6.51 26.71
CA PHE D 650 -50.21 7.85 27.21
C PHE D 650 -48.75 8.08 27.59
N ARG D 651 -47.87 7.12 27.30
CA ARG D 651 -46.43 7.24 27.55
C ARG D 651 -46.14 7.54 29.03
N ALA D 652 -46.86 6.84 29.91
CA ALA D 652 -46.62 6.94 31.36
C ALA D 652 -46.70 8.39 31.84
N ALA D 653 -47.63 9.14 31.24
CA ALA D 653 -47.72 10.56 31.54
C ALA D 653 -48.15 10.79 32.98
N GLU D 654 -49.07 9.96 33.48
CA GLU D 654 -49.56 10.10 34.85
C GLU D 654 -48.47 9.89 35.89
N ALA D 655 -47.30 9.39 35.50
CA ALA D 655 -46.22 9.20 36.46
C ALA D 655 -45.48 10.50 36.75
N TRP D 656 -45.33 11.36 35.74
CA TRP D 656 -44.62 12.63 35.91
C TRP D 656 -45.53 13.84 35.92
N VAL D 657 -46.85 13.64 35.87
CA VAL D 657 -47.81 14.71 36.10
C VAL D 657 -48.28 14.52 37.54
N ARG D 658 -47.60 15.19 38.47
CA ARG D 658 -47.82 14.93 39.89
C ARG D 658 -48.22 16.20 40.62
N PRO D 659 -48.97 16.07 41.72
CA PRO D 659 -49.15 17.21 42.62
C PRO D 659 -47.86 17.51 43.37
N SER D 660 -47.54 18.80 43.47
CA SER D 660 -46.27 19.21 44.03
C SER D 660 -46.41 20.61 44.61
N PRO D 661 -45.64 20.93 45.66
CA PRO D 661 -45.67 22.30 46.20
C PRO D 661 -45.06 23.27 45.22
N ILE D 662 -45.84 24.28 44.82
CA ILE D 662 -45.30 25.39 44.04
C ILE D 662 -44.57 26.37 44.93
N ILE D 663 -45.32 27.01 45.84
CA ILE D 663 -44.77 27.92 46.83
C ILE D 663 -45.41 27.58 48.17
N THR D 664 -44.60 27.53 49.22
CA THR D 664 -45.05 27.09 50.53
C THR D 664 -44.87 28.22 51.54
N ASN D 665 -45.96 28.57 52.23
CA ASN D 665 -45.94 29.56 53.30
C ASN D 665 -45.30 28.98 54.55
N GLY D 666 -44.04 28.61 54.46
CA GLY D 666 -43.33 28.01 55.56
C GLY D 666 -42.26 27.07 55.05
N GLN D 667 -41.78 26.21 55.94
CA GLN D 667 -40.75 25.23 55.62
C GLN D 667 -41.39 23.88 55.36
N ILE D 668 -41.01 23.24 54.25
CA ILE D 668 -41.55 21.94 53.88
C ILE D 668 -40.87 20.88 54.73
N LEU D 669 -41.68 20.13 55.49
CA LEU D 669 -41.16 19.06 56.35
C LEU D 669 -41.26 17.69 55.72
N GLN D 670 -42.39 17.36 55.08
CA GLN D 670 -42.59 16.04 54.49
C GLN D 670 -43.73 16.13 53.50
N TYR D 671 -43.49 15.69 52.26
CA TYR D 671 -44.53 15.68 51.25
C TYR D 671 -44.33 14.48 50.35
N GLY D 672 -45.37 14.11 49.62
CA GLY D 672 -45.31 12.98 48.72
C GLY D 672 -46.63 12.78 48.03
N PHE D 673 -46.61 11.91 47.02
CA PHE D 673 -47.79 11.57 46.23
C PHE D 673 -47.86 10.06 46.08
N ASP D 674 -48.91 9.45 46.62
CA ASP D 674 -49.13 8.02 46.49
C ASP D 674 -49.91 7.79 45.19
N LEU D 675 -49.19 7.42 44.13
CA LEU D 675 -49.83 7.25 42.83
C LEU D 675 -50.89 6.16 42.86
N LYS D 676 -50.73 5.15 43.70
CA LYS D 676 -51.69 4.05 43.76
C LYS D 676 -53.03 4.53 44.30
N SER D 677 -53.01 5.19 45.46
CA SER D 677 -54.24 5.66 46.09
C SER D 677 -54.64 7.06 45.66
N CYS D 678 -53.79 7.73 44.88
CA CYS D 678 -54.03 9.11 44.45
C CYS D 678 -54.29 10.02 45.64
N VAL D 679 -53.33 10.02 46.56
CA VAL D 679 -53.41 10.81 47.79
C VAL D 679 -52.14 11.64 47.90
N PHE D 680 -52.29 12.96 47.87
CA PHE D 680 -51.18 13.88 48.10
C PHE D 680 -51.20 14.34 49.55
N SER D 681 -50.06 14.20 50.22
CA SER D 681 -49.90 14.64 51.60
C SER D 681 -48.68 15.54 51.69
N MET D 682 -48.73 16.49 52.62
CA MET D 682 -47.63 17.42 52.79
C MET D 682 -47.67 18.01 54.19
N ARG D 683 -46.56 17.88 54.91
CA ARG D 683 -46.42 18.43 56.26
C ARG D 683 -45.43 19.59 56.21
N LEU D 684 -45.77 20.68 56.89
CA LEU D 684 -44.99 21.91 56.83
C LEU D 684 -44.92 22.57 58.19
N LEU D 685 -44.08 23.59 58.29
CA LEU D 685 -43.94 24.44 59.47
C LEU D 685 -44.28 25.85 59.03
N GLY D 686 -45.56 26.22 59.14
CA GLY D 686 -46.02 27.52 58.71
C GLY D 686 -45.44 28.69 59.49
N THR D 697 -49.65 28.76 51.03
CA THR D 697 -49.09 27.62 50.30
C THR D 697 -49.79 27.41 48.97
N GLU D 698 -49.00 27.37 47.89
CA GLU D 698 -49.51 27.09 46.56
C GLU D 698 -49.03 25.70 46.14
N ILE D 699 -49.98 24.82 45.83
CA ILE D 699 -49.70 23.45 45.44
C ILE D 699 -50.34 23.20 44.09
N PHE D 700 -49.57 22.63 43.16
CA PHE D 700 -50.11 22.25 41.86
C PHE D 700 -50.94 20.99 41.98
N LEU D 701 -52.13 21.01 41.41
CA LEU D 701 -53.02 19.85 41.40
C LEU D 701 -53.37 19.51 39.96
N PRO D 702 -52.90 18.38 39.43
CA PRO D 702 -53.26 18.01 38.07
C PRO D 702 -54.76 17.79 37.94
N ASP D 703 -55.33 18.32 36.86
CA ASP D 703 -56.75 18.10 36.58
C ASP D 703 -57.05 16.64 36.33
N PHE D 704 -56.05 15.86 35.90
CA PHE D 704 -56.25 14.44 35.68
C PHE D 704 -56.41 13.70 37.01
N HIS D 705 -55.42 13.82 37.90
CA HIS D 705 -55.47 13.11 39.16
C HIS D 705 -56.47 13.72 40.13
N PHE D 706 -56.69 15.04 40.05
CA PHE D 706 -57.59 15.74 40.96
C PHE D 706 -58.62 16.54 40.17
N PRO D 707 -59.67 15.90 39.68
CA PRO D 707 -60.77 16.65 39.08
C PRO D 707 -61.50 17.49 40.13
N ASP D 708 -62.06 18.62 39.67
CA ASP D 708 -62.71 19.55 40.58
C ASP D 708 -63.88 18.91 41.30
N THR D 709 -64.61 18.01 40.63
CA THR D 709 -65.81 17.42 41.21
C THR D 709 -65.51 16.27 42.16
N HIS D 710 -64.34 15.64 42.06
CA HIS D 710 -64.02 14.47 42.87
C HIS D 710 -62.80 14.64 43.77
N THR D 711 -62.19 15.82 43.81
CA THR D 711 -61.05 16.03 44.68
C THR D 711 -61.50 16.19 46.13
N VAL D 712 -60.76 15.55 47.04
CA VAL D 712 -61.11 15.52 48.46
C VAL D 712 -59.92 16.01 49.26
N VAL D 713 -60.16 16.95 50.18
CA VAL D 713 -59.10 17.59 50.94
C VAL D 713 -59.42 17.52 52.43
N ALA D 714 -58.37 17.38 53.24
CA ALA D 714 -58.50 17.38 54.70
C ALA D 714 -57.24 17.97 55.31
N VAL D 715 -57.40 18.90 56.25
CA VAL D 715 -56.29 19.59 56.89
C VAL D 715 -56.55 19.69 58.39
N SER D 716 -55.50 20.09 59.12
CA SER D 716 -55.60 20.15 60.57
C SER D 716 -56.12 21.51 61.03
N ALA D 717 -55.79 22.58 60.31
CA ALA D 717 -56.21 23.91 60.70
C ALA D 717 -56.09 24.84 59.51
N GLY D 718 -57.09 25.71 59.34
CA GLY D 718 -57.06 26.75 58.34
C GLY D 718 -58.12 26.55 57.27
N GLU D 719 -58.00 27.34 56.21
CA GLU D 719 -58.90 27.31 55.07
C GLU D 719 -58.08 27.21 53.78
N TRP D 720 -58.73 26.72 52.72
CA TRP D 720 -58.04 26.48 51.46
C TRP D 720 -58.89 26.98 50.30
N THR D 721 -58.23 27.16 49.15
CA THR D 721 -58.89 27.51 47.90
C THR D 721 -58.31 26.68 46.76
N ILE D 722 -59.11 26.52 45.71
CA ILE D 722 -58.68 25.91 44.46
C ILE D 722 -59.08 26.86 43.33
N ASP D 723 -58.13 27.21 42.48
CA ASP D 723 -58.36 28.20 41.44
C ASP D 723 -57.75 27.71 40.12
N TYR D 724 -58.08 28.42 39.04
CA TYR D 724 -57.61 28.13 37.69
C TYR D 724 -56.80 29.31 37.19
N PRO D 725 -55.53 29.44 37.60
CA PRO D 725 -54.71 30.55 37.12
C PRO D 725 -54.50 30.46 35.61
N GLU D 726 -54.80 31.56 34.93
CA GLU D 726 -54.64 31.65 33.48
C GLU D 726 -53.38 32.47 33.18
N ILE D 727 -52.36 31.81 32.64
CA ILE D 727 -51.12 32.47 32.25
C ILE D 727 -50.96 32.24 30.76
N HIS D 728 -51.36 33.23 29.95
CA HIS D 728 -51.39 33.11 28.49
C HIS D 728 -52.26 31.94 28.04
N SER D 729 -53.55 32.05 28.36
CA SER D 729 -54.61 31.10 28.05
C SER D 729 -54.42 29.72 28.68
N VAL D 730 -53.34 29.49 29.42
CA VAL D 730 -53.07 28.19 30.02
C VAL D 730 -53.87 28.05 31.31
N LYS D 731 -54.71 27.02 31.38
CA LYS D 731 -55.50 26.72 32.56
C LYS D 731 -54.95 25.48 33.23
N PHE D 732 -54.55 25.61 34.50
CA PHE D 732 -54.12 24.47 35.29
C PHE D 732 -54.59 24.66 36.72
N GLN D 733 -55.04 23.57 37.34
CA GLN D 733 -55.62 23.61 38.66
C GLN D 733 -54.55 23.77 39.73
N ARG D 734 -54.82 24.63 40.71
CA ARG D 734 -53.90 24.91 41.80
C ARG D 734 -54.68 25.06 43.10
N LEU D 735 -54.15 24.49 44.17
CA LEU D 735 -54.76 24.57 45.49
C LEU D 735 -53.94 25.53 46.35
N ARG D 736 -54.58 26.58 46.83
CA ARG D 736 -53.97 27.52 47.77
C ARG D 736 -54.57 27.31 49.15
N TRP D 737 -53.72 27.28 50.17
CA TRP D 737 -54.11 26.88 51.51
C TRP D 737 -53.45 27.81 52.53
N TRP D 738 -54.26 28.68 53.14
CA TRP D 738 -53.78 29.57 54.19
C TRP D 738 -53.88 28.85 55.54
N HIS D 739 -52.87 29.06 56.38
CA HIS D 739 -52.72 28.25 57.58
C HIS D 739 -52.00 29.05 58.65
N PRO D 740 -52.33 28.83 59.94
CA PRO D 740 -51.58 29.38 61.06
C PRO D 740 -50.16 28.80 61.14
N ASP D 743 -46.61 22.70 63.59
CA ASP D 743 -46.62 21.57 62.68
C ASP D 743 -48.04 21.27 62.18
N HIS D 744 -48.23 21.36 60.86
CA HIS D 744 -49.52 21.12 60.26
C HIS D 744 -49.33 20.37 58.95
N ASN D 745 -50.36 19.62 58.54
CA ASN D 745 -50.27 18.76 57.38
C ASN D 745 -51.55 18.84 56.57
N ILE D 746 -51.44 18.46 55.30
CA ILE D 746 -52.54 18.49 54.34
C ILE D 746 -52.68 17.11 53.73
N LYS D 747 -53.90 16.76 53.33
CA LYS D 747 -54.18 15.51 52.64
C LYS D 747 -55.13 15.79 51.48
N ILE D 748 -54.65 15.54 50.26
CA ILE D 748 -55.44 15.76 49.05
C ILE D 748 -55.59 14.42 48.33
N GLN D 749 -56.83 13.96 48.20
CA GLN D 749 -57.14 12.67 47.60
C GLN D 749 -57.99 12.87 46.35
N GLY D 750 -57.56 12.29 45.24
CA GLY D 750 -58.25 12.47 43.98
C GLY D 750 -58.95 11.22 43.47
N VAL D 751 -58.91 11.01 42.15
CA VAL D 751 -59.56 9.86 41.51
C VAL D 751 -58.53 8.78 41.27
N LYS D 752 -58.91 7.53 41.52
CA LYS D 752 -58.01 6.40 41.37
C LYS D 752 -58.20 5.71 40.02
#